data_6GBE
#
_entry.id   6GBE
#
loop_
_entity.id
_entity.type
_entity.pdbx_description
1 polymer 'Tyrosine-protein phosphatase non-receptor type 13'
2 polymer 'Serine/threonine-protein kinase N2'
#
loop_
_entity_poly.entity_id
_entity_poly.type
_entity_poly.pdbx_seq_one_letter_code
_entity_poly.pdbx_strand_id
1 'polypeptide(L)'
;TPHVKDYSFVTEDNTFEVKLFKNSSGLGFSFSREDNLIPEQINGSIVRVKKLFPGQPAAESGKIDVGDVILKVNGAPLKG
LSQQDVISALRGTAPEVSLLLCRPAPGVLPEIDTPGNSS
;
A
2 'polypeptide(L)' MFRDFDYIADWC B
#
# COMPACT_ATOMS: atom_id res chain seq x y z
N THR A 1 21.99 0.03 7.98
CA THR A 1 20.59 0.55 7.93
C THR A 1 19.95 0.45 9.31
N PRO A 2 20.27 1.37 10.18
CA PRO A 2 19.72 1.39 11.56
C PRO A 2 18.20 1.33 11.58
N HIS A 3 17.67 0.16 11.91
CA HIS A 3 16.22 -0.04 11.97
C HIS A 3 15.79 -0.40 13.38
N VAL A 4 14.95 0.45 13.98
CA VAL A 4 14.47 0.20 15.33
C VAL A 4 13.17 -0.61 15.29
N LYS A 5 13.10 -1.62 16.14
CA LYS A 5 11.91 -2.47 16.20
C LYS A 5 10.90 -1.91 17.19
N ASP A 6 9.62 -2.08 16.88
CA ASP A 6 8.55 -1.58 17.75
C ASP A 6 7.97 -2.72 18.57
N TYR A 7 7.63 -3.82 17.91
CA TYR A 7 7.06 -4.97 18.60
C TYR A 7 7.61 -6.26 18.01
N SER A 8 8.00 -7.18 18.89
CA SER A 8 8.55 -8.46 18.45
C SER A 8 7.55 -9.19 17.56
N PHE A 9 6.26 -9.09 17.90
CA PHE A 9 5.22 -9.73 17.11
C PHE A 9 5.30 -9.29 15.65
N VAL A 10 6.01 -8.21 15.41
CA VAL A 10 6.15 -7.68 14.05
C VAL A 10 7.55 -7.99 13.50
N THR A 11 7.61 -8.80 12.46
CA THR A 11 8.88 -9.16 11.85
C THR A 11 8.92 -8.72 10.39
N GLU A 12 9.84 -9.29 9.64
CA GLU A 12 9.97 -8.95 8.22
C GLU A 12 9.78 -10.19 7.35
N ASP A 13 9.45 -11.31 7.99
CA ASP A 13 9.24 -12.55 7.27
C ASP A 13 7.87 -13.14 7.60
N ASN A 14 6.88 -12.26 7.79
CA ASN A 14 5.54 -12.71 8.11
C ASN A 14 4.51 -11.65 7.72
N THR A 15 3.25 -12.05 7.68
CA THR A 15 2.17 -11.13 7.32
C THR A 15 1.41 -10.68 8.56
N PHE A 16 1.05 -9.41 8.62
CA PHE A 16 0.32 -8.88 9.76
C PHE A 16 -0.87 -8.03 9.30
N GLU A 17 -2.05 -8.38 9.80
CA GLU A 17 -3.27 -7.68 9.43
C GLU A 17 -3.24 -6.23 9.92
N VAL A 18 -3.87 -5.35 9.13
CA VAL A 18 -3.92 -3.94 9.48
C VAL A 18 -5.35 -3.41 9.36
N LYS A 19 -5.91 -2.96 10.47
CA LYS A 19 -7.28 -2.43 10.47
C LYS A 19 -7.26 -0.90 10.46
N LEU A 20 -8.24 -0.32 9.78
CA LEU A 20 -8.33 1.14 9.70
C LEU A 20 -9.79 1.59 9.78
N PHE A 21 -10.00 2.90 9.72
CA PHE A 21 -11.35 3.45 9.77
C PHE A 21 -11.60 4.38 8.58
N LYS A 22 -12.87 4.66 8.31
CA LYS A 22 -13.23 5.53 7.20
C LYS A 22 -12.72 6.94 7.45
N ASN A 23 -12.11 7.53 6.42
CA ASN A 23 -11.57 8.88 6.53
C ASN A 23 -12.45 9.87 5.78
N SER A 24 -11.99 11.12 5.69
CA SER A 24 -12.74 12.16 5.00
C SER A 24 -11.80 13.07 4.22
N SER A 25 -12.36 13.82 3.28
CA SER A 25 -11.56 14.73 2.47
C SER A 25 -10.45 13.97 1.74
N GLY A 26 -9.90 14.60 0.71
CA GLY A 26 -8.82 13.98 -0.06
C GLY A 26 -7.46 14.47 0.40
N LEU A 27 -6.48 14.42 -0.51
CA LEU A 27 -5.13 14.88 -0.19
C LEU A 27 -4.58 14.11 1.01
N GLY A 28 -3.69 13.17 0.74
CA GLY A 28 -3.08 12.37 1.79
C GLY A 28 -2.11 11.36 1.22
N PHE A 29 -2.23 10.11 1.65
CA PHE A 29 -1.34 9.05 1.17
C PHE A 29 -1.67 8.70 -0.28
N SER A 30 -0.83 7.86 -0.89
CA SER A 30 -1.05 7.46 -2.28
C SER A 30 -0.70 6.00 -2.47
N PHE A 31 -1.42 5.33 -3.36
CA PHE A 31 -1.18 3.92 -3.63
C PHE A 31 -0.66 3.72 -5.05
N SER A 32 0.55 3.20 -5.17
CA SER A 32 1.15 2.96 -6.47
C SER A 32 0.79 1.57 -6.98
N ARG A 33 0.48 1.48 -8.27
CA ARG A 33 0.10 0.20 -8.85
C ARG A 33 0.89 -0.07 -10.13
N GLU A 34 1.98 0.68 -10.32
CA GLU A 34 2.81 0.50 -11.51
C GLU A 34 3.74 -0.68 -11.34
N ASP A 35 3.44 -1.78 -12.03
CA ASP A 35 4.25 -2.98 -11.95
C ASP A 35 5.32 -2.98 -13.04
N ASN A 36 6.34 -3.81 -12.86
CA ASN A 36 7.42 -3.91 -13.85
C ASN A 36 8.37 -5.04 -13.49
N LEU A 37 8.04 -5.78 -12.44
CA LEU A 37 8.88 -6.89 -12.01
C LEU A 37 8.56 -8.15 -12.82
N ILE A 38 7.28 -8.49 -12.90
CA ILE A 38 6.87 -9.68 -13.65
C ILE A 38 5.62 -9.37 -14.48
N PRO A 39 5.74 -8.45 -15.39
CA PRO A 39 4.61 -8.03 -16.27
C PRO A 39 4.28 -9.09 -17.32
N GLU A 40 4.71 -10.32 -17.08
CA GLU A 40 4.45 -11.42 -18.00
C GLU A 40 3.05 -11.98 -17.79
N GLN A 41 2.56 -11.86 -16.57
CA GLN A 41 1.23 -12.37 -16.24
C GLN A 41 0.24 -11.21 -16.09
N ILE A 42 -0.24 -10.70 -17.22
CA ILE A 42 -1.19 -9.59 -17.20
C ILE A 42 -2.36 -9.90 -16.26
N ASN A 43 -3.21 -8.91 -16.05
CA ASN A 43 -4.37 -9.08 -15.17
C ASN A 43 -3.94 -9.77 -13.87
N GLY A 44 -3.23 -9.04 -13.02
CA GLY A 44 -2.77 -9.59 -11.75
C GLY A 44 -1.77 -8.65 -11.09
N SER A 45 -1.84 -7.38 -11.44
CA SER A 45 -0.94 -6.39 -10.87
C SER A 45 -0.98 -6.42 -9.34
N ILE A 46 -0.29 -5.49 -8.71
CA ILE A 46 -0.26 -5.44 -7.25
C ILE A 46 -0.32 -3.98 -6.78
N VAL A 47 -0.67 -3.80 -5.51
CA VAL A 47 -0.75 -2.46 -4.94
C VAL A 47 0.29 -2.27 -3.85
N ARG A 48 0.85 -1.07 -3.77
CA ARG A 48 1.86 -0.76 -2.76
C ARG A 48 1.81 0.72 -2.37
N VAL A 49 2.27 1.03 -1.17
CA VAL A 49 2.27 2.41 -0.70
C VAL A 49 3.40 3.20 -1.35
N LYS A 50 3.06 4.38 -1.86
CA LYS A 50 4.05 5.23 -2.52
C LYS A 50 4.39 6.42 -1.64
N LYS A 51 3.36 7.10 -1.15
CA LYS A 51 3.56 8.27 -0.31
C LYS A 51 2.86 8.09 1.03
N LEU A 52 3.32 8.81 2.05
CA LEU A 52 2.73 8.72 3.37
C LEU A 52 3.30 9.80 4.29
N PHE A 53 2.41 10.50 4.99
CA PHE A 53 2.83 11.56 5.89
C PHE A 53 2.48 11.20 7.34
N PRO A 54 3.24 11.69 8.30
CA PRO A 54 3.00 11.39 9.74
C PRO A 54 1.74 12.10 10.26
N GLY A 55 0.96 11.37 11.06
CA GLY A 55 -0.26 11.93 11.63
C GLY A 55 -1.47 11.61 10.76
N GLN A 56 -1.23 10.87 9.68
CA GLN A 56 -2.32 10.50 8.76
C GLN A 56 -2.99 9.21 9.21
N PRO A 57 -4.23 9.02 8.86
CA PRO A 57 -4.98 7.79 9.23
C PRO A 57 -4.08 6.56 9.10
N ALA A 58 -3.40 6.48 7.96
CA ALA A 58 -2.50 5.36 7.71
C ALA A 58 -1.32 5.44 8.69
N ALA A 59 -1.02 6.65 9.15
CA ALA A 59 0.08 6.83 10.09
C ALA A 59 -0.27 6.20 11.43
N GLU A 60 -1.22 6.82 12.13
CA GLU A 60 -1.65 6.32 13.43
C GLU A 60 -1.96 4.82 13.36
N SER A 61 -2.33 4.36 12.16
CA SER A 61 -2.67 2.95 11.96
C SER A 61 -1.81 2.06 12.86
N GLY A 62 -0.61 2.52 13.16
CA GLY A 62 0.30 1.77 14.02
C GLY A 62 1.70 1.76 13.44
N LYS A 63 1.83 1.24 12.21
CA LYS A 63 3.12 1.19 11.55
C LYS A 63 2.97 0.89 10.07
N ILE A 64 3.57 1.72 9.24
CA ILE A 64 3.52 1.55 7.79
C ILE A 64 4.79 2.10 7.14
N ASP A 65 5.18 1.51 6.01
CA ASP A 65 6.38 1.96 5.31
C ASP A 65 6.11 2.10 3.82
N VAL A 66 6.86 3.00 3.18
CA VAL A 66 6.68 3.23 1.75
C VAL A 66 7.12 2.01 0.95
N GLY A 67 6.17 1.16 0.61
CA GLY A 67 6.46 -0.05 -0.15
C GLY A 67 5.63 -1.22 0.35
N ASP A 68 4.98 -1.04 1.50
CA ASP A 68 4.17 -2.10 2.08
C ASP A 68 3.44 -2.87 0.98
N VAL A 69 3.08 -4.11 1.28
CA VAL A 69 2.38 -4.95 0.31
C VAL A 69 1.04 -5.42 0.87
N ILE A 70 -0.03 -5.03 0.20
CA ILE A 70 -1.37 -5.43 0.62
C ILE A 70 -1.82 -6.67 -0.15
N LEU A 71 -2.06 -7.76 0.58
CA LEU A 71 -2.48 -9.00 -0.05
C LEU A 71 -3.99 -9.06 -0.19
N LYS A 72 -4.71 -8.54 0.79
CA LYS A 72 -6.17 -8.55 0.76
C LYS A 72 -6.73 -7.22 1.24
N VAL A 73 -7.84 -6.80 0.65
CA VAL A 73 -8.48 -5.55 1.04
C VAL A 73 -9.95 -5.77 1.38
N ASN A 74 -10.24 -5.82 2.68
CA ASN A 74 -11.61 -6.02 3.13
C ASN A 74 -12.19 -7.31 2.54
N GLY A 75 -11.31 -8.19 2.06
CA GLY A 75 -11.75 -9.45 1.47
C GLY A 75 -11.73 -9.37 -0.06
N ALA A 76 -10.90 -8.48 -0.59
CA ALA A 76 -10.79 -8.32 -2.03
C ALA A 76 -9.37 -8.64 -2.50
N PRO A 77 -9.08 -9.88 -2.75
CA PRO A 77 -7.74 -10.33 -3.22
C PRO A 77 -7.29 -9.60 -4.47
N LEU A 78 -5.98 -9.59 -4.70
CA LEU A 78 -5.42 -8.92 -5.87
C LEU A 78 -5.70 -9.71 -7.14
N LYS A 79 -6.90 -10.29 -7.22
CA LYS A 79 -7.27 -11.07 -8.38
C LYS A 79 -8.03 -10.21 -9.39
N GLY A 80 -7.28 -9.48 -10.21
CA GLY A 80 -7.89 -8.61 -11.21
C GLY A 80 -8.77 -7.55 -10.55
N LEU A 81 -8.18 -6.38 -10.30
CA LEU A 81 -8.92 -5.29 -9.68
C LEU A 81 -8.79 -4.01 -10.49
N SER A 82 -9.89 -3.29 -10.64
CA SER A 82 -9.89 -2.05 -11.41
C SER A 82 -9.04 -0.99 -10.70
N GLN A 83 -8.94 0.18 -11.32
CA GLN A 83 -8.16 1.27 -10.73
C GLN A 83 -9.06 2.20 -9.92
N GLN A 84 -10.34 1.85 -9.82
CA GLN A 84 -11.29 2.65 -9.08
C GLN A 84 -11.95 1.83 -7.96
N ASP A 85 -11.57 0.56 -7.89
CA ASP A 85 -12.12 -0.32 -6.87
C ASP A 85 -11.40 -0.14 -5.54
N VAL A 86 -10.07 -0.12 -5.60
CA VAL A 86 -9.26 0.05 -4.39
C VAL A 86 -9.69 1.31 -3.63
N ILE A 87 -9.58 2.46 -4.28
CA ILE A 87 -9.96 3.72 -3.65
C ILE A 87 -11.36 3.61 -3.04
N SER A 88 -12.29 3.06 -3.82
CA SER A 88 -13.66 2.92 -3.35
C SER A 88 -13.69 2.08 -2.06
N ALA A 89 -12.77 1.14 -1.94
CA ALA A 89 -12.70 0.29 -0.77
C ALA A 89 -12.16 1.06 0.43
N LEU A 90 -11.29 2.04 0.15
CA LEU A 90 -10.71 2.84 1.22
C LEU A 90 -11.78 3.69 1.89
N ARG A 91 -12.84 4.00 1.15
CA ARG A 91 -13.93 4.81 1.70
C ARG A 91 -15.25 4.06 1.59
N GLY A 92 -15.17 2.79 1.20
CA GLY A 92 -16.37 1.97 1.06
C GLY A 92 -17.35 2.24 2.20
N THR A 93 -18.59 1.79 2.03
CA THR A 93 -19.61 1.98 3.05
C THR A 93 -19.39 1.02 4.22
N ALA A 94 -18.57 0.00 4.00
CA ALA A 94 -18.29 -0.98 5.05
C ALA A 94 -18.10 -0.28 6.39
N PRO A 95 -18.29 -1.00 7.47
CA PRO A 95 -18.12 -0.44 8.85
C PRO A 95 -16.67 -0.15 9.18
N GLU A 96 -15.78 -1.06 8.79
CA GLU A 96 -14.37 -0.90 9.06
C GLU A 96 -13.53 -1.39 7.87
N VAL A 97 -12.26 -0.98 7.83
CA VAL A 97 -11.38 -1.38 6.74
C VAL A 97 -10.35 -2.39 7.23
N SER A 98 -10.56 -3.66 6.90
CA SER A 98 -9.63 -4.70 7.30
C SER A 98 -8.86 -5.23 6.09
N LEU A 99 -7.55 -5.09 6.13
CA LEU A 99 -6.72 -5.56 5.02
C LEU A 99 -5.48 -6.28 5.54
N LEU A 100 -4.92 -7.16 4.72
CA LEU A 100 -3.73 -7.91 5.12
C LEU A 100 -2.46 -7.19 4.69
N LEU A 101 -1.50 -7.09 5.59
CA LEU A 101 -0.24 -6.42 5.30
C LEU A 101 0.91 -7.42 5.25
N CYS A 102 1.67 -7.37 4.17
CA CYS A 102 2.81 -8.28 4.01
C CYS A 102 4.10 -7.49 3.89
N ARG A 103 5.13 -7.92 4.62
CA ARG A 103 6.41 -7.24 4.59
C ARG A 103 7.55 -8.25 4.40
N PRO A 104 7.77 -8.67 3.18
CA PRO A 104 8.86 -9.65 2.85
C PRO A 104 10.20 -9.22 3.43
N ALA A 105 11.26 -9.94 3.05
CA ALA A 105 12.60 -9.63 3.53
C ALA A 105 13.28 -8.64 2.59
N PRO A 106 14.31 -7.99 3.05
CA PRO A 106 15.08 -6.99 2.24
C PRO A 106 15.88 -7.65 1.12
N GLY A 107 15.46 -7.41 -0.12
CA GLY A 107 16.16 -7.99 -1.26
C GLY A 107 15.15 -8.50 -2.30
N VAL A 108 14.10 -9.16 -1.82
CA VAL A 108 13.08 -9.70 -2.71
C VAL A 108 12.53 -8.60 -3.61
N LEU A 109 11.97 -7.55 -3.01
CA LEU A 109 11.42 -6.44 -3.78
C LEU A 109 12.36 -5.25 -3.74
N PRO A 110 12.27 -4.38 -4.71
CA PRO A 110 13.12 -3.15 -4.79
C PRO A 110 12.74 -2.12 -3.74
N GLU A 111 13.39 -0.96 -3.79
CA GLU A 111 13.12 0.11 -2.85
C GLU A 111 12.58 1.34 -3.57
N ILE A 112 11.42 1.83 -3.12
CA ILE A 112 10.81 3.00 -3.74
C ILE A 112 11.44 4.28 -3.18
N ASP A 113 11.75 5.21 -4.08
CA ASP A 113 12.34 6.49 -3.67
C ASP A 113 11.67 7.65 -4.40
N THR A 114 10.91 8.43 -3.66
CA THR A 114 10.23 9.58 -4.25
C THR A 114 11.08 10.84 -4.12
N PRO A 115 10.75 11.86 -4.86
CA PRO A 115 11.50 13.15 -4.83
C PRO A 115 11.89 13.55 -3.41
N GLY A 116 12.76 14.55 -3.30
CA GLY A 116 13.20 15.03 -2.00
C GLY A 116 14.69 14.74 -1.80
N ASN A 117 15.44 15.78 -1.43
CA ASN A 117 16.87 15.64 -1.22
C ASN A 117 17.15 15.09 0.19
N SER A 118 18.42 15.03 0.55
CA SER A 118 18.81 14.53 1.87
C SER A 118 19.94 15.39 2.46
N SER A 119 19.87 15.63 3.76
CA SER A 119 20.88 16.43 4.44
C SER A 119 20.73 16.32 5.95
N MET B 1 7.26 -1.05 -24.64
CA MET B 1 8.39 -0.21 -25.13
C MET B 1 7.93 1.24 -25.26
N PHE B 2 8.43 2.10 -24.37
CA PHE B 2 8.05 3.51 -24.40
C PHE B 2 6.55 3.66 -24.55
N ARG B 3 5.80 2.74 -23.96
CA ARG B 3 4.34 2.78 -24.04
C ARG B 3 3.73 1.99 -22.90
N ASP B 4 2.40 2.09 -22.76
CA ASP B 4 1.70 1.38 -21.70
C ASP B 4 0.25 1.11 -22.11
N PHE B 5 -0.61 0.91 -21.11
CA PHE B 5 -2.02 0.65 -21.37
C PHE B 5 -2.89 1.49 -20.46
N ASP B 6 -2.66 1.38 -19.16
CA ASP B 6 -3.44 2.13 -18.18
C ASP B 6 -2.52 2.82 -17.18
N TYR B 7 -3.02 3.90 -16.57
CA TYR B 7 -2.24 4.65 -15.60
C TYR B 7 -3.06 4.92 -14.34
N ILE B 8 -2.42 5.51 -13.34
CA ILE B 8 -3.10 5.82 -12.09
C ILE B 8 -2.76 7.25 -11.63
N ALA B 9 -3.68 7.85 -10.88
CA ALA B 9 -3.47 9.20 -10.38
C ALA B 9 -4.54 9.56 -9.35
N ASP B 10 -4.93 8.58 -8.55
CA ASP B 10 -5.94 8.81 -7.53
C ASP B 10 -5.38 8.50 -6.14
N TRP B 11 -5.70 9.36 -5.18
CA TRP B 11 -5.22 9.16 -3.81
C TRP B 11 -6.28 9.61 -2.80
N CYS B 12 -5.94 9.55 -1.52
CA CYS B 12 -6.87 9.94 -0.47
C CYS B 12 -6.16 10.80 0.59
N THR A 1 16.69 -5.28 11.70
CA THR A 1 17.12 -5.95 12.97
C THR A 1 17.82 -4.93 13.87
N PRO A 2 18.66 -4.11 13.31
CA PRO A 2 19.42 -3.08 14.07
C PRO A 2 18.49 -2.07 14.74
N HIS A 3 17.36 -1.80 14.08
CA HIS A 3 16.40 -0.84 14.61
C HIS A 3 15.48 -1.52 15.63
N VAL A 4 14.39 -0.85 15.98
CA VAL A 4 13.42 -1.40 16.93
C VAL A 4 12.00 -1.18 16.45
N LYS A 5 11.10 -2.06 16.86
CA LYS A 5 9.70 -1.96 16.45
C LYS A 5 8.83 -1.58 17.64
N ASP A 6 7.57 -1.26 17.37
CA ASP A 6 6.64 -0.87 18.43
C ASP A 6 6.09 -2.11 19.13
N TYR A 7 5.53 -3.03 18.36
CA TYR A 7 4.97 -4.25 18.91
C TYR A 7 5.79 -5.47 18.47
N SER A 8 5.86 -6.47 19.33
CA SER A 8 6.61 -7.69 19.02
C SER A 8 5.86 -8.52 17.98
N PHE A 9 4.63 -8.11 17.68
CA PHE A 9 3.80 -8.82 16.72
C PHE A 9 4.08 -8.31 15.31
N VAL A 10 4.54 -7.07 15.21
CA VAL A 10 4.83 -6.47 13.91
C VAL A 10 6.29 -6.68 13.54
N THR A 11 6.53 -7.45 12.48
CA THR A 11 7.89 -7.72 12.03
C THR A 11 8.16 -7.03 10.70
N GLU A 12 9.22 -7.45 10.02
CA GLU A 12 9.58 -6.87 8.73
C GLU A 12 9.81 -7.96 7.70
N ASP A 13 9.69 -9.22 8.13
CA ASP A 13 9.89 -10.34 7.23
C ASP A 13 8.69 -11.30 7.30
N ASN A 14 7.54 -10.78 7.71
CA ASN A 14 6.35 -11.60 7.82
C ASN A 14 5.11 -10.80 7.41
N THR A 15 3.95 -11.45 7.47
CA THR A 15 2.70 -10.80 7.10
C THR A 15 1.91 -10.40 8.34
N PHE A 16 1.56 -9.12 8.43
CA PHE A 16 0.81 -8.62 9.58
C PHE A 16 -0.43 -7.85 9.13
N GLU A 17 -1.57 -8.22 9.69
CA GLU A 17 -2.84 -7.59 9.33
C GLU A 17 -2.83 -6.11 9.70
N VAL A 18 -3.62 -5.33 8.97
CA VAL A 18 -3.71 -3.89 9.21
C VAL A 18 -5.15 -3.41 9.05
N LYS A 19 -5.71 -2.88 10.14
CA LYS A 19 -7.08 -2.39 10.11
C LYS A 19 -7.11 -0.87 10.02
N LEU A 20 -7.53 -0.35 8.88
CA LEU A 20 -7.60 1.10 8.68
C LEU A 20 -9.02 1.60 8.87
N PHE A 21 -9.17 2.65 9.68
CA PHE A 21 -10.49 3.23 9.94
C PHE A 21 -10.58 4.62 9.32
N LYS A 22 -11.68 4.87 8.62
CA LYS A 22 -11.88 6.17 7.98
C LYS A 22 -12.87 7.01 8.77
N ASN A 23 -12.61 8.31 8.84
CA ASN A 23 -13.49 9.22 9.57
C ASN A 23 -13.67 10.52 8.80
N SER A 24 -14.80 10.63 8.10
CA SER A 24 -15.08 11.83 7.32
C SER A 24 -14.03 12.02 6.23
N SER A 25 -14.38 11.66 5.00
CA SER A 25 -13.46 11.80 3.89
C SER A 25 -12.16 11.03 4.16
N GLY A 26 -11.23 11.09 3.21
CA GLY A 26 -9.95 10.41 3.37
C GLY A 26 -8.81 11.30 2.91
N LEU A 27 -8.43 11.17 1.64
CA LEU A 27 -7.35 11.97 1.09
C LEU A 27 -6.08 11.79 1.92
N GLY A 28 -5.80 10.55 2.31
CA GLY A 28 -4.62 10.26 3.11
C GLY A 28 -3.47 9.75 2.23
N PHE A 29 -2.92 8.60 2.60
CA PHE A 29 -1.81 8.03 1.84
C PHE A 29 -2.27 7.64 0.44
N SER A 30 -1.33 7.23 -0.40
CA SER A 30 -1.65 6.84 -1.76
C SER A 30 -0.98 5.52 -2.11
N PHE A 31 -1.52 4.81 -3.10
CA PHE A 31 -0.97 3.54 -3.52
C PHE A 31 -0.63 3.55 -5.00
N SER A 32 0.55 3.07 -5.36
CA SER A 32 0.98 3.04 -6.75
C SER A 32 0.76 1.66 -7.34
N ARG A 33 -0.01 1.60 -8.43
CA ARG A 33 -0.29 0.33 -9.10
C ARG A 33 0.72 0.08 -10.20
N GLU A 34 1.14 1.14 -10.88
CA GLU A 34 2.11 1.03 -11.96
C GLU A 34 3.43 0.46 -11.43
N ASP A 35 3.81 -0.70 -11.93
CA ASP A 35 5.05 -1.34 -11.51
C ASP A 35 6.21 -0.93 -12.41
N ASN A 36 7.32 -0.53 -11.80
CA ASN A 36 8.49 -0.12 -12.57
C ASN A 36 9.75 -0.74 -11.98
N LEU A 37 9.57 -1.75 -11.14
CA LEU A 37 10.70 -2.43 -10.52
C LEU A 37 11.29 -3.47 -11.46
N ILE A 38 10.47 -4.42 -11.88
CA ILE A 38 10.90 -5.46 -12.79
C ILE A 38 9.81 -5.82 -13.78
N PRO A 39 9.44 -4.89 -14.62
CA PRO A 39 8.38 -5.10 -15.65
C PRO A 39 8.85 -5.97 -16.80
N GLU A 40 9.91 -6.74 -16.56
CA GLU A 40 10.46 -7.61 -17.60
C GLU A 40 9.44 -8.70 -17.97
N GLN A 41 8.56 -9.03 -17.03
CA GLN A 41 7.55 -10.04 -17.28
C GLN A 41 6.35 -9.83 -16.37
N ILE A 42 5.46 -8.93 -16.77
CA ILE A 42 4.27 -8.64 -15.99
C ILE A 42 3.48 -9.92 -15.69
N ASN A 43 3.06 -10.08 -14.44
CA ASN A 43 2.31 -11.25 -14.04
C ASN A 43 1.98 -11.20 -12.55
N GLY A 44 1.01 -10.35 -12.20
CA GLY A 44 0.61 -10.21 -10.81
C GLY A 44 0.52 -8.75 -10.41
N SER A 45 -0.64 -8.14 -10.62
CA SER A 45 -0.84 -6.74 -10.28
C SER A 45 -0.56 -6.51 -8.80
N ILE A 46 0.36 -5.59 -8.50
CA ILE A 46 0.70 -5.30 -7.12
C ILE A 46 0.62 -3.80 -6.84
N VAL A 47 0.36 -3.44 -5.59
CA VAL A 47 0.26 -2.04 -5.21
C VAL A 47 1.16 -1.75 -4.00
N ARG A 48 1.81 -0.60 -4.02
CA ARG A 48 2.68 -0.21 -2.92
C ARG A 48 2.55 1.27 -2.61
N VAL A 49 2.59 1.60 -1.32
CA VAL A 49 2.47 3.00 -0.90
C VAL A 49 3.49 3.87 -1.64
N LYS A 50 3.07 5.08 -1.99
CA LYS A 50 3.95 6.00 -2.69
C LYS A 50 4.26 7.21 -1.82
N LYS A 51 3.35 7.55 -0.92
CA LYS A 51 3.55 8.70 -0.05
C LYS A 51 2.66 8.58 1.20
N LEU A 52 3.04 9.29 2.25
CA LEU A 52 2.27 9.26 3.50
C LEU A 52 2.16 10.66 4.09
N PHE A 53 1.14 10.86 4.92
CA PHE A 53 0.92 12.16 5.54
C PHE A 53 0.87 12.02 7.06
N PRO A 54 1.97 12.19 7.74
CA PRO A 54 2.03 12.07 9.22
C PRO A 54 0.91 12.84 9.91
N GLY A 55 0.07 12.14 10.66
CA GLY A 55 -1.04 12.77 11.36
C GLY A 55 -2.38 12.32 10.78
N GLN A 56 -2.33 11.28 9.94
CA GLN A 56 -3.55 10.76 9.32
C GLN A 56 -3.90 9.39 9.88
N PRO A 57 -5.17 9.05 9.91
CA PRO A 57 -5.60 7.71 10.42
C PRO A 57 -4.67 6.62 9.95
N ALA A 58 -4.40 6.62 8.65
CA ALA A 58 -3.50 5.64 8.06
C ALA A 58 -2.11 5.82 8.65
N ALA A 59 -1.80 7.04 9.08
CA ALA A 59 -0.51 7.32 9.68
C ALA A 59 -0.48 6.85 11.13
N GLU A 60 -1.64 6.92 11.77
CA GLU A 60 -1.76 6.52 13.16
C GLU A 60 -1.82 4.99 13.26
N SER A 61 -2.08 4.34 12.13
CA SER A 61 -2.16 2.89 12.08
C SER A 61 -1.20 2.26 13.08
N GLY A 62 -0.03 2.86 13.23
CA GLY A 62 0.97 2.34 14.16
C GLY A 62 2.36 2.35 13.54
N LYS A 63 2.49 1.76 12.36
CA LYS A 63 3.79 1.71 11.70
C LYS A 63 3.63 1.36 10.21
N ILE A 64 4.23 2.18 9.36
CA ILE A 64 4.16 1.96 7.91
C ILE A 64 5.44 2.45 7.24
N ASP A 65 5.84 1.80 6.15
CA ASP A 65 7.05 2.19 5.43
C ASP A 65 6.74 2.35 3.95
N VAL A 66 7.22 3.45 3.38
CA VAL A 66 7.01 3.73 1.96
C VAL A 66 7.39 2.51 1.12
N GLY A 67 6.41 1.68 0.81
CA GLY A 67 6.65 0.48 0.02
C GLY A 67 5.77 -0.68 0.49
N ASP A 68 5.08 -0.47 1.60
CA ASP A 68 4.20 -1.51 2.13
C ASP A 68 3.51 -2.27 1.01
N VAL A 69 3.28 -3.56 1.23
CA VAL A 69 2.65 -4.39 0.22
C VAL A 69 1.33 -4.95 0.73
N ILE A 70 0.23 -4.45 0.18
CA ILE A 70 -1.10 -4.91 0.58
C ILE A 70 -1.53 -6.08 -0.29
N LEU A 71 -1.67 -7.26 0.32
CA LEU A 71 -2.09 -8.45 -0.41
C LEU A 71 -3.60 -8.52 -0.55
N LYS A 72 -4.29 -8.57 0.59
CA LYS A 72 -5.75 -8.64 0.57
C LYS A 72 -6.36 -7.31 0.99
N VAL A 73 -7.55 -7.03 0.48
CA VAL A 73 -8.24 -5.78 0.80
C VAL A 73 -9.71 -6.05 1.14
N ASN A 74 -10.03 -5.94 2.43
CA ASN A 74 -11.40 -6.17 2.87
C ASN A 74 -11.94 -7.49 2.31
N GLY A 75 -11.05 -8.29 1.74
CA GLY A 75 -11.44 -9.58 1.17
C GLY A 75 -11.48 -9.50 -0.35
N ALA A 76 -10.69 -8.59 -0.91
CA ALA A 76 -10.64 -8.43 -2.36
C ALA A 76 -9.23 -8.69 -2.88
N PRO A 77 -8.91 -9.92 -3.19
CA PRO A 77 -7.56 -10.31 -3.70
C PRO A 77 -7.16 -9.49 -4.93
N LEU A 78 -5.86 -9.36 -5.14
CA LEU A 78 -5.35 -8.60 -6.28
C LEU A 78 -5.60 -9.35 -7.58
N LYS A 79 -6.85 -9.72 -7.82
CA LYS A 79 -7.21 -10.45 -9.03
C LYS A 79 -8.32 -9.72 -9.79
N GLY A 80 -7.93 -8.85 -10.71
CA GLY A 80 -8.90 -8.10 -11.50
C GLY A 80 -9.29 -6.80 -10.78
N LEU A 81 -8.66 -6.56 -9.64
CA LEU A 81 -8.94 -5.34 -8.88
C LEU A 81 -8.78 -4.10 -9.74
N SER A 82 -9.80 -3.25 -9.75
CA SER A 82 -9.75 -2.03 -10.54
C SER A 82 -9.20 -0.87 -9.71
N GLN A 83 -8.44 0.01 -10.36
CA GLN A 83 -7.85 1.14 -9.67
C GLN A 83 -8.95 2.06 -9.12
N GLN A 84 -10.14 1.95 -9.70
CA GLN A 84 -11.26 2.77 -9.25
C GLN A 84 -12.16 1.99 -8.30
N ASP A 85 -11.67 0.83 -7.86
CA ASP A 85 -12.43 0.00 -6.93
C ASP A 85 -12.16 0.42 -5.49
N VAL A 86 -10.90 0.67 -5.17
CA VAL A 86 -10.53 1.09 -3.82
C VAL A 86 -11.28 2.35 -3.43
N ILE A 87 -11.09 3.41 -4.20
CA ILE A 87 -11.76 4.68 -3.93
C ILE A 87 -13.27 4.48 -3.86
N SER A 88 -13.79 3.68 -4.78
CA SER A 88 -15.23 3.42 -4.82
C SER A 88 -15.68 2.72 -3.54
N ALA A 89 -14.84 1.82 -3.04
CA ALA A 89 -15.16 1.09 -1.82
C ALA A 89 -15.35 2.04 -0.66
N LEU A 90 -14.45 3.02 -0.54
CA LEU A 90 -14.53 4.00 0.53
C LEU A 90 -15.95 4.54 0.66
N ARG A 91 -16.50 5.00 -0.46
CA ARG A 91 -17.85 5.55 -0.47
C ARG A 91 -18.85 4.52 0.08
N GLY A 92 -18.55 3.25 -0.15
CA GLY A 92 -19.42 2.18 0.32
C GLY A 92 -19.71 2.33 1.82
N THR A 93 -20.56 1.46 2.34
CA THR A 93 -20.91 1.50 3.75
C THR A 93 -20.31 0.30 4.50
N ALA A 94 -19.26 0.53 5.25
CA ALA A 94 -18.61 -0.53 6.00
C ALA A 94 -18.10 -0.02 7.35
N PRO A 95 -17.89 -0.90 8.29
CA PRO A 95 -17.39 -0.54 9.64
C PRO A 95 -15.93 -0.08 9.62
N GLU A 96 -15.09 -0.86 8.95
CA GLU A 96 -13.67 -0.53 8.85
C GLU A 96 -13.04 -1.19 7.63
N VAL A 97 -11.77 -0.89 7.39
CA VAL A 97 -11.06 -1.47 6.26
C VAL A 97 -10.01 -2.48 6.73
N SER A 98 -10.33 -3.77 6.58
CA SER A 98 -9.41 -4.81 6.99
C SER A 98 -8.61 -5.32 5.79
N LEU A 99 -7.28 -5.23 5.90
CA LEU A 99 -6.41 -5.68 4.82
C LEU A 99 -5.18 -6.37 5.38
N LEU A 100 -4.50 -7.15 4.55
CA LEU A 100 -3.29 -7.85 4.99
C LEU A 100 -2.04 -7.13 4.51
N LEU A 101 -1.06 -7.02 5.40
CA LEU A 101 0.20 -6.35 5.08
C LEU A 101 1.32 -7.36 4.91
N CYS A 102 2.13 -7.18 3.87
CA CYS A 102 3.24 -8.07 3.62
C CYS A 102 4.56 -7.31 3.55
N ARG A 103 5.55 -7.79 4.28
CA ARG A 103 6.86 -7.14 4.32
C ARG A 103 7.96 -8.15 4.03
N PRO A 104 8.21 -8.43 2.78
CA PRO A 104 9.26 -9.40 2.37
C PRO A 104 10.66 -8.79 2.38
N ALA A 105 11.68 -9.63 2.47
CA ALA A 105 13.05 -9.15 2.49
C ALA A 105 13.62 -9.06 1.08
N PRO A 106 14.69 -8.33 0.91
CA PRO A 106 15.35 -8.15 -0.41
C PRO A 106 15.39 -9.45 -1.21
N GLY A 107 15.82 -9.35 -2.47
CA GLY A 107 15.92 -10.53 -3.33
C GLY A 107 14.55 -10.89 -3.89
N VAL A 108 13.50 -10.63 -3.12
CA VAL A 108 12.14 -10.93 -3.56
C VAL A 108 11.44 -9.67 -4.03
N LEU A 109 11.31 -8.70 -3.13
CA LEU A 109 10.65 -7.44 -3.46
C LEU A 109 11.25 -6.29 -2.66
N PRO A 110 12.37 -5.77 -3.12
CA PRO A 110 13.07 -4.65 -2.44
C PRO A 110 12.13 -3.50 -2.10
N GLU A 111 12.48 -2.74 -1.06
CA GLU A 111 11.66 -1.62 -0.63
C GLU A 111 11.85 -0.43 -1.58
N ILE A 112 10.77 0.33 -1.78
CA ILE A 112 10.84 1.49 -2.65
C ILE A 112 11.49 2.67 -1.93
N ASP A 113 12.28 3.44 -2.67
CA ASP A 113 12.96 4.59 -2.09
C ASP A 113 12.70 5.85 -2.92
N THR A 114 12.10 6.86 -2.29
CA THR A 114 11.80 8.11 -2.99
C THR A 114 12.89 9.14 -2.71
N PRO A 115 13.03 10.11 -3.57
CA PRO A 115 14.05 11.18 -3.42
C PRO A 115 13.74 12.10 -2.24
N GLY A 116 14.79 12.71 -1.69
CA GLY A 116 14.62 13.62 -0.55
C GLY A 116 15.33 13.07 0.69
N ASN A 117 16.09 13.94 1.35
CA ASN A 117 16.82 13.54 2.55
C ASN A 117 17.64 12.28 2.28
N SER A 118 17.98 12.06 1.01
CA SER A 118 18.77 10.91 0.63
C SER A 118 20.20 11.31 0.33
N SER A 119 20.78 10.73 -0.72
CA SER A 119 22.15 11.04 -1.10
C SER A 119 22.26 11.31 -2.59
N MET B 1 0.11 20.42 -22.80
CA MET B 1 0.08 20.67 -21.34
C MET B 1 -1.32 20.42 -20.81
N PHE B 2 -2.21 20.00 -21.70
CA PHE B 2 -3.60 19.74 -21.31
C PHE B 2 -3.92 18.26 -21.43
N ARG B 3 -5.08 17.86 -20.94
CA ARG B 3 -5.49 16.46 -21.00
C ARG B 3 -4.45 15.57 -20.33
N ASP B 4 -4.48 15.52 -19.00
CA ASP B 4 -3.54 14.70 -18.26
C ASP B 4 -4.03 13.26 -18.16
N PHE B 5 -4.57 12.89 -17.01
CA PHE B 5 -5.07 11.54 -16.80
C PHE B 5 -3.94 10.52 -16.87
N ASP B 6 -2.94 10.70 -16.01
CA ASP B 6 -1.80 9.80 -15.97
C ASP B 6 -2.18 8.46 -15.36
N TYR B 7 -2.70 7.56 -16.18
CA TYR B 7 -3.11 6.24 -15.72
C TYR B 7 -4.00 6.36 -14.48
N ILE B 8 -3.37 6.40 -13.31
CA ILE B 8 -4.11 6.52 -12.06
C ILE B 8 -3.98 7.93 -11.48
N ALA B 9 -5.06 8.42 -10.87
CA ALA B 9 -5.04 9.75 -10.28
C ALA B 9 -5.99 9.81 -9.09
N ASP B 10 -5.86 8.84 -8.19
CA ASP B 10 -6.72 8.80 -7.01
C ASP B 10 -6.01 8.10 -5.85
N TRP B 11 -6.56 8.23 -4.65
CA TRP B 11 -5.97 7.61 -3.48
C TRP B 11 -7.00 7.52 -2.35
N CYS B 12 -6.65 6.80 -1.30
CA CYS B 12 -7.55 6.64 -0.15
C CYS B 12 -7.06 7.45 1.03
N THR A 1 18.62 4.47 11.02
CA THR A 1 18.19 3.05 11.01
C THR A 1 16.69 2.97 11.28
N PRO A 2 15.89 3.39 10.34
CA PRO A 2 14.41 3.37 10.46
C PRO A 2 13.89 2.03 10.96
N HIS A 3 14.76 1.01 10.93
CA HIS A 3 14.38 -0.32 11.37
C HIS A 3 14.28 -0.38 12.89
N VAL A 4 13.07 -0.23 13.40
CA VAL A 4 12.84 -0.26 14.84
C VAL A 4 11.63 -1.12 15.18
N LYS A 5 11.81 -2.08 16.08
CA LYS A 5 10.73 -2.96 16.49
C LYS A 5 10.25 -2.61 17.89
N ASP A 6 9.07 -2.01 17.98
CA ASP A 6 8.51 -1.63 19.28
C ASP A 6 8.26 -2.87 20.14
N TYR A 7 7.59 -3.86 19.55
CA TYR A 7 7.29 -5.09 20.28
C TYR A 7 7.84 -6.29 19.53
N SER A 8 7.69 -7.48 20.12
CA SER A 8 8.17 -8.71 19.50
C SER A 8 7.04 -9.40 18.74
N PHE A 9 5.83 -8.87 18.88
CA PHE A 9 4.68 -9.44 18.20
C PHE A 9 4.75 -9.16 16.70
N VAL A 10 5.29 -8.00 16.35
CA VAL A 10 5.40 -7.63 14.94
C VAL A 10 6.78 -8.00 14.40
N THR A 11 6.81 -8.49 13.16
CA THR A 11 8.07 -8.87 12.53
C THR A 11 8.28 -8.10 11.24
N GLU A 12 9.25 -8.56 10.44
CA GLU A 12 9.54 -7.89 9.18
C GLU A 12 9.55 -8.90 8.03
N ASP A 13 9.64 -10.18 8.36
CA ASP A 13 9.64 -11.23 7.35
C ASP A 13 8.36 -12.06 7.41
N ASN A 14 7.35 -11.51 8.08
CA ASN A 14 6.07 -12.21 8.20
C ASN A 14 4.92 -11.32 7.75
N THR A 15 3.72 -11.87 7.74
CA THR A 15 2.54 -11.12 7.33
C THR A 15 1.76 -10.64 8.54
N PHE A 16 1.31 -9.39 8.50
CA PHE A 16 0.55 -8.82 9.61
C PHE A 16 -0.61 -7.97 9.10
N GLU A 17 -1.81 -8.33 9.50
CA GLU A 17 -3.01 -7.62 9.07
C GLU A 17 -3.10 -6.24 9.74
N VAL A 18 -3.52 -5.25 8.96
CA VAL A 18 -3.67 -3.89 9.47
C VAL A 18 -5.12 -3.44 9.37
N LYS A 19 -5.73 -3.14 10.52
CA LYS A 19 -7.12 -2.71 10.54
C LYS A 19 -7.20 -1.21 10.81
N LEU A 20 -8.27 -0.59 10.32
CA LEU A 20 -8.47 0.84 10.51
C LEU A 20 -9.96 1.16 10.63
N PHE A 21 -10.26 2.34 11.16
CA PHE A 21 -11.65 2.75 11.32
C PHE A 21 -12.17 3.41 10.05
N LYS A 22 -13.48 3.43 9.89
CA LYS A 22 -14.10 4.05 8.71
C LYS A 22 -13.65 5.49 8.57
N ASN A 23 -13.25 5.87 7.35
CA ASN A 23 -12.80 7.23 7.09
C ASN A 23 -13.38 7.74 5.78
N SER A 24 -13.60 9.05 5.72
CA SER A 24 -14.16 9.66 4.51
C SER A 24 -13.25 10.77 4.00
N SER A 25 -11.94 10.54 4.08
CA SER A 25 -10.97 11.53 3.63
C SER A 25 -11.05 11.68 2.11
N GLY A 26 -10.44 12.75 1.59
CA GLY A 26 -10.45 13.01 0.16
C GLY A 26 -9.02 13.15 -0.38
N LEU A 27 -8.09 13.47 0.52
CA LEU A 27 -6.70 13.63 0.12
C LEU A 27 -5.76 13.22 1.25
N GLY A 28 -5.14 12.06 1.13
CA GLY A 28 -4.22 11.57 2.14
C GLY A 28 -2.97 10.99 1.50
N PHE A 29 -2.76 9.69 1.71
CA PHE A 29 -1.59 9.02 1.14
C PHE A 29 -1.90 8.56 -0.29
N SER A 30 -0.91 7.92 -0.93
CA SER A 30 -1.09 7.44 -2.29
C SER A 30 -0.39 6.10 -2.47
N PHE A 31 -0.97 5.24 -3.30
CA PHE A 31 -0.38 3.93 -3.55
C PHE A 31 -0.15 3.72 -5.04
N SER A 32 1.10 3.48 -5.40
CA SER A 32 1.46 3.27 -6.81
C SER A 32 1.03 1.88 -7.28
N ARG A 33 0.19 1.83 -8.30
CA ARG A 33 -0.30 0.56 -8.82
C ARG A 33 0.62 0.05 -9.93
N GLU A 34 0.88 0.91 -10.91
CA GLU A 34 1.75 0.54 -12.03
C GLU A 34 3.04 -0.09 -11.50
N ASP A 35 3.60 -1.01 -12.27
CA ASP A 35 4.84 -1.67 -11.88
C ASP A 35 5.92 -1.48 -12.94
N ASN A 36 7.09 -2.06 -12.70
CA ASN A 36 8.20 -1.95 -13.64
C ASN A 36 9.08 -3.20 -13.56
N LEU A 37 8.73 -4.11 -12.67
CA LEU A 37 9.49 -5.35 -12.51
C LEU A 37 9.26 -6.27 -13.70
N ILE A 38 7.99 -6.58 -13.96
CA ILE A 38 7.65 -7.46 -15.07
C ILE A 38 6.61 -6.81 -15.98
N PRO A 39 7.02 -5.83 -16.74
CA PRO A 39 6.12 -5.11 -17.67
C PRO A 39 5.89 -5.88 -18.97
N GLU A 40 6.24 -7.17 -18.96
CA GLU A 40 6.06 -8.01 -20.14
C GLU A 40 4.91 -8.98 -19.94
N GLN A 41 4.79 -9.52 -18.74
CA GLN A 41 3.72 -10.46 -18.43
C GLN A 41 2.89 -9.97 -17.26
N ILE A 42 1.84 -9.22 -17.56
CA ILE A 42 0.97 -8.69 -16.51
C ILE A 42 0.07 -9.79 -15.95
N ASN A 43 0.28 -10.13 -14.68
CA ASN A 43 -0.52 -11.17 -14.04
C ASN A 43 -0.43 -11.04 -12.52
N GLY A 44 -1.30 -10.22 -11.95
CA GLY A 44 -1.30 -10.02 -10.50
C GLY A 44 -0.68 -8.68 -10.14
N SER A 45 -1.18 -7.62 -10.76
CA SER A 45 -0.66 -6.27 -10.49
C SER A 45 -0.32 -6.12 -9.01
N ILE A 46 0.86 -5.54 -8.74
CA ILE A 46 1.30 -5.34 -7.37
C ILE A 46 1.18 -3.86 -6.98
N VAL A 47 0.61 -3.60 -5.82
CA VAL A 47 0.44 -2.23 -5.35
C VAL A 47 1.33 -1.97 -4.13
N ARG A 48 2.00 -0.82 -4.14
CA ARG A 48 2.88 -0.45 -3.04
C ARG A 48 2.69 1.01 -2.66
N VAL A 49 2.76 1.30 -1.37
CA VAL A 49 2.58 2.67 -0.89
C VAL A 49 3.60 3.60 -1.53
N LYS A 50 3.11 4.62 -2.21
CA LYS A 50 3.99 5.58 -2.88
C LYS A 50 4.66 6.48 -1.85
N LYS A 51 3.85 7.07 -0.97
CA LYS A 51 4.37 7.95 0.07
C LYS A 51 3.44 7.96 1.28
N LEU A 52 3.74 8.83 2.24
CA LEU A 52 2.93 8.93 3.45
C LEU A 52 3.25 10.21 4.20
N PHE A 53 2.21 10.80 4.80
CA PHE A 53 2.39 12.03 5.56
C PHE A 53 2.20 11.76 7.05
N PRO A 54 2.79 12.58 7.90
CA PRO A 54 2.68 12.42 9.38
C PRO A 54 1.27 12.73 9.88
N GLY A 55 0.79 11.92 10.82
CA GLY A 55 -0.54 12.12 11.38
C GLY A 55 -1.61 11.83 10.34
N GLN A 56 -1.64 10.60 9.85
CA GLN A 56 -2.62 10.20 8.84
C GLN A 56 -3.27 8.88 9.21
N PRO A 57 -4.48 8.64 8.77
CA PRO A 57 -5.20 7.38 9.06
C PRO A 57 -4.26 6.19 8.91
N ALA A 58 -3.42 6.25 7.89
CA ALA A 58 -2.46 5.19 7.64
C ALA A 58 -1.35 5.24 8.68
N ALA A 59 -1.10 6.42 9.23
CA ALA A 59 -0.07 6.57 10.26
C ALA A 59 -0.61 6.13 11.61
N GLU A 60 -1.91 6.31 11.81
CA GLU A 60 -2.55 5.92 13.06
C GLU A 60 -2.69 4.41 13.13
N SER A 61 -2.86 3.77 11.98
CA SER A 61 -3.00 2.32 11.93
C SER A 61 -2.07 1.66 12.95
N GLY A 62 -0.98 2.35 13.27
CA GLY A 62 -0.02 1.82 14.23
C GLY A 62 1.40 1.94 13.70
N LYS A 63 1.65 1.35 12.53
CA LYS A 63 2.98 1.41 11.93
C LYS A 63 2.94 0.99 10.46
N ILE A 64 3.49 1.84 9.60
CA ILE A 64 3.52 1.55 8.17
C ILE A 64 4.82 2.09 7.56
N ASP A 65 5.20 1.54 6.42
CA ASP A 65 6.42 1.98 5.75
C ASP A 65 6.21 2.11 4.25
N VAL A 66 6.90 3.06 3.64
CA VAL A 66 6.78 3.28 2.20
C VAL A 66 7.26 2.06 1.43
N GLY A 67 6.31 1.32 0.85
CA GLY A 67 6.64 0.12 0.08
C GLY A 67 5.79 -1.06 0.53
N ASP A 68 5.01 -0.85 1.60
CA ASP A 68 4.15 -1.90 2.12
C ASP A 68 3.44 -2.62 0.98
N VAL A 69 3.11 -3.90 1.19
CA VAL A 69 2.44 -4.69 0.17
C VAL A 69 1.03 -5.08 0.64
N ILE A 70 0.02 -4.45 0.05
CA ILE A 70 -1.36 -4.75 0.42
C ILE A 70 -1.88 -5.92 -0.41
N LEU A 71 -2.20 -7.02 0.28
CA LEU A 71 -2.70 -8.20 -0.41
C LEU A 71 -4.21 -8.14 -0.56
N LYS A 72 -4.92 -8.06 0.56
CA LYS A 72 -6.38 -8.00 0.54
C LYS A 72 -6.87 -6.68 1.13
N VAL A 73 -7.94 -6.14 0.55
CA VAL A 73 -8.50 -4.88 1.04
C VAL A 73 -9.94 -5.09 1.50
N ASN A 74 -10.11 -5.57 2.72
CA ASN A 74 -11.45 -5.80 3.27
C ASN A 74 -12.13 -6.96 2.55
N GLY A 75 -11.36 -8.02 2.30
CA GLY A 75 -11.91 -9.19 1.61
C GLY A 75 -11.96 -8.97 0.11
N ALA A 76 -11.13 -8.05 -0.37
CA ALA A 76 -11.09 -7.74 -1.79
C ALA A 76 -9.71 -8.06 -2.37
N PRO A 77 -9.47 -9.29 -2.74
CA PRO A 77 -8.17 -9.73 -3.31
C PRO A 77 -7.73 -8.87 -4.49
N LEU A 78 -6.49 -8.41 -4.45
CA LEU A 78 -5.95 -7.57 -5.52
C LEU A 78 -5.40 -8.44 -6.65
N LYS A 79 -6.26 -9.24 -7.25
CA LYS A 79 -5.84 -10.11 -8.35
C LYS A 79 -6.85 -10.04 -9.50
N GLY A 80 -6.96 -8.88 -10.13
CA GLY A 80 -7.87 -8.70 -11.23
C GLY A 80 -8.94 -7.66 -10.90
N LEU A 81 -8.50 -6.44 -10.65
CA LEU A 81 -9.43 -5.35 -10.32
C LEU A 81 -9.50 -4.34 -11.45
N SER A 82 -10.50 -3.46 -11.39
CA SER A 82 -10.66 -2.44 -12.42
C SER A 82 -10.09 -1.11 -11.96
N GLN A 83 -10.36 -0.05 -12.71
CA GLN A 83 -9.87 1.28 -12.37
C GLN A 83 -10.91 2.05 -11.57
N GLN A 84 -12.13 1.53 -11.54
CA GLN A 84 -13.21 2.19 -10.81
C GLN A 84 -13.43 1.51 -9.47
N ASP A 85 -13.15 0.21 -9.41
CA ASP A 85 -13.34 -0.55 -8.18
C ASP A 85 -12.36 -0.08 -7.11
N VAL A 86 -11.20 0.39 -7.55
CA VAL A 86 -10.18 0.87 -6.62
C VAL A 86 -10.74 1.99 -5.76
N ILE A 87 -11.02 3.13 -6.38
CA ILE A 87 -11.56 4.28 -5.67
C ILE A 87 -12.68 3.84 -4.72
N SER A 88 -13.61 3.04 -5.24
CA SER A 88 -14.72 2.57 -4.43
C SER A 88 -14.20 1.82 -3.20
N ALA A 89 -13.08 1.14 -3.36
CA ALA A 89 -12.50 0.38 -2.26
C ALA A 89 -11.93 1.33 -1.21
N LEU A 90 -11.60 2.55 -1.62
CA LEU A 90 -11.06 3.54 -0.70
C LEU A 90 -12.14 4.05 0.24
N ARG A 91 -13.39 3.97 -0.22
CA ARG A 91 -14.52 4.44 0.59
C ARG A 91 -14.90 3.38 1.62
N GLY A 92 -14.80 2.12 1.21
CA GLY A 92 -15.14 1.01 2.11
C GLY A 92 -16.43 1.31 2.86
N THR A 93 -17.53 0.74 2.38
CA THR A 93 -18.83 0.95 3.01
C THR A 93 -18.91 0.18 4.34
N ALA A 94 -18.00 -0.78 4.51
CA ALA A 94 -17.98 -1.57 5.73
C ALA A 94 -17.73 -0.69 6.95
N PRO A 95 -17.99 -1.19 8.11
CA PRO A 95 -17.79 -0.44 9.38
C PRO A 95 -16.31 -0.22 9.71
N GLU A 96 -15.47 -1.15 9.25
CA GLU A 96 -14.04 -1.05 9.49
C GLU A 96 -13.25 -1.48 8.25
N VAL A 97 -12.10 -0.86 8.05
CA VAL A 97 -11.27 -1.18 6.89
C VAL A 97 -10.18 -2.17 7.29
N SER A 98 -10.36 -3.43 6.90
CA SER A 98 -9.39 -4.46 7.22
C SER A 98 -8.65 -4.91 5.96
N LEU A 99 -7.32 -4.86 6.01
CA LEU A 99 -6.50 -5.26 4.87
C LEU A 99 -5.28 -6.02 5.34
N LEU A 100 -4.81 -6.97 4.52
CA LEU A 100 -3.65 -7.75 4.89
C LEU A 100 -2.36 -7.06 4.46
N LEU A 101 -1.33 -7.17 5.31
CA LEU A 101 -0.04 -6.55 5.02
C LEU A 101 1.04 -7.61 4.94
N CYS A 102 1.92 -7.51 3.94
CA CYS A 102 3.00 -8.46 3.79
C CYS A 102 4.33 -7.74 3.58
N ARG A 103 5.36 -8.21 4.27
CA ARG A 103 6.68 -7.59 4.16
C ARG A 103 7.75 -8.66 3.94
N PRO A 104 7.89 -9.10 2.72
CA PRO A 104 8.90 -10.14 2.36
C PRO A 104 10.30 -9.78 2.85
N ALA A 105 11.24 -10.70 2.73
CA ALA A 105 12.60 -10.46 3.17
C ALA A 105 13.30 -9.47 2.25
N PRO A 106 14.38 -8.90 2.71
CA PRO A 106 15.15 -7.90 1.92
C PRO A 106 15.91 -8.55 0.75
N GLY A 107 16.02 -7.80 -0.35
CA GLY A 107 16.71 -8.32 -1.53
C GLY A 107 15.72 -8.87 -2.55
N VAL A 108 14.62 -9.44 -2.05
CA VAL A 108 13.61 -10.00 -2.93
C VAL A 108 13.00 -8.91 -3.81
N LEU A 109 12.45 -7.89 -3.17
CA LEU A 109 11.84 -6.78 -3.90
C LEU A 109 12.55 -5.47 -3.57
N PRO A 110 12.57 -4.54 -4.50
CA PRO A 110 13.24 -3.22 -4.30
C PRO A 110 12.49 -2.35 -3.29
N GLU A 111 13.08 -1.20 -2.97
CA GLU A 111 12.45 -0.29 -2.01
C GLU A 111 12.19 1.07 -2.66
N ILE A 112 10.94 1.51 -2.59
CA ILE A 112 10.57 2.80 -3.18
C ILE A 112 10.91 3.94 -2.23
N ASP A 113 11.44 5.02 -2.78
CA ASP A 113 11.81 6.18 -1.97
C ASP A 113 11.71 7.46 -2.79
N THR A 114 10.86 8.37 -2.35
CA THR A 114 10.68 9.65 -3.05
C THR A 114 11.94 10.51 -2.94
N PRO A 115 12.14 11.41 -3.86
CA PRO A 115 13.33 12.31 -3.86
C PRO A 115 13.25 13.36 -2.75
N GLY A 116 14.36 14.04 -2.51
CA GLY A 116 14.40 15.07 -1.47
C GLY A 116 15.07 16.34 -1.98
N ASN A 117 14.25 17.28 -2.43
CA ASN A 117 14.76 18.55 -2.95
C ASN A 117 15.15 19.48 -1.81
N SER A 118 15.31 18.92 -0.62
CA SER A 118 15.68 19.71 0.55
C SER A 118 16.07 18.81 1.72
N SER A 119 17.29 18.99 2.21
CA SER A 119 17.77 18.19 3.32
C SER A 119 16.72 18.12 4.43
N MET B 1 -17.94 8.16 -23.19
CA MET B 1 -17.48 8.91 -21.98
C MET B 1 -17.68 8.05 -20.75
N PHE B 2 -17.37 6.76 -20.87
CA PHE B 2 -17.51 5.84 -19.75
C PHE B 2 -16.15 5.25 -19.37
N ARG B 3 -15.42 4.76 -20.36
CA ARG B 3 -14.11 4.18 -20.11
C ARG B 3 -13.00 5.21 -20.36
N ASP B 4 -12.43 5.73 -19.29
CA ASP B 4 -11.37 6.72 -19.40
C ASP B 4 -10.25 6.42 -18.42
N PHE B 5 -9.18 5.80 -18.91
CA PHE B 5 -8.04 5.48 -18.06
C PHE B 5 -7.29 6.74 -17.63
N ASP B 6 -6.68 7.41 -18.60
CA ASP B 6 -5.93 8.63 -18.32
C ASP B 6 -4.93 8.40 -17.21
N TYR B 7 -4.34 7.20 -17.18
CA TYR B 7 -3.37 6.87 -16.15
C TYR B 7 -3.95 7.05 -14.75
N ILE B 8 -3.95 5.97 -13.98
CA ILE B 8 -4.49 6.01 -12.62
C ILE B 8 -4.10 7.32 -11.93
N ALA B 9 -5.01 7.82 -11.10
CA ALA B 9 -4.75 9.07 -10.37
C ALA B 9 -5.76 9.24 -9.24
N ASP B 10 -5.93 8.19 -8.44
CA ASP B 10 -6.86 8.24 -7.32
C ASP B 10 -6.16 7.87 -6.02
N TRP B 11 -6.52 8.56 -4.94
CA TRP B 11 -5.92 8.30 -3.64
C TRP B 11 -6.97 8.39 -2.54
N CYS B 12 -6.51 8.38 -1.29
CA CYS B 12 -7.42 8.47 -0.15
C CYS B 12 -6.78 9.25 0.99
N THR A 1 26.17 -3.95 17.51
CA THR A 1 24.76 -4.34 17.27
C THR A 1 23.84 -3.29 17.85
N PRO A 2 24.01 -2.05 17.46
CA PRO A 2 23.19 -0.92 17.96
C PRO A 2 21.73 -1.00 17.46
N HIS A 3 21.48 -1.96 16.59
CA HIS A 3 20.14 -2.14 16.04
C HIS A 3 19.26 -2.93 17.02
N VAL A 4 18.12 -2.36 17.37
CA VAL A 4 17.21 -3.02 18.29
C VAL A 4 15.80 -3.09 17.71
N LYS A 5 15.14 -4.24 17.90
CA LYS A 5 13.79 -4.42 17.38
C LYS A 5 12.78 -3.71 18.26
N ASP A 6 11.57 -3.53 17.73
CA ASP A 6 10.51 -2.86 18.48
C ASP A 6 9.72 -3.86 19.31
N TYR A 7 9.09 -4.81 18.64
CA TYR A 7 8.30 -5.83 19.33
C TYR A 7 8.83 -7.22 19.02
N SER A 8 8.42 -8.21 19.81
CA SER A 8 8.86 -9.58 19.60
C SER A 8 7.97 -10.29 18.60
N PHE A 9 6.85 -9.65 18.25
CA PHE A 9 5.92 -10.22 17.30
C PHE A 9 6.07 -9.56 15.93
N VAL A 10 6.50 -8.30 15.93
CA VAL A 10 6.69 -7.57 14.68
C VAL A 10 8.11 -7.77 14.15
N THR A 11 8.22 -8.18 12.90
CA THR A 11 9.53 -8.40 12.29
C THR A 11 9.59 -7.73 10.92
N GLU A 12 10.59 -8.10 10.12
CA GLU A 12 10.74 -7.53 8.79
C GLU A 12 10.39 -8.55 7.72
N ASP A 13 10.55 -9.83 8.05
CA ASP A 13 10.24 -10.89 7.10
C ASP A 13 8.96 -11.61 7.51
N ASN A 14 8.02 -10.86 8.07
CA ASN A 14 6.75 -11.45 8.51
C ASN A 14 5.58 -10.60 8.01
N THR A 15 4.37 -11.02 8.35
CA THR A 15 3.17 -10.30 7.95
C THR A 15 2.53 -9.61 9.15
N PHE A 16 1.61 -8.67 8.87
CA PHE A 16 0.92 -7.95 9.93
C PHE A 16 -0.21 -7.11 9.37
N GLU A 17 -1.35 -7.76 9.15
CA GLU A 17 -2.51 -7.08 8.60
C GLU A 17 -2.82 -5.81 9.37
N VAL A 18 -3.32 -4.80 8.66
CA VAL A 18 -3.66 -3.53 9.28
C VAL A 18 -5.16 -3.33 9.32
N LYS A 19 -5.66 -2.84 10.46
CA LYS A 19 -7.09 -2.61 10.62
C LYS A 19 -7.37 -1.13 10.84
N LEU A 20 -8.32 -0.59 10.08
CA LEU A 20 -8.67 0.82 10.22
C LEU A 20 -10.17 1.02 10.10
N PHE A 21 -10.67 2.13 10.63
CA PHE A 21 -12.10 2.41 10.58
C PHE A 21 -12.40 3.48 9.53
N LYS A 22 -13.57 3.39 8.90
CA LYS A 22 -13.96 4.34 7.87
C LYS A 22 -13.63 5.76 8.32
N ASN A 23 -12.91 6.49 7.48
CA ASN A 23 -12.53 7.86 7.79
C ASN A 23 -12.70 8.76 6.57
N SER A 24 -12.38 10.04 6.73
CA SER A 24 -12.49 10.99 5.64
C SER A 24 -11.65 10.54 4.44
N SER A 25 -11.46 11.45 3.50
CA SER A 25 -10.66 11.13 2.31
C SER A 25 -10.17 12.41 1.64
N GLY A 26 -9.03 12.31 0.95
CA GLY A 26 -8.47 13.47 0.27
C GLY A 26 -7.26 14.01 1.04
N LEU A 27 -6.22 14.39 0.30
CA LEU A 27 -5.01 14.93 0.92
C LEU A 27 -4.53 13.98 2.02
N GLY A 28 -3.96 12.85 1.62
CA GLY A 28 -3.45 11.88 2.57
C GLY A 28 -2.40 10.98 1.93
N PHE A 29 -2.69 9.68 1.88
CA PHE A 29 -1.77 8.72 1.30
C PHE A 29 -2.18 8.39 -0.14
N SER A 30 -1.35 7.62 -0.82
CA SER A 30 -1.64 7.22 -2.20
C SER A 30 -1.11 5.82 -2.48
N PHE A 31 -1.87 5.05 -3.25
CA PHE A 31 -1.47 3.68 -3.58
C PHE A 31 -1.18 3.56 -5.06
N SER A 32 0.03 3.10 -5.39
CA SER A 32 0.43 2.93 -6.78
C SER A 32 0.22 1.49 -7.23
N ARG A 33 -0.60 1.30 -8.26
CA ARG A 33 -0.87 -0.04 -8.78
C ARG A 33 0.20 -0.44 -9.79
N GLU A 34 0.83 0.54 -10.41
CA GLU A 34 1.87 0.28 -11.40
C GLU A 34 3.25 0.27 -10.74
N ASP A 35 4.15 -0.52 -11.30
CA ASP A 35 5.51 -0.61 -10.76
C ASP A 35 6.54 -0.34 -11.84
N ASN A 36 7.53 0.49 -11.52
CA ASN A 36 8.58 0.83 -12.46
C ASN A 36 9.90 0.17 -12.06
N LEU A 37 9.85 -0.63 -10.99
CA LEU A 37 11.03 -1.32 -10.51
C LEU A 37 11.42 -2.44 -11.48
N ILE A 38 10.49 -3.35 -11.71
CA ILE A 38 10.75 -4.48 -12.62
C ILE A 38 9.59 -4.65 -13.60
N PRO A 39 9.41 -3.70 -14.47
CA PRO A 39 8.32 -3.74 -15.48
C PRO A 39 8.66 -4.67 -16.65
N GLU A 40 9.50 -5.66 -16.37
CA GLU A 40 9.90 -6.61 -17.41
C GLU A 40 9.13 -7.92 -17.26
N GLN A 41 8.92 -8.35 -16.01
CA GLN A 41 8.20 -9.59 -15.77
C GLN A 41 6.98 -9.33 -14.88
N ILE A 42 5.96 -8.69 -15.47
CA ILE A 42 4.74 -8.40 -14.74
C ILE A 42 3.93 -9.67 -14.49
N ASN A 43 3.73 -10.00 -13.22
CA ASN A 43 2.97 -11.19 -12.86
C ASN A 43 1.93 -10.88 -11.79
N GLY A 44 0.77 -10.38 -12.22
CA GLY A 44 -0.30 -10.04 -11.29
C GLY A 44 -0.12 -8.63 -10.74
N SER A 45 -1.10 -7.78 -10.98
CA SER A 45 -1.05 -6.40 -10.51
C SER A 45 -0.74 -6.36 -9.01
N ILE A 46 0.21 -5.51 -8.63
CA ILE A 46 0.59 -5.38 -7.24
C ILE A 46 0.37 -3.96 -6.73
N VAL A 47 -0.41 -3.84 -5.65
CA VAL A 47 -0.70 -2.53 -5.08
C VAL A 47 0.28 -2.21 -3.95
N ARG A 48 1.05 -1.14 -4.13
CA ARG A 48 2.02 -0.74 -3.12
C ARG A 48 1.86 0.74 -2.79
N VAL A 49 1.99 1.07 -1.50
CA VAL A 49 1.86 2.46 -1.07
C VAL A 49 2.94 3.32 -1.71
N LYS A 50 2.52 4.26 -2.55
CA LYS A 50 3.45 5.16 -3.21
C LYS A 50 3.91 6.26 -2.26
N LYS A 51 2.95 6.91 -1.62
CA LYS A 51 3.25 7.99 -0.69
C LYS A 51 2.57 7.75 0.65
N LEU A 52 3.17 8.28 1.72
CA LEU A 52 2.61 8.11 3.05
C LEU A 52 3.38 8.94 4.07
N PHE A 53 2.73 9.98 4.61
CA PHE A 53 3.37 10.84 5.59
C PHE A 53 2.89 10.50 7.00
N PRO A 54 3.64 10.86 8.00
CA PRO A 54 3.27 10.59 9.42
C PRO A 54 2.07 11.42 9.88
N GLY A 55 1.29 10.86 10.79
CA GLY A 55 0.12 11.56 11.31
C GLY A 55 -1.10 11.31 10.43
N GLN A 56 -0.89 10.61 9.32
CA GLN A 56 -1.99 10.31 8.40
C GLN A 56 -2.82 9.14 8.91
N PRO A 57 -4.07 9.06 8.51
CA PRO A 57 -4.96 7.94 8.93
C PRO A 57 -4.22 6.62 8.89
N ALA A 58 -3.50 6.41 7.80
CA ALA A 58 -2.73 5.18 7.63
C ALA A 58 -1.55 5.19 8.60
N ALA A 59 -1.14 6.39 9.02
CA ALA A 59 -0.03 6.51 9.95
C ALA A 59 -0.44 6.02 11.33
N GLU A 60 -1.63 6.43 11.77
CA GLU A 60 -2.15 6.03 13.06
C GLU A 60 -2.49 4.54 13.06
N SER A 61 -2.87 4.02 11.89
CA SER A 61 -3.23 2.62 11.77
C SER A 61 -2.38 1.75 12.69
N GLY A 62 -1.17 2.22 12.96
CA GLY A 62 -0.26 1.49 13.84
C GLY A 62 1.13 1.40 13.22
N LYS A 63 1.20 0.84 12.02
CA LYS A 63 2.48 0.70 11.33
C LYS A 63 2.27 0.37 9.86
N ILE A 64 2.89 1.16 8.98
CA ILE A 64 2.78 0.94 7.54
C ILE A 64 4.06 1.39 6.84
N ASP A 65 4.38 0.74 5.73
CA ASP A 65 5.59 1.09 4.98
C ASP A 65 5.24 1.66 3.62
N VAL A 66 6.06 2.60 3.16
CA VAL A 66 5.83 3.22 1.86
C VAL A 66 6.33 2.33 0.73
N GLY A 67 5.45 1.47 0.23
CA GLY A 67 5.82 0.56 -0.84
C GLY A 67 5.46 -0.88 -0.48
N ASP A 68 4.97 -1.06 0.74
CA ASP A 68 4.58 -2.39 1.20
C ASP A 68 3.69 -3.08 0.18
N VAL A 69 3.15 -4.24 0.55
CA VAL A 69 2.28 -4.99 -0.36
C VAL A 69 0.91 -5.23 0.29
N ILE A 70 -0.14 -4.81 -0.40
CA ILE A 70 -1.49 -5.01 0.10
C ILE A 70 -2.11 -6.26 -0.52
N LEU A 71 -2.30 -7.28 0.30
CA LEU A 71 -2.87 -8.54 -0.19
C LEU A 71 -4.39 -8.43 -0.34
N LYS A 72 -5.02 -7.66 0.54
CA LYS A 72 -6.47 -7.49 0.49
C LYS A 72 -6.88 -6.13 1.02
N VAL A 73 -7.92 -5.57 0.42
CA VAL A 73 -8.42 -4.26 0.84
C VAL A 73 -9.88 -4.35 1.26
N ASN A 74 -10.11 -4.49 2.56
CA ASN A 74 -11.47 -4.58 3.08
C ASN A 74 -12.12 -5.88 2.63
N GLY A 75 -11.45 -6.60 1.74
CA GLY A 75 -11.98 -7.87 1.24
C GLY A 75 -11.91 -7.92 -0.29
N ALA A 76 -10.91 -7.25 -0.84
CA ALA A 76 -10.72 -7.22 -2.29
C ALA A 76 -9.35 -7.77 -2.67
N PRO A 77 -9.22 -9.06 -2.76
CA PRO A 77 -7.93 -9.73 -3.11
C PRO A 77 -7.40 -9.25 -4.46
N LEU A 78 -6.25 -9.79 -4.86
CA LEU A 78 -5.64 -9.41 -6.13
C LEU A 78 -6.34 -10.12 -7.29
N LYS A 79 -7.67 -10.16 -7.24
CA LYS A 79 -8.44 -10.81 -8.29
C LYS A 79 -8.83 -9.81 -9.36
N GLY A 80 -7.83 -9.19 -9.98
CA GLY A 80 -8.08 -8.21 -11.03
C GLY A 80 -9.20 -7.25 -10.62
N LEU A 81 -8.92 -6.38 -9.66
CA LEU A 81 -9.92 -5.43 -9.19
C LEU A 81 -9.98 -4.22 -10.12
N SER A 82 -11.00 -3.39 -9.93
CA SER A 82 -11.16 -2.20 -10.76
C SER A 82 -10.30 -1.06 -10.23
N GLN A 83 -9.88 -0.18 -11.13
CA GLN A 83 -9.05 0.95 -10.75
C GLN A 83 -9.83 1.93 -9.88
N GLN A 84 -11.15 1.77 -9.87
CA GLN A 84 -12.00 2.65 -9.07
C GLN A 84 -12.57 1.89 -7.88
N ASP A 85 -12.28 0.60 -7.81
CA ASP A 85 -12.77 -0.23 -6.71
C ASP A 85 -12.13 0.21 -5.39
N VAL A 86 -10.80 0.27 -5.38
CA VAL A 86 -10.08 0.67 -4.17
C VAL A 86 -10.73 1.92 -3.56
N ILE A 87 -11.03 2.90 -4.40
CA ILE A 87 -11.64 4.14 -3.94
C ILE A 87 -13.05 3.86 -3.40
N SER A 88 -13.73 2.91 -4.04
CA SER A 88 -15.08 2.56 -3.61
C SER A 88 -15.05 1.77 -2.31
N ALA A 89 -13.96 1.07 -2.08
CA ALA A 89 -13.80 0.28 -0.86
C ALA A 89 -13.48 1.18 0.32
N LEU A 90 -12.77 2.27 0.06
CA LEU A 90 -12.40 3.20 1.11
C LEU A 90 -13.63 3.98 1.58
N ARG A 91 -14.61 4.11 0.70
CA ARG A 91 -15.83 4.83 1.03
C ARG A 91 -17.04 3.90 0.97
N GLY A 92 -16.80 2.65 0.62
CA GLY A 92 -17.87 1.66 0.52
C GLY A 92 -18.58 1.50 1.86
N THR A 93 -19.83 1.07 1.80
CA THR A 93 -20.62 0.88 3.03
C THR A 93 -20.18 -0.40 3.75
N ALA A 94 -19.45 -0.23 4.84
CA ALA A 94 -18.98 -1.37 5.62
C ALA A 94 -18.74 -0.98 7.07
N PRO A 95 -18.66 -1.95 7.94
CA PRO A 95 -18.43 -1.70 9.40
C PRO A 95 -17.03 -1.18 9.68
N GLU A 96 -16.02 -1.83 9.10
CA GLU A 96 -14.64 -1.42 9.30
C GLU A 96 -13.84 -1.64 8.03
N VAL A 97 -12.54 -1.32 8.08
CA VAL A 97 -11.68 -1.49 6.93
C VAL A 97 -10.48 -2.37 7.27
N SER A 98 -10.53 -3.63 6.85
CA SER A 98 -9.44 -4.56 7.11
C SER A 98 -8.53 -4.65 5.89
N LEU A 99 -7.22 -4.67 6.13
CA LEU A 99 -6.25 -4.75 5.05
C LEU A 99 -5.11 -5.67 5.44
N LEU A 100 -4.60 -6.44 4.49
CA LEU A 100 -3.48 -7.33 4.76
C LEU A 100 -2.18 -6.69 4.33
N LEU A 101 -1.19 -6.71 5.23
CA LEU A 101 0.10 -6.10 4.92
C LEU A 101 1.20 -7.16 4.92
N CYS A 102 1.92 -7.24 3.81
CA CYS A 102 3.01 -8.22 3.69
C CYS A 102 4.31 -7.52 3.31
N ARG A 103 5.38 -7.82 4.04
CA ARG A 103 6.67 -7.21 3.78
C ARG A 103 7.71 -8.29 3.46
N PRO A 104 7.73 -8.76 2.23
CA PRO A 104 8.68 -9.82 1.80
C PRO A 104 10.11 -9.51 2.22
N ALA A 105 11.04 -10.38 1.84
CA ALA A 105 12.45 -10.19 2.19
C ALA A 105 13.05 -9.05 1.39
N PRO A 106 14.10 -8.45 1.88
CA PRO A 106 14.79 -7.31 1.20
C PRO A 106 15.56 -7.77 -0.04
N GLY A 107 15.90 -6.82 -0.90
CA GLY A 107 16.64 -7.13 -2.11
C GLY A 107 15.73 -7.77 -3.16
N VAL A 108 14.51 -8.11 -2.76
CA VAL A 108 13.56 -8.72 -3.68
C VAL A 108 12.64 -7.66 -4.29
N LEU A 109 12.13 -6.77 -3.45
CA LEU A 109 11.25 -5.71 -3.92
C LEU A 109 11.48 -4.42 -3.12
N PRO A 110 12.53 -3.71 -3.45
CA PRO A 110 12.88 -2.44 -2.76
C PRO A 110 11.70 -1.48 -2.68
N GLU A 111 11.27 -1.15 -1.46
CA GLU A 111 10.15 -0.24 -1.27
C GLU A 111 10.49 1.14 -1.85
N ILE A 112 9.46 1.86 -2.28
CA ILE A 112 9.66 3.20 -2.84
C ILE A 112 10.55 4.04 -1.92
N ASP A 113 11.30 4.95 -2.52
CA ASP A 113 12.18 5.82 -1.74
C ASP A 113 12.25 7.21 -2.37
N THR A 114 11.78 8.22 -1.63
CA THR A 114 11.80 9.58 -2.13
C THR A 114 13.23 10.07 -2.35
N PRO A 115 13.44 11.01 -3.23
CA PRO A 115 14.78 11.55 -3.54
C PRO A 115 15.39 12.31 -2.35
N GLY A 116 16.69 12.15 -2.15
CA GLY A 116 17.36 12.83 -1.05
C GLY A 116 17.91 14.18 -1.50
N ASN A 117 17.54 14.61 -2.70
CA ASN A 117 18.00 15.88 -3.23
C ASN A 117 16.90 16.93 -3.14
N SER A 118 15.94 16.70 -2.25
CA SER A 118 14.84 17.63 -2.07
C SER A 118 14.63 17.94 -0.59
N SER A 119 14.63 16.90 0.24
CA SER A 119 14.44 17.07 1.67
C SER A 119 13.06 17.65 1.96
N MET B 1 4.57 19.90 -26.12
CA MET B 1 4.19 18.81 -27.08
C MET B 1 4.32 17.46 -26.39
N PHE B 2 4.44 17.48 -25.06
CA PHE B 2 4.56 16.25 -24.29
C PHE B 2 3.44 16.14 -23.26
N ARG B 3 2.87 17.29 -22.90
CA ARG B 3 1.80 17.31 -21.92
C ARG B 3 2.08 16.34 -20.78
N ASP B 4 1.36 15.22 -20.76
CA ASP B 4 1.54 14.22 -19.72
C ASP B 4 0.97 12.88 -20.15
N PHE B 5 1.29 11.83 -19.41
CA PHE B 5 0.80 10.49 -19.73
C PHE B 5 0.66 9.66 -18.47
N ASP B 6 -0.56 9.17 -18.22
CA ASP B 6 -0.82 8.36 -17.03
C ASP B 6 -2.16 7.65 -17.16
N TYR B 7 -2.63 7.08 -16.05
CA TYR B 7 -3.90 6.37 -16.04
C TYR B 7 -4.64 6.60 -14.72
N ILE B 8 -3.97 6.27 -13.63
CA ILE B 8 -4.56 6.44 -12.30
C ILE B 8 -4.20 7.81 -11.73
N ALA B 9 -5.17 8.45 -11.09
CA ALA B 9 -4.95 9.76 -10.49
C ALA B 9 -5.88 9.98 -9.30
N ASP B 10 -6.08 8.93 -8.51
CA ASP B 10 -6.96 9.02 -7.35
C ASP B 10 -6.18 8.69 -6.08
N TRP B 11 -6.74 9.08 -4.94
CA TRP B 11 -6.09 8.82 -3.65
C TRP B 11 -6.94 9.36 -2.51
N CYS B 12 -6.63 8.93 -1.29
CA CYS B 12 -7.37 9.39 -0.12
C CYS B 12 -6.54 10.39 0.69
N THR A 1 23.51 -3.32 9.62
CA THR A 1 22.76 -2.15 10.16
C THR A 1 21.92 -2.59 11.36
N PRO A 2 22.56 -2.88 12.46
CA PRO A 2 21.87 -3.32 13.71
C PRO A 2 20.76 -2.37 14.12
N HIS A 3 19.70 -2.92 14.71
CA HIS A 3 18.57 -2.10 15.14
C HIS A 3 17.67 -2.90 16.08
N VAL A 4 16.69 -2.23 16.68
CA VAL A 4 15.77 -2.88 17.60
C VAL A 4 14.34 -2.52 17.25
N LYS A 5 13.49 -3.54 17.09
CA LYS A 5 12.10 -3.31 16.76
C LYS A 5 11.38 -2.62 17.91
N ASP A 6 10.10 -2.32 17.71
CA ASP A 6 9.31 -1.66 18.75
C ASP A 6 8.83 -2.67 19.79
N TYR A 7 8.07 -3.66 19.33
CA TYR A 7 7.54 -4.69 20.23
C TYR A 7 7.84 -6.07 19.68
N SER A 8 7.77 -7.08 20.54
CA SER A 8 8.02 -8.46 20.12
C SER A 8 6.76 -9.10 19.57
N PHE A 9 6.06 -8.37 18.72
CA PHE A 9 4.82 -8.89 18.12
C PHE A 9 4.77 -8.57 16.64
N VAL A 10 5.26 -7.38 16.28
CA VAL A 10 5.26 -6.97 14.88
C VAL A 10 6.56 -7.37 14.20
N THR A 11 6.48 -8.31 13.27
CA THR A 11 7.67 -8.78 12.56
C THR A 11 7.74 -8.15 11.18
N GLU A 12 8.95 -8.02 10.65
CA GLU A 12 9.16 -7.44 9.34
C GLU A 12 9.27 -8.53 8.28
N ASP A 13 9.24 -9.78 8.73
CA ASP A 13 9.33 -10.91 7.81
C ASP A 13 8.10 -11.79 7.91
N ASN A 14 7.03 -11.23 8.46
CA ASN A 14 5.78 -11.98 8.61
C ASN A 14 4.59 -11.17 8.11
N THR A 15 3.41 -11.76 8.14
CA THR A 15 2.20 -11.09 7.70
C THR A 15 1.36 -10.65 8.89
N PHE A 16 0.93 -9.39 8.89
CA PHE A 16 0.12 -8.87 9.98
C PHE A 16 -1.05 -8.04 9.45
N GLU A 17 -2.26 -8.43 9.84
CA GLU A 17 -3.46 -7.73 9.41
C GLU A 17 -3.50 -6.31 9.95
N VAL A 18 -3.99 -5.40 9.12
CA VAL A 18 -4.09 -3.99 9.51
C VAL A 18 -5.54 -3.51 9.40
N LYS A 19 -6.14 -3.19 10.54
CA LYS A 19 -7.52 -2.73 10.54
C LYS A 19 -7.59 -1.21 10.71
N LEU A 20 -8.45 -0.57 9.93
CA LEU A 20 -8.59 0.88 10.00
C LEU A 20 -10.00 1.30 9.58
N PHE A 21 -10.45 2.44 10.11
CA PHE A 21 -11.77 2.94 9.78
C PHE A 21 -11.72 4.41 9.37
N LYS A 22 -12.36 4.74 8.25
CA LYS A 22 -12.35 6.11 7.76
C LYS A 22 -13.66 6.45 7.06
N ASN A 23 -14.17 7.65 7.30
CA ASN A 23 -15.42 8.08 6.68
C ASN A 23 -15.16 9.25 5.72
N SER A 24 -15.48 9.03 4.45
CA SER A 24 -15.26 10.08 3.45
C SER A 24 -13.78 10.40 3.33
N SER A 25 -13.40 11.09 2.26
CA SER A 25 -12.01 11.46 2.04
C SER A 25 -11.84 12.19 0.72
N GLY A 26 -10.60 12.51 0.38
CA GLY A 26 -10.31 13.22 -0.85
C GLY A 26 -8.82 13.56 -0.95
N LEU A 27 -8.12 13.41 0.17
CA LEU A 27 -6.69 13.71 0.21
C LEU A 27 -6.02 13.00 1.39
N GLY A 28 -5.26 11.96 1.08
CA GLY A 28 -4.57 11.20 2.12
C GLY A 28 -3.37 10.45 1.54
N PHE A 29 -3.21 9.20 1.94
CA PHE A 29 -2.10 8.39 1.45
C PHE A 29 -2.41 7.84 0.07
N SER A 30 -1.42 7.19 -0.54
CA SER A 30 -1.60 6.63 -1.87
C SER A 30 -0.91 5.26 -1.97
N PHE A 31 -1.13 4.58 -3.08
CA PHE A 31 -0.53 3.27 -3.29
C PHE A 31 -0.05 3.12 -4.74
N SER A 32 1.22 2.72 -4.90
CA SER A 32 1.78 2.54 -6.23
C SER A 32 1.10 1.37 -6.94
N ARG A 33 0.79 1.57 -8.22
CA ARG A 33 0.14 0.52 -9.00
C ARG A 33 1.12 -0.09 -10.00
N GLU A 34 1.85 0.76 -10.71
CA GLU A 34 2.82 0.29 -11.69
C GLU A 34 4.13 -0.09 -11.01
N ASP A 35 4.80 -1.11 -11.55
CA ASP A 35 6.07 -1.56 -10.98
C ASP A 35 7.20 -1.39 -11.99
N ASN A 36 8.43 -1.38 -11.50
CA ASN A 36 9.59 -1.23 -12.36
C ASN A 36 10.44 -2.49 -12.37
N LEU A 37 9.99 -3.50 -11.62
CA LEU A 37 10.71 -4.76 -11.54
C LEU A 37 10.37 -5.65 -12.74
N ILE A 38 9.11 -5.61 -13.16
CA ILE A 38 8.66 -6.41 -14.29
C ILE A 38 7.71 -5.61 -15.17
N PRO A 39 8.22 -4.63 -15.86
CA PRO A 39 7.40 -3.77 -16.76
C PRO A 39 6.47 -4.58 -17.65
N GLU A 40 6.77 -5.88 -17.79
CA GLU A 40 5.95 -6.75 -18.62
C GLU A 40 4.50 -6.73 -18.15
N GLN A 41 4.25 -6.09 -17.01
CA GLN A 41 2.91 -6.00 -16.45
C GLN A 41 2.15 -7.30 -16.68
N ILE A 42 2.43 -8.29 -15.84
CA ILE A 42 1.76 -9.58 -15.96
C ILE A 42 0.36 -9.52 -15.36
N ASN A 43 -0.55 -10.33 -15.89
CA ASN A 43 -1.92 -10.35 -15.40
C ASN A 43 -1.95 -10.19 -13.88
N GLY A 44 -2.86 -9.35 -13.39
CA GLY A 44 -2.98 -9.11 -11.97
C GLY A 44 -1.69 -8.53 -11.40
N SER A 45 -1.69 -7.23 -11.14
CA SER A 45 -0.51 -6.56 -10.60
C SER A 45 -0.56 -6.53 -9.08
N ILE A 46 0.31 -5.73 -8.48
CA ILE A 46 0.37 -5.62 -7.02
C ILE A 46 0.17 -4.17 -6.59
N VAL A 47 -0.37 -3.99 -5.39
CA VAL A 47 -0.61 -2.65 -4.86
C VAL A 47 0.26 -2.40 -3.63
N ARG A 48 1.17 -1.44 -3.73
CA ARG A 48 2.04 -1.11 -2.61
C ARG A 48 1.90 0.36 -2.24
N VAL A 49 2.38 0.70 -1.04
CA VAL A 49 2.29 2.09 -0.57
C VAL A 49 3.17 2.99 -1.42
N LYS A 50 2.61 4.11 -1.85
CA LYS A 50 3.35 5.06 -2.67
C LYS A 50 3.96 6.15 -1.81
N LYS A 51 3.16 6.72 -0.92
CA LYS A 51 3.63 7.78 -0.03
C LYS A 51 2.90 7.75 1.31
N LEU A 52 3.30 8.63 2.21
CA LEU A 52 2.68 8.70 3.53
C LEU A 52 3.13 9.95 4.27
N PHE A 53 2.29 10.46 5.16
CA PHE A 53 2.62 11.65 5.92
C PHE A 53 2.65 11.34 7.42
N PRO A 54 3.33 12.16 8.18
CA PRO A 54 3.44 11.97 9.66
C PRO A 54 2.14 12.29 10.38
N GLY A 55 1.97 11.70 11.57
CA GLY A 55 0.76 11.92 12.35
C GLY A 55 -0.49 11.78 11.49
N GLN A 56 -0.69 10.57 10.96
CA GLN A 56 -1.86 10.31 10.12
C GLN A 56 -2.55 9.01 10.54
N PRO A 57 -3.84 8.91 10.37
CA PRO A 57 -4.59 7.68 10.74
C PRO A 57 -3.82 6.44 10.33
N ALA A 58 -3.27 6.48 9.12
CA ALA A 58 -2.48 5.36 8.61
C ALA A 58 -1.18 5.25 9.38
N ALA A 59 -0.70 6.37 9.92
CA ALA A 59 0.54 6.36 10.69
C ALA A 59 0.29 5.75 12.07
N GLU A 60 -0.86 6.07 12.65
CA GLU A 60 -1.22 5.56 13.96
C GLU A 60 -1.56 4.08 13.87
N SER A 61 -1.96 3.64 12.69
CA SER A 61 -2.31 2.23 12.47
C SER A 61 -1.43 1.32 13.32
N GLY A 62 -0.23 1.77 13.62
CA GLY A 62 0.69 0.99 14.43
C GLY A 62 2.08 0.99 13.81
N LYS A 63 2.16 0.56 12.55
CA LYS A 63 3.45 0.52 11.86
C LYS A 63 3.25 0.35 10.35
N ILE A 64 3.86 1.23 9.58
CA ILE A 64 3.74 1.17 8.12
C ILE A 64 5.03 1.64 7.47
N ASP A 65 5.24 1.23 6.22
CA ASP A 65 6.44 1.62 5.48
C ASP A 65 6.15 1.74 3.99
N VAL A 66 6.91 2.59 3.32
CA VAL A 66 6.73 2.79 1.88
C VAL A 66 7.20 1.56 1.12
N GLY A 67 6.27 0.90 0.42
CA GLY A 67 6.59 -0.28 -0.35
C GLY A 67 5.90 -1.52 0.21
N ASP A 68 5.16 -1.33 1.30
CA ASP A 68 4.45 -2.43 1.93
C ASP A 68 3.73 -3.27 0.88
N VAL A 69 3.17 -4.39 1.31
CA VAL A 69 2.45 -5.27 0.39
C VAL A 69 1.07 -5.61 0.93
N ILE A 70 0.04 -5.10 0.26
CA ILE A 70 -1.34 -5.36 0.68
C ILE A 70 -1.92 -6.52 -0.11
N LEU A 71 -2.18 -7.63 0.58
CA LEU A 71 -2.74 -8.81 -0.08
C LEU A 71 -4.24 -8.66 -0.30
N LYS A 72 -4.98 -8.48 0.79
CA LYS A 72 -6.44 -8.33 0.69
C LYS A 72 -6.88 -7.00 1.26
N VAL A 73 -8.08 -6.57 0.87
CA VAL A 73 -8.61 -5.29 1.34
C VAL A 73 -10.11 -5.40 1.60
N ASN A 74 -10.48 -5.33 2.87
CA ASN A 74 -11.89 -5.40 3.24
C ASN A 74 -12.57 -6.61 2.58
N GLY A 75 -11.79 -7.66 2.35
CA GLY A 75 -12.33 -8.87 1.72
C GLY A 75 -12.30 -8.77 0.20
N ALA A 76 -11.34 -8.00 -0.31
CA ALA A 76 -11.20 -7.82 -1.74
C ALA A 76 -9.92 -8.49 -2.25
N PRO A 77 -10.00 -9.71 -2.74
CA PRO A 77 -8.82 -10.45 -3.25
C PRO A 77 -8.01 -9.63 -4.24
N LEU A 78 -6.71 -9.91 -4.30
CA LEU A 78 -5.82 -9.20 -5.22
C LEU A 78 -5.92 -9.78 -6.62
N LYS A 79 -7.14 -10.02 -7.09
CA LYS A 79 -7.35 -10.58 -8.42
C LYS A 79 -8.54 -9.90 -9.10
N GLY A 80 -8.29 -8.76 -9.74
CA GLY A 80 -9.35 -8.04 -10.42
C GLY A 80 -9.55 -6.66 -9.82
N LEU A 81 -8.53 -5.81 -9.90
CA LEU A 81 -8.62 -4.46 -9.36
C LEU A 81 -8.46 -3.42 -10.44
N SER A 82 -9.46 -2.55 -10.59
CA SER A 82 -9.42 -1.52 -11.61
C SER A 82 -9.16 -0.16 -10.97
N GLN A 83 -8.44 0.70 -11.68
CA GLN A 83 -8.13 2.03 -11.18
C GLN A 83 -9.37 2.69 -10.58
N GLN A 84 -10.53 2.14 -10.92
CA GLN A 84 -11.80 2.67 -10.40
C GLN A 84 -12.23 1.91 -9.16
N ASP A 85 -11.88 0.63 -9.10
CA ASP A 85 -12.25 -0.19 -7.95
C ASP A 85 -11.51 0.28 -6.69
N VAL A 86 -10.25 0.66 -6.87
CA VAL A 86 -9.44 1.12 -5.75
C VAL A 86 -10.24 2.08 -4.87
N ILE A 87 -10.83 3.10 -5.50
CA ILE A 87 -11.62 4.08 -4.76
C ILE A 87 -12.74 3.39 -4.00
N SER A 88 -13.43 2.47 -4.66
CA SER A 88 -14.53 1.75 -4.03
C SER A 88 -14.03 0.97 -2.81
N ALA A 89 -12.82 0.41 -2.92
CA ALA A 89 -12.25 -0.35 -1.82
C ALA A 89 -11.93 0.56 -0.65
N LEU A 90 -11.75 1.85 -0.92
CA LEU A 90 -11.43 2.82 0.11
C LEU A 90 -12.71 3.38 0.72
N ARG A 91 -13.86 3.00 0.15
CA ARG A 91 -15.13 3.49 0.64
C ARG A 91 -16.09 2.33 0.91
N GLY A 92 -15.53 1.12 0.95
CA GLY A 92 -16.34 -0.07 1.21
C GLY A 92 -17.43 0.23 2.22
N THR A 93 -18.65 -0.19 1.91
CA THR A 93 -19.78 0.04 2.81
C THR A 93 -19.50 -0.56 4.19
N ALA A 94 -18.67 -1.61 4.22
CA ALA A 94 -18.34 -2.26 5.48
C ALA A 94 -18.08 -1.22 6.57
N PRO A 95 -18.18 -1.61 7.81
CA PRO A 95 -17.95 -0.71 8.97
C PRO A 95 -16.48 -0.32 9.11
N GLU A 96 -15.60 -1.31 9.04
CA GLU A 96 -14.17 -1.08 9.16
C GLU A 96 -13.43 -1.69 7.98
N VAL A 97 -12.32 -1.06 7.59
CA VAL A 97 -11.54 -1.56 6.46
C VAL A 97 -10.44 -2.49 6.95
N SER A 98 -10.65 -3.79 6.77
CA SER A 98 -9.66 -4.78 7.19
C SER A 98 -8.85 -5.27 5.99
N LEU A 99 -7.54 -5.05 6.03
CA LEU A 99 -6.68 -5.47 4.94
C LEU A 99 -5.47 -6.23 5.47
N LEU A 100 -4.99 -7.20 4.70
CA LEU A 100 -3.83 -7.98 5.11
C LEU A 100 -2.53 -7.31 4.70
N LEU A 101 -1.58 -7.26 5.62
CA LEU A 101 -0.29 -6.63 5.35
C LEU A 101 0.81 -7.67 5.34
N CYS A 102 1.69 -7.60 4.33
CA CYS A 102 2.79 -8.55 4.23
C CYS A 102 4.11 -7.80 4.05
N ARG A 103 5.15 -8.28 4.73
CA ARG A 103 6.47 -7.66 4.63
C ARG A 103 7.54 -8.70 4.35
N PRO A 104 7.64 -9.14 3.13
CA PRO A 104 8.65 -10.16 2.71
C PRO A 104 10.07 -9.75 3.08
N ALA A 105 11.04 -10.51 2.60
CA ALA A 105 12.44 -10.21 2.89
C ALA A 105 12.98 -9.18 1.90
N PRO A 106 14.06 -8.54 2.24
CA PRO A 106 14.69 -7.50 1.36
C PRO A 106 15.34 -8.11 0.13
N GLY A 107 15.86 -7.25 -0.75
CA GLY A 107 16.51 -7.71 -1.96
C GLY A 107 15.48 -8.03 -3.04
N VAL A 108 14.23 -8.19 -2.64
CA VAL A 108 13.16 -8.50 -3.58
C VAL A 108 12.30 -7.28 -3.84
N LEU A 109 12.23 -6.40 -2.84
CA LEU A 109 11.42 -5.18 -2.97
C LEU A 109 12.26 -3.95 -2.66
N PRO A 110 12.96 -3.43 -3.64
CA PRO A 110 13.82 -2.22 -3.47
C PRO A 110 13.07 -1.08 -2.76
N GLU A 111 13.80 -0.26 -2.02
CA GLU A 111 13.20 0.86 -1.31
C GLU A 111 12.64 1.88 -2.30
N ILE A 112 11.36 2.20 -2.14
CA ILE A 112 10.72 3.16 -3.03
C ILE A 112 11.05 4.59 -2.62
N ASP A 113 11.17 5.48 -3.60
CA ASP A 113 11.48 6.88 -3.32
C ASP A 113 11.32 7.72 -4.58
N THR A 114 10.62 8.84 -4.45
CA THR A 114 10.40 9.73 -5.59
C THR A 114 11.24 10.99 -5.45
N PRO A 115 11.44 11.70 -6.53
CA PRO A 115 12.24 12.95 -6.54
C PRO A 115 11.50 14.11 -5.89
N GLY A 116 12.19 14.83 -4.99
CA GLY A 116 11.57 15.96 -4.31
C GLY A 116 12.40 17.23 -4.52
N ASN A 117 13.53 17.33 -3.83
CA ASN A 117 14.39 18.50 -3.96
C ASN A 117 13.62 19.77 -3.66
N SER A 118 14.26 20.91 -3.85
CA SER A 118 13.62 22.20 -3.60
C SER A 118 12.82 22.64 -4.82
N SER A 119 11.71 23.34 -4.58
CA SER A 119 10.87 23.82 -5.67
C SER A 119 10.42 22.67 -6.55
N MET B 1 -3.65 2.79 -27.57
CA MET B 1 -4.72 3.75 -27.98
C MET B 1 -5.57 4.10 -26.77
N PHE B 2 -5.92 3.08 -25.98
CA PHE B 2 -6.74 3.29 -24.80
C PHE B 2 -5.90 3.85 -23.65
N ARG B 3 -5.07 3.00 -23.06
CA ARG B 3 -4.21 3.42 -21.96
C ARG B 3 -3.25 4.50 -22.41
N ASP B 4 -3.62 5.76 -22.18
CA ASP B 4 -2.77 6.89 -22.57
C ASP B 4 -2.19 7.58 -21.34
N PHE B 5 -3.00 7.68 -20.29
CA PHE B 5 -2.55 8.32 -19.06
C PHE B 5 -1.52 7.45 -18.35
N ASP B 6 -0.27 7.88 -18.41
CA ASP B 6 0.82 7.13 -17.78
C ASP B 6 0.50 6.87 -16.31
N TYR B 7 0.84 7.84 -15.46
CA TYR B 7 0.59 7.70 -14.03
C TYR B 7 -0.87 7.33 -13.77
N ILE B 8 -1.25 7.29 -12.50
CA ILE B 8 -2.62 6.94 -12.12
C ILE B 8 -3.40 8.19 -11.74
N ALA B 9 -4.54 7.99 -11.10
CA ALA B 9 -5.39 9.11 -10.68
C ALA B 9 -6.34 8.68 -9.57
N ASP B 10 -5.84 7.84 -8.67
CA ASP B 10 -6.67 7.36 -7.56
C ASP B 10 -5.92 7.49 -6.24
N TRP B 11 -6.66 7.70 -5.17
CA TRP B 11 -6.05 7.83 -3.84
C TRP B 11 -7.12 8.14 -2.79
N CYS B 12 -6.68 8.51 -1.60
CA CYS B 12 -7.61 8.84 -0.52
C CYS B 12 -6.86 9.41 0.67
N THR A 1 21.03 -3.76 20.83
CA THR A 1 20.34 -4.82 20.04
C THR A 1 19.22 -5.43 20.88
N PRO A 2 18.15 -4.71 21.06
CA PRO A 2 17.00 -5.19 21.87
C PRO A 2 16.58 -6.60 21.50
N HIS A 3 16.22 -7.40 22.50
CA HIS A 3 15.81 -8.78 22.27
C HIS A 3 14.28 -8.89 22.25
N VAL A 4 13.61 -7.79 22.59
CA VAL A 4 12.16 -7.78 22.60
C VAL A 4 11.61 -7.06 21.38
N LYS A 5 10.50 -7.56 20.85
CA LYS A 5 9.89 -6.96 19.67
C LYS A 5 9.65 -5.47 19.89
N ASP A 6 9.06 -4.82 18.89
CA ASP A 6 8.78 -3.39 18.98
C ASP A 6 7.34 -3.16 19.43
N TYR A 7 6.38 -3.46 18.55
CA TYR A 7 4.97 -3.27 18.87
C TYR A 7 4.29 -4.62 19.10
N SER A 8 3.49 -4.70 20.17
CA SER A 8 2.78 -5.92 20.49
C SER A 8 3.61 -7.15 20.13
N PHE A 9 3.47 -7.61 18.90
CA PHE A 9 4.21 -8.78 18.44
C PHE A 9 4.30 -8.80 16.92
N VAL A 10 4.42 -7.62 16.32
CA VAL A 10 4.52 -7.52 14.87
C VAL A 10 5.95 -7.75 14.41
N THR A 11 6.12 -8.16 13.17
CA THR A 11 7.44 -8.41 12.62
C THR A 11 7.65 -7.64 11.32
N GLU A 12 8.84 -7.77 10.75
CA GLU A 12 9.16 -7.09 9.50
C GLU A 12 9.50 -8.10 8.41
N ASP A 13 9.47 -9.38 8.76
CA ASP A 13 9.78 -10.43 7.82
C ASP A 13 8.65 -11.46 7.77
N ASN A 14 7.47 -11.04 8.20
CA ASN A 14 6.31 -11.92 8.22
C ASN A 14 5.07 -11.16 7.74
N THR A 15 3.93 -11.85 7.74
CA THR A 15 2.67 -11.23 7.31
C THR A 15 1.85 -10.82 8.53
N PHE A 16 1.33 -9.59 8.51
CA PHE A 16 0.54 -9.10 9.62
C PHE A 16 -0.63 -8.25 9.11
N GLU A 17 -1.84 -8.64 9.51
CA GLU A 17 -3.04 -7.93 9.10
C GLU A 17 -3.11 -6.54 9.70
N VAL A 18 -3.65 -5.60 8.93
CA VAL A 18 -3.79 -4.23 9.39
C VAL A 18 -5.22 -3.74 9.22
N LYS A 19 -5.70 -2.93 10.16
CA LYS A 19 -7.06 -2.42 10.09
C LYS A 19 -7.05 -0.90 10.05
N LEU A 20 -7.44 -0.34 8.90
CA LEU A 20 -7.49 1.11 8.75
C LEU A 20 -8.91 1.62 8.90
N PHE A 21 -9.06 2.73 9.63
CA PHE A 21 -10.38 3.32 9.85
C PHE A 21 -10.76 4.23 8.70
N LYS A 22 -12.05 4.41 8.49
CA LYS A 22 -12.54 5.27 7.42
C LYS A 22 -11.68 6.52 7.30
N ASN A 23 -11.71 7.15 6.13
CA ASN A 23 -10.93 8.35 5.90
C ASN A 23 -11.82 9.48 5.37
N SER A 24 -11.98 10.52 6.20
CA SER A 24 -12.82 11.65 5.80
C SER A 24 -11.99 12.94 5.79
N SER A 25 -11.22 13.13 4.73
CA SER A 25 -10.39 14.33 4.61
C SER A 25 -9.84 14.46 3.20
N GLY A 26 -10.02 13.41 2.39
CA GLY A 26 -9.53 13.42 1.02
C GLY A 26 -8.05 13.75 0.98
N LEU A 27 -7.49 13.78 -0.24
CA LEU A 27 -6.07 14.08 -0.40
C LEU A 27 -5.25 13.45 0.71
N GLY A 28 -5.30 12.13 0.81
CA GLY A 28 -4.55 11.42 1.84
C GLY A 28 -3.32 10.74 1.25
N PHE A 29 -3.22 9.42 1.46
CA PHE A 29 -2.09 8.66 0.94
C PHE A 29 -2.42 8.06 -0.43
N SER A 30 -1.44 7.42 -1.03
CA SER A 30 -1.63 6.80 -2.34
C SER A 30 -0.86 5.49 -2.42
N PHE A 31 -1.01 4.78 -3.54
CA PHE A 31 -0.31 3.51 -3.72
C PHE A 31 -0.14 3.20 -5.20
N SER A 32 1.04 2.71 -5.56
CA SER A 32 1.34 2.37 -6.95
C SER A 32 0.92 0.93 -7.25
N ARG A 33 0.13 0.75 -8.29
CA ARG A 33 -0.32 -0.58 -8.66
C ARG A 33 0.61 -1.19 -9.72
N GLU A 34 1.10 -0.34 -10.62
CA GLU A 34 2.01 -0.81 -11.67
C GLU A 34 3.45 -0.83 -11.16
N ASP A 35 4.18 -1.88 -11.54
CA ASP A 35 5.57 -2.02 -11.12
C ASP A 35 6.47 -2.19 -12.33
N ASN A 36 7.68 -1.62 -12.26
CA ASN A 36 8.62 -1.73 -13.36
C ASN A 36 10.03 -1.97 -12.85
N LEU A 37 10.13 -2.74 -11.76
CA LEU A 37 11.42 -3.05 -11.17
C LEU A 37 12.08 -4.22 -11.90
N ILE A 38 11.38 -5.34 -11.95
CA ILE A 38 11.90 -6.53 -12.63
C ILE A 38 10.80 -7.55 -12.87
N PRO A 39 9.82 -7.19 -13.66
CA PRO A 39 8.67 -8.09 -13.97
C PRO A 39 9.05 -9.16 -15.00
N GLU A 40 10.33 -9.47 -15.08
CA GLU A 40 10.81 -10.48 -16.02
C GLU A 40 10.19 -11.83 -15.72
N GLN A 41 9.90 -12.08 -14.44
CA GLN A 41 9.32 -13.34 -14.03
C GLN A 41 8.61 -13.20 -12.68
N ILE A 42 7.89 -12.10 -12.50
CA ILE A 42 7.19 -11.87 -11.25
C ILE A 42 5.84 -11.19 -11.51
N ASN A 43 4.92 -11.34 -10.56
CA ASN A 43 3.59 -10.74 -10.69
C ASN A 43 3.70 -9.32 -11.21
N GLY A 44 2.89 -9.00 -12.23
CA GLY A 44 2.90 -7.66 -12.81
C GLY A 44 1.80 -6.80 -12.21
N SER A 45 1.13 -7.33 -11.19
CA SER A 45 0.06 -6.60 -10.53
C SER A 45 0.23 -6.63 -9.01
N ILE A 46 0.78 -5.56 -8.46
CA ILE A 46 1.00 -5.47 -7.02
C ILE A 46 0.77 -4.05 -6.53
N VAL A 47 0.12 -3.93 -5.36
CA VAL A 47 -0.16 -2.62 -4.80
C VAL A 47 0.77 -2.34 -3.62
N ARG A 48 1.50 -1.22 -3.70
CA ARG A 48 2.42 -0.85 -2.64
C ARG A 48 2.37 0.66 -2.39
N VAL A 49 2.26 1.03 -1.12
CA VAL A 49 2.19 2.45 -0.75
C VAL A 49 3.27 3.25 -1.49
N LYS A 50 2.85 4.33 -2.12
CA LYS A 50 3.79 5.18 -2.85
C LYS A 50 4.17 6.39 -2.01
N LYS A 51 3.18 7.00 -1.38
CA LYS A 51 3.42 8.16 -0.54
C LYS A 51 2.64 8.06 0.76
N LEU A 52 3.21 8.55 1.85
CA LEU A 52 2.56 8.50 3.15
C LEU A 52 3.40 9.24 4.20
N PHE A 53 2.87 10.37 4.68
CA PHE A 53 3.57 11.15 5.68
C PHE A 53 3.07 10.80 7.08
N PRO A 54 3.88 11.01 8.09
CA PRO A 54 3.51 10.71 9.50
C PRO A 54 2.44 11.66 10.04
N GLY A 55 1.75 11.24 11.09
CA GLY A 55 0.70 12.06 11.69
C GLY A 55 -0.62 11.86 10.98
N GLN A 56 -0.67 10.89 10.08
CA GLN A 56 -1.89 10.61 9.33
C GLN A 56 -2.58 9.38 9.88
N PRO A 57 -3.87 9.25 9.68
CA PRO A 57 -4.63 8.08 10.17
C PRO A 57 -3.84 6.80 9.93
N ALA A 58 -3.18 6.73 8.79
CA ALA A 58 -2.37 5.58 8.44
C ALA A 58 -1.13 5.55 9.33
N ALA A 59 -0.66 6.72 9.74
CA ALA A 59 0.51 6.79 10.60
C ALA A 59 0.18 6.24 11.98
N GLU A 60 -1.06 6.46 12.41
CA GLU A 60 -1.51 5.98 13.70
C GLU A 60 -1.76 4.48 13.66
N SER A 61 -2.14 3.98 12.49
CA SER A 61 -2.42 2.57 12.31
C SER A 61 -1.50 1.72 13.18
N GLY A 62 -0.30 2.24 13.46
CA GLY A 62 0.66 1.52 14.28
C GLY A 62 2.04 1.55 13.66
N LYS A 63 2.13 1.10 12.41
CA LYS A 63 3.41 1.10 11.71
C LYS A 63 3.22 0.88 10.22
N ILE A 64 3.81 1.78 9.42
CA ILE A 64 3.70 1.70 7.97
C ILE A 64 4.95 2.28 7.31
N ASP A 65 5.29 1.78 6.13
CA ASP A 65 6.46 2.28 5.41
C ASP A 65 6.21 2.27 3.91
N VAL A 66 6.63 3.34 3.24
CA VAL A 66 6.46 3.45 1.80
C VAL A 66 7.17 2.31 1.08
N GLY A 67 6.42 1.29 0.71
CA GLY A 67 6.99 0.14 0.01
C GLY A 67 6.26 -1.15 0.40
N ASP A 68 5.51 -1.09 1.50
CA ASP A 68 4.77 -2.25 1.97
C ASP A 68 3.95 -2.86 0.84
N VAL A 69 3.42 -4.06 1.07
CA VAL A 69 2.62 -4.73 0.06
C VAL A 69 1.29 -5.21 0.65
N ILE A 70 0.19 -4.85 -0.01
CA ILE A 70 -1.13 -5.25 0.45
C ILE A 70 -1.64 -6.44 -0.36
N LEU A 71 -1.77 -7.58 0.30
CA LEU A 71 -2.25 -8.79 -0.37
C LEU A 71 -3.75 -8.73 -0.60
N LYS A 72 -4.50 -8.57 0.49
CA LYS A 72 -5.96 -8.51 0.40
C LYS A 72 -6.47 -7.16 0.90
N VAL A 73 -7.65 -6.77 0.44
CA VAL A 73 -8.24 -5.50 0.86
C VAL A 73 -9.71 -5.67 1.19
N ASN A 74 -10.01 -5.88 2.47
CA ASN A 74 -11.38 -6.06 2.91
C ASN A 74 -12.00 -7.29 2.27
N GLY A 75 -11.24 -7.95 1.41
CA GLY A 75 -11.72 -9.15 0.73
C GLY A 75 -11.63 -8.99 -0.78
N ALA A 76 -10.75 -8.11 -1.23
CA ALA A 76 -10.58 -7.87 -2.66
C ALA A 76 -9.16 -8.25 -3.09
N PRO A 77 -8.94 -9.49 -3.44
CA PRO A 77 -7.61 -9.99 -3.89
C PRO A 77 -7.03 -9.16 -5.02
N LEU A 78 -5.73 -9.29 -5.25
CA LEU A 78 -5.06 -8.55 -6.31
C LEU A 78 -5.63 -8.93 -7.68
N LYS A 79 -6.61 -9.82 -7.67
CA LYS A 79 -7.24 -10.26 -8.93
C LYS A 79 -8.69 -9.81 -8.99
N GLY A 80 -8.90 -8.60 -9.50
CA GLY A 80 -10.25 -8.06 -9.61
C GLY A 80 -10.29 -6.58 -9.21
N LEU A 81 -9.23 -6.14 -8.52
CA LEU A 81 -9.15 -4.75 -8.10
C LEU A 81 -8.84 -3.84 -9.28
N SER A 82 -9.85 -3.09 -9.72
CA SER A 82 -9.66 -2.17 -10.85
C SER A 82 -8.99 -0.89 -10.38
N GLN A 83 -8.90 0.09 -11.29
CA GLN A 83 -8.28 1.37 -10.96
C GLN A 83 -9.29 2.29 -10.29
N GLN A 84 -10.54 1.86 -10.25
CA GLN A 84 -11.60 2.67 -9.63
C GLN A 84 -12.31 1.85 -8.55
N ASP A 85 -11.84 0.63 -8.32
CA ASP A 85 -12.44 -0.23 -7.31
C ASP A 85 -11.91 0.12 -5.93
N VAL A 86 -10.59 0.21 -5.81
CA VAL A 86 -9.96 0.54 -4.52
C VAL A 86 -10.66 1.73 -3.88
N ILE A 87 -10.73 2.83 -4.61
CA ILE A 87 -11.38 4.03 -4.10
C ILE A 87 -12.83 3.74 -3.69
N SER A 88 -13.50 2.90 -4.49
CA SER A 88 -14.88 2.54 -4.21
C SER A 88 -14.98 1.75 -2.92
N ALA A 89 -14.03 0.84 -2.71
CA ALA A 89 -14.01 0.03 -1.51
C ALA A 89 -13.80 0.90 -0.27
N LEU A 90 -12.89 1.84 -0.37
CA LEU A 90 -12.59 2.74 0.74
C LEU A 90 -13.83 3.57 1.09
N ARG A 91 -14.79 3.60 0.18
CA ARG A 91 -16.02 4.35 0.39
C ARG A 91 -17.17 3.41 0.74
N GLY A 92 -17.07 2.17 0.28
CA GLY A 92 -18.10 1.18 0.56
C GLY A 92 -18.54 1.24 2.02
N THR A 93 -19.84 1.34 2.23
CA THR A 93 -20.39 1.42 3.59
C THR A 93 -19.83 0.28 4.45
N ALA A 94 -18.83 0.60 5.27
CA ALA A 94 -18.22 -0.39 6.13
C ALA A 94 -17.69 0.27 7.41
N PRO A 95 -17.58 -0.48 8.48
CA PRO A 95 -17.08 0.06 9.78
C PRO A 95 -15.57 0.30 9.75
N GLU A 96 -14.83 -0.69 9.25
CA GLU A 96 -13.38 -0.57 9.16
C GLU A 96 -12.86 -1.25 7.90
N VAL A 97 -11.59 -1.04 7.60
CA VAL A 97 -10.98 -1.63 6.41
C VAL A 97 -9.94 -2.68 6.81
N SER A 98 -10.32 -3.95 6.71
CA SER A 98 -9.41 -5.03 7.05
C SER A 98 -8.62 -5.48 5.83
N LEU A 99 -7.31 -5.30 5.88
CA LEU A 99 -6.44 -5.69 4.77
C LEU A 99 -5.22 -6.44 5.28
N LEU A 100 -4.66 -7.30 4.43
CA LEU A 100 -3.48 -8.06 4.82
C LEU A 100 -2.19 -7.34 4.42
N LEU A 101 -1.25 -7.27 5.35
CA LEU A 101 0.03 -6.61 5.08
C LEU A 101 1.12 -7.65 4.91
N CYS A 102 1.92 -7.48 3.87
CA CYS A 102 3.01 -8.42 3.60
C CYS A 102 4.33 -7.66 3.45
N ARG A 103 5.31 -8.00 4.29
CA ARG A 103 6.61 -7.35 4.22
C ARG A 103 7.72 -8.38 4.05
N PRO A 104 7.92 -8.84 2.83
CA PRO A 104 8.97 -9.85 2.52
C PRO A 104 10.36 -9.41 3.00
N ALA A 105 11.37 -10.21 2.71
CA ALA A 105 12.73 -9.89 3.12
C ALA A 105 13.39 -9.00 2.07
N PRO A 106 14.41 -8.27 2.47
CA PRO A 106 15.15 -7.36 1.56
C PRO A 106 15.89 -8.11 0.46
N GLY A 107 15.91 -7.54 -0.74
CA GLY A 107 16.58 -8.17 -1.87
C GLY A 107 15.56 -8.68 -2.89
N VAL A 108 14.30 -8.71 -2.49
CA VAL A 108 13.24 -9.17 -3.37
C VAL A 108 12.42 -7.99 -3.90
N LEU A 109 11.86 -7.21 -2.97
CA LEU A 109 11.06 -6.06 -3.35
C LEU A 109 11.69 -4.78 -2.80
N PRO A 110 12.67 -4.25 -3.49
CA PRO A 110 13.37 -3.00 -3.07
C PRO A 110 12.38 -1.91 -2.68
N GLU A 111 12.46 -1.46 -1.43
CA GLU A 111 11.57 -0.41 -0.94
C GLU A 111 11.62 0.81 -1.85
N ILE A 112 10.51 1.52 -1.94
CA ILE A 112 10.42 2.70 -2.78
C ILE A 112 10.90 3.94 -2.01
N ASP A 113 11.51 4.88 -2.72
CA ASP A 113 12.00 6.09 -2.09
C ASP A 113 11.86 7.28 -3.05
N THR A 114 11.01 8.22 -2.69
CA THR A 114 10.79 9.39 -3.53
C THR A 114 12.07 10.24 -3.61
N PRO A 115 12.29 10.92 -4.70
CA PRO A 115 13.49 11.78 -4.88
C PRO A 115 13.86 12.53 -3.61
N GLY A 116 15.09 12.36 -3.15
CA GLY A 116 15.55 13.04 -1.95
C GLY A 116 15.79 14.52 -2.22
N ASN A 117 16.10 15.28 -1.18
CA ASN A 117 16.34 16.70 -1.32
C ASN A 117 17.69 17.07 -0.71
N SER A 118 18.45 17.90 -1.42
CA SER A 118 19.76 18.33 -0.94
C SER A 118 20.65 17.12 -0.65
N SER A 119 21.75 17.02 -1.40
CA SER A 119 22.68 15.92 -1.23
C SER A 119 23.31 15.96 0.16
N MET B 1 8.03 16.81 -22.10
CA MET B 1 7.80 15.35 -22.35
C MET B 1 7.82 14.60 -21.02
N PHE B 2 6.65 14.41 -20.42
CA PHE B 2 6.55 13.72 -19.15
C PHE B 2 5.98 12.32 -19.36
N ARG B 3 6.28 11.41 -18.43
CA ARG B 3 5.79 10.04 -18.51
C ARG B 3 4.80 9.75 -17.39
N ASP B 4 4.98 10.42 -16.26
CA ASP B 4 4.11 10.22 -15.11
C ASP B 4 2.72 10.78 -15.41
N PHE B 5 1.76 10.45 -14.54
CA PHE B 5 0.40 10.93 -14.71
C PHE B 5 -0.22 10.35 -15.98
N ASP B 6 -0.46 9.04 -15.98
CA ASP B 6 -1.03 8.38 -17.14
C ASP B 6 -1.94 7.24 -16.70
N TYR B 7 -1.45 6.40 -15.80
CA TYR B 7 -2.22 5.27 -15.31
C TYR B 7 -3.02 5.67 -14.07
N ILE B 8 -2.38 5.59 -12.91
CA ILE B 8 -3.05 5.95 -11.66
C ILE B 8 -2.65 7.36 -11.23
N ALA B 9 -3.61 8.09 -10.67
CA ALA B 9 -3.36 9.45 -10.21
C ALA B 9 -4.39 9.87 -9.17
N ASP B 10 -5.08 8.89 -8.60
CA ASP B 10 -6.10 9.18 -7.59
C ASP B 10 -5.55 8.88 -6.19
N TRP B 11 -6.44 8.87 -5.21
CA TRP B 11 -6.05 8.60 -3.83
C TRP B 11 -7.21 8.87 -2.88
N CYS B 12 -6.96 8.73 -1.58
CA CYS B 12 -7.98 8.96 -0.57
C CYS B 12 -7.43 9.79 0.58
N THR A 1 17.35 0.94 4.82
CA THR A 1 18.38 0.79 5.88
C THR A 1 17.79 1.17 7.23
N PRO A 2 16.79 0.45 7.67
CA PRO A 2 16.11 0.71 8.97
C PRO A 2 16.98 0.30 10.16
N HIS A 3 18.24 -0.04 9.88
CA HIS A 3 19.16 -0.44 10.94
C HIS A 3 18.62 -1.66 11.67
N VAL A 4 19.12 -1.88 12.89
CA VAL A 4 18.68 -3.02 13.68
C VAL A 4 17.20 -2.90 14.02
N LYS A 5 16.61 -3.99 14.52
CA LYS A 5 15.21 -4.01 14.87
C LYS A 5 14.97 -3.26 16.18
N ASP A 6 13.70 -3.15 16.57
CA ASP A 6 13.35 -2.44 17.80
C ASP A 6 13.06 -3.44 18.92
N TYR A 7 11.90 -4.09 18.84
CA TYR A 7 11.51 -5.06 19.85
C TYR A 7 11.83 -6.48 19.38
N SER A 8 11.58 -7.46 20.25
CA SER A 8 11.84 -8.85 19.92
C SER A 8 10.63 -9.49 19.26
N PHE A 9 9.48 -8.83 19.37
CA PHE A 9 8.24 -9.34 18.79
C PHE A 9 7.89 -8.56 17.53
N VAL A 10 8.75 -7.62 17.15
CA VAL A 10 8.51 -6.81 15.96
C VAL A 10 9.57 -7.10 14.89
N THR A 11 9.20 -7.92 13.92
CA THR A 11 10.12 -8.27 12.85
C THR A 11 9.90 -7.37 11.63
N GLU A 12 10.58 -7.69 10.54
CA GLU A 12 10.44 -6.90 9.31
C GLU A 12 10.09 -7.81 8.13
N ASP A 13 10.04 -9.11 8.38
CA ASP A 13 9.70 -10.07 7.34
C ASP A 13 8.37 -10.75 7.64
N ASN A 14 7.71 -10.29 8.69
CA ASN A 14 6.42 -10.86 9.07
C ASN A 14 5.27 -10.04 8.49
N THR A 15 4.05 -10.46 8.79
CA THR A 15 2.87 -9.76 8.30
C THR A 15 2.20 -8.97 9.41
N PHE A 16 1.20 -8.17 9.04
CA PHE A 16 0.48 -7.35 10.02
C PHE A 16 -0.67 -6.62 9.35
N GLU A 17 -1.78 -7.31 9.22
CA GLU A 17 -2.97 -6.72 8.60
C GLU A 17 -3.30 -5.38 9.23
N VAL A 18 -3.76 -4.45 8.39
CA VAL A 18 -4.10 -3.12 8.86
C VAL A 18 -5.62 -2.93 8.88
N LYS A 19 -6.13 -2.41 9.99
CA LYS A 19 -7.56 -2.18 10.13
C LYS A 19 -7.81 -0.76 10.62
N LEU A 20 -8.35 0.08 9.74
CA LEU A 20 -8.63 1.47 10.10
C LEU A 20 -10.11 1.77 9.92
N PHE A 21 -10.53 2.95 10.39
CA PHE A 21 -11.92 3.35 10.28
C PHE A 21 -12.03 4.81 9.83
N LYS A 22 -12.58 5.02 8.64
CA LYS A 22 -12.74 6.36 8.10
C LYS A 22 -13.71 6.35 6.91
N ASN A 23 -13.86 7.51 6.27
CA ASN A 23 -14.75 7.63 5.13
C ASN A 23 -14.06 8.36 3.98
N SER A 24 -14.83 8.67 2.94
CA SER A 24 -14.29 9.38 1.79
C SER A 24 -13.54 10.63 2.24
N SER A 25 -13.02 11.38 1.26
CA SER A 25 -12.29 12.60 1.57
C SER A 25 -11.49 13.07 0.36
N GLY A 26 -10.36 12.41 0.12
CA GLY A 26 -9.50 12.76 -1.01
C GLY A 26 -8.23 13.44 -0.54
N LEU A 27 -7.60 12.88 0.49
CA LEU A 27 -6.38 13.46 1.03
C LEU A 27 -5.78 12.52 2.07
N GLY A 28 -4.51 12.18 1.89
CA GLY A 28 -3.81 11.29 2.82
C GLY A 28 -2.64 10.60 2.15
N PHE A 29 -2.62 9.27 2.21
CA PHE A 29 -1.54 8.50 1.61
C PHE A 29 -1.92 8.07 0.20
N SER A 30 -1.01 7.32 -0.43
CA SER A 30 -1.25 6.84 -1.79
C SER A 30 -0.54 5.51 -2.01
N PHE A 31 -1.12 4.66 -2.86
CA PHE A 31 -0.53 3.36 -3.14
C PHE A 31 -0.48 3.10 -4.64
N SER A 32 0.68 2.70 -5.13
CA SER A 32 0.86 2.44 -6.55
C SER A 32 0.52 0.98 -6.86
N ARG A 33 -0.23 0.76 -7.95
CA ARG A 33 -0.61 -0.58 -8.35
C ARG A 33 0.27 -1.06 -9.50
N GLU A 34 0.34 -2.37 -9.69
CA GLU A 34 1.14 -2.94 -10.76
C GLU A 34 2.60 -2.54 -10.62
N ASP A 35 3.50 -3.50 -10.82
CA ASP A 35 4.92 -3.24 -10.69
C ASP A 35 5.59 -3.22 -12.06
N ASN A 36 6.68 -2.46 -12.18
CA ASN A 36 7.40 -2.36 -13.44
C ASN A 36 8.51 -3.40 -13.51
N LEU A 37 8.20 -4.61 -13.07
CA LEU A 37 9.20 -5.69 -13.09
C LEU A 37 8.96 -6.61 -14.28
N ILE A 38 7.71 -6.98 -14.51
CA ILE A 38 7.37 -7.85 -15.62
C ILE A 38 6.16 -7.33 -16.38
N PRO A 39 6.29 -6.19 -17.00
CA PRO A 39 5.18 -5.57 -17.78
C PRO A 39 4.96 -6.27 -19.12
N GLU A 40 5.42 -7.51 -19.20
CA GLU A 40 5.26 -8.28 -20.44
C GLU A 40 4.19 -9.35 -20.27
N GLN A 41 4.11 -9.94 -19.08
CA GLN A 41 3.12 -10.97 -18.82
C GLN A 41 1.96 -10.41 -18.00
N ILE A 42 0.92 -9.97 -18.70
CA ILE A 42 -0.26 -9.41 -18.02
C ILE A 42 -0.95 -10.48 -17.18
N ASN A 43 -0.50 -10.63 -15.95
CA ASN A 43 -1.09 -11.62 -15.05
C ASN A 43 -0.70 -11.34 -13.61
N GLY A 44 -1.69 -11.19 -12.73
CA GLY A 44 -1.44 -10.92 -11.33
C GLY A 44 -0.92 -9.49 -11.13
N SER A 45 -1.24 -8.92 -9.98
CA SER A 45 -0.80 -7.55 -9.68
C SER A 45 -0.21 -7.48 -8.27
N ILE A 46 0.61 -6.47 -8.03
CA ILE A 46 1.23 -6.29 -6.72
C ILE A 46 1.22 -4.83 -6.31
N VAL A 47 0.35 -4.50 -5.36
CA VAL A 47 0.24 -3.12 -4.88
C VAL A 47 1.27 -2.84 -3.80
N ARG A 48 1.78 -1.61 -3.77
CA ARG A 48 2.78 -1.23 -2.78
C ARG A 48 2.66 0.25 -2.45
N VAL A 49 2.70 0.57 -1.16
CA VAL A 49 2.61 1.96 -0.72
C VAL A 49 3.53 2.85 -1.56
N LYS A 50 3.00 3.99 -1.97
CA LYS A 50 3.78 4.93 -2.78
C LYS A 50 4.43 5.98 -1.90
N LYS A 51 3.65 6.54 -0.97
CA LYS A 51 4.17 7.55 -0.07
C LYS A 51 3.47 7.48 1.28
N LEU A 52 3.89 8.33 2.22
CA LEU A 52 3.30 8.34 3.55
C LEU A 52 3.78 9.56 4.33
N PHE A 53 2.87 10.15 5.11
CA PHE A 53 3.23 11.32 5.92
C PHE A 53 2.94 11.06 7.39
N PRO A 54 3.59 11.79 8.26
CA PRO A 54 3.40 11.64 9.74
C PRO A 54 2.05 12.15 10.21
N GLY A 55 1.59 11.65 11.36
CA GLY A 55 0.31 12.06 11.91
C GLY A 55 -0.84 11.69 10.99
N GLN A 56 -0.58 10.77 10.06
CA GLN A 56 -1.60 10.33 9.13
C GLN A 56 -2.35 9.12 9.66
N PRO A 57 -3.61 8.96 9.34
CA PRO A 57 -4.40 7.79 9.80
C PRO A 57 -3.59 6.51 9.69
N ALA A 58 -2.85 6.40 8.58
CA ALA A 58 -2.01 5.25 8.34
C ALA A 58 -0.81 5.27 9.29
N ALA A 59 -0.43 6.48 9.72
CA ALA A 59 0.70 6.61 10.64
C ALA A 59 0.34 6.05 12.01
N GLU A 60 -0.91 6.26 12.41
CA GLU A 60 -1.40 5.78 13.69
C GLU A 60 -1.70 4.28 13.62
N SER A 61 -2.05 3.80 12.44
CA SER A 61 -2.37 2.40 12.26
C SER A 61 -1.52 1.52 13.17
N GLY A 62 -0.32 2.00 13.48
CA GLY A 62 0.59 1.25 14.34
C GLY A 62 1.99 1.21 13.76
N LYS A 63 2.10 0.69 12.53
CA LYS A 63 3.39 0.60 11.87
C LYS A 63 3.24 0.31 10.39
N ILE A 64 3.89 1.12 9.56
CA ILE A 64 3.82 0.94 8.12
C ILE A 64 5.13 1.38 7.47
N ASP A 65 5.46 0.79 6.33
CA ASP A 65 6.69 1.13 5.62
C ASP A 65 6.41 1.39 4.15
N VAL A 66 7.06 2.42 3.60
CA VAL A 66 6.87 2.77 2.20
C VAL A 66 7.46 1.69 1.29
N GLY A 67 6.59 0.85 0.73
CA GLY A 67 7.03 -0.22 -0.14
C GLY A 67 6.50 -1.57 0.32
N ASP A 68 5.55 -1.53 1.23
CA ASP A 68 4.96 -2.76 1.76
C ASP A 68 4.22 -3.51 0.66
N VAL A 69 3.47 -4.54 1.04
CA VAL A 69 2.71 -5.33 0.07
C VAL A 69 1.29 -5.56 0.55
N ILE A 70 0.34 -4.91 -0.12
CA ILE A 70 -1.07 -5.06 0.24
C ILE A 70 -1.65 -6.29 -0.45
N LEU A 71 -2.10 -7.26 0.35
CA LEU A 71 -2.66 -8.49 -0.21
C LEU A 71 -4.15 -8.32 -0.49
N LYS A 72 -4.93 -8.03 0.54
CA LYS A 72 -6.37 -7.86 0.37
C LYS A 72 -6.81 -6.49 0.89
N VAL A 73 -7.75 -5.88 0.18
CA VAL A 73 -8.26 -4.57 0.58
C VAL A 73 -9.75 -4.64 0.87
N ASN A 74 -10.10 -4.96 2.11
CA ASN A 74 -11.51 -5.06 2.50
C ASN A 74 -12.24 -6.09 1.66
N GLY A 75 -11.58 -7.22 1.41
CA GLY A 75 -12.19 -8.29 0.62
C GLY A 75 -11.99 -8.05 -0.86
N ALA A 76 -10.84 -7.51 -1.22
CA ALA A 76 -10.52 -7.23 -2.62
C ALA A 76 -9.29 -8.02 -3.05
N PRO A 77 -9.48 -9.25 -3.45
CA PRO A 77 -8.37 -10.13 -3.91
C PRO A 77 -7.59 -9.51 -5.07
N LEU A 78 -6.41 -10.05 -5.33
CA LEU A 78 -5.57 -9.54 -6.42
C LEU A 78 -6.11 -10.01 -7.77
N LYS A 79 -7.40 -10.30 -7.82
CA LYS A 79 -8.04 -10.75 -9.05
C LYS A 79 -8.34 -9.56 -9.97
N GLY A 80 -7.38 -9.20 -10.80
CA GLY A 80 -7.56 -8.08 -11.71
C GLY A 80 -8.31 -6.94 -11.04
N LEU A 81 -7.56 -6.04 -10.41
CA LEU A 81 -8.16 -4.90 -9.72
C LEU A 81 -8.25 -3.70 -10.65
N SER A 82 -9.25 -2.85 -10.42
CA SER A 82 -9.44 -1.66 -11.24
C SER A 82 -9.02 -0.41 -10.48
N GLN A 83 -8.37 0.51 -11.17
CA GLN A 83 -7.91 1.75 -10.56
C GLN A 83 -9.08 2.48 -9.90
N GLN A 84 -10.31 2.05 -10.24
CA GLN A 84 -11.50 2.67 -9.67
C GLN A 84 -12.18 1.73 -8.69
N ASP A 85 -11.78 0.46 -8.71
CA ASP A 85 -12.37 -0.53 -7.82
C ASP A 85 -11.83 -0.36 -6.40
N VAL A 86 -10.56 0.01 -6.29
CA VAL A 86 -9.94 0.19 -4.99
C VAL A 86 -10.72 1.21 -4.17
N ILE A 87 -10.72 2.45 -4.63
CA ILE A 87 -11.44 3.51 -3.93
C ILE A 87 -12.81 3.03 -3.50
N SER A 88 -13.48 2.28 -4.37
CA SER A 88 -14.80 1.75 -4.06
C SER A 88 -14.74 0.87 -2.82
N ALA A 89 -13.82 -0.09 -2.83
CA ALA A 89 -13.67 -0.99 -1.68
C ALA A 89 -13.59 -0.20 -0.39
N LEU A 90 -12.95 0.97 -0.45
CA LEU A 90 -12.80 1.81 0.73
C LEU A 90 -14.16 2.40 1.12
N ARG A 91 -15.03 2.57 0.13
CA ARG A 91 -16.36 3.13 0.38
C ARG A 91 -17.31 2.05 0.90
N GLY A 92 -16.87 0.80 0.82
CA GLY A 92 -17.69 -0.32 1.28
C GLY A 92 -18.51 0.07 2.50
N THR A 93 -19.82 -0.13 2.41
CA THR A 93 -20.72 0.21 3.51
C THR A 93 -20.28 -0.50 4.79
N ALA A 94 -19.24 -1.33 4.67
CA ALA A 94 -18.73 -2.07 5.83
C ALA A 94 -18.57 -1.14 7.02
N PRO A 95 -18.46 -1.69 8.20
CA PRO A 95 -18.29 -0.91 9.46
C PRO A 95 -16.90 -0.30 9.57
N GLU A 96 -15.93 -0.94 8.93
CA GLU A 96 -14.55 -0.46 8.97
C GLU A 96 -13.78 -0.93 7.74
N VAL A 97 -12.53 -0.49 7.62
CA VAL A 97 -11.69 -0.87 6.50
C VAL A 97 -10.59 -1.82 6.94
N SER A 98 -10.70 -3.09 6.54
CA SER A 98 -9.70 -4.09 6.90
C SER A 98 -8.94 -4.55 5.66
N LEU A 99 -7.61 -4.47 5.72
CA LEU A 99 -6.79 -4.88 4.59
C LEU A 99 -5.54 -5.59 5.07
N LEU A 100 -5.18 -6.68 4.40
CA LEU A 100 -3.99 -7.42 4.78
C LEU A 100 -2.74 -6.73 4.26
N LEU A 101 -1.66 -6.79 5.05
CA LEU A 101 -0.42 -6.14 4.65
C LEU A 101 0.77 -7.06 4.91
N CYS A 102 1.65 -7.17 3.91
CA CYS A 102 2.83 -8.01 4.04
C CYS A 102 4.09 -7.23 3.66
N ARG A 103 5.21 -7.57 4.29
CA ARG A 103 6.47 -6.90 3.99
C ARG A 103 7.62 -7.90 3.94
N PRO A 104 7.73 -8.62 2.86
CA PRO A 104 8.80 -9.63 2.67
C PRO A 104 10.19 -9.03 2.85
N ALA A 105 11.21 -9.87 2.77
CA ALA A 105 12.59 -9.40 2.94
C ALA A 105 13.05 -8.66 1.69
N PRO A 106 14.05 -7.84 1.82
CA PRO A 106 14.62 -7.05 0.67
C PRO A 106 15.35 -7.94 -0.32
N GLY A 107 16.03 -7.30 -1.27
CA GLY A 107 16.79 -8.05 -2.29
C GLY A 107 15.85 -8.60 -3.34
N VAL A 108 14.76 -9.22 -2.91
CA VAL A 108 13.79 -9.79 -3.83
C VAL A 108 13.21 -8.71 -4.73
N LEU A 109 12.45 -7.79 -4.13
CA LEU A 109 11.84 -6.70 -4.88
C LEU A 109 12.54 -5.38 -4.59
N PRO A 110 12.44 -4.44 -5.49
CA PRO A 110 13.09 -3.10 -5.32
C PRO A 110 12.42 -2.28 -4.22
N GLU A 111 13.16 -1.29 -3.72
CA GLU A 111 12.63 -0.43 -2.66
C GLU A 111 12.33 0.97 -3.20
N ILE A 112 11.14 1.47 -2.90
CA ILE A 112 10.75 2.80 -3.37
C ILE A 112 11.40 3.87 -2.52
N ASP A 113 11.99 4.86 -3.19
CA ASP A 113 12.66 5.95 -2.48
C ASP A 113 12.56 7.25 -3.27
N THR A 114 11.74 8.18 -2.78
CA THR A 114 11.57 9.45 -3.46
C THR A 114 12.77 10.36 -3.19
N PRO A 115 13.05 11.27 -4.09
CA PRO A 115 14.21 12.22 -3.94
C PRO A 115 13.97 13.24 -2.83
N GLY A 116 15.04 13.64 -2.16
CA GLY A 116 14.93 14.62 -1.09
C GLY A 116 16.01 15.68 -1.21
N ASN A 117 15.86 16.77 -0.44
CA ASN A 117 16.83 17.85 -0.48
C ASN A 117 17.27 18.21 0.94
N SER A 118 18.47 18.77 1.05
CA SER A 118 19.00 19.17 2.36
C SER A 118 19.96 20.34 2.21
N SER A 119 20.79 20.28 1.17
CA SER A 119 21.76 21.34 0.92
C SER A 119 21.05 22.66 0.63
N MET B 1 -9.62 -3.46 -24.80
CA MET B 1 -10.49 -2.35 -25.26
C MET B 1 -11.26 -1.78 -24.06
N PHE B 2 -11.08 -2.41 -22.90
CA PHE B 2 -11.77 -1.95 -21.69
C PHE B 2 -10.82 -1.15 -20.82
N ARG B 3 -9.71 -0.70 -21.40
CA ARG B 3 -8.72 0.08 -20.65
C ARG B 3 -9.15 1.54 -20.59
N ASP B 4 -9.73 2.04 -21.68
CA ASP B 4 -10.17 3.43 -21.73
C ASP B 4 -9.08 4.35 -21.23
N PHE B 5 -9.37 5.08 -20.15
CA PHE B 5 -8.40 6.01 -19.57
C PHE B 5 -7.19 5.25 -19.06
N ASP B 6 -6.32 5.97 -18.34
CA ASP B 6 -5.12 5.34 -17.78
C ASP B 6 -4.57 6.18 -16.64
N TYR B 7 -3.37 5.84 -16.19
CA TYR B 7 -2.73 6.58 -15.10
C TYR B 7 -3.53 6.40 -13.81
N ILE B 8 -2.93 6.79 -12.69
CA ILE B 8 -3.60 6.67 -11.39
C ILE B 8 -3.64 8.04 -10.70
N ALA B 9 -4.85 8.49 -10.39
CA ALA B 9 -5.02 9.77 -9.72
C ALA B 9 -5.87 9.61 -8.46
N ASP B 10 -6.15 8.37 -8.10
CA ASP B 10 -6.95 8.09 -6.90
C ASP B 10 -6.05 7.84 -5.69
N TRP B 11 -6.65 7.88 -4.51
CA TRP B 11 -5.89 7.67 -3.28
C TRP B 11 -6.76 7.97 -2.06
N CYS B 12 -6.30 7.53 -0.89
CA CYS B 12 -7.04 7.76 0.34
C CYS B 12 -7.16 9.26 0.62
N THR A 1 23.85 -4.60 17.39
CA THR A 1 22.52 -4.60 16.74
C THR A 1 22.22 -6.00 16.21
N PRO A 2 21.93 -6.92 17.09
CA PRO A 2 21.60 -8.32 16.72
C PRO A 2 20.58 -8.40 15.60
N HIS A 3 20.58 -9.53 14.89
CA HIS A 3 19.66 -9.72 13.78
C HIS A 3 18.21 -9.61 14.27
N VAL A 4 18.04 -9.48 15.58
CA VAL A 4 16.72 -9.37 16.17
C VAL A 4 16.15 -7.97 15.95
N LYS A 5 14.87 -7.90 15.61
CA LYS A 5 14.22 -6.61 15.37
C LYS A 5 13.82 -5.97 16.70
N ASP A 6 13.07 -4.87 16.62
CA ASP A 6 12.63 -4.17 17.81
C ASP A 6 11.71 -5.05 18.64
N TYR A 7 10.70 -5.63 17.98
CA TYR A 7 9.75 -6.50 18.66
C TYR A 7 9.74 -7.89 18.03
N SER A 8 9.61 -8.92 18.87
CA SER A 8 9.60 -10.29 18.38
C SER A 8 8.30 -10.58 17.62
N PHE A 9 7.54 -9.53 17.35
CA PHE A 9 6.27 -9.70 16.63
C PHE A 9 6.33 -8.99 15.29
N VAL A 10 7.45 -8.34 15.01
CA VAL A 10 7.62 -7.61 13.75
C VAL A 10 8.79 -8.18 12.96
N THR A 11 8.49 -8.90 11.88
CA THR A 11 9.52 -9.49 11.05
C THR A 11 9.32 -9.11 9.59
N GLU A 12 9.90 -9.89 8.69
CA GLU A 12 9.77 -9.63 7.26
C GLU A 12 9.45 -10.90 6.50
N ASP A 13 9.35 -12.02 7.22
CA ASP A 13 9.05 -13.30 6.60
C ASP A 13 7.58 -13.66 6.81
N ASN A 14 6.85 -12.79 7.49
CA ASN A 14 5.43 -13.04 7.76
C ASN A 14 4.60 -11.81 7.35
N THR A 15 3.28 -11.97 7.40
CA THR A 15 2.38 -10.89 7.05
C THR A 15 1.83 -10.22 8.31
N PHE A 16 0.82 -9.38 8.13
CA PHE A 16 0.22 -8.68 9.26
C PHE A 16 -1.24 -8.33 8.98
N GLU A 17 -1.97 -7.94 10.03
CA GLU A 17 -3.37 -7.59 9.90
C GLU A 17 -3.61 -6.16 10.36
N VAL A 18 -4.34 -5.39 9.56
CA VAL A 18 -4.63 -4.00 9.90
C VAL A 18 -6.09 -3.68 9.60
N LYS A 19 -6.69 -2.83 10.43
CA LYS A 19 -8.08 -2.44 10.24
C LYS A 19 -8.24 -0.93 10.39
N LEU A 20 -8.47 -0.26 9.28
CA LEU A 20 -8.65 1.19 9.31
C LEU A 20 -10.12 1.56 9.17
N PHE A 21 -10.42 2.85 9.27
CA PHE A 21 -11.79 3.31 9.16
C PHE A 21 -11.96 4.22 7.93
N LYS A 22 -13.19 4.38 7.49
CA LYS A 22 -13.47 5.21 6.33
C LYS A 22 -12.79 6.57 6.47
N ASN A 23 -12.59 7.26 5.35
CA ASN A 23 -11.95 8.57 5.37
C ASN A 23 -12.93 9.65 4.97
N SER A 24 -12.67 10.88 5.40
CA SER A 24 -13.54 12.01 5.08
C SER A 24 -12.79 13.05 4.25
N SER A 25 -13.47 13.60 3.25
CA SER A 25 -12.86 14.60 2.39
C SER A 25 -11.65 14.03 1.67
N GLY A 26 -10.61 14.85 1.50
CA GLY A 26 -9.40 14.41 0.82
C GLY A 26 -8.21 14.44 1.77
N LEU A 27 -7.06 14.89 1.26
CA LEU A 27 -5.86 14.97 2.08
C LEU A 27 -5.65 13.68 2.87
N GLY A 28 -4.82 12.80 2.34
CA GLY A 28 -4.55 11.52 3.00
C GLY A 28 -3.23 10.94 2.54
N PHE A 29 -3.27 9.69 2.09
CA PHE A 29 -2.05 9.02 1.61
C PHE A 29 -2.16 8.74 0.12
N SER A 30 -1.14 8.08 -0.42
CA SER A 30 -1.11 7.76 -1.85
C SER A 30 -0.42 6.42 -2.07
N PHE A 31 -1.14 5.50 -2.72
CA PHE A 31 -0.58 4.17 -2.99
C PHE A 31 -0.26 4.01 -4.47
N SER A 32 0.96 3.54 -4.75
CA SER A 32 1.39 3.35 -6.13
C SER A 32 0.83 2.02 -6.68
N ARG A 33 -0.06 2.12 -7.66
CA ARG A 33 -0.66 0.93 -8.25
C ARG A 33 0.17 0.45 -9.44
N GLU A 34 0.76 1.39 -10.16
CA GLU A 34 1.57 1.06 -11.32
C GLU A 34 3.05 1.07 -10.96
N ASP A 35 3.43 0.27 -9.98
CA ASP A 35 4.82 0.19 -9.55
C ASP A 35 5.75 0.29 -10.75
N ASN A 36 6.88 0.97 -10.57
CA ASN A 36 7.85 1.13 -11.65
C ASN A 36 8.94 0.07 -11.55
N LEU A 37 8.79 -0.85 -10.61
CA LEU A 37 9.76 -1.91 -10.42
C LEU A 37 9.49 -3.07 -11.37
N ILE A 38 8.21 -3.35 -11.60
CA ILE A 38 7.81 -4.42 -12.50
C ILE A 38 6.97 -3.89 -13.65
N PRO A 39 7.60 -3.33 -14.64
CA PRO A 39 6.90 -2.77 -15.82
C PRO A 39 6.51 -3.84 -16.83
N GLU A 40 6.66 -5.10 -16.43
CA GLU A 40 6.32 -6.22 -17.31
C GLU A 40 4.89 -6.69 -17.06
N GLN A 41 4.32 -6.21 -15.95
CA GLN A 41 2.95 -6.59 -15.59
C GLN A 41 2.83 -8.10 -15.46
N ILE A 42 3.66 -8.70 -14.60
CA ILE A 42 3.63 -10.13 -14.37
C ILE A 42 2.50 -10.50 -13.42
N ASN A 43 1.41 -11.02 -13.97
CA ASN A 43 0.27 -11.40 -13.15
C ASN A 43 -0.26 -10.21 -12.37
N GLY A 44 -1.21 -10.46 -11.47
CA GLY A 44 -1.79 -9.39 -10.66
C GLY A 44 -0.69 -8.56 -10.01
N SER A 45 -0.79 -7.24 -10.16
CA SER A 45 0.19 -6.33 -9.56
C SER A 45 -0.04 -6.18 -8.07
N ILE A 46 0.95 -5.63 -7.37
CA ILE A 46 0.84 -5.43 -5.93
C ILE A 46 0.84 -3.95 -5.60
N VAL A 47 -0.14 -3.52 -4.79
CA VAL A 47 -0.24 -2.13 -4.41
C VAL A 47 0.77 -1.81 -3.30
N ARG A 48 1.55 -0.75 -3.51
CA ARG A 48 2.56 -0.35 -2.53
C ARG A 48 2.37 1.11 -2.13
N VAL A 49 2.68 1.42 -0.87
CA VAL A 49 2.55 2.78 -0.37
C VAL A 49 3.62 3.67 -1.00
N LYS A 50 3.22 4.89 -1.36
CA LYS A 50 4.15 5.84 -1.97
C LYS A 50 4.32 7.08 -1.09
N LYS A 51 3.19 7.60 -0.61
CA LYS A 51 3.22 8.78 0.24
C LYS A 51 2.46 8.53 1.55
N LEU A 52 3.07 8.90 2.66
CA LEU A 52 2.45 8.70 3.97
C LEU A 52 3.23 9.43 5.05
N PHE A 53 2.60 10.44 5.64
CA PHE A 53 3.25 11.22 6.69
C PHE A 53 2.59 10.94 8.04
N PRO A 54 3.28 11.23 9.11
CA PRO A 54 2.77 11.01 10.49
C PRO A 54 1.54 11.87 10.80
N GLY A 55 0.72 11.41 11.73
CA GLY A 55 -0.48 12.16 12.11
C GLY A 55 -1.63 11.87 11.14
N GLN A 56 -1.67 10.64 10.63
CA GLN A 56 -2.70 10.25 9.69
C GLN A 56 -3.31 8.90 10.08
N PRO A 57 -4.56 8.67 9.73
CA PRO A 57 -5.24 7.39 10.04
C PRO A 57 -4.30 6.21 9.82
N ALA A 58 -3.55 6.26 8.73
CA ALA A 58 -2.61 5.21 8.40
C ALA A 58 -1.43 5.25 9.37
N ALA A 59 -1.16 6.44 9.92
CA ALA A 59 -0.06 6.57 10.87
C ALA A 59 -0.45 5.95 12.21
N GLU A 60 -1.69 6.18 12.63
CA GLU A 60 -2.18 5.65 13.87
C GLU A 60 -2.35 4.14 13.80
N SER A 61 -2.59 3.62 12.60
CA SER A 61 -2.76 2.20 12.40
C SER A 61 -1.82 1.41 13.30
N GLY A 62 -0.73 2.05 13.69
CA GLY A 62 0.26 1.41 14.56
C GLY A 62 1.66 1.61 14.01
N LYS A 63 1.88 1.16 12.78
CA LYS A 63 3.19 1.31 12.15
C LYS A 63 3.11 1.03 10.66
N ILE A 64 3.61 1.96 9.86
CA ILE A 64 3.61 1.81 8.41
C ILE A 64 4.81 2.53 7.80
N ASP A 65 5.31 1.99 6.69
CA ASP A 65 6.46 2.59 6.02
C ASP A 65 6.27 2.58 4.51
N VAL A 66 6.54 3.72 3.88
CA VAL A 66 6.40 3.84 2.43
C VAL A 66 7.18 2.74 1.73
N GLY A 67 6.45 1.80 1.13
CA GLY A 67 7.08 0.69 0.43
C GLY A 67 6.52 -0.65 0.89
N ASP A 68 5.47 -0.59 1.72
CA ASP A 68 4.85 -1.81 2.23
C ASP A 68 4.18 -2.58 1.10
N VAL A 69 3.60 -3.73 1.43
CA VAL A 69 2.94 -4.55 0.43
C VAL A 69 1.59 -5.04 0.94
N ILE A 70 0.52 -4.46 0.40
CA ILE A 70 -0.84 -4.84 0.80
C ILE A 70 -1.23 -6.15 0.14
N LEU A 71 -1.34 -7.21 0.94
CA LEU A 71 -1.71 -8.52 0.41
C LEU A 71 -3.21 -8.58 0.12
N LYS A 72 -4.02 -8.38 1.15
CA LYS A 72 -5.47 -8.43 0.99
C LYS A 72 -6.09 -7.09 1.37
N VAL A 73 -7.16 -6.73 0.67
CA VAL A 73 -7.86 -5.48 0.95
C VAL A 73 -9.36 -5.72 1.10
N ASN A 74 -9.89 -5.37 2.26
CA ASN A 74 -11.32 -5.55 2.52
C ASN A 74 -11.82 -6.85 1.89
N GLY A 75 -11.03 -7.92 2.04
CA GLY A 75 -11.40 -9.21 1.48
C GLY A 75 -11.25 -9.21 -0.03
N ALA A 76 -10.25 -8.49 -0.52
CA ALA A 76 -9.99 -8.40 -1.95
C ALA A 76 -8.60 -8.94 -2.27
N PRO A 77 -8.48 -10.23 -2.43
CA PRO A 77 -7.18 -10.88 -2.76
C PRO A 77 -6.55 -10.32 -4.03
N LEU A 78 -5.38 -10.84 -4.39
CA LEU A 78 -4.69 -10.38 -5.59
C LEU A 78 -5.39 -10.90 -6.85
N LYS A 79 -6.69 -10.62 -6.95
CA LYS A 79 -7.47 -11.06 -8.10
C LYS A 79 -8.63 -10.11 -8.36
N GLY A 80 -8.86 -9.81 -9.64
CA GLY A 80 -9.95 -8.92 -10.02
C GLY A 80 -9.76 -7.53 -9.41
N LEU A 81 -8.54 -7.01 -9.52
CA LEU A 81 -8.23 -5.69 -8.98
C LEU A 81 -8.13 -4.66 -10.11
N SER A 82 -9.10 -3.76 -10.15
CA SER A 82 -9.12 -2.73 -11.19
C SER A 82 -8.42 -1.46 -10.70
N GLN A 83 -8.49 -0.40 -11.49
CA GLN A 83 -7.85 0.86 -11.14
C GLN A 83 -8.86 1.79 -10.46
N GLN A 84 -10.11 1.35 -10.38
CA GLN A 84 -11.16 2.15 -9.77
C GLN A 84 -11.77 1.40 -8.59
N ASP A 85 -11.17 0.26 -8.24
CA ASP A 85 -11.68 -0.53 -7.12
C ASP A 85 -11.08 -0.06 -5.81
N VAL A 86 -9.77 0.16 -5.81
CA VAL A 86 -9.08 0.62 -4.60
C VAL A 86 -9.70 1.93 -4.11
N ILE A 87 -10.14 2.77 -5.05
CA ILE A 87 -10.74 4.05 -4.70
C ILE A 87 -12.15 3.84 -4.14
N SER A 88 -12.92 2.99 -4.80
CA SER A 88 -14.28 2.70 -4.37
C SER A 88 -14.27 1.95 -3.03
N ALA A 89 -13.21 1.21 -2.78
CA ALA A 89 -13.08 0.45 -1.55
C ALA A 89 -12.69 1.36 -0.39
N LEU A 90 -12.01 2.47 -0.72
CA LEU A 90 -11.59 3.42 0.30
C LEU A 90 -12.77 4.24 0.79
N ARG A 91 -13.78 4.40 -0.06
CA ARG A 91 -14.96 5.17 0.30
C ARG A 91 -16.22 4.33 0.12
N GLY A 92 -16.05 3.02 0.07
CA GLY A 92 -17.19 2.11 -0.10
C GLY A 92 -18.23 2.35 0.98
N THR A 93 -19.24 1.48 1.03
CA THR A 93 -20.30 1.60 2.01
C THR A 93 -20.06 0.65 3.18
N ALA A 94 -18.96 -0.10 3.10
CA ALA A 94 -18.63 -1.06 4.16
C ALA A 94 -18.41 -0.33 5.48
N PRO A 95 -18.49 -1.05 6.56
CA PRO A 95 -18.31 -0.48 7.93
C PRO A 95 -16.86 -0.10 8.21
N GLU A 96 -15.94 -1.04 7.96
CA GLU A 96 -14.53 -0.80 8.18
C GLU A 96 -13.69 -1.32 7.03
N VAL A 97 -12.38 -1.08 7.09
CA VAL A 97 -11.48 -1.53 6.04
C VAL A 97 -10.47 -2.52 6.59
N SER A 98 -10.69 -3.80 6.33
CA SER A 98 -9.78 -4.84 6.81
C SER A 98 -8.79 -5.24 5.72
N LEU A 99 -7.50 -5.07 6.00
CA LEU A 99 -6.46 -5.40 5.04
C LEU A 99 -5.27 -6.03 5.74
N LEU A 100 -4.48 -6.80 5.00
CA LEU A 100 -3.31 -7.46 5.57
C LEU A 100 -2.03 -6.77 5.10
N LEU A 101 -1.15 -6.47 6.05
CA LEU A 101 0.11 -5.81 5.75
C LEU A 101 1.22 -6.84 5.54
N CYS A 102 1.89 -6.78 4.40
CA CYS A 102 2.97 -7.71 4.10
C CYS A 102 4.28 -6.96 3.89
N ARG A 103 5.36 -7.49 4.47
CA ARG A 103 6.67 -6.86 4.34
C ARG A 103 7.74 -7.89 3.96
N PRO A 104 7.78 -8.27 2.72
CA PRO A 104 8.77 -9.26 2.22
C PRO A 104 10.21 -8.90 2.62
N ALA A 105 11.17 -9.63 2.07
CA ALA A 105 12.57 -9.37 2.38
C ALA A 105 13.25 -8.65 1.21
N PRO A 106 14.35 -8.01 1.47
CA PRO A 106 15.12 -7.26 0.43
C PRO A 106 15.72 -8.19 -0.61
N GLY A 107 16.06 -7.63 -1.77
CA GLY A 107 16.66 -8.42 -2.84
C GLY A 107 15.61 -8.82 -3.87
N VAL A 108 14.40 -9.12 -3.39
CA VAL A 108 13.31 -9.50 -4.28
C VAL A 108 12.36 -8.33 -4.52
N LEU A 109 12.19 -7.50 -3.50
CA LEU A 109 11.32 -6.34 -3.60
C LEU A 109 11.87 -5.17 -2.80
N PRO A 110 12.82 -4.46 -3.36
CA PRO A 110 13.45 -3.29 -2.70
C PRO A 110 12.41 -2.28 -2.22
N GLU A 111 12.83 -1.40 -1.31
CA GLU A 111 11.92 -0.38 -0.78
C GLU A 111 12.02 0.91 -1.59
N ILE A 112 10.88 1.43 -2.00
CA ILE A 112 10.85 2.66 -2.78
C ILE A 112 11.33 3.85 -1.94
N ASP A 113 12.03 4.78 -2.58
CA ASP A 113 12.54 5.95 -1.87
C ASP A 113 12.21 7.22 -2.64
N THR A 114 11.44 8.11 -2.03
CA THR A 114 11.06 9.36 -2.66
C THR A 114 12.25 10.30 -2.73
N PRO A 115 12.25 11.23 -3.65
CA PRO A 115 13.35 12.21 -3.83
C PRO A 115 13.92 12.67 -2.48
N GLY A 116 15.24 12.81 -2.42
CA GLY A 116 15.90 13.23 -1.21
C GLY A 116 17.34 13.65 -1.48
N ASN A 117 17.70 14.86 -1.05
CA ASN A 117 19.05 15.35 -1.27
C ASN A 117 19.55 16.09 -0.02
N SER A 118 20.50 15.48 0.68
CA SER A 118 21.05 16.09 1.89
C SER A 118 22.35 16.81 1.57
N SER A 119 22.24 17.96 0.91
CA SER A 119 23.41 18.75 0.55
C SER A 119 23.95 19.49 1.77
N MET B 1 -2.20 -3.46 -26.96
CA MET B 1 -3.21 -3.48 -28.06
C MET B 1 -4.49 -2.80 -27.58
N PHE B 2 -4.84 -3.02 -26.32
CA PHE B 2 -6.04 -2.43 -25.75
C PHE B 2 -6.23 -1.01 -26.28
N ARG B 3 -5.14 -0.26 -26.36
CA ARG B 3 -5.20 1.12 -26.86
C ARG B 3 -5.99 1.99 -25.89
N ASP B 4 -6.57 1.38 -24.87
CA ASP B 4 -7.36 2.10 -23.88
C ASP B 4 -6.44 2.90 -22.96
N PHE B 5 -6.50 4.23 -23.08
CA PHE B 5 -5.67 5.09 -22.26
C PHE B 5 -6.06 4.96 -20.78
N ASP B 6 -5.12 5.30 -19.90
CA ASP B 6 -5.38 5.21 -18.47
C ASP B 6 -4.61 6.29 -17.71
N TYR B 7 -3.51 5.89 -17.07
CA TYR B 7 -2.69 6.82 -16.32
C TYR B 7 -3.37 7.20 -15.01
N ILE B 8 -3.13 6.41 -13.97
CA ILE B 8 -3.72 6.67 -12.66
C ILE B 8 -3.25 8.01 -12.12
N ALA B 9 -4.06 8.61 -11.25
CA ALA B 9 -3.71 9.90 -10.65
C ALA B 9 -4.66 10.23 -9.50
N ASP B 10 -5.08 9.21 -8.78
CA ASP B 10 -5.99 9.40 -7.65
C ASP B 10 -5.30 9.06 -6.34
N TRP B 11 -5.95 9.40 -5.23
CA TRP B 11 -5.39 9.12 -3.91
C TRP B 11 -6.32 9.64 -2.81
N CYS B 12 -6.06 9.22 -1.59
CA CYS B 12 -6.88 9.65 -0.46
C CYS B 12 -6.46 11.04 0.01
N THR A 1 13.46 3.24 8.01
CA THR A 1 14.66 3.44 8.87
C THR A 1 14.25 3.43 10.34
N PRO A 2 13.65 2.37 10.78
CA PRO A 2 13.20 2.21 12.18
C PRO A 2 14.36 2.07 13.16
N HIS A 3 14.04 1.82 14.43
CA HIS A 3 15.08 1.67 15.45
C HIS A 3 14.75 0.50 16.37
N VAL A 4 14.11 0.80 17.50
CA VAL A 4 13.74 -0.24 18.45
C VAL A 4 12.58 -1.07 17.92
N LYS A 5 12.59 -2.36 18.25
CA LYS A 5 11.54 -3.26 17.80
C LYS A 5 10.32 -3.15 18.69
N ASP A 6 9.14 -3.20 18.08
CA ASP A 6 7.88 -3.10 18.83
C ASP A 6 7.71 -4.31 19.75
N TYR A 7 7.40 -5.46 19.16
CA TYR A 7 7.21 -6.68 19.93
C TYR A 7 7.65 -7.89 19.13
N SER A 8 7.92 -8.99 19.83
CA SER A 8 8.35 -10.22 19.17
C SER A 8 7.19 -10.88 18.44
N PHE A 9 6.27 -10.05 17.95
CA PHE A 9 5.11 -10.57 17.23
C PHE A 9 5.10 -10.06 15.78
N VAL A 10 5.45 -8.79 15.61
CA VAL A 10 5.48 -8.19 14.28
C VAL A 10 6.91 -7.89 13.87
N THR A 11 7.43 -8.70 12.94
CA THR A 11 8.80 -8.50 12.45
C THR A 11 8.79 -7.95 11.03
N GLU A 12 9.91 -8.07 10.34
CA GLU A 12 10.02 -7.58 8.97
C GLU A 12 9.97 -8.73 7.98
N ASP A 13 9.77 -9.94 8.48
CA ASP A 13 9.72 -11.11 7.62
C ASP A 13 8.42 -11.88 7.83
N ASN A 14 7.33 -11.15 8.07
CA ASN A 14 6.03 -11.78 8.28
C ASN A 14 4.90 -10.86 7.83
N THR A 15 3.68 -11.36 7.92
CA THR A 15 2.50 -10.60 7.52
C THR A 15 1.76 -10.09 8.76
N PHE A 16 1.49 -8.79 8.80
CA PHE A 16 0.78 -8.21 9.93
C PHE A 16 -0.48 -7.48 9.48
N GLU A 17 -1.62 -7.92 9.98
CA GLU A 17 -2.90 -7.33 9.63
C GLU A 17 -2.93 -5.83 9.94
N VAL A 18 -3.74 -5.12 9.17
CA VAL A 18 -3.88 -3.67 9.36
C VAL A 18 -5.34 -3.26 9.25
N LYS A 19 -5.97 -3.03 10.39
CA LYS A 19 -7.38 -2.63 10.42
C LYS A 19 -7.50 -1.15 10.77
N LEU A 20 -8.58 -0.54 10.32
CA LEU A 20 -8.82 0.87 10.59
C LEU A 20 -10.30 1.21 10.50
N PHE A 21 -10.72 2.22 11.26
CA PHE A 21 -12.11 2.64 11.26
C PHE A 21 -12.22 4.16 11.28
N LYS A 22 -12.77 4.73 10.21
CA LYS A 22 -12.92 6.17 10.11
C LYS A 22 -13.79 6.54 8.92
N ASN A 23 -14.38 7.73 8.96
CA ASN A 23 -15.24 8.19 7.88
C ASN A 23 -14.85 9.60 7.45
N SER A 24 -14.11 9.71 6.35
CA SER A 24 -13.68 11.00 5.85
C SER A 24 -13.11 10.88 4.44
N SER A 25 -11.99 10.18 4.32
CA SER A 25 -11.35 9.99 3.02
C SER A 25 -11.24 11.30 2.28
N GLY A 26 -11.09 11.22 0.96
CA GLY A 26 -10.97 12.43 0.14
C GLY A 26 -9.54 12.64 -0.31
N LEU A 27 -8.76 13.34 0.52
CA LEU A 27 -7.36 13.61 0.19
C LEU A 27 -6.45 13.12 1.32
N GLY A 28 -5.50 12.26 0.98
CA GLY A 28 -4.57 11.74 1.98
C GLY A 28 -3.31 11.19 1.33
N PHE A 29 -3.04 9.91 1.56
CA PHE A 29 -1.85 9.27 1.00
C PHE A 29 -2.11 8.85 -0.45
N SER A 30 -1.14 8.16 -1.04
CA SER A 30 -1.27 7.70 -2.42
C SER A 30 -0.55 6.36 -2.60
N PHE A 31 -1.25 5.40 -3.18
CA PHE A 31 -0.67 4.08 -3.41
C PHE A 31 -0.33 3.89 -4.89
N SER A 32 0.85 3.37 -5.16
CA SER A 32 1.29 3.13 -6.52
C SER A 32 1.07 1.67 -6.92
N ARG A 33 0.37 1.47 -8.04
CA ARG A 33 0.10 0.12 -8.51
C ARG A 33 1.16 -0.32 -9.52
N GLU A 34 1.68 0.64 -10.27
CA GLU A 34 2.70 0.35 -11.27
C GLU A 34 4.10 0.57 -10.69
N ASP A 35 4.83 -0.52 -10.50
CA ASP A 35 6.18 -0.43 -9.95
C ASP A 35 7.22 -0.72 -11.02
N ASN A 36 8.10 0.25 -11.27
CA ASN A 36 9.14 0.09 -12.27
C ASN A 36 10.28 -0.79 -11.74
N LEU A 37 9.90 -1.87 -11.04
CA LEU A 37 10.89 -2.78 -10.48
C LEU A 37 10.93 -4.08 -11.27
N ILE A 38 9.77 -4.52 -11.76
CA ILE A 38 9.69 -5.75 -12.52
C ILE A 38 9.03 -5.50 -13.88
N PRO A 39 9.79 -5.01 -14.83
CA PRO A 39 9.28 -4.73 -16.20
C PRO A 39 8.57 -5.93 -16.83
N GLU A 40 8.83 -7.11 -16.29
CA GLU A 40 8.22 -8.33 -16.80
C GLU A 40 6.83 -8.51 -16.22
N GLN A 41 6.53 -7.77 -15.15
CA GLN A 41 5.22 -7.87 -14.52
C GLN A 41 4.75 -9.31 -14.46
N ILE A 42 4.99 -9.97 -13.32
CA ILE A 42 4.58 -11.36 -13.15
C ILE A 42 3.17 -11.44 -12.58
N ASN A 43 2.33 -12.26 -13.20
CA ASN A 43 0.96 -12.41 -12.74
C ASN A 43 0.26 -11.07 -12.66
N GLY A 44 -0.73 -10.96 -11.77
CA GLY A 44 -1.47 -9.71 -11.61
C GLY A 44 -0.53 -8.57 -11.23
N SER A 45 -1.00 -7.69 -10.35
CA SER A 45 -0.20 -6.56 -9.92
C SER A 45 -0.12 -6.52 -8.39
N ILE A 46 0.66 -5.58 -7.87
CA ILE A 46 0.81 -5.44 -6.42
C ILE A 46 0.66 -3.98 -5.99
N VAL A 47 -0.36 -3.70 -5.21
CA VAL A 47 -0.60 -2.33 -4.74
C VAL A 47 0.28 -2.03 -3.53
N ARG A 48 1.10 -0.99 -3.66
CA ARG A 48 1.99 -0.59 -2.57
C ARG A 48 1.83 0.88 -2.24
N VAL A 49 2.42 1.30 -1.12
CA VAL A 49 2.33 2.70 -0.71
C VAL A 49 3.48 3.51 -1.32
N LYS A 50 3.13 4.65 -1.91
CA LYS A 50 4.14 5.51 -2.52
C LYS A 50 4.43 6.72 -1.65
N LYS A 51 3.36 7.38 -1.18
CA LYS A 51 3.51 8.55 -0.33
C LYS A 51 2.73 8.37 0.98
N LEU A 52 3.27 8.93 2.05
CA LEU A 52 2.62 8.83 3.35
C LEU A 52 3.30 9.74 4.37
N PHE A 53 2.52 10.62 4.98
CA PHE A 53 3.06 11.55 5.97
C PHE A 53 2.52 11.23 7.36
N PRO A 54 3.23 11.61 8.39
CA PRO A 54 2.81 11.36 9.80
C PRO A 54 1.61 12.22 10.21
N GLY A 55 0.81 11.71 11.14
CA GLY A 55 -0.35 12.44 11.61
C GLY A 55 -1.58 12.15 10.74
N GLN A 56 -1.56 11.01 10.06
CA GLN A 56 -2.67 10.62 9.19
C GLN A 56 -3.30 9.32 9.67
N PRO A 57 -4.58 9.13 9.43
CA PRO A 57 -5.28 7.89 9.83
C PRO A 57 -4.41 6.67 9.56
N ALA A 58 -3.86 6.62 8.36
CA ALA A 58 -2.99 5.52 7.97
C ALA A 58 -1.74 5.54 8.82
N ALA A 59 -1.38 6.72 9.32
CA ALA A 59 -0.19 6.84 10.16
C ALA A 59 -0.44 6.19 11.51
N GLU A 60 -1.57 6.53 12.12
CA GLU A 60 -1.92 5.99 13.42
C GLU A 60 -2.23 4.49 13.32
N SER A 61 -2.52 4.04 12.10
CA SER A 61 -2.83 2.63 11.87
C SER A 61 -1.98 1.74 12.79
N GLY A 62 -0.81 2.24 13.17
CA GLY A 62 0.08 1.49 14.04
C GLY A 62 1.50 1.51 13.51
N LYS A 63 1.67 1.06 12.27
CA LYS A 63 2.99 1.04 11.65
C LYS A 63 2.87 0.84 10.14
N ILE A 64 3.50 1.72 9.38
CA ILE A 64 3.47 1.64 7.93
C ILE A 64 4.78 2.14 7.33
N ASP A 65 5.07 1.76 6.09
CA ASP A 65 6.29 2.18 5.43
C ASP A 65 6.07 2.32 3.92
N VAL A 66 6.78 3.27 3.32
CA VAL A 66 6.65 3.50 1.88
C VAL A 66 7.07 2.25 1.10
N GLY A 67 6.10 1.51 0.61
CA GLY A 67 6.38 0.29 -0.15
C GLY A 67 5.58 -0.89 0.38
N ASP A 68 4.87 -0.67 1.48
CA ASP A 68 4.07 -1.72 2.09
C ASP A 68 3.43 -2.59 0.99
N VAL A 69 3.15 -3.85 1.33
CA VAL A 69 2.54 -4.76 0.37
C VAL A 69 1.18 -5.24 0.88
N ILE A 70 0.12 -4.77 0.23
CA ILE A 70 -1.23 -5.16 0.62
C ILE A 70 -1.65 -6.42 -0.13
N LEU A 71 -1.84 -7.50 0.61
CA LEU A 71 -2.25 -8.78 0.01
C LEU A 71 -3.76 -8.81 -0.19
N LYS A 72 -4.50 -8.63 0.90
CA LYS A 72 -5.95 -8.66 0.84
C LYS A 72 -6.53 -7.31 1.24
N VAL A 73 -7.57 -6.88 0.53
CA VAL A 73 -8.22 -5.60 0.81
C VAL A 73 -9.69 -5.80 1.14
N ASN A 74 -10.02 -5.71 2.43
CA ASN A 74 -11.41 -5.88 2.87
C ASN A 74 -11.99 -7.18 2.33
N GLY A 75 -11.14 -7.97 1.68
CA GLY A 75 -11.60 -9.25 1.13
C GLY A 75 -11.53 -9.23 -0.40
N ALA A 76 -10.69 -8.36 -0.93
CA ALA A 76 -10.53 -8.25 -2.38
C ALA A 76 -9.10 -8.60 -2.79
N PRO A 77 -8.82 -9.85 -2.97
CA PRO A 77 -7.46 -10.33 -3.37
C PRO A 77 -6.95 -9.61 -4.62
N LEU A 78 -5.68 -9.82 -4.94
CA LEU A 78 -5.08 -9.19 -6.11
C LEU A 78 -5.39 -9.98 -7.38
N LYS A 79 -6.62 -10.47 -7.47
CA LYS A 79 -7.04 -11.24 -8.63
C LYS A 79 -8.20 -10.55 -9.34
N GLY A 80 -7.88 -9.70 -10.30
CA GLY A 80 -8.91 -8.99 -11.05
C GLY A 80 -9.24 -7.66 -10.39
N LEU A 81 -8.22 -6.99 -9.87
CA LEU A 81 -8.42 -5.70 -9.20
C LEU A 81 -8.44 -4.57 -10.22
N SER A 82 -9.39 -3.65 -10.07
CA SER A 82 -9.51 -2.52 -10.99
C SER A 82 -8.80 -1.30 -10.41
N GLN A 83 -8.56 -0.31 -11.26
CA GLN A 83 -7.90 0.92 -10.83
C GLN A 83 -8.88 1.86 -10.16
N GLN A 84 -10.11 1.39 -9.96
CA GLN A 84 -11.14 2.20 -9.33
C GLN A 84 -11.75 1.47 -8.14
N ASP A 85 -11.29 0.24 -7.90
CA ASP A 85 -11.79 -0.56 -6.80
C ASP A 85 -11.29 -0.02 -5.47
N VAL A 86 -9.98 0.18 -5.36
CA VAL A 86 -9.37 0.68 -4.13
C VAL A 86 -10.13 1.91 -3.63
N ILE A 87 -10.21 2.93 -4.48
CA ILE A 87 -10.91 4.16 -4.11
C ILE A 87 -12.34 3.87 -3.70
N SER A 88 -13.02 3.06 -4.51
CA SER A 88 -14.42 2.71 -4.22
C SER A 88 -14.53 2.02 -2.87
N ALA A 89 -13.45 1.34 -2.46
CA ALA A 89 -13.44 0.64 -1.19
C ALA A 89 -13.19 1.62 -0.04
N LEU A 90 -12.50 2.71 -0.34
CA LEU A 90 -12.20 3.72 0.68
C LEU A 90 -13.22 4.86 0.63
N ARG A 91 -14.18 4.75 -0.28
CA ARG A 91 -15.21 5.77 -0.41
C ARG A 91 -16.43 5.43 0.41
N GLY A 92 -16.77 4.15 0.47
CA GLY A 92 -17.93 3.70 1.24
C GLY A 92 -18.46 2.38 0.69
N THR A 93 -18.31 1.32 1.48
CA THR A 93 -18.78 0.00 1.07
C THR A 93 -18.93 -0.92 2.28
N ALA A 94 -17.87 -0.98 3.09
CA ALA A 94 -17.89 -1.83 4.28
C ALA A 94 -17.87 -0.98 5.54
N PRO A 95 -18.21 -1.56 6.66
CA PRO A 95 -18.23 -0.84 7.97
C PRO A 95 -16.83 -0.45 8.42
N GLU A 96 -15.88 -1.35 8.24
CA GLU A 96 -14.50 -1.08 8.63
C GLU A 96 -13.54 -1.42 7.49
N VAL A 97 -12.27 -1.09 7.66
CA VAL A 97 -11.27 -1.37 6.64
C VAL A 97 -10.23 -2.35 7.16
N SER A 98 -10.36 -3.61 6.76
CA SER A 98 -9.42 -4.64 7.19
C SER A 98 -8.64 -5.19 6.00
N LEU A 99 -7.33 -5.06 6.06
CA LEU A 99 -6.47 -5.55 4.98
C LEU A 99 -5.20 -6.16 5.56
N LEU A 100 -4.63 -7.13 4.85
CA LEU A 100 -3.42 -7.77 5.33
C LEU A 100 -2.18 -7.07 4.78
N LEU A 101 -1.18 -6.93 5.64
CA LEU A 101 0.06 -6.27 5.25
C LEU A 101 1.21 -7.28 5.22
N CYS A 102 1.97 -7.28 4.13
CA CYS A 102 3.08 -8.20 4.00
C CYS A 102 4.40 -7.45 3.88
N ARG A 103 5.45 -8.01 4.49
CA ARG A 103 6.77 -7.40 4.45
C ARG A 103 7.84 -8.44 4.16
N PRO A 104 7.95 -8.84 2.93
CA PRO A 104 8.96 -9.86 2.51
C PRO A 104 10.39 -9.45 2.86
N ALA A 105 11.35 -10.25 2.42
CA ALA A 105 12.75 -9.95 2.69
C ALA A 105 13.38 -9.20 1.52
N PRO A 106 14.52 -8.59 1.74
CA PRO A 106 15.24 -7.82 0.69
C PRO A 106 15.84 -8.73 -0.38
N GLY A 107 15.95 -8.21 -1.60
CA GLY A 107 16.49 -8.98 -2.71
C GLY A 107 15.42 -9.32 -3.73
N VAL A 108 14.19 -9.49 -3.24
CA VAL A 108 13.07 -9.82 -4.12
C VAL A 108 12.34 -8.55 -4.57
N LEU A 109 11.89 -7.76 -3.60
CA LEU A 109 11.18 -6.52 -3.91
C LEU A 109 11.72 -5.37 -3.06
N PRO A 110 12.83 -4.80 -3.45
CA PRO A 110 13.46 -3.67 -2.71
C PRO A 110 12.47 -2.56 -2.40
N GLU A 111 12.65 -1.91 -1.26
CA GLU A 111 11.75 -0.83 -0.85
C GLU A 111 11.80 0.32 -1.86
N ILE A 112 10.63 0.89 -2.15
CA ILE A 112 10.57 1.99 -3.10
C ILE A 112 11.25 3.24 -2.54
N ASP A 113 11.87 4.01 -3.42
CA ASP A 113 12.56 5.22 -3.00
C ASP A 113 13.01 6.03 -4.22
N THR A 114 12.41 7.20 -4.41
CA THR A 114 12.75 8.05 -5.54
C THR A 114 14.25 8.37 -5.53
N PRO A 115 14.80 8.70 -6.66
CA PRO A 115 16.25 9.02 -6.77
C PRO A 115 16.59 10.36 -6.12
N GLY A 116 17.59 10.34 -5.24
CA GLY A 116 18.01 11.56 -4.54
C GLY A 116 18.32 12.67 -5.53
N ASN A 117 19.50 12.60 -6.14
CA ASN A 117 19.92 13.62 -7.10
C ASN A 117 20.54 12.97 -8.33
N SER A 118 20.78 13.76 -9.37
CA SER A 118 21.38 13.25 -10.60
C SER A 118 22.45 12.23 -10.28
N SER A 119 22.80 11.42 -11.28
CA SER A 119 23.82 10.40 -11.10
C SER A 119 23.49 9.52 -9.89
N MET B 1 -0.73 3.64 -27.14
CA MET B 1 -0.82 2.81 -25.91
C MET B 1 0.60 2.51 -25.40
N PHE B 2 1.58 3.19 -25.97
CA PHE B 2 2.97 2.99 -25.57
C PHE B 2 3.34 3.96 -24.45
N ARG B 3 3.46 3.43 -23.23
CA ARG B 3 3.82 4.25 -22.09
C ARG B 3 2.92 5.48 -22.01
N ASP B 4 1.70 5.35 -22.49
CA ASP B 4 0.75 6.45 -22.47
C ASP B 4 0.43 6.86 -21.04
N PHE B 5 0.11 5.87 -20.21
CA PHE B 5 -0.20 6.14 -18.81
C PHE B 5 0.89 5.61 -17.90
N ASP B 6 1.39 6.46 -17.02
CA ASP B 6 2.45 6.07 -16.10
C ASP B 6 1.97 6.18 -14.64
N TYR B 7 1.19 7.21 -14.37
CA TYR B 7 0.67 7.42 -13.02
C TYR B 7 -0.83 7.20 -12.98
N ILE B 8 -1.29 6.45 -11.98
CA ILE B 8 -2.71 6.17 -11.83
C ILE B 8 -3.40 7.25 -11.01
N ALA B 9 -2.59 8.11 -10.39
CA ALA B 9 -3.12 9.19 -9.57
C ALA B 9 -4.20 8.67 -8.63
N ASP B 10 -5.23 9.49 -8.40
CA ASP B 10 -6.32 9.10 -7.52
C ASP B 10 -5.79 8.81 -6.11
N TRP B 11 -6.48 9.34 -5.11
CA TRP B 11 -6.07 9.12 -3.73
C TRP B 11 -7.27 9.19 -2.79
N CYS B 12 -7.08 8.76 -1.55
CA CYS B 12 -8.16 8.78 -0.56
C CYS B 12 -7.76 9.61 0.65
N THR A 1 19.14 -0.17 14.64
CA THR A 1 18.29 -1.40 14.58
C THR A 1 18.96 -2.41 13.65
N PRO A 2 20.16 -2.82 13.97
CA PRO A 2 20.92 -3.81 13.16
C PRO A 2 20.33 -5.21 13.25
N HIS A 3 20.29 -5.76 14.47
CA HIS A 3 19.74 -7.08 14.67
C HIS A 3 18.38 -7.00 15.37
N VAL A 4 18.36 -7.28 16.67
CA VAL A 4 17.13 -7.23 17.44
C VAL A 4 16.27 -6.06 17.00
N LYS A 5 14.96 -6.22 17.11
CA LYS A 5 14.03 -5.16 16.73
C LYS A 5 13.45 -4.47 17.96
N ASP A 6 12.47 -3.59 17.74
CA ASP A 6 11.84 -2.89 18.85
C ASP A 6 11.17 -3.86 19.80
N TYR A 7 10.34 -4.75 19.24
CA TYR A 7 9.63 -5.73 20.05
C TYR A 7 9.81 -7.12 19.47
N SER A 8 9.87 -8.13 20.34
CA SER A 8 10.03 -9.50 19.89
C SER A 8 8.77 -10.01 19.21
N PHE A 9 7.80 -9.11 19.03
CA PHE A 9 6.54 -9.47 18.39
C PHE A 9 6.63 -9.23 16.89
N VAL A 10 7.17 -8.08 16.50
CA VAL A 10 7.29 -7.75 15.09
C VAL A 10 8.42 -8.57 14.45
N THR A 11 8.13 -9.12 13.27
CA THR A 11 9.13 -9.92 12.56
C THR A 11 9.23 -9.47 11.11
N GLU A 12 10.03 -10.19 10.33
CA GLU A 12 10.22 -9.86 8.92
C GLU A 12 9.83 -11.04 8.04
N ASP A 13 9.67 -12.20 8.65
CA ASP A 13 9.30 -13.40 7.92
C ASP A 13 7.84 -13.77 8.20
N ASN A 14 7.10 -12.83 8.76
CA ASN A 14 5.69 -13.07 9.07
C ASN A 14 4.81 -12.02 8.39
N THR A 15 3.50 -12.18 8.54
CA THR A 15 2.55 -11.24 7.95
C THR A 15 1.86 -10.43 9.02
N PHE A 16 1.48 -9.19 8.68
CA PHE A 16 0.81 -8.33 9.64
C PHE A 16 -0.28 -7.53 8.95
N GLU A 17 -1.51 -7.73 9.40
CA GLU A 17 -2.65 -7.03 8.83
C GLU A 17 -2.91 -5.72 9.55
N VAL A 18 -3.54 -4.79 8.86
CA VAL A 18 -3.84 -3.49 9.44
C VAL A 18 -5.34 -3.22 9.42
N LYS A 19 -5.90 -2.92 10.58
CA LYS A 19 -7.32 -2.64 10.69
C LYS A 19 -7.55 -1.18 11.04
N LEU A 20 -7.99 -0.40 10.06
CA LEU A 20 -8.25 1.02 10.28
C LEU A 20 -9.74 1.30 10.37
N PHE A 21 -10.09 2.52 10.74
CA PHE A 21 -11.50 2.90 10.87
C PHE A 21 -11.72 4.30 10.29
N LYS A 22 -12.56 4.39 9.26
CA LYS A 22 -12.86 5.67 8.64
C LYS A 22 -14.06 5.54 7.70
N ASN A 23 -14.82 6.62 7.59
CA ASN A 23 -16.00 6.61 6.73
C ASN A 23 -15.87 7.67 5.62
N SER A 24 -15.66 7.20 4.40
CA SER A 24 -15.52 8.11 3.27
C SER A 24 -14.39 9.11 3.50
N SER A 25 -13.47 9.18 2.54
CA SER A 25 -12.34 10.09 2.66
C SER A 25 -11.78 10.42 1.28
N GLY A 26 -10.66 11.14 1.26
CA GLY A 26 -10.03 11.51 -0.01
C GLY A 26 -8.61 12.03 0.23
N LEU A 27 -8.31 12.38 1.48
CA LEU A 27 -6.99 12.90 1.81
C LEU A 27 -6.27 11.94 2.75
N GLY A 28 -5.48 11.04 2.18
CA GLY A 28 -4.74 10.07 2.98
C GLY A 28 -3.43 9.68 2.31
N PHE A 29 -3.10 8.40 2.34
CA PHE A 29 -1.88 7.91 1.71
C PHE A 29 -2.13 7.55 0.26
N SER A 30 -1.04 7.23 -0.46
CA SER A 30 -1.16 6.87 -1.87
C SER A 30 -0.64 5.46 -2.09
N PHE A 31 -1.01 4.87 -3.22
CA PHE A 31 -0.58 3.51 -3.54
C PHE A 31 -0.36 3.36 -5.04
N SER A 32 0.82 2.88 -5.43
CA SER A 32 1.13 2.67 -6.84
C SER A 32 1.22 1.19 -7.16
N ARG A 33 0.65 0.80 -8.29
CA ARG A 33 0.67 -0.60 -8.71
C ARG A 33 2.11 -1.08 -8.86
N GLU A 34 2.82 -0.54 -9.85
CA GLU A 34 4.19 -0.93 -10.10
C GLU A 34 4.29 -2.41 -10.42
N ASP A 35 4.01 -2.76 -11.67
CA ASP A 35 4.06 -4.16 -12.10
C ASP A 35 5.46 -4.51 -12.59
N ASN A 36 5.57 -5.68 -13.22
CA ASN A 36 6.87 -6.12 -13.74
C ASN A 36 7.70 -6.78 -12.64
N LEU A 37 7.02 -7.51 -11.77
CA LEU A 37 7.71 -8.20 -10.67
C LEU A 37 7.87 -9.68 -10.99
N ILE A 38 6.85 -10.26 -11.60
CA ILE A 38 6.89 -11.68 -11.96
C ILE A 38 6.04 -11.95 -13.19
N PRO A 39 6.44 -11.42 -14.31
CA PRO A 39 5.71 -11.59 -15.60
C PRO A 39 5.97 -12.96 -16.23
N GLU A 40 5.93 -14.01 -15.41
CA GLU A 40 6.16 -15.36 -15.90
C GLU A 40 4.85 -16.14 -15.93
N GLN A 41 3.94 -15.81 -15.02
CA GLN A 41 2.66 -16.49 -14.95
C GLN A 41 1.53 -15.50 -15.18
N ILE A 42 0.63 -15.39 -14.21
CA ILE A 42 -0.50 -14.47 -14.31
C ILE A 42 -0.02 -13.02 -14.21
N ASN A 43 -0.69 -12.14 -14.94
CA ASN A 43 -0.34 -10.72 -14.92
C ASN A 43 -1.07 -10.00 -13.80
N GLY A 44 -0.92 -10.50 -12.57
CA GLY A 44 -1.57 -9.90 -11.42
C GLY A 44 -1.09 -8.47 -11.21
N SER A 45 -1.65 -7.80 -10.21
CA SER A 45 -1.27 -6.42 -9.91
C SER A 45 -0.94 -6.27 -8.42
N ILE A 46 0.29 -5.87 -8.13
CA ILE A 46 0.72 -5.68 -6.75
C ILE A 46 0.57 -4.22 -6.33
N VAL A 47 -0.16 -4.01 -5.24
CA VAL A 47 -0.38 -2.66 -4.74
C VAL A 47 0.57 -2.35 -3.59
N ARG A 48 1.50 -1.43 -3.83
CA ARG A 48 2.47 -1.05 -2.81
C ARG A 48 2.36 0.43 -2.47
N VAL A 49 2.52 0.77 -1.19
CA VAL A 49 2.45 2.15 -0.75
C VAL A 49 3.48 2.99 -1.47
N LYS A 50 3.05 4.13 -2.01
CA LYS A 50 3.96 5.03 -2.72
C LYS A 50 4.40 6.17 -1.81
N LYS A 51 3.43 6.81 -1.16
CA LYS A 51 3.72 7.92 -0.27
C LYS A 51 3.06 7.71 1.09
N LEU A 52 3.50 8.47 2.09
CA LEU A 52 2.95 8.35 3.43
C LEU A 52 3.53 9.44 4.34
N PHE A 53 2.67 10.04 5.15
CA PHE A 53 3.10 11.09 6.06
C PHE A 53 2.73 10.73 7.50
N PRO A 54 3.41 11.30 8.46
CA PRO A 54 3.14 11.04 9.91
C PRO A 54 1.84 11.68 10.39
N GLY A 55 1.13 11.00 11.27
CA GLY A 55 -0.12 11.54 11.81
C GLY A 55 -1.31 11.11 10.95
N GLN A 56 -1.04 10.56 9.77
CA GLN A 56 -2.10 10.11 8.88
C GLN A 56 -2.75 8.84 9.40
N PRO A 57 -3.98 8.59 9.04
CA PRO A 57 -4.69 7.36 9.47
C PRO A 57 -3.77 6.16 9.40
N ALA A 58 -3.06 6.04 8.29
CA ALA A 58 -2.13 4.94 8.09
C ALA A 58 -0.93 5.12 9.01
N ALA A 59 -0.70 6.37 9.43
CA ALA A 59 0.42 6.68 10.32
C ALA A 59 0.14 6.12 11.71
N GLU A 60 -0.90 6.63 12.34
CA GLU A 60 -1.28 6.20 13.68
C GLU A 60 -1.57 4.70 13.70
N SER A 61 -1.98 4.16 12.55
CA SER A 61 -2.29 2.75 12.44
C SER A 61 -1.36 1.92 13.33
N GLY A 62 -0.17 2.44 13.58
CA GLY A 62 0.80 1.74 14.41
C GLY A 62 2.18 1.76 13.76
N LYS A 63 2.26 1.22 12.55
CA LYS A 63 3.53 1.19 11.83
C LYS A 63 3.32 0.85 10.35
N ILE A 64 3.86 1.68 9.48
CA ILE A 64 3.74 1.47 8.04
C ILE A 64 4.95 2.04 7.32
N ASP A 65 5.38 1.37 6.25
CA ASP A 65 6.53 1.83 5.48
C ASP A 65 6.14 2.09 4.03
N VAL A 66 7.02 2.79 3.30
CA VAL A 66 6.75 3.10 1.90
C VAL A 66 7.26 1.98 1.00
N GLY A 67 6.36 1.08 0.60
CA GLY A 67 6.75 -0.02 -0.26
C GLY A 67 6.30 -1.36 0.32
N ASP A 68 5.35 -1.30 1.25
CA ASP A 68 4.85 -2.51 1.89
C ASP A 68 4.17 -3.41 0.86
N VAL A 69 3.52 -4.46 1.34
CA VAL A 69 2.83 -5.39 0.45
C VAL A 69 1.43 -5.69 0.95
N ILE A 70 0.43 -5.10 0.29
CA ILE A 70 -0.96 -5.32 0.68
C ILE A 70 -1.48 -6.61 0.06
N LEU A 71 -1.71 -7.61 0.91
CA LEU A 71 -2.20 -8.90 0.43
C LEU A 71 -3.68 -8.82 0.05
N LYS A 72 -4.51 -8.48 1.03
CA LYS A 72 -5.94 -8.37 0.79
C LYS A 72 -6.49 -7.06 1.35
N VAL A 73 -7.56 -6.56 0.77
CA VAL A 73 -8.16 -5.31 1.23
C VAL A 73 -9.65 -5.50 1.52
N ASN A 74 -10.04 -5.22 2.76
CA ASN A 74 -11.44 -5.37 3.16
C ASN A 74 -12.05 -6.63 2.58
N GLY A 75 -11.19 -7.59 2.23
CA GLY A 75 -11.66 -8.86 1.66
C GLY A 75 -11.75 -8.77 0.14
N ALA A 76 -10.89 -7.93 -0.43
CA ALA A 76 -10.88 -7.75 -1.89
C ALA A 76 -9.65 -8.44 -2.49
N PRO A 77 -9.83 -9.60 -3.10
CA PRO A 77 -8.71 -10.36 -3.72
C PRO A 77 -7.85 -9.48 -4.63
N LEU A 78 -6.67 -9.97 -4.98
CA LEU A 78 -5.76 -9.22 -5.84
C LEU A 78 -5.87 -9.71 -7.29
N LYS A 79 -7.09 -9.79 -7.79
CA LYS A 79 -7.32 -10.23 -9.16
C LYS A 79 -8.68 -9.78 -9.65
N GLY A 80 -8.72 -8.61 -10.27
CA GLY A 80 -9.98 -8.07 -10.79
C GLY A 80 -10.29 -6.72 -10.17
N LEU A 81 -9.27 -5.88 -10.01
CA LEU A 81 -9.45 -4.57 -9.43
C LEU A 81 -9.14 -3.48 -10.45
N SER A 82 -10.19 -2.84 -10.97
CA SER A 82 -10.01 -1.78 -11.95
C SER A 82 -9.30 -0.59 -11.33
N GLN A 83 -8.78 0.29 -12.19
CA GLN A 83 -8.07 1.48 -11.71
C GLN A 83 -9.00 2.38 -10.91
N GLN A 84 -10.31 2.24 -11.17
CA GLN A 84 -11.30 3.05 -10.47
C GLN A 84 -12.03 2.22 -9.43
N ASP A 85 -11.73 0.93 -9.39
CA ASP A 85 -12.37 0.03 -8.42
C ASP A 85 -11.76 0.21 -7.04
N VAL A 86 -10.45 0.30 -6.99
CA VAL A 86 -9.75 0.47 -5.72
C VAL A 86 -10.34 1.64 -4.93
N ILE A 87 -10.34 2.82 -5.54
CA ILE A 87 -10.88 4.00 -4.89
C ILE A 87 -12.30 3.73 -4.38
N SER A 88 -13.07 3.00 -5.18
CA SER A 88 -14.44 2.68 -4.80
C SER A 88 -14.44 1.78 -3.57
N ALA A 89 -13.44 0.92 -3.46
CA ALA A 89 -13.34 0.02 -2.33
C ALA A 89 -13.02 0.79 -1.05
N LEU A 90 -12.32 1.91 -1.22
CA LEU A 90 -11.96 2.74 -0.07
C LEU A 90 -13.17 3.54 0.41
N ARG A 91 -14.00 3.97 -0.53
CA ARG A 91 -15.19 4.73 -0.18
C ARG A 91 -16.30 3.81 0.31
N GLY A 92 -16.26 2.55 -0.14
CA GLY A 92 -17.27 1.58 0.27
C GLY A 92 -17.61 1.74 1.75
N THR A 93 -18.87 2.09 2.02
CA THR A 93 -19.31 2.27 3.39
C THR A 93 -19.22 0.96 4.16
N ALA A 94 -18.34 0.93 5.15
CA ALA A 94 -18.17 -0.28 5.96
C ALA A 94 -17.91 0.09 7.42
N PRO A 95 -18.06 -0.85 8.31
CA PRO A 95 -17.85 -0.63 9.77
C PRO A 95 -16.38 -0.35 10.09
N GLU A 96 -15.49 -1.04 9.39
CA GLU A 96 -14.06 -0.86 9.60
C GLU A 96 -13.27 -1.34 8.39
N VAL A 97 -12.06 -0.81 8.22
CA VAL A 97 -11.23 -1.20 7.08
C VAL A 97 -10.19 -2.24 7.51
N SER A 98 -10.41 -3.49 7.11
CA SER A 98 -9.49 -4.57 7.45
C SER A 98 -8.75 -5.05 6.21
N LEU A 99 -7.43 -4.97 6.24
CA LEU A 99 -6.61 -5.40 5.11
C LEU A 99 -5.35 -6.11 5.60
N LEU A 100 -4.97 -7.17 4.91
CA LEU A 100 -3.77 -7.92 5.29
C LEU A 100 -2.53 -7.23 4.76
N LEU A 101 -1.43 -7.31 5.51
CA LEU A 101 -0.19 -6.69 5.09
C LEU A 101 1.01 -7.55 5.44
N CYS A 102 2.05 -7.48 4.63
CA CYS A 102 3.25 -8.27 4.87
C CYS A 102 4.49 -7.36 4.88
N ARG A 103 5.51 -7.79 5.61
CA ARG A 103 6.74 -7.01 5.70
C ARG A 103 7.93 -7.83 5.21
N PRO A 104 8.09 -7.94 3.93
CA PRO A 104 9.22 -8.71 3.31
C PRO A 104 10.52 -7.91 3.31
N ALA A 105 11.61 -8.59 3.67
CA ALA A 105 12.92 -7.93 3.69
C ALA A 105 13.30 -7.44 2.31
N PRO A 106 14.15 -6.44 2.24
CA PRO A 106 14.60 -5.87 0.93
C PRO A 106 15.47 -6.85 0.15
N GLY A 107 15.78 -6.49 -1.10
CA GLY A 107 16.59 -7.35 -1.95
C GLY A 107 15.73 -8.10 -2.95
N VAL A 108 14.70 -8.77 -2.46
CA VAL A 108 13.79 -9.52 -3.32
C VAL A 108 12.92 -8.57 -4.14
N LEU A 109 12.49 -7.48 -3.50
CA LEU A 109 11.65 -6.50 -4.18
C LEU A 109 12.45 -5.24 -4.47
N PRO A 110 12.02 -4.46 -5.44
CA PRO A 110 12.72 -3.20 -5.83
C PRO A 110 12.51 -2.08 -4.81
N GLU A 111 13.60 -1.40 -4.45
CA GLU A 111 13.51 -0.31 -3.49
C GLU A 111 12.82 0.90 -4.12
N ILE A 112 11.79 1.40 -3.45
CA ILE A 112 11.06 2.56 -3.97
C ILE A 112 11.56 3.83 -3.30
N ASP A 113 11.32 4.97 -3.96
CA ASP A 113 11.76 6.26 -3.44
C ASP A 113 11.27 7.40 -4.31
N THR A 114 10.66 8.40 -3.68
CA THR A 114 10.14 9.55 -4.42
C THR A 114 11.05 10.76 -4.21
N PRO A 115 10.90 11.76 -5.04
CA PRO A 115 11.71 13.01 -4.94
C PRO A 115 11.35 13.86 -3.72
N GLY A 116 12.33 14.57 -3.19
CA GLY A 116 12.10 15.41 -2.03
C GLY A 116 12.53 16.85 -2.30
N ASN A 117 12.98 17.54 -1.25
CA ASN A 117 13.41 18.93 -1.40
C ASN A 117 14.85 19.10 -0.91
N SER A 118 15.60 19.96 -1.59
CA SER A 118 16.98 20.21 -1.21
C SER A 118 17.08 21.39 -0.25
N SER A 119 17.82 21.20 0.84
CA SER A 119 17.98 22.25 1.84
C SER A 119 19.30 22.99 1.63
N MET B 1 -6.84 14.64 -17.08
CA MET B 1 -7.64 13.40 -17.27
C MET B 1 -6.91 12.49 -18.26
N PHE B 2 -5.88 13.02 -18.91
CA PHE B 2 -5.11 12.25 -19.87
C PHE B 2 -3.85 11.69 -19.22
N ARG B 3 -3.74 10.37 -19.20
CA ARG B 3 -2.58 9.71 -18.60
C ARG B 3 -1.31 10.10 -19.34
N ASP B 4 -0.16 9.81 -18.74
CA ASP B 4 1.13 10.14 -19.36
C ASP B 4 1.79 8.88 -19.89
N PHE B 5 1.84 7.85 -19.06
CA PHE B 5 2.46 6.58 -19.47
C PHE B 5 1.66 5.40 -18.94
N ASP B 6 2.04 4.90 -17.77
CA ASP B 6 1.35 3.77 -17.16
C ASP B 6 1.01 4.07 -15.70
N TYR B 7 1.65 5.10 -15.15
CA TYR B 7 1.42 5.48 -13.77
C TYR B 7 -0.06 5.79 -13.54
N ILE B 8 -0.44 5.97 -12.27
CA ILE B 8 -1.83 6.26 -11.94
C ILE B 8 -1.91 7.57 -11.14
N ALA B 9 -3.10 8.16 -11.12
CA ALA B 9 -3.31 9.41 -10.39
C ALA B 9 -4.54 9.32 -9.51
N ASP B 10 -4.45 8.52 -8.44
CA ASP B 10 -5.57 8.36 -7.53
C ASP B 10 -5.07 7.92 -6.15
N TRP B 11 -5.86 8.23 -5.12
CA TRP B 11 -5.49 7.87 -3.76
C TRP B 11 -6.67 8.05 -2.82
N CYS B 12 -6.43 7.84 -1.52
CA CYS B 12 -7.48 7.98 -0.53
C CYS B 12 -6.91 8.49 0.79
N THR A 1 24.59 0.91 10.90
CA THR A 1 23.22 1.32 11.31
C THR A 1 22.49 0.13 11.92
N PRO A 2 22.98 -0.35 13.04
CA PRO A 2 22.37 -1.51 13.75
C PRO A 2 21.08 -1.14 14.46
N HIS A 3 19.95 -1.46 13.84
CA HIS A 3 18.65 -1.15 14.43
C HIS A 3 18.11 -2.35 15.19
N VAL A 4 17.46 -2.09 16.32
CA VAL A 4 16.90 -3.16 17.14
C VAL A 4 15.40 -3.27 16.92
N LYS A 5 14.89 -4.50 16.92
CA LYS A 5 13.47 -4.73 16.72
C LYS A 5 12.67 -4.19 17.90
N ASP A 6 11.52 -3.59 17.61
CA ASP A 6 10.67 -3.03 18.65
C ASP A 6 9.76 -4.11 19.24
N TYR A 7 8.86 -4.62 18.41
CA TYR A 7 7.94 -5.66 18.86
C TYR A 7 8.36 -7.02 18.32
N SER A 8 8.02 -8.07 19.06
CA SER A 8 8.37 -9.43 18.63
C SER A 8 7.38 -9.95 17.60
N PHE A 9 6.44 -9.08 17.20
CA PHE A 9 5.45 -9.46 16.20
C PHE A 9 5.90 -9.05 14.81
N VAL A 10 6.59 -7.93 14.72
CA VAL A 10 7.07 -7.44 13.42
C VAL A 10 8.29 -8.23 12.97
N THR A 11 8.12 -9.03 11.92
CA THR A 11 9.22 -9.83 11.40
C THR A 11 9.39 -9.60 9.90
N GLU A 12 10.39 -10.25 9.31
CA GLU A 12 10.65 -10.11 7.89
C GLU A 12 10.28 -11.39 7.14
N ASP A 13 9.81 -12.39 7.90
CA ASP A 13 9.43 -13.65 7.29
C ASP A 13 8.00 -14.01 7.66
N ASN A 14 7.21 -12.99 7.99
CA ASN A 14 5.81 -13.21 8.36
C ASN A 14 4.94 -12.09 7.81
N THR A 15 3.63 -12.31 7.83
CA THR A 15 2.69 -11.31 7.33
C THR A 15 1.95 -10.65 8.49
N PHE A 16 1.51 -9.41 8.28
CA PHE A 16 0.79 -8.68 9.30
C PHE A 16 -0.28 -7.81 8.67
N GLU A 17 -1.53 -8.04 9.05
CA GLU A 17 -2.64 -7.29 8.51
C GLU A 17 -2.89 -6.02 9.30
N VAL A 18 -3.43 -5.03 8.62
CA VAL A 18 -3.72 -3.75 9.26
C VAL A 18 -5.22 -3.49 9.27
N LYS A 19 -5.75 -3.07 10.42
CA LYS A 19 -7.17 -2.80 10.53
C LYS A 19 -7.41 -1.35 10.96
N LEU A 20 -8.03 -0.57 10.09
CA LEU A 20 -8.31 0.83 10.39
C LEU A 20 -9.79 1.14 10.17
N PHE A 21 -10.26 2.23 10.77
CA PHE A 21 -11.65 2.63 10.63
C PHE A 21 -11.76 3.90 9.80
N LYS A 22 -12.90 4.08 9.15
CA LYS A 22 -13.12 5.27 8.32
C LYS A 22 -13.21 6.52 9.19
N ASN A 23 -12.16 7.34 9.13
CA ASN A 23 -12.13 8.58 9.91
C ASN A 23 -11.68 9.74 9.03
N SER A 24 -12.64 10.40 8.40
CA SER A 24 -12.33 11.54 7.54
C SER A 24 -11.41 11.11 6.40
N SER A 25 -11.94 11.14 5.18
CA SER A 25 -11.16 10.76 4.01
C SER A 25 -11.02 11.92 3.05
N GLY A 26 -10.15 11.77 2.06
CA GLY A 26 -9.93 12.82 1.08
C GLY A 26 -8.46 12.94 0.71
N LEU A 27 -7.66 13.46 1.64
CA LEU A 27 -6.23 13.61 1.42
C LEU A 27 -5.44 12.86 2.48
N GLY A 28 -4.26 12.37 2.10
CA GLY A 28 -3.42 11.64 3.04
C GLY A 28 -2.40 10.79 2.30
N PHE A 29 -2.47 9.47 2.49
CA PHE A 29 -1.54 8.56 1.84
C PHE A 29 -2.03 8.19 0.45
N SER A 30 -1.18 7.50 -0.31
CA SER A 30 -1.53 7.09 -1.67
C SER A 30 -0.98 5.70 -1.95
N PHE A 31 -1.57 5.02 -2.92
CA PHE A 31 -1.14 3.67 -3.28
C PHE A 31 -0.83 3.59 -4.77
N SER A 32 0.22 2.86 -5.10
CA SER A 32 0.62 2.71 -6.50
C SER A 32 0.32 1.30 -7.01
N ARG A 33 -0.41 1.21 -8.11
CA ARG A 33 -0.78 -0.08 -8.68
C ARG A 33 0.19 -0.46 -9.80
N GLU A 34 0.49 -1.75 -9.91
CA GLU A 34 1.39 -2.23 -10.95
C GLU A 34 2.82 -1.79 -10.66
N ASP A 35 3.67 -2.75 -10.32
CA ASP A 35 5.07 -2.45 -10.01
C ASP A 35 5.76 -1.81 -11.21
N ASN A 36 6.97 -1.32 -11.00
CA ASN A 36 7.72 -0.67 -12.07
C ASN A 36 9.21 -0.97 -11.93
N LEU A 37 9.54 -1.96 -11.10
CA LEU A 37 10.93 -2.33 -10.88
C LEU A 37 11.48 -3.11 -12.07
N ILE A 38 10.73 -4.12 -12.51
CA ILE A 38 11.15 -4.93 -13.65
C ILE A 38 9.96 -5.26 -14.54
N PRO A 39 9.54 -4.32 -15.35
CA PRO A 39 8.38 -4.50 -16.26
C PRO A 39 8.78 -5.23 -17.55
N GLU A 40 9.92 -5.91 -17.51
CA GLU A 40 10.39 -6.65 -18.67
C GLU A 40 10.25 -8.15 -18.45
N GLN A 41 10.53 -8.59 -17.23
CA GLN A 41 10.43 -10.00 -16.89
C GLN A 41 9.01 -10.35 -16.45
N ILE A 42 8.89 -10.87 -15.23
CA ILE A 42 7.58 -11.25 -14.70
C ILE A 42 6.70 -10.01 -14.54
N ASN A 43 5.40 -10.21 -14.66
CA ASN A 43 4.45 -9.11 -14.52
C ASN A 43 3.39 -9.44 -13.48
N GLY A 44 2.63 -8.42 -13.07
CA GLY A 44 1.58 -8.63 -12.08
C GLY A 44 1.16 -7.31 -11.45
N SER A 45 -0.06 -7.27 -10.92
CA SER A 45 -0.59 -6.06 -10.30
C SER A 45 -0.59 -6.21 -8.78
N ILE A 46 0.19 -5.37 -8.10
CA ILE A 46 0.27 -5.41 -6.65
C ILE A 46 0.26 -3.99 -6.08
N VAL A 47 -0.60 -3.77 -5.09
CA VAL A 47 -0.69 -2.46 -4.46
C VAL A 47 0.46 -2.24 -3.48
N ARG A 48 1.15 -1.13 -3.64
CA ARG A 48 2.28 -0.82 -2.76
C ARG A 48 2.27 0.66 -2.38
N VAL A 49 2.27 0.95 -1.08
CA VAL A 49 2.25 2.32 -0.61
C VAL A 49 3.34 3.13 -1.30
N LYS A 50 3.01 4.37 -1.66
CA LYS A 50 3.98 5.24 -2.32
C LYS A 50 4.33 6.44 -1.44
N LYS A 51 3.31 7.05 -0.86
CA LYS A 51 3.53 8.20 0.02
C LYS A 51 2.82 8.00 1.36
N LEU A 52 3.37 8.61 2.40
CA LEU A 52 2.79 8.49 3.73
C LEU A 52 3.35 9.56 4.66
N PHE A 53 2.52 10.53 5.03
CA PHE A 53 2.95 11.61 5.91
C PHE A 53 2.58 11.29 7.36
N PRO A 54 3.27 11.89 8.29
CA PRO A 54 3.01 11.66 9.75
C PRO A 54 1.69 12.30 10.20
N GLY A 55 0.85 11.49 10.86
CA GLY A 55 -0.43 11.99 11.34
C GLY A 55 -1.57 11.47 10.47
N GLN A 56 -1.24 10.85 9.35
CA GLN A 56 -2.26 10.32 8.45
C GLN A 56 -2.91 9.07 9.05
N PRO A 57 -4.14 8.80 8.69
CA PRO A 57 -4.86 7.60 9.20
C PRO A 57 -3.94 6.40 9.26
N ALA A 58 -3.22 6.18 8.16
CA ALA A 58 -2.29 5.06 8.08
C ALA A 58 -1.10 5.32 9.00
N ALA A 59 -0.85 6.61 9.28
CA ALA A 59 0.26 6.98 10.16
C ALA A 59 -0.04 6.54 11.59
N GLU A 60 -1.24 6.84 12.06
CA GLU A 60 -1.65 6.49 13.40
C GLU A 60 -1.79 4.97 13.54
N SER A 61 -2.12 4.31 12.43
CA SER A 61 -2.29 2.86 12.43
C SER A 61 -1.31 2.21 13.40
N GLY A 62 -0.17 2.85 13.59
CA GLY A 62 0.85 2.31 14.49
C GLY A 62 2.22 2.32 13.84
N LYS A 63 2.33 1.66 12.69
CA LYS A 63 3.60 1.60 11.97
C LYS A 63 3.38 1.10 10.54
N ILE A 64 3.89 1.86 9.58
CA ILE A 64 3.76 1.48 8.18
C ILE A 64 5.01 1.88 7.40
N ASP A 65 5.26 1.19 6.29
CA ASP A 65 6.43 1.47 5.47
C ASP A 65 6.01 1.89 4.06
N VAL A 66 6.83 2.71 3.42
CA VAL A 66 6.53 3.17 2.07
C VAL A 66 7.03 2.18 1.03
N GLY A 67 6.15 1.26 0.64
CA GLY A 67 6.51 0.25 -0.35
C GLY A 67 6.09 -1.14 0.10
N ASP A 68 5.49 -1.22 1.28
CA ASP A 68 5.04 -2.50 1.83
C ASP A 68 4.20 -3.26 0.79
N VAL A 69 3.60 -4.35 1.21
CA VAL A 69 2.78 -5.16 0.30
C VAL A 69 1.40 -5.42 0.90
N ILE A 70 0.36 -5.09 0.14
CA ILE A 70 -1.01 -5.31 0.60
C ILE A 70 -1.63 -6.47 -0.18
N LEU A 71 -1.89 -7.57 0.51
CA LEU A 71 -2.47 -8.74 -0.14
C LEU A 71 -3.96 -8.53 -0.41
N LYS A 72 -4.74 -8.32 0.64
CA LYS A 72 -6.17 -8.11 0.48
C LYS A 72 -6.58 -6.73 0.98
N VAL A 73 -7.51 -6.09 0.28
CA VAL A 73 -7.97 -4.77 0.69
C VAL A 73 -9.46 -4.78 0.99
N ASN A 74 -9.80 -4.89 2.27
CA ASN A 74 -11.21 -4.91 2.67
C ASN A 74 -11.96 -6.03 1.97
N GLY A 75 -11.21 -6.96 1.37
CA GLY A 75 -11.83 -8.08 0.67
C GLY A 75 -11.79 -7.86 -0.84
N ALA A 76 -10.81 -7.09 -1.30
CA ALA A 76 -10.66 -6.80 -2.71
C ALA A 76 -9.44 -7.53 -3.29
N PRO A 77 -9.65 -8.63 -3.96
CA PRO A 77 -8.54 -9.43 -4.55
C PRO A 77 -7.59 -8.57 -5.38
N LEU A 78 -6.44 -9.12 -5.73
CA LEU A 78 -5.45 -8.39 -6.51
C LEU A 78 -5.67 -8.63 -8.00
N LYS A 79 -6.84 -9.16 -8.34
CA LYS A 79 -7.17 -9.43 -9.74
C LYS A 79 -8.66 -9.21 -10.00
N GLY A 80 -8.98 -8.73 -11.19
CA GLY A 80 -10.37 -8.49 -11.56
C GLY A 80 -10.84 -7.14 -11.03
N LEU A 81 -10.02 -6.52 -10.19
CA LEU A 81 -10.36 -5.22 -9.62
C LEU A 81 -10.18 -4.11 -10.66
N SER A 82 -10.87 -2.99 -10.45
CA SER A 82 -10.78 -1.86 -11.37
C SER A 82 -9.93 -0.75 -10.78
N GLN A 83 -9.23 -0.02 -11.65
CA GLN A 83 -8.37 1.07 -11.19
C GLN A 83 -9.16 2.05 -10.33
N GLN A 84 -10.49 2.01 -10.45
CA GLN A 84 -11.35 2.90 -9.68
C GLN A 84 -11.94 2.16 -8.48
N ASP A 85 -12.33 0.92 -8.70
CA ASP A 85 -12.91 0.12 -7.63
C ASP A 85 -12.15 0.32 -6.32
N VAL A 86 -10.82 0.23 -6.40
CA VAL A 86 -9.98 0.40 -5.22
C VAL A 86 -10.47 1.57 -4.38
N ILE A 87 -10.84 2.66 -5.03
CA ILE A 87 -11.32 3.84 -4.32
C ILE A 87 -12.72 3.59 -3.75
N SER A 88 -13.56 2.95 -4.55
CA SER A 88 -14.94 2.66 -4.12
C SER A 88 -14.92 1.64 -2.97
N ALA A 89 -13.86 0.85 -2.91
CA ALA A 89 -13.73 -0.16 -1.87
C ALA A 89 -13.33 0.48 -0.55
N LEU A 90 -12.57 1.57 -0.63
CA LEU A 90 -12.11 2.28 0.55
C LEU A 90 -13.24 3.08 1.17
N ARG A 91 -14.22 3.46 0.34
CA ARG A 91 -15.36 4.23 0.82
C ARG A 91 -16.66 3.59 0.37
N GLY A 92 -16.61 2.31 0.04
CA GLY A 92 -17.80 1.59 -0.40
C GLY A 92 -18.75 1.33 0.77
N THR A 93 -18.78 2.27 1.71
CA THR A 93 -19.65 2.14 2.87
C THR A 93 -19.41 0.80 3.56
N ALA A 94 -18.68 0.84 4.67
CA ALA A 94 -18.38 -0.38 5.42
C ALA A 94 -18.16 -0.07 6.89
N PRO A 95 -18.25 -1.05 7.73
CA PRO A 95 -18.04 -0.88 9.21
C PRO A 95 -16.59 -0.53 9.55
N GLU A 96 -15.67 -1.31 9.00
CA GLU A 96 -14.24 -1.08 9.24
C GLU A 96 -13.43 -1.43 8.00
N VAL A 97 -12.13 -1.14 8.05
CA VAL A 97 -11.25 -1.43 6.92
C VAL A 97 -10.20 -2.47 7.31
N SER A 98 -10.42 -3.71 6.89
CA SER A 98 -9.47 -4.78 7.19
C SER A 98 -8.70 -5.17 5.93
N LEU A 99 -7.38 -5.10 6.01
CA LEU A 99 -6.54 -5.45 4.86
C LEU A 99 -5.29 -6.18 5.32
N LEU A 100 -4.81 -7.09 4.49
CA LEU A 100 -3.61 -7.85 4.82
C LEU A 100 -2.35 -7.10 4.40
N LEU A 101 -1.32 -7.16 5.25
CA LEU A 101 -0.08 -6.48 4.94
C LEU A 101 1.12 -7.39 5.22
N CYS A 102 2.17 -7.23 4.42
CA CYS A 102 3.37 -8.05 4.60
C CYS A 102 4.62 -7.17 4.60
N ARG A 103 5.67 -7.65 5.25
CA ARG A 103 6.92 -6.90 5.32
C ARG A 103 8.10 -7.79 4.95
N PRO A 104 8.29 -8.02 3.67
CA PRO A 104 9.42 -8.86 3.17
C PRO A 104 10.76 -8.44 3.76
N ALA A 105 11.83 -9.00 3.22
CA ALA A 105 13.18 -8.68 3.69
C ALA A 105 13.90 -7.81 2.67
N PRO A 106 14.91 -7.10 3.09
CA PRO A 106 15.71 -6.22 2.20
C PRO A 106 16.59 -7.01 1.24
N GLY A 107 16.83 -6.45 0.06
CA GLY A 107 17.65 -7.12 -0.95
C GLY A 107 16.79 -7.93 -1.91
N VAL A 108 15.54 -8.15 -1.54
CA VAL A 108 14.63 -8.92 -2.38
C VAL A 108 13.72 -7.99 -3.17
N LEU A 109 12.90 -7.22 -2.46
CA LEU A 109 11.99 -6.28 -3.11
C LEU A 109 12.20 -4.88 -2.56
N PRO A 110 13.20 -4.19 -3.06
CA PRO A 110 13.53 -2.80 -2.61
C PRO A 110 12.29 -1.90 -2.56
N GLU A 111 12.05 -1.30 -1.40
CA GLU A 111 10.90 -0.43 -1.23
C GLU A 111 11.06 0.82 -2.10
N ILE A 112 9.93 1.34 -2.59
CA ILE A 112 9.95 2.53 -3.43
C ILE A 112 10.54 3.71 -2.67
N ASP A 113 11.19 4.60 -3.40
CA ASP A 113 11.80 5.78 -2.78
C ASP A 113 12.10 6.84 -3.83
N THR A 114 11.27 7.89 -3.84
CA THR A 114 11.45 8.97 -4.80
C THR A 114 12.02 10.21 -4.10
N PRO A 115 12.51 11.15 -4.86
CA PRO A 115 13.10 12.40 -4.31
C PRO A 115 12.04 13.33 -3.72
N GLY A 116 12.49 14.30 -2.93
CA GLY A 116 11.57 15.25 -2.30
C GLY A 116 12.15 16.66 -2.31
N ASN A 117 11.31 17.64 -2.02
CA ASN A 117 11.75 19.04 -2.00
C ASN A 117 12.88 19.23 -1.00
N SER A 118 13.65 20.29 -1.18
CA SER A 118 14.76 20.58 -0.28
C SER A 118 15.42 21.92 -0.64
N SER A 119 14.82 22.62 -1.60
CA SER A 119 15.35 23.91 -2.04
C SER A 119 15.05 24.98 -0.99
N MET B 1 -0.22 17.51 -27.02
CA MET B 1 -0.49 16.57 -28.15
C MET B 1 -0.32 15.13 -27.67
N PHE B 2 0.63 14.93 -26.76
CA PHE B 2 0.88 13.59 -26.22
C PHE B 2 0.74 13.59 -24.71
N ARG B 3 -0.37 14.12 -24.22
CA ARG B 3 -0.63 14.17 -22.78
C ARG B 3 -1.70 13.16 -22.39
N ASP B 4 -1.35 11.88 -22.47
CA ASP B 4 -2.28 10.82 -22.13
C ASP B 4 -2.01 10.32 -20.71
N PHE B 5 -3.02 10.42 -19.85
CA PHE B 5 -2.89 9.97 -18.47
C PHE B 5 -3.13 8.47 -18.37
N ASP B 6 -2.09 7.73 -17.98
CA ASP B 6 -2.21 6.28 -17.86
C ASP B 6 -1.76 5.82 -16.47
N TYR B 7 -1.72 6.76 -15.52
CA TYR B 7 -1.31 6.45 -14.17
C TYR B 7 -2.36 6.91 -13.16
N ILE B 8 -2.77 6.01 -12.28
CA ILE B 8 -3.77 6.34 -11.27
C ILE B 8 -3.54 7.74 -10.72
N ALA B 9 -4.62 8.48 -10.51
CA ALA B 9 -4.52 9.83 -9.98
C ALA B 9 -5.50 10.03 -8.82
N ASP B 10 -5.78 8.95 -8.09
CA ASP B 10 -6.70 9.02 -6.96
C ASP B 10 -6.02 8.52 -5.70
N TRP B 11 -6.49 9.01 -4.55
CA TRP B 11 -5.92 8.60 -3.27
C TRP B 11 -6.89 8.91 -2.13
N CYS B 12 -6.52 8.51 -0.92
CA CYS B 12 -7.36 8.76 0.24
C CYS B 12 -6.66 9.68 1.23
N THR A 1 24.43 -4.99 16.41
CA THR A 1 23.26 -5.14 15.49
C THR A 1 22.82 -6.60 15.47
N PRO A 2 22.32 -7.09 16.56
CA PRO A 2 21.85 -8.50 16.68
C PRO A 2 20.46 -8.70 16.07
N HIS A 3 20.09 -7.82 15.15
CA HIS A 3 18.80 -7.90 14.50
C HIS A 3 17.67 -7.81 15.53
N VAL A 4 17.63 -6.69 16.24
CA VAL A 4 16.60 -6.47 17.25
C VAL A 4 15.61 -5.42 16.78
N LYS A 5 14.35 -5.61 17.14
CA LYS A 5 13.30 -4.66 16.74
C LYS A 5 12.70 -3.98 17.97
N ASP A 6 11.64 -3.21 17.74
CA ASP A 6 10.97 -2.51 18.83
C ASP A 6 10.17 -3.48 19.69
N TYR A 7 9.33 -4.27 19.04
CA TYR A 7 8.50 -5.24 19.76
C TYR A 7 8.77 -6.66 19.24
N SER A 8 8.02 -7.62 19.76
CA SER A 8 8.17 -9.01 19.34
C SER A 8 6.87 -9.56 18.77
N PHE A 9 6.12 -8.69 18.09
CA PHE A 9 4.86 -9.10 17.50
C PHE A 9 4.88 -8.94 15.99
N VAL A 10 5.66 -7.97 15.52
CA VAL A 10 5.77 -7.72 14.09
C VAL A 10 7.10 -8.23 13.56
N THR A 11 7.04 -8.98 12.46
CA THR A 11 8.26 -9.53 11.86
C THR A 11 8.30 -9.24 10.37
N GLU A 12 9.27 -9.84 9.68
CA GLU A 12 9.42 -9.63 8.24
C GLU A 12 9.21 -10.94 7.49
N ASP A 13 9.06 -12.03 8.23
CA ASP A 13 8.85 -13.33 7.62
C ASP A 13 7.43 -13.82 7.87
N ASN A 14 6.55 -12.90 8.28
CA ASN A 14 5.16 -13.26 8.55
C ASN A 14 4.22 -12.17 8.03
N THR A 15 2.93 -12.43 8.08
CA THR A 15 1.93 -11.48 7.62
C THR A 15 1.14 -10.93 8.81
N PHE A 16 0.78 -9.65 8.73
CA PHE A 16 0.03 -9.01 9.80
C PHE A 16 -1.08 -8.14 9.23
N GLU A 17 -2.31 -8.44 9.61
CA GLU A 17 -3.46 -7.69 9.13
C GLU A 17 -3.54 -6.31 9.77
N VAL A 18 -4.00 -5.33 9.00
CA VAL A 18 -4.14 -3.97 9.48
C VAL A 18 -5.58 -3.49 9.32
N LYS A 19 -6.19 -3.11 10.44
CA LYS A 19 -7.58 -2.64 10.42
C LYS A 19 -7.63 -1.14 10.73
N LEU A 20 -8.07 -0.36 9.77
CA LEU A 20 -8.18 1.08 9.95
C LEU A 20 -9.62 1.55 9.80
N PHE A 21 -9.93 2.71 10.36
CA PHE A 21 -11.28 3.26 10.28
C PHE A 21 -11.50 3.93 8.93
N LYS A 22 -12.77 4.10 8.56
CA LYS A 22 -13.10 4.73 7.29
C LYS A 22 -12.39 6.07 7.14
N ASN A 23 -12.27 6.54 5.91
CA ASN A 23 -11.60 7.82 5.66
C ASN A 23 -12.64 8.93 5.50
N SER A 24 -12.54 9.93 6.37
CA SER A 24 -13.48 11.05 6.33
C SER A 24 -13.03 12.09 5.30
N SER A 25 -11.71 12.16 5.08
CA SER A 25 -11.17 13.10 4.12
C SER A 25 -10.10 12.43 3.25
N GLY A 26 -9.69 13.12 2.20
CA GLY A 26 -8.68 12.58 1.30
C GLY A 26 -7.33 13.27 1.49
N LEU A 27 -6.66 13.59 0.39
CA LEU A 27 -5.37 14.26 0.46
C LEU A 27 -4.46 13.57 1.47
N GLY A 28 -4.67 12.27 1.65
CA GLY A 28 -3.87 11.51 2.60
C GLY A 28 -2.70 10.84 1.90
N PHE A 29 -2.48 9.56 2.21
CA PHE A 29 -1.37 8.82 1.61
C PHE A 29 -1.74 8.38 0.19
N SER A 30 -0.79 7.73 -0.48
CA SER A 30 -1.02 7.27 -1.84
C SER A 30 -0.26 5.96 -2.09
N PHE A 31 -0.91 5.03 -2.77
CA PHE A 31 -0.28 3.75 -3.07
C PHE A 31 -0.11 3.58 -4.59
N SER A 32 1.09 3.24 -5.00
CA SER A 32 1.38 3.06 -6.42
C SER A 32 0.94 1.68 -6.88
N ARG A 33 0.25 1.62 -8.01
CA ARG A 33 -0.23 0.36 -8.55
C ARG A 33 0.64 -0.10 -9.72
N GLU A 34 0.77 0.76 -10.72
CA GLU A 34 1.59 0.45 -11.88
C GLU A 34 3.03 0.88 -11.67
N ASP A 35 3.60 0.48 -10.54
CA ASP A 35 4.98 0.83 -10.22
C ASP A 35 5.88 0.58 -11.42
N ASN A 36 7.09 1.14 -11.37
CA ASN A 36 8.04 0.98 -12.46
C ASN A 36 8.71 -0.40 -12.38
N LEU A 37 8.03 -1.35 -11.74
CA LEU A 37 8.56 -2.70 -11.61
C LEU A 37 8.05 -3.59 -12.73
N ILE A 38 6.85 -3.28 -13.23
CA ILE A 38 6.25 -4.06 -14.30
C ILE A 38 5.86 -3.16 -15.48
N PRO A 39 6.79 -2.85 -16.34
CA PRO A 39 6.54 -1.98 -17.52
C PRO A 39 5.92 -2.75 -18.68
N GLU A 40 5.90 -4.08 -18.57
CA GLU A 40 5.33 -4.91 -19.61
C GLU A 40 3.83 -5.08 -19.41
N GLN A 41 3.34 -4.55 -18.30
CA GLN A 41 1.91 -4.65 -18.00
C GLN A 41 1.43 -6.09 -18.10
N ILE A 42 1.49 -6.81 -17.00
CA ILE A 42 1.05 -8.21 -16.98
C ILE A 42 0.01 -8.43 -15.89
N ASN A 43 -1.13 -9.01 -16.27
CA ASN A 43 -2.20 -9.27 -15.32
C ASN A 43 -1.62 -9.71 -13.98
N GLY A 44 -1.61 -8.80 -13.01
CA GLY A 44 -1.07 -9.10 -11.69
C GLY A 44 -0.25 -7.93 -11.15
N SER A 45 -0.81 -6.73 -11.25
CA SER A 45 -0.12 -5.54 -10.75
C SER A 45 0.04 -5.59 -9.25
N ILE A 46 1.18 -5.11 -8.76
CA ILE A 46 1.43 -5.11 -7.32
C ILE A 46 1.21 -3.72 -6.73
N VAL A 47 0.34 -3.64 -5.73
CA VAL A 47 0.04 -2.36 -5.09
C VAL A 47 0.81 -2.22 -3.79
N ARG A 48 1.52 -1.11 -3.65
CA ARG A 48 2.31 -0.87 -2.44
C ARG A 48 2.35 0.62 -2.12
N VAL A 49 2.58 0.96 -0.86
CA VAL A 49 2.65 2.35 -0.44
C VAL A 49 3.80 3.06 -1.15
N LYS A 50 3.58 4.34 -1.48
CA LYS A 50 4.60 5.12 -2.16
C LYS A 50 5.08 6.26 -1.25
N LYS A 51 4.13 6.94 -0.61
CA LYS A 51 4.47 8.05 0.28
C LYS A 51 3.56 8.04 1.50
N LEU A 52 3.81 8.97 2.42
CA LEU A 52 3.02 9.06 3.64
C LEU A 52 3.23 10.42 4.31
N PHE A 53 2.13 11.03 4.77
CA PHE A 53 2.22 12.32 5.43
C PHE A 53 2.21 12.15 6.95
N PRO A 54 2.73 13.10 7.67
CA PRO A 54 2.78 13.05 9.16
C PRO A 54 1.40 13.19 9.79
N GLY A 55 1.14 12.41 10.83
CA GLY A 55 -0.14 12.45 11.51
C GLY A 55 -1.27 12.00 10.59
N GLN A 56 -1.01 10.94 9.82
CA GLN A 56 -2.01 10.42 8.89
C GLN A 56 -2.71 9.21 9.49
N PRO A 57 -3.97 8.99 9.15
CA PRO A 57 -4.73 7.84 9.67
C PRO A 57 -3.86 6.58 9.67
N ALA A 58 -3.11 6.41 8.59
CA ALA A 58 -2.22 5.27 8.47
C ALA A 58 -1.06 5.43 9.44
N ALA A 59 -0.69 6.67 9.72
CA ALA A 59 0.40 6.94 10.64
C ALA A 59 0.00 6.53 12.05
N GLU A 60 -1.28 6.73 12.38
CA GLU A 60 -1.80 6.39 13.67
C GLU A 60 -1.91 4.87 13.82
N SER A 61 -2.22 4.20 12.72
CA SER A 61 -2.34 2.74 12.72
C SER A 61 -1.35 2.12 13.69
N GLY A 62 -0.20 2.78 13.85
CA GLY A 62 0.83 2.28 14.75
C GLY A 62 2.20 2.35 14.10
N LYS A 63 2.33 1.75 12.91
CA LYS A 63 3.60 1.76 12.20
C LYS A 63 3.41 1.36 10.75
N ILE A 64 3.92 2.19 9.84
CA ILE A 64 3.81 1.91 8.41
C ILE A 64 5.18 2.02 7.74
N ASP A 65 5.28 1.52 6.51
CA ASP A 65 6.55 1.58 5.79
C ASP A 65 6.30 1.75 4.29
N VAL A 66 7.08 2.62 3.66
CA VAL A 66 6.94 2.86 2.23
C VAL A 66 7.39 1.64 1.44
N GLY A 67 6.44 0.79 1.08
CA GLY A 67 6.75 -0.42 0.32
C GLY A 67 5.82 -1.56 0.72
N ASP A 68 5.08 -1.36 1.80
CA ASP A 68 4.16 -2.37 2.30
C ASP A 68 3.47 -3.08 1.12
N VAL A 69 2.87 -4.23 1.41
CA VAL A 69 2.19 -4.99 0.38
C VAL A 69 0.78 -5.39 0.85
N ILE A 70 -0.22 -4.80 0.22
CA ILE A 70 -1.61 -5.10 0.58
C ILE A 70 -2.09 -6.34 -0.16
N LEU A 71 -2.36 -7.41 0.59
CA LEU A 71 -2.83 -8.65 -0.02
C LEU A 71 -4.33 -8.59 -0.28
N LYS A 72 -5.10 -8.41 0.78
CA LYS A 72 -6.55 -8.33 0.64
C LYS A 72 -7.07 -6.98 1.12
N VAL A 73 -8.20 -6.54 0.55
CA VAL A 73 -8.79 -5.27 0.93
C VAL A 73 -10.27 -5.42 1.24
N ASN A 74 -10.61 -5.36 2.53
CA ASN A 74 -12.00 -5.49 2.95
C ASN A 74 -12.59 -6.79 2.41
N GLY A 75 -11.73 -7.72 2.00
CA GLY A 75 -12.19 -9.00 1.47
C GLY A 75 -12.24 -8.96 -0.05
N ALA A 76 -11.38 -8.15 -0.64
CA ALA A 76 -11.33 -8.03 -2.10
C ALA A 76 -9.97 -8.48 -2.62
N PRO A 77 -9.82 -9.76 -2.86
CA PRO A 77 -8.54 -10.33 -3.39
C PRO A 77 -8.06 -9.63 -4.65
N LEU A 78 -6.76 -9.39 -4.73
CA LEU A 78 -6.18 -8.72 -5.89
C LEU A 78 -6.05 -9.69 -7.06
N LYS A 79 -7.18 -10.26 -7.47
CA LYS A 79 -7.19 -11.21 -8.57
C LYS A 79 -7.99 -10.65 -9.74
N GLY A 80 -7.47 -9.59 -10.36
CA GLY A 80 -8.15 -8.97 -11.49
C GLY A 80 -9.06 -7.84 -11.02
N LEU A 81 -8.45 -6.77 -10.52
CA LEU A 81 -9.22 -5.62 -10.03
C LEU A 81 -8.92 -4.39 -10.88
N SER A 82 -9.70 -3.33 -10.65
CA SER A 82 -9.51 -2.09 -11.40
C SER A 82 -8.54 -1.17 -10.66
N GLN A 83 -8.30 0.01 -11.25
CA GLN A 83 -7.39 0.97 -10.64
C GLN A 83 -8.15 1.95 -9.77
N GLN A 84 -9.48 1.94 -9.89
CA GLN A 84 -10.32 2.84 -9.10
C GLN A 84 -10.95 2.09 -7.94
N ASP A 85 -11.38 0.86 -8.19
CA ASP A 85 -12.01 0.05 -7.15
C ASP A 85 -11.25 0.18 -5.82
N VAL A 86 -9.92 0.11 -5.90
CA VAL A 86 -9.09 0.22 -4.71
C VAL A 86 -9.58 1.37 -3.82
N ILE A 87 -9.90 2.50 -4.45
CA ILE A 87 -10.37 3.66 -3.70
C ILE A 87 -11.77 3.40 -3.16
N SER A 88 -12.68 3.02 -4.04
CA SER A 88 -14.06 2.74 -3.63
C SER A 88 -14.08 1.69 -2.52
N ALA A 89 -13.04 0.87 -2.48
CA ALA A 89 -12.95 -0.17 -1.47
C ALA A 89 -12.62 0.43 -0.11
N LEU A 90 -11.62 1.32 -0.09
CA LEU A 90 -11.23 1.97 1.16
C LEU A 90 -12.42 2.68 1.79
N ARG A 91 -13.41 3.01 0.96
CA ARG A 91 -14.61 3.69 1.44
C ARG A 91 -15.85 2.85 1.15
N GLY A 92 -15.64 1.59 0.77
CA GLY A 92 -16.74 0.70 0.47
C GLY A 92 -17.79 0.72 1.58
N THR A 93 -18.95 0.14 1.30
CA THR A 93 -20.03 0.11 2.28
C THR A 93 -19.74 -0.94 3.35
N ALA A 94 -18.87 -0.59 4.29
CA ALA A 94 -18.51 -1.50 5.36
C ALA A 94 -18.29 -0.75 6.68
N PRO A 95 -18.31 -1.44 7.77
CA PRO A 95 -18.11 -0.83 9.12
C PRO A 95 -16.69 -0.30 9.31
N GLU A 96 -15.70 -1.13 8.95
CA GLU A 96 -14.31 -0.73 9.09
C GLU A 96 -13.50 -1.23 7.89
N VAL A 97 -12.29 -0.71 7.75
CA VAL A 97 -11.42 -1.10 6.65
C VAL A 97 -10.45 -2.19 7.10
N SER A 98 -10.69 -3.42 6.67
CA SER A 98 -9.83 -4.53 7.03
C SER A 98 -9.04 -5.01 5.81
N LEU A 99 -7.72 -4.99 5.92
CA LEU A 99 -6.87 -5.42 4.81
C LEU A 99 -5.66 -6.18 5.35
N LEU A 100 -5.13 -7.09 4.53
CA LEU A 100 -3.98 -7.88 4.95
C LEU A 100 -2.68 -7.17 4.59
N LEU A 101 -1.66 -7.34 5.44
CA LEU A 101 -0.37 -6.71 5.20
C LEU A 101 0.74 -7.75 5.26
N CYS A 102 1.57 -7.77 4.22
CA CYS A 102 2.68 -8.72 4.17
C CYS A 102 4.00 -7.99 3.98
N ARG A 103 4.98 -8.30 4.83
CA ARG A 103 6.29 -7.66 4.75
C ARG A 103 7.38 -8.71 4.59
N PRO A 104 7.60 -9.17 3.38
CA PRO A 104 8.66 -10.18 3.10
C PRO A 104 10.00 -9.78 3.67
N ALA A 105 11.01 -10.62 3.47
CA ALA A 105 12.35 -10.33 3.97
C ALA A 105 12.88 -9.03 3.36
N PRO A 106 13.81 -8.39 4.03
CA PRO A 106 14.41 -7.12 3.53
C PRO A 106 15.31 -7.34 2.33
N GLY A 107 15.14 -6.50 1.30
CA GLY A 107 15.95 -6.62 0.09
C GLY A 107 15.29 -7.56 -0.91
N VAL A 108 14.01 -7.82 -0.72
CA VAL A 108 13.28 -8.71 -1.62
C VAL A 108 12.89 -7.97 -2.90
N LEU A 109 12.33 -6.77 -2.73
CA LEU A 109 11.92 -5.97 -3.87
C LEU A 109 12.72 -4.67 -3.93
N PRO A 110 12.92 -4.11 -5.09
CA PRO A 110 13.68 -2.85 -5.27
C PRO A 110 13.39 -1.86 -4.14
N GLU A 111 14.22 -0.82 -4.04
CA GLU A 111 14.04 0.19 -3.01
C GLU A 111 13.32 1.41 -3.56
N ILE A 112 12.20 1.76 -2.93
CA ILE A 112 11.42 2.90 -3.38
C ILE A 112 11.93 4.19 -2.72
N ASP A 113 11.76 5.31 -3.42
CA ASP A 113 12.22 6.59 -2.89
C ASP A 113 11.58 7.75 -3.63
N THR A 114 10.96 8.65 -2.88
CA THR A 114 10.30 9.81 -3.48
C THR A 114 11.15 11.05 -3.29
N PRO A 115 10.89 12.08 -4.05
CA PRO A 115 11.65 13.36 -3.97
C PRO A 115 11.96 13.76 -2.53
N GLY A 116 13.19 14.20 -2.29
CA GLY A 116 13.60 14.61 -0.95
C GLY A 116 14.95 14.00 -0.59
N ASN A 117 15.97 14.30 -1.38
CA ASN A 117 17.31 13.77 -1.14
C ASN A 117 17.74 14.08 0.29
N SER A 118 17.27 15.21 0.82
CA SER A 118 17.63 15.61 2.17
C SER A 118 16.73 16.75 2.65
N SER A 119 17.01 17.96 2.19
CA SER A 119 16.22 19.12 2.58
C SER A 119 14.76 18.92 2.17
N MET B 1 -11.19 11.46 -26.89
CA MET B 1 -11.00 9.98 -26.92
C MET B 1 -9.61 9.67 -27.46
N PHE B 2 -8.71 9.30 -26.56
CA PHE B 2 -7.34 8.96 -26.95
C PHE B 2 -7.06 7.47 -26.72
N ARG B 3 -5.84 7.05 -27.04
CA ARG B 3 -5.46 5.66 -26.85
C ARG B 3 -4.82 5.45 -25.48
N ASP B 4 -5.27 6.25 -24.50
CA ASP B 4 -4.73 6.14 -23.15
C ASP B 4 -5.79 5.60 -22.19
N PHE B 5 -5.64 4.33 -21.80
CA PHE B 5 -6.60 3.71 -20.89
C PHE B 5 -5.94 3.43 -19.54
N ASP B 6 -4.61 3.30 -19.55
CA ASP B 6 -3.88 3.03 -18.32
C ASP B 6 -3.69 4.31 -17.52
N TYR B 7 -2.53 4.44 -16.88
CA TYR B 7 -2.24 5.62 -16.08
C TYR B 7 -3.19 5.72 -14.89
N ILE B 8 -2.72 6.30 -13.80
CA ILE B 8 -3.53 6.45 -12.60
C ILE B 8 -3.44 7.87 -12.07
N ALA B 9 -4.52 8.31 -11.40
CA ALA B 9 -4.54 9.66 -10.84
C ALA B 9 -5.48 9.72 -9.64
N ASP B 10 -5.41 8.70 -8.80
CA ASP B 10 -6.26 8.65 -7.61
C ASP B 10 -5.43 8.40 -6.36
N TRP B 11 -6.09 8.38 -5.21
CA TRP B 11 -5.40 8.14 -3.94
C TRP B 11 -6.37 8.25 -2.77
N CYS B 12 -5.82 8.32 -1.56
CA CYS B 12 -6.66 8.42 -0.37
C CYS B 12 -6.17 9.56 0.53
N THR A 1 20.82 -9.38 9.32
CA THR A 1 20.51 -8.46 10.44
C THR A 1 20.88 -7.03 10.03
N PRO A 2 20.23 -6.52 9.02
CA PRO A 2 20.48 -5.14 8.52
C PRO A 2 19.93 -4.08 9.45
N HIS A 3 18.90 -4.44 10.21
CA HIS A 3 18.28 -3.49 11.14
C HIS A 3 17.47 -4.25 12.20
N VAL A 4 17.79 -4.01 13.46
CA VAL A 4 17.08 -4.66 14.56
C VAL A 4 15.58 -4.54 14.37
N LYS A 5 14.82 -5.32 15.15
CA LYS A 5 13.37 -5.29 15.07
C LYS A 5 12.81 -4.05 15.75
N ASP A 6 11.51 -3.82 15.60
CA ASP A 6 10.88 -2.66 16.21
C ASP A 6 10.10 -3.08 17.46
N TYR A 7 9.15 -3.99 17.28
CA TYR A 7 8.35 -4.47 18.40
C TYR A 7 7.95 -5.93 18.20
N SER A 8 7.64 -6.60 19.30
CA SER A 8 7.24 -8.01 19.23
C SER A 8 6.05 -8.17 18.28
N PHE A 9 5.34 -7.09 18.02
CA PHE A 9 4.18 -7.15 17.13
C PHE A 9 4.60 -6.84 15.70
N VAL A 10 5.60 -5.97 15.54
CA VAL A 10 6.09 -5.61 14.22
C VAL A 10 7.33 -6.42 13.86
N THR A 11 7.19 -7.31 12.88
CA THR A 11 8.31 -8.14 12.44
C THR A 11 8.56 -7.97 10.95
N GLU A 12 9.61 -8.62 10.45
CA GLU A 12 9.94 -8.53 9.04
C GLU A 12 9.80 -9.89 8.36
N ASP A 13 9.47 -10.91 9.17
CA ASP A 13 9.30 -12.25 8.63
C ASP A 13 7.90 -12.78 8.93
N ASN A 14 6.97 -11.86 9.17
CA ASN A 14 5.60 -12.25 9.47
C ASN A 14 4.62 -11.28 8.81
N THR A 15 3.33 -11.62 8.87
CA THR A 15 2.30 -10.77 8.28
C THR A 15 1.51 -10.06 9.38
N PHE A 16 1.01 -8.87 9.07
CA PHE A 16 0.24 -8.11 10.04
C PHE A 16 -0.87 -7.33 9.36
N GLU A 17 -2.10 -7.64 9.71
CA GLU A 17 -3.25 -6.98 9.12
C GLU A 17 -3.56 -5.67 9.83
N VAL A 18 -4.09 -4.73 9.08
CA VAL A 18 -4.44 -3.42 9.65
C VAL A 18 -5.94 -3.17 9.53
N LYS A 19 -6.60 -3.06 10.68
CA LYS A 19 -8.04 -2.83 10.69
C LYS A 19 -8.37 -1.50 11.35
N LEU A 20 -8.88 -0.56 10.57
CA LEU A 20 -9.24 0.75 11.09
C LEU A 20 -10.63 1.17 10.58
N PHE A 21 -11.15 2.26 11.13
CA PHE A 21 -12.46 2.74 10.72
C PHE A 21 -12.35 3.63 9.49
N LYS A 22 -13.44 3.73 8.74
CA LYS A 22 -13.46 4.55 7.52
C LYS A 22 -12.70 5.85 7.76
N ASN A 23 -12.32 6.51 6.67
CA ASN A 23 -11.59 7.76 6.76
C ASN A 23 -12.32 8.87 6.00
N SER A 24 -11.86 10.10 6.18
CA SER A 24 -12.48 11.24 5.50
C SER A 24 -12.29 11.14 3.99
N SER A 25 -11.14 10.62 3.57
CA SER A 25 -10.84 10.48 2.15
C SER A 25 -10.47 11.83 1.54
N GLY A 26 -10.03 11.80 0.29
CA GLY A 26 -9.64 13.02 -0.40
C GLY A 26 -8.36 13.61 0.20
N LEU A 27 -7.30 13.65 -0.61
CA LEU A 27 -6.02 14.19 -0.15
C LEU A 27 -5.47 13.34 0.99
N GLY A 28 -4.51 12.48 0.68
CA GLY A 28 -3.89 11.62 1.68
C GLY A 28 -2.70 10.87 1.11
N PHE A 29 -2.71 9.55 1.25
CA PHE A 29 -1.62 8.73 0.74
C PHE A 29 -1.86 8.36 -0.72
N SER A 30 -0.88 7.71 -1.33
CA SER A 30 -1.00 7.30 -2.73
C SER A 30 -0.41 5.92 -2.95
N PHE A 31 -1.23 5.00 -3.46
CA PHE A 31 -0.78 3.64 -3.71
C PHE A 31 -0.58 3.41 -5.21
N SER A 32 0.62 2.97 -5.58
CA SER A 32 0.90 2.71 -6.98
C SER A 32 0.75 1.22 -7.30
N ARG A 33 -0.01 0.92 -8.35
CA ARG A 33 -0.24 -0.46 -8.74
C ARG A 33 0.83 -0.93 -9.72
N GLU A 34 1.28 -0.01 -10.57
CA GLU A 34 2.31 -0.34 -11.56
C GLU A 34 3.59 -0.77 -10.86
N ASP A 35 4.27 -1.75 -11.45
CA ASP A 35 5.52 -2.25 -10.88
C ASP A 35 6.72 -1.61 -11.55
N ASN A 36 7.86 -1.60 -10.85
CA ASN A 36 9.07 -1.02 -11.39
C ASN A 36 10.21 -2.04 -11.40
N LEU A 37 9.86 -3.30 -11.17
CA LEU A 37 10.85 -4.36 -11.15
C LEU A 37 10.98 -4.99 -12.54
N ILE A 38 9.87 -5.40 -13.10
CA ILE A 38 9.87 -6.01 -14.43
C ILE A 38 8.57 -5.71 -15.16
N PRO A 39 8.31 -4.45 -15.40
CA PRO A 39 7.08 -3.99 -16.11
C PRO A 39 7.11 -4.35 -17.60
N GLU A 40 7.75 -5.47 -17.92
CA GLU A 40 7.85 -5.91 -19.30
C GLU A 40 6.78 -6.97 -19.60
N GLN A 41 6.54 -7.85 -18.63
CA GLN A 41 5.54 -8.90 -18.80
C GLN A 41 4.32 -8.62 -17.93
N ILE A 42 3.43 -7.78 -18.43
CA ILE A 42 2.22 -7.44 -17.68
C ILE A 42 1.50 -8.69 -17.21
N ASN A 43 1.78 -9.10 -15.98
CA ASN A 43 1.16 -10.29 -15.42
C ASN A 43 1.41 -10.38 -13.92
N GLY A 44 0.38 -10.06 -13.13
CA GLY A 44 0.51 -10.10 -11.68
C GLY A 44 0.90 -8.73 -11.12
N SER A 45 -0.10 -7.86 -10.96
CA SER A 45 0.14 -6.53 -10.44
C SER A 45 0.21 -6.54 -8.91
N ILE A 46 1.22 -5.88 -8.36
CA ILE A 46 1.39 -5.83 -6.92
C ILE A 46 1.22 -4.39 -6.41
N VAL A 47 0.30 -4.21 -5.47
CA VAL A 47 0.05 -2.88 -4.91
C VAL A 47 1.11 -2.54 -3.86
N ARG A 48 1.70 -1.35 -4.01
CA ARG A 48 2.73 -0.91 -3.07
C ARG A 48 2.51 0.56 -2.71
N VAL A 49 2.75 0.89 -1.43
CA VAL A 49 2.57 2.25 -0.97
C VAL A 49 3.62 3.18 -1.59
N LYS A 50 3.17 4.04 -2.50
CA LYS A 50 4.08 4.96 -3.16
C LYS A 50 4.66 5.93 -2.15
N LYS A 51 3.79 6.65 -1.45
CA LYS A 51 4.23 7.61 -0.44
C LYS A 51 3.33 7.52 0.79
N LEU A 52 3.73 8.22 1.85
CA LEU A 52 2.95 8.22 3.08
C LEU A 52 3.49 9.25 4.07
N PHE A 53 2.60 9.81 4.87
CA PHE A 53 2.99 10.82 5.85
C PHE A 53 2.67 10.32 7.27
N PRO A 54 3.62 9.66 7.92
CA PRO A 54 3.42 9.12 9.30
C PRO A 54 2.73 10.13 10.20
N GLY A 55 2.12 9.63 11.28
CA GLY A 55 1.43 10.48 12.24
C GLY A 55 -0.08 10.42 12.02
N GLN A 56 -0.51 9.63 11.03
CA GLN A 56 -1.92 9.50 10.73
C GLN A 56 -2.56 8.41 11.59
N PRO A 57 -3.84 8.51 11.84
CA PRO A 57 -4.56 7.49 12.66
C PRO A 57 -4.14 6.08 12.26
N ALA A 58 -3.93 5.88 10.97
CA ALA A 58 -3.51 4.59 10.45
C ALA A 58 -2.02 4.42 10.66
N ALA A 59 -1.30 5.54 10.78
CA ALA A 59 0.14 5.49 10.98
C ALA A 59 0.47 4.95 12.37
N GLU A 60 -0.21 5.47 13.38
CA GLU A 60 0.01 5.06 14.75
C GLU A 60 -0.70 3.73 15.03
N SER A 61 -1.95 3.63 14.58
CA SER A 61 -2.73 2.41 14.80
C SER A 61 -2.37 1.35 13.77
N GLY A 62 -1.54 1.72 12.80
CA GLY A 62 -1.13 0.79 11.75
C GLY A 62 0.10 1.31 11.03
N LYS A 63 1.24 1.26 11.71
CA LYS A 63 2.48 1.75 11.12
C LYS A 63 2.76 1.07 9.79
N ILE A 64 3.00 1.88 8.76
CA ILE A 64 3.27 1.35 7.43
C ILE A 64 4.64 1.85 6.95
N ASP A 65 5.13 1.26 5.87
CA ASP A 65 6.42 1.65 5.32
C ASP A 65 6.34 1.79 3.80
N VAL A 66 6.98 2.84 3.28
CA VAL A 66 6.98 3.07 1.83
C VAL A 66 7.51 1.85 1.09
N GLY A 67 6.60 1.10 0.48
CA GLY A 67 7.00 -0.10 -0.26
C GLY A 67 6.35 -1.35 0.33
N ASP A 68 5.44 -1.14 1.27
CA ASP A 68 4.76 -2.26 1.90
C ASP A 68 3.99 -3.08 0.87
N VAL A 69 3.34 -4.15 1.32
CA VAL A 69 2.57 -5.00 0.41
C VAL A 69 1.20 -5.31 1.00
N ILE A 70 0.15 -4.75 0.38
CA ILE A 70 -1.20 -4.99 0.84
C ILE A 70 -1.81 -6.18 0.11
N LEU A 71 -2.07 -7.26 0.84
CA LEU A 71 -2.64 -8.46 0.24
C LEU A 71 -4.12 -8.28 -0.05
N LYS A 72 -4.90 -8.03 1.01
CA LYS A 72 -6.34 -7.83 0.85
C LYS A 72 -6.75 -6.45 1.32
N VAL A 73 -7.88 -5.97 0.82
CA VAL A 73 -8.38 -4.65 1.20
C VAL A 73 -9.90 -4.67 1.35
N ASN A 74 -10.36 -4.77 2.60
CA ASN A 74 -11.80 -4.79 2.86
C ASN A 74 -12.47 -5.91 2.09
N GLY A 75 -11.68 -6.87 1.62
CA GLY A 75 -12.22 -7.99 0.86
C GLY A 75 -12.06 -7.77 -0.63
N ALA A 76 -10.97 -7.11 -1.01
CA ALA A 76 -10.72 -6.83 -2.42
C ALA A 76 -9.43 -7.49 -2.87
N PRO A 77 -9.50 -8.73 -3.29
CA PRO A 77 -8.31 -9.50 -3.75
C PRO A 77 -7.59 -8.81 -4.91
N LEU A 78 -6.30 -9.08 -5.04
CA LEU A 78 -5.51 -8.47 -6.11
C LEU A 78 -5.75 -9.19 -7.44
N LYS A 79 -6.86 -9.91 -7.51
CA LYS A 79 -7.22 -10.64 -8.72
C LYS A 79 -7.48 -9.67 -9.88
N GLY A 80 -6.42 -8.98 -10.31
CA GLY A 80 -6.56 -8.03 -11.40
C GLY A 80 -7.62 -6.99 -11.09
N LEU A 81 -7.32 -6.11 -10.13
CA LEU A 81 -8.26 -5.06 -9.74
C LEU A 81 -8.24 -3.93 -10.76
N SER A 82 -9.29 -3.10 -10.73
CA SER A 82 -9.38 -1.98 -11.65
C SER A 82 -8.78 -0.73 -11.02
N GLN A 83 -8.69 0.35 -11.82
CA GLN A 83 -8.13 1.60 -11.33
C GLN A 83 -9.19 2.43 -10.62
N GLN A 84 -10.39 1.86 -10.51
CA GLN A 84 -11.50 2.56 -9.86
C GLN A 84 -12.10 1.71 -8.76
N ASP A 85 -11.80 0.41 -8.77
CA ASP A 85 -12.33 -0.50 -7.76
C ASP A 85 -11.64 -0.27 -6.42
N VAL A 86 -10.33 -0.09 -6.44
CA VAL A 86 -9.57 0.12 -5.21
C VAL A 86 -10.20 1.25 -4.40
N ILE A 87 -10.31 2.43 -5.01
CA ILE A 87 -10.89 3.58 -4.33
C ILE A 87 -12.25 3.23 -3.74
N SER A 88 -13.10 2.61 -4.56
CA SER A 88 -14.43 2.21 -4.11
C SER A 88 -14.34 1.39 -2.84
N ALA A 89 -13.30 0.57 -2.73
CA ALA A 89 -13.12 -0.27 -1.56
C ALA A 89 -12.88 0.58 -0.32
N LEU A 90 -12.35 1.78 -0.53
CA LEU A 90 -12.07 2.69 0.57
C LEU A 90 -13.29 3.54 0.89
N ARG A 91 -14.34 3.39 0.08
CA ARG A 91 -15.56 4.15 0.30
C ARG A 91 -16.69 3.24 0.76
N GLY A 92 -16.48 1.93 0.61
CA GLY A 92 -17.49 0.96 1.02
C GLY A 92 -18.19 1.41 2.29
N THR A 93 -19.44 0.97 2.46
CA THR A 93 -20.22 1.34 3.64
C THR A 93 -20.03 0.31 4.74
N ALA A 94 -18.98 -0.50 4.63
CA ALA A 94 -18.69 -1.51 5.62
C ALA A 94 -18.52 -0.89 7.00
N PRO A 95 -18.68 -1.67 8.04
CA PRO A 95 -18.53 -1.18 9.44
C PRO A 95 -17.08 -0.85 9.78
N GLU A 96 -16.14 -1.49 9.10
CA GLU A 96 -14.73 -1.25 9.34
C GLU A 96 -13.91 -1.65 8.12
N VAL A 97 -12.73 -1.02 7.98
CA VAL A 97 -11.86 -1.31 6.85
C VAL A 97 -10.76 -2.28 7.26
N SER A 98 -10.90 -3.54 6.86
CA SER A 98 -9.91 -4.56 7.18
C SER A 98 -9.07 -4.89 5.95
N LEU A 99 -7.74 -4.75 6.09
CA LEU A 99 -6.83 -5.04 4.99
C LEU A 99 -5.60 -5.76 5.51
N LEU A 100 -5.15 -6.77 4.77
CA LEU A 100 -3.97 -7.53 5.18
C LEU A 100 -2.70 -6.84 4.71
N LEU A 101 -1.65 -6.93 5.53
CA LEU A 101 -0.38 -6.31 5.20
C LEU A 101 0.78 -7.24 5.50
N CYS A 102 1.80 -7.21 4.65
CA CYS A 102 2.97 -8.07 4.83
C CYS A 102 4.26 -7.24 4.72
N ARG A 103 5.27 -7.67 5.46
CA ARG A 103 6.56 -6.97 5.45
C ARG A 103 7.69 -7.96 5.18
N PRO A 104 7.99 -8.23 3.93
CA PRO A 104 9.07 -9.17 3.55
C PRO A 104 10.45 -8.50 3.59
N ALA A 105 11.48 -9.30 3.88
CA ALA A 105 12.83 -8.78 3.95
C ALA A 105 13.28 -8.22 2.60
N PRO A 106 14.27 -7.37 2.60
CA PRO A 106 14.80 -6.75 1.35
C PRO A 106 15.53 -7.75 0.46
N GLY A 107 16.20 -7.25 -0.57
CA GLY A 107 16.94 -8.12 -1.47
C GLY A 107 16.01 -8.73 -2.52
N VAL A 108 14.80 -9.10 -2.09
CA VAL A 108 13.82 -9.69 -3.00
C VAL A 108 12.77 -8.67 -3.39
N LEU A 109 12.50 -7.72 -2.49
CA LEU A 109 11.50 -6.69 -2.76
C LEU A 109 12.07 -5.30 -2.44
N PRO A 110 12.81 -4.74 -3.36
CA PRO A 110 13.42 -3.39 -3.18
C PRO A 110 12.41 -2.35 -2.70
N GLU A 111 12.84 -1.48 -1.79
CA GLU A 111 11.96 -0.45 -1.25
C GLU A 111 11.93 0.76 -2.17
N ILE A 112 10.72 1.14 -2.59
CA ILE A 112 10.55 2.28 -3.47
C ILE A 112 11.07 3.56 -2.81
N ASP A 113 11.53 4.49 -3.64
CA ASP A 113 12.06 5.76 -3.12
C ASP A 113 11.60 6.93 -3.99
N THR A 114 10.83 7.83 -3.40
CA THR A 114 10.34 9.00 -4.13
C THR A 114 11.38 10.10 -4.13
N PRO A 115 11.31 10.99 -5.09
CA PRO A 115 12.27 12.12 -5.21
C PRO A 115 12.63 12.72 -3.84
N GLY A 116 13.77 13.40 -3.78
CA GLY A 116 14.21 14.02 -2.54
C GLY A 116 14.49 12.96 -1.48
N ASN A 117 14.56 13.39 -0.23
CA ASN A 117 14.82 12.47 0.88
C ASN A 117 13.52 11.98 1.48
N SER A 118 13.48 10.69 1.82
CA SER A 118 12.29 10.10 2.41
C SER A 118 11.87 10.86 3.66
N SER A 119 12.86 11.35 4.40
CA SER A 119 12.59 12.10 5.63
C SER A 119 11.45 13.10 5.41
N MET B 1 -2.74 6.56 -27.91
CA MET B 1 -1.96 5.30 -27.76
C MET B 1 -0.52 5.55 -28.19
N PHE B 2 -0.33 6.51 -29.10
CA PHE B 2 1.01 6.83 -29.58
C PHE B 2 1.79 7.60 -28.52
N ARG B 3 1.16 8.62 -27.94
CA ARG B 3 1.81 9.42 -26.91
C ARG B 3 2.12 8.58 -25.68
N ASP B 4 1.34 7.51 -25.50
CA ASP B 4 1.54 6.62 -24.36
C ASP B 4 1.41 7.40 -23.05
N PHE B 5 0.22 7.37 -22.47
CA PHE B 5 -0.04 8.07 -21.22
C PHE B 5 0.58 7.31 -20.05
N ASP B 6 1.21 8.05 -19.14
CA ASP B 6 1.84 7.43 -17.97
C ASP B 6 1.33 8.07 -16.69
N TYR B 7 0.03 7.92 -16.42
CA TYR B 7 -0.56 8.48 -15.23
C TYR B 7 -1.83 7.72 -14.85
N ILE B 8 -1.97 7.43 -13.56
CA ILE B 8 -3.14 6.69 -13.08
C ILE B 8 -4.12 7.64 -12.40
N ALA B 9 -3.58 8.60 -11.66
CA ALA B 9 -4.42 9.58 -10.96
C ALA B 9 -5.45 8.86 -10.09
N ASP B 10 -5.05 8.46 -8.90
CA ASP B 10 -5.95 7.76 -7.99
C ASP B 10 -5.39 7.78 -6.57
N TRP B 11 -6.18 8.29 -5.63
CA TRP B 11 -5.75 8.36 -4.23
C TRP B 11 -6.92 8.74 -3.33
N CYS B 12 -6.68 8.71 -2.03
CA CYS B 12 -7.71 9.06 -1.06
C CYS B 12 -7.15 9.98 0.03
N THR A 1 21.11 -3.13 4.60
CA THR A 1 20.77 -2.31 5.79
C THR A 1 20.11 -3.20 6.84
N PRO A 2 20.88 -4.06 7.45
CA PRO A 2 20.36 -4.99 8.50
C PRO A 2 19.50 -4.27 9.54
N HIS A 3 18.23 -4.68 9.63
CA HIS A 3 17.31 -4.07 10.58
C HIS A 3 16.70 -5.14 11.48
N VAL A 4 16.15 -4.70 12.62
CA VAL A 4 15.54 -5.62 13.56
C VAL A 4 14.08 -5.27 13.79
N LYS A 5 13.28 -6.26 14.15
CA LYS A 5 11.85 -6.05 14.40
C LYS A 5 11.66 -5.21 15.66
N ASP A 6 10.59 -4.41 15.68
CA ASP A 6 10.30 -3.57 16.84
C ASP A 6 9.57 -4.37 17.91
N TYR A 7 8.57 -5.14 17.49
CA TYR A 7 7.80 -5.95 18.42
C TYR A 7 7.89 -7.43 18.06
N SER A 8 7.19 -8.27 18.81
CA SER A 8 7.20 -9.70 18.55
C SER A 8 6.09 -10.09 17.58
N PHE A 9 5.08 -9.22 17.47
CA PHE A 9 3.97 -9.48 16.59
C PHE A 9 4.26 -8.94 15.19
N VAL A 10 5.13 -7.94 15.11
CA VAL A 10 5.49 -7.35 13.82
C VAL A 10 6.86 -7.84 13.38
N THR A 11 6.89 -8.57 12.26
CA THR A 11 8.14 -9.10 11.74
C THR A 11 8.34 -8.67 10.29
N GLU A 12 9.54 -8.89 9.76
CA GLU A 12 9.83 -8.51 8.38
C GLU A 12 9.94 -9.75 7.50
N ASP A 13 9.67 -10.92 8.10
CA ASP A 13 9.74 -12.17 7.36
C ASP A 13 8.42 -12.92 7.45
N ASN A 14 7.33 -12.18 7.67
CA ASN A 14 6.02 -12.79 7.77
C ASN A 14 4.93 -11.77 7.40
N THR A 15 3.68 -12.22 7.47
CA THR A 15 2.56 -11.35 7.13
C THR A 15 1.78 -10.97 8.39
N PHE A 16 1.38 -9.71 8.49
CA PHE A 16 0.62 -9.25 9.64
C PHE A 16 -0.51 -8.33 9.21
N GLU A 17 -1.74 -8.71 9.56
CA GLU A 17 -2.91 -7.93 9.20
C GLU A 17 -2.92 -6.57 9.88
N VAL A 18 -3.44 -5.57 9.17
CA VAL A 18 -3.52 -4.22 9.70
C VAL A 18 -4.94 -3.68 9.54
N LYS A 19 -5.50 -3.15 10.61
CA LYS A 19 -6.85 -2.60 10.57
C LYS A 19 -6.84 -1.09 10.76
N LEU A 20 -7.92 -0.44 10.34
CA LEU A 20 -8.03 1.01 10.46
C LEU A 20 -9.49 1.44 10.51
N PHE A 21 -9.73 2.66 10.98
CA PHE A 21 -11.09 3.17 11.08
C PHE A 21 -11.30 4.33 10.11
N LYS A 22 -12.41 4.28 9.38
CA LYS A 22 -12.72 5.33 8.42
C LYS A 22 -12.36 6.70 8.99
N ASN A 23 -12.04 7.63 8.10
CA ASN A 23 -11.68 8.98 8.52
C ASN A 23 -12.30 10.02 7.59
N SER A 24 -13.23 10.81 8.12
CA SER A 24 -13.90 11.83 7.34
C SER A 24 -14.15 11.34 5.92
N SER A 25 -13.32 11.78 4.98
CA SER A 25 -13.46 11.37 3.59
C SER A 25 -12.22 10.62 3.12
N GLY A 26 -11.36 11.32 2.38
CA GLY A 26 -10.14 10.70 1.87
C GLY A 26 -9.28 10.15 3.00
N LEU A 27 -8.26 9.38 2.65
CA LEU A 27 -7.38 8.79 3.65
C LEU A 27 -6.23 9.75 3.98
N GLY A 28 -5.41 10.04 2.96
CA GLY A 28 -4.28 10.94 3.15
C GLY A 28 -3.01 10.36 2.55
N PHE A 29 -3.13 9.18 1.96
CA PHE A 29 -1.98 8.53 1.34
C PHE A 29 -2.33 8.02 -0.06
N SER A 30 -1.35 7.48 -0.75
CA SER A 30 -1.57 6.96 -2.09
C SER A 30 -0.97 5.55 -2.24
N PHE A 31 -1.31 4.88 -3.33
CA PHE A 31 -0.81 3.53 -3.58
C PHE A 31 -0.61 3.30 -5.06
N SER A 32 0.57 2.79 -5.42
CA SER A 32 0.87 2.53 -6.83
C SER A 32 0.58 1.07 -7.17
N ARG A 33 -0.18 0.85 -8.23
CA ARG A 33 -0.52 -0.50 -8.66
C ARG A 33 0.18 -0.85 -9.96
N GLU A 34 1.44 -0.42 -10.08
CA GLU A 34 2.22 -0.69 -11.28
C GLU A 34 3.68 -0.98 -10.92
N ASP A 35 4.09 -2.23 -11.09
CA ASP A 35 5.46 -2.62 -10.78
C ASP A 35 6.26 -2.84 -12.05
N ASN A 36 7.48 -3.34 -11.90
CA ASN A 36 8.35 -3.59 -13.06
C ASN A 36 8.92 -4.99 -12.99
N LEU A 37 8.37 -5.83 -12.12
CA LEU A 37 8.84 -7.20 -11.97
C LEU A 37 8.37 -8.05 -13.14
N ILE A 38 7.16 -7.77 -13.63
CA ILE A 38 6.61 -8.51 -14.76
C ILE A 38 5.93 -7.56 -15.75
N PRO A 39 6.71 -6.82 -16.48
CA PRO A 39 6.18 -5.85 -17.49
C PRO A 39 5.19 -6.50 -18.45
N GLU A 40 5.23 -7.82 -18.54
CA GLU A 40 4.31 -8.54 -19.43
C GLU A 40 3.00 -8.83 -18.73
N GLN A 41 2.85 -8.30 -17.52
CA GLN A 41 1.62 -8.50 -16.75
C GLN A 41 1.08 -9.92 -16.97
N ILE A 42 1.66 -10.89 -16.28
CA ILE A 42 1.23 -12.28 -16.40
C ILE A 42 0.83 -12.83 -15.04
N ASN A 43 -0.42 -12.61 -14.66
CA ASN A 43 -0.92 -13.10 -13.37
C ASN A 43 0.06 -12.74 -12.25
N GLY A 44 -0.18 -11.60 -11.62
CA GLY A 44 0.69 -11.15 -10.53
C GLY A 44 0.50 -9.66 -10.25
N SER A 45 -0.74 -9.29 -9.93
CA SER A 45 -1.05 -7.90 -9.63
C SER A 45 -0.81 -7.61 -8.15
N ILE A 46 -0.09 -6.53 -7.87
CA ILE A 46 0.20 -6.16 -6.49
C ILE A 46 0.04 -4.66 -6.29
N VAL A 47 -0.26 -4.26 -5.06
CA VAL A 47 -0.45 -2.85 -4.73
C VAL A 47 0.42 -2.46 -3.54
N ARG A 48 1.17 -1.37 -3.69
CA ARG A 48 2.04 -0.92 -2.61
C ARG A 48 1.77 0.55 -2.29
N VAL A 49 2.33 1.02 -1.19
CA VAL A 49 2.14 2.40 -0.77
C VAL A 49 3.12 3.32 -1.49
N LYS A 50 2.57 4.26 -2.26
CA LYS A 50 3.42 5.20 -2.99
C LYS A 50 3.92 6.30 -2.08
N LYS A 51 3.00 6.95 -1.39
CA LYS A 51 3.36 8.03 -0.48
C LYS A 51 2.66 7.86 0.86
N LEU A 52 3.06 8.67 1.84
CA LEU A 52 2.47 8.59 3.18
C LEU A 52 2.99 9.72 4.06
N PHE A 53 2.08 10.48 4.64
CA PHE A 53 2.46 11.59 5.51
C PHE A 53 2.20 11.24 6.97
N PRO A 54 2.96 11.81 7.89
CA PRO A 54 2.79 11.53 9.34
C PRO A 54 1.55 12.21 9.92
N GLY A 55 0.95 11.57 10.92
CA GLY A 55 -0.24 12.12 11.56
C GLY A 55 -1.51 11.75 10.77
N GLN A 56 -1.35 10.90 9.76
CA GLN A 56 -2.48 10.48 8.95
C GLN A 56 -3.08 9.19 9.48
N PRO A 57 -4.35 8.95 9.25
CA PRO A 57 -5.02 7.71 9.71
C PRO A 57 -4.12 6.50 9.49
N ALA A 58 -3.50 6.45 8.31
CA ALA A 58 -2.60 5.36 7.98
C ALA A 58 -1.33 5.48 8.81
N ALA A 59 -1.01 6.71 9.22
CA ALA A 59 0.18 6.94 10.04
C ALA A 59 -0.08 6.45 11.47
N GLU A 60 -1.33 6.57 11.90
CA GLU A 60 -1.70 6.14 13.24
C GLU A 60 -1.84 4.62 13.30
N SER A 61 -2.13 4.01 12.15
CA SER A 61 -2.29 2.56 12.08
C SER A 61 -1.31 1.87 13.03
N GLY A 62 -0.20 2.53 13.30
CA GLY A 62 0.80 1.96 14.20
C GLY A 62 2.20 2.08 13.59
N LYS A 63 2.36 1.54 12.38
CA LYS A 63 3.64 1.59 11.70
C LYS A 63 3.50 1.23 10.23
N ILE A 64 4.01 2.10 9.36
CA ILE A 64 3.93 1.87 7.92
C ILE A 64 5.14 2.49 7.23
N ASP A 65 5.56 1.90 6.12
CA ASP A 65 6.70 2.41 5.37
C ASP A 65 6.43 2.38 3.87
N VAL A 66 6.76 3.48 3.20
CA VAL A 66 6.55 3.57 1.75
C VAL A 66 7.09 2.34 1.05
N GLY A 67 6.25 1.33 0.89
CA GLY A 67 6.66 0.09 0.24
C GLY A 67 5.80 -1.08 0.68
N ASP A 68 5.08 -0.89 1.79
CA ASP A 68 4.21 -1.95 2.31
C ASP A 68 3.49 -2.66 1.16
N VAL A 69 3.05 -3.89 1.42
CA VAL A 69 2.36 -4.67 0.40
C VAL A 69 0.98 -5.08 0.89
N ILE A 70 -0.05 -4.54 0.25
CA ILE A 70 -1.43 -4.87 0.63
C ILE A 70 -1.91 -6.09 -0.14
N LEU A 71 -2.12 -7.19 0.57
CA LEU A 71 -2.59 -8.42 -0.07
C LEU A 71 -4.10 -8.38 -0.31
N LYS A 72 -4.85 -8.22 0.76
CA LYS A 72 -6.31 -8.16 0.66
C LYS A 72 -6.84 -6.87 1.26
N VAL A 73 -7.89 -6.33 0.63
CA VAL A 73 -8.50 -5.09 1.11
C VAL A 73 -9.95 -5.32 1.49
N ASN A 74 -10.23 -5.33 2.79
CA ASN A 74 -11.59 -5.54 3.27
C ASN A 74 -12.23 -6.73 2.56
N GLY A 75 -11.45 -7.78 2.34
CA GLY A 75 -11.97 -8.97 1.68
C GLY A 75 -12.03 -8.76 0.16
N ALA A 76 -11.11 -7.97 -0.35
CA ALA A 76 -11.06 -7.70 -1.79
C ALA A 76 -9.74 -8.19 -2.38
N PRO A 77 -9.68 -9.44 -2.74
CA PRO A 77 -8.44 -10.05 -3.32
C PRO A 77 -7.96 -9.29 -4.56
N LEU A 78 -6.67 -9.43 -4.85
CA LEU A 78 -6.08 -8.75 -6.01
C LEU A 78 -6.56 -9.37 -7.31
N LYS A 79 -7.79 -9.87 -7.30
CA LYS A 79 -8.36 -10.50 -8.50
C LYS A 79 -8.59 -9.46 -9.59
N GLY A 80 -7.52 -9.04 -10.23
CA GLY A 80 -7.61 -8.05 -11.30
C GLY A 80 -8.59 -6.94 -10.92
N LEU A 81 -8.11 -5.97 -10.16
CA LEU A 81 -8.94 -4.86 -9.73
C LEU A 81 -8.94 -3.74 -10.78
N SER A 82 -9.82 -2.77 -10.59
CA SER A 82 -9.90 -1.64 -11.52
C SER A 82 -9.15 -0.43 -10.97
N GLN A 83 -9.36 0.72 -11.60
CA GLN A 83 -8.70 1.94 -11.17
C GLN A 83 -9.64 2.78 -10.30
N GLN A 84 -10.89 2.33 -10.21
CA GLN A 84 -11.89 3.04 -9.40
C GLN A 84 -12.50 2.11 -8.37
N ASP A 85 -11.99 0.87 -8.31
CA ASP A 85 -12.50 -0.10 -7.37
C ASP A 85 -11.89 0.10 -5.99
N VAL A 86 -10.57 0.26 -5.94
CA VAL A 86 -9.87 0.47 -4.68
C VAL A 86 -10.47 1.66 -3.94
N ILE A 87 -10.39 2.83 -4.56
CA ILE A 87 -10.92 4.04 -3.95
C ILE A 87 -12.36 3.81 -3.48
N SER A 88 -13.13 3.11 -4.31
CA SER A 88 -14.52 2.82 -3.97
C SER A 88 -14.59 1.94 -2.72
N ALA A 89 -13.59 1.07 -2.56
CA ALA A 89 -13.55 0.19 -1.40
C ALA A 89 -13.14 0.96 -0.15
N LEU A 90 -12.34 2.01 -0.34
CA LEU A 90 -11.89 2.82 0.78
C LEU A 90 -12.79 4.05 0.93
N ARG A 91 -13.92 4.05 0.22
CA ARG A 91 -14.85 5.16 0.29
C ARG A 91 -16.08 4.78 1.10
N GLY A 92 -16.43 3.49 1.08
CA GLY A 92 -17.58 3.01 1.82
C GLY A 92 -17.93 1.59 1.41
N THR A 93 -17.93 0.67 2.38
CA THR A 93 -18.23 -0.72 2.11
C THR A 93 -18.51 -1.47 3.42
N ALA A 94 -17.55 -1.42 4.33
CA ALA A 94 -17.71 -2.09 5.62
C ALA A 94 -17.60 -1.09 6.76
N PRO A 95 -18.04 -1.48 7.93
CA PRO A 95 -18.00 -0.60 9.14
C PRO A 95 -16.57 -0.37 9.63
N GLU A 96 -15.62 -1.05 9.01
CA GLU A 96 -14.22 -0.91 9.38
C GLU A 96 -13.31 -1.19 8.19
N VAL A 97 -12.01 -1.00 8.38
CA VAL A 97 -11.05 -1.23 7.32
C VAL A 97 -10.05 -2.32 7.71
N SER A 98 -10.26 -3.53 7.19
CA SER A 98 -9.36 -4.64 7.50
C SER A 98 -8.66 -5.12 6.24
N LEU A 99 -7.33 -5.13 6.27
CA LEU A 99 -6.55 -5.57 5.13
C LEU A 99 -5.34 -6.37 5.58
N LEU A 100 -4.74 -7.12 4.66
CA LEU A 100 -3.57 -7.91 5.00
C LEU A 100 -2.29 -7.16 4.65
N LEU A 101 -1.28 -7.27 5.52
CA LEU A 101 -0.02 -6.58 5.28
C LEU A 101 1.13 -7.57 5.24
N CYS A 102 1.99 -7.44 4.24
CA CYS A 102 3.13 -8.32 4.10
C CYS A 102 4.42 -7.52 3.93
N ARG A 103 5.44 -7.87 4.69
CA ARG A 103 6.72 -7.16 4.61
C ARG A 103 7.85 -8.14 4.32
N PRO A 104 8.00 -8.54 3.09
CA PRO A 104 9.07 -9.49 2.67
C PRO A 104 10.45 -9.03 3.12
N ALA A 105 11.49 -9.72 2.65
CA ALA A 105 12.85 -9.37 3.02
C ALA A 105 13.53 -8.62 1.88
N PRO A 106 14.61 -7.94 2.18
CA PRO A 106 15.38 -7.16 1.16
C PRO A 106 16.02 -8.06 0.11
N GLY A 107 16.13 -7.55 -1.10
CA GLY A 107 16.73 -8.31 -2.20
C GLY A 107 15.65 -8.94 -3.07
N VAL A 108 14.47 -9.14 -2.51
CA VAL A 108 13.36 -9.73 -3.25
C VAL A 108 12.68 -8.68 -4.12
N LEU A 109 12.18 -7.63 -3.48
CA LEU A 109 11.50 -6.56 -4.22
C LEU A 109 12.30 -5.26 -4.13
N PRO A 110 12.12 -4.37 -5.08
CA PRO A 110 12.83 -3.07 -5.11
C PRO A 110 12.37 -2.13 -3.99
N GLU A 111 13.15 -1.08 -3.74
CA GLU A 111 12.81 -0.13 -2.70
C GLU A 111 12.30 1.17 -3.30
N ILE A 112 11.22 1.70 -2.74
CA ILE A 112 10.64 2.95 -3.23
C ILE A 112 10.99 4.10 -2.30
N ASP A 113 11.12 5.30 -2.86
CA ASP A 113 11.45 6.47 -2.06
C ASP A 113 11.32 7.74 -2.89
N THR A 114 10.81 8.80 -2.27
CA THR A 114 10.63 10.07 -2.96
C THR A 114 11.68 11.08 -2.49
N PRO A 115 11.85 12.15 -3.21
CA PRO A 115 12.83 13.22 -2.87
C PRO A 115 12.86 13.51 -1.37
N GLY A 116 14.02 13.32 -0.75
CA GLY A 116 14.16 13.57 0.68
C GLY A 116 13.46 12.49 1.49
N ASN A 117 12.84 12.90 2.60
CA ASN A 117 12.12 11.96 3.46
C ASN A 117 10.64 12.29 3.49
N SER A 118 10.28 13.46 2.97
CA SER A 118 8.88 13.87 2.96
C SER A 118 8.62 14.84 1.80
N SER A 119 9.37 15.94 1.79
CA SER A 119 9.21 16.94 0.74
C SER A 119 9.63 16.37 -0.61
N MET B 1 -10.89 4.60 -22.16
CA MET B 1 -9.70 4.16 -22.92
C MET B 1 -9.05 5.36 -23.60
N PHE B 2 -9.76 6.48 -23.60
CA PHE B 2 -9.24 7.70 -24.21
C PHE B 2 -9.00 8.77 -23.15
N ARG B 3 -8.84 8.33 -21.90
CA ARG B 3 -8.60 9.26 -20.81
C ARG B 3 -7.15 9.20 -20.36
N ASP B 4 -6.24 9.58 -21.25
CA ASP B 4 -4.81 9.56 -20.92
C ASP B 4 -4.38 8.16 -20.49
N PHE B 5 -4.28 7.24 -21.45
CA PHE B 5 -3.87 5.88 -21.16
C PHE B 5 -2.41 5.83 -20.74
N ASP B 6 -2.12 6.37 -19.55
CA ASP B 6 -0.75 6.38 -19.05
C ASP B 6 -0.74 6.24 -17.53
N TYR B 7 0.21 6.88 -16.88
CA TYR B 7 0.32 6.82 -15.43
C TYR B 7 -1.03 7.10 -14.77
N ILE B 8 -1.34 6.35 -13.72
CA ILE B 8 -2.61 6.53 -13.01
C ILE B 8 -2.57 7.80 -12.17
N ALA B 9 -3.74 8.36 -11.91
CA ALA B 9 -3.84 9.59 -11.12
C ALA B 9 -5.02 9.51 -10.16
N ASP B 10 -4.96 8.56 -9.23
CA ASP B 10 -6.03 8.39 -8.25
C ASP B 10 -5.46 8.08 -6.88
N TRP B 11 -6.09 8.62 -5.84
CA TRP B 11 -5.63 8.39 -4.47
C TRP B 11 -6.72 8.74 -3.47
N CYS B 12 -6.64 8.15 -2.28
CA CYS B 12 -7.64 8.41 -1.25
C CYS B 12 -7.08 9.37 -0.20
N THR A 1 21.45 3.43 14.87
CA THR A 1 21.21 1.96 14.80
C THR A 1 19.71 1.70 14.86
N PRO A 2 18.99 2.18 13.88
CA PRO A 2 17.51 1.98 13.81
C PRO A 2 17.13 0.55 13.44
N HIS A 3 18.11 -0.35 13.51
CA HIS A 3 17.87 -1.74 13.19
C HIS A 3 17.09 -2.43 14.31
N VAL A 4 16.41 -1.62 15.12
CA VAL A 4 15.62 -2.16 16.22
C VAL A 4 14.14 -1.92 15.99
N LYS A 5 13.31 -2.81 16.54
CA LYS A 5 11.86 -2.69 16.39
C LYS A 5 11.22 -2.24 17.70
N ASP A 6 9.98 -1.78 17.62
CA ASP A 6 9.27 -1.34 18.82
C ASP A 6 8.88 -2.53 19.70
N TYR A 7 7.96 -3.35 19.20
CA TYR A 7 7.52 -4.52 19.94
C TYR A 7 8.11 -5.78 19.35
N SER A 8 7.74 -6.93 19.91
CA SER A 8 8.23 -8.21 19.41
C SER A 8 7.14 -8.97 18.69
N PHE A 9 5.90 -8.50 18.83
CA PHE A 9 4.77 -9.15 18.19
C PHE A 9 4.78 -8.89 16.69
N VAL A 10 5.59 -7.91 16.27
CA VAL A 10 5.70 -7.56 14.86
C VAL A 10 7.11 -7.77 14.36
N THR A 11 7.26 -8.64 13.36
CA THR A 11 8.57 -8.93 12.80
C THR A 11 8.71 -8.29 11.42
N GLU A 12 9.79 -8.63 10.73
CA GLU A 12 10.03 -8.07 9.40
C GLU A 12 9.96 -9.17 8.33
N ASP A 13 10.25 -10.39 8.75
CA ASP A 13 10.22 -11.53 7.83
C ASP A 13 8.91 -12.29 7.97
N ASN A 14 7.88 -11.60 8.45
CA ASN A 14 6.57 -12.24 8.63
C ASN A 14 5.47 -11.34 8.08
N THR A 15 4.23 -11.83 8.13
CA THR A 15 3.09 -11.07 7.64
C THR A 15 2.29 -10.52 8.81
N PHE A 16 1.89 -9.25 8.71
CA PHE A 16 1.12 -8.62 9.76
C PHE A 16 -0.09 -7.88 9.18
N GLU A 17 -1.28 -8.26 9.65
CA GLU A 17 -2.51 -7.65 9.16
C GLU A 17 -2.69 -6.24 9.72
N VAL A 18 -3.30 -5.38 8.91
CA VAL A 18 -3.55 -4.00 9.30
C VAL A 18 -5.01 -3.63 9.08
N LYS A 19 -5.63 -3.00 10.07
CA LYS A 19 -7.02 -2.62 9.97
C LYS A 19 -7.15 -1.10 9.80
N LEU A 20 -7.80 -0.69 8.71
CA LEU A 20 -7.98 0.73 8.43
C LEU A 20 -9.39 1.17 8.82
N PHE A 21 -9.50 2.34 9.43
CA PHE A 21 -10.79 2.87 9.84
C PHE A 21 -11.38 3.75 8.76
N LYS A 22 -12.69 3.97 8.82
CA LYS A 22 -13.38 4.80 7.85
C LYS A 22 -12.72 6.18 7.75
N ASN A 23 -12.81 6.79 6.58
CA ASN A 23 -12.22 8.11 6.37
C ASN A 23 -13.30 9.18 6.43
N SER A 24 -12.93 10.37 6.88
CA SER A 24 -13.88 11.47 6.99
C SER A 24 -13.73 12.43 5.80
N SER A 25 -12.49 12.75 5.46
CA SER A 25 -12.23 13.65 4.35
C SER A 25 -11.50 12.94 3.22
N GLY A 26 -10.87 13.71 2.35
CA GLY A 26 -10.13 13.13 1.23
C GLY A 26 -8.71 13.68 1.16
N LEU A 27 -8.03 13.41 0.05
CA LEU A 27 -6.67 13.89 -0.12
C LEU A 27 -5.81 13.50 1.08
N GLY A 28 -5.10 12.38 0.95
CA GLY A 28 -4.25 11.91 2.04
C GLY A 28 -2.98 11.27 1.49
N PHE A 29 -2.83 9.97 1.73
CA PHE A 29 -1.65 9.24 1.27
C PHE A 29 -1.79 8.85 -0.19
N SER A 30 -0.80 8.12 -0.69
CA SER A 30 -0.82 7.68 -2.09
C SER A 30 -0.16 6.32 -2.20
N PHE A 31 -0.51 5.58 -3.27
CA PHE A 31 0.07 4.25 -3.48
C PHE A 31 0.50 4.08 -4.94
N SER A 32 1.49 3.22 -5.14
CA SER A 32 2.00 2.97 -6.49
C SER A 32 1.48 1.64 -7.01
N ARG A 33 1.29 1.57 -8.33
CA ARG A 33 0.78 0.34 -8.96
C ARG A 33 1.62 0.00 -10.18
N GLU A 34 2.26 1.00 -10.76
CA GLU A 34 3.09 0.80 -11.94
C GLU A 34 4.57 0.94 -11.59
N ASP A 35 5.04 0.11 -10.68
CA ASP A 35 6.44 0.15 -10.26
C ASP A 35 7.35 0.36 -11.46
N ASN A 36 8.50 0.99 -11.23
CA ASN A 36 9.46 1.25 -12.30
C ASN A 36 10.47 0.12 -12.39
N LEU A 37 10.25 -0.94 -11.61
CA LEU A 37 11.15 -2.08 -11.61
C LEU A 37 10.70 -3.11 -12.63
N ILE A 38 9.45 -3.53 -12.55
CA ILE A 38 8.90 -4.50 -13.47
C ILE A 38 7.51 -4.09 -13.95
N PRO A 39 7.44 -3.05 -14.75
CA PRO A 39 6.15 -2.53 -15.27
C PRO A 39 5.63 -3.37 -16.44
N GLU A 40 5.58 -4.68 -16.25
CA GLU A 40 5.09 -5.57 -17.29
C GLU A 40 3.72 -6.14 -16.91
N GLN A 41 3.41 -6.10 -15.61
CA GLN A 41 2.13 -6.60 -15.13
C GLN A 41 1.74 -7.87 -15.87
N ILE A 42 2.48 -8.94 -15.62
CA ILE A 42 2.20 -10.22 -16.27
C ILE A 42 1.22 -11.04 -15.43
N ASN A 43 -0.07 -10.78 -15.61
CA ASN A 43 -1.10 -11.50 -14.86
C ASN A 43 -0.77 -11.50 -13.37
N GLY A 44 -0.90 -10.34 -12.75
CA GLY A 44 -0.62 -10.22 -11.32
C GLY A 44 -0.32 -8.78 -10.93
N SER A 45 -1.36 -7.96 -10.81
CA SER A 45 -1.20 -6.57 -10.44
C SER A 45 -1.04 -6.43 -8.93
N ILE A 46 -0.14 -5.56 -8.51
CA ILE A 46 0.11 -5.34 -7.09
C ILE A 46 0.01 -3.86 -6.74
N VAL A 47 -0.28 -3.57 -5.47
CA VAL A 47 -0.39 -2.19 -5.02
C VAL A 47 0.34 -1.99 -3.68
N ARG A 48 1.09 -0.91 -3.57
CA ARG A 48 1.83 -0.63 -2.35
C ARG A 48 1.78 0.86 -2.01
N VAL A 49 2.05 1.18 -0.76
CA VAL A 49 2.04 2.58 -0.30
C VAL A 49 3.24 3.32 -0.87
N LYS A 50 2.98 4.48 -1.46
CA LYS A 50 4.05 5.30 -2.03
C LYS A 50 4.38 6.46 -1.10
N LYS A 51 3.35 7.21 -0.73
CA LYS A 51 3.53 8.35 0.15
C LYS A 51 2.75 8.16 1.45
N LEU A 52 3.04 9.00 2.44
CA LEU A 52 2.36 8.92 3.73
C LEU A 52 2.73 10.12 4.60
N PHE A 53 1.72 10.74 5.20
CA PHE A 53 1.96 11.91 6.05
C PHE A 53 1.45 11.64 7.47
N PRO A 54 1.94 12.37 8.42
CA PRO A 54 1.54 12.22 9.85
C PRO A 54 0.10 12.68 10.09
N GLY A 55 -0.49 12.20 11.18
CA GLY A 55 -1.87 12.56 11.51
C GLY A 55 -2.82 12.12 10.42
N GLN A 56 -2.70 10.86 10.00
CA GLN A 56 -3.56 10.33 8.95
C GLN A 56 -4.11 8.97 9.34
N PRO A 57 -5.30 8.62 8.88
CA PRO A 57 -5.90 7.30 9.20
C PRO A 57 -4.87 6.19 9.12
N ALA A 58 -3.95 6.33 8.17
CA ALA A 58 -2.89 5.35 7.99
C ALA A 58 -1.85 5.51 9.09
N ALA A 59 -1.70 6.73 9.60
CA ALA A 59 -0.74 6.99 10.65
C ALA A 59 -1.19 6.34 11.96
N GLU A 60 -2.50 6.39 12.20
CA GLU A 60 -3.06 5.81 13.40
C GLU A 60 -3.11 4.29 13.29
N SER A 61 -3.28 3.79 12.07
CA SER A 61 -3.35 2.35 11.84
C SER A 61 -2.43 1.61 12.80
N GLY A 62 -1.32 2.24 13.17
CA GLY A 62 -0.38 1.62 14.09
C GLY A 62 1.04 1.75 13.56
N LYS A 63 1.28 1.22 12.37
CA LYS A 63 2.61 1.29 11.77
C LYS A 63 2.55 0.94 10.28
N ILE A 64 3.13 1.82 9.46
CA ILE A 64 3.16 1.60 8.01
C ILE A 64 4.54 1.92 7.47
N ASP A 65 4.81 1.49 6.24
CA ASP A 65 6.11 1.74 5.62
C ASP A 65 5.97 1.89 4.11
N VAL A 66 6.61 2.93 3.57
CA VAL A 66 6.55 3.19 2.13
C VAL A 66 6.99 1.94 1.36
N GLY A 67 6.02 1.10 1.00
CA GLY A 67 6.33 -0.12 0.26
C GLY A 67 5.44 -1.27 0.71
N ASP A 68 4.67 -1.03 1.77
CA ASP A 68 3.77 -2.07 2.29
C ASP A 68 3.16 -2.87 1.15
N VAL A 69 3.13 -4.18 1.30
CA VAL A 69 2.57 -5.06 0.27
C VAL A 69 1.17 -5.51 0.66
N ILE A 70 0.16 -4.95 -0.01
CA ILE A 70 -1.22 -5.31 0.28
C ILE A 70 -1.60 -6.61 -0.42
N LEU A 71 -1.76 -7.67 0.35
CA LEU A 71 -2.12 -8.97 -0.22
C LEU A 71 -3.63 -9.08 -0.38
N LYS A 72 -4.36 -8.94 0.73
CA LYS A 72 -5.81 -9.05 0.69
C LYS A 72 -6.45 -7.73 1.14
N VAL A 73 -7.55 -7.37 0.50
CA VAL A 73 -8.24 -6.13 0.85
C VAL A 73 -9.69 -6.43 1.27
N ASN A 74 -9.91 -6.47 2.59
CA ASN A 74 -11.25 -6.75 3.10
C ASN A 74 -11.79 -8.05 2.52
N GLY A 75 -10.97 -8.74 1.75
CA GLY A 75 -11.39 -9.99 1.14
C GLY A 75 -11.27 -9.93 -0.39
N ALA A 76 -10.48 -8.98 -0.86
CA ALA A 76 -10.29 -8.81 -2.30
C ALA A 76 -8.84 -9.14 -2.69
N PRO A 77 -8.59 -10.36 -3.10
CA PRO A 77 -7.22 -10.80 -3.51
C PRO A 77 -6.62 -9.88 -4.57
N LEU A 78 -5.40 -10.20 -4.99
CA LEU A 78 -4.71 -9.40 -6.00
C LEU A 78 -5.31 -9.65 -7.38
N LYS A 79 -6.60 -9.40 -7.52
CA LYS A 79 -7.28 -9.61 -8.79
C LYS A 79 -7.03 -8.43 -9.73
N GLY A 80 -7.60 -8.50 -10.93
CA GLY A 80 -7.43 -7.44 -11.92
C GLY A 80 -8.42 -6.30 -11.66
N LEU A 81 -8.52 -5.89 -10.41
CA LEU A 81 -9.43 -4.81 -10.04
C LEU A 81 -8.99 -3.50 -10.68
N SER A 82 -9.90 -2.53 -10.73
CA SER A 82 -9.59 -1.24 -11.33
C SER A 82 -8.89 -0.35 -10.29
N GLN A 83 -8.20 0.68 -10.78
CA GLN A 83 -7.49 1.59 -9.90
C GLN A 83 -8.49 2.42 -9.08
N GLN A 84 -9.58 2.82 -9.72
CA GLN A 84 -10.60 3.60 -9.05
C GLN A 84 -11.49 2.72 -8.18
N ASP A 85 -11.10 1.46 -8.05
CA ASP A 85 -11.87 0.52 -7.24
C ASP A 85 -11.47 0.63 -5.77
N VAL A 86 -10.17 0.67 -5.51
CA VAL A 86 -9.68 0.78 -4.14
C VAL A 86 -10.25 2.02 -3.47
N ILE A 87 -10.02 3.18 -4.08
CA ILE A 87 -10.51 4.43 -3.53
C ILE A 87 -12.01 4.35 -3.28
N SER A 88 -12.74 3.74 -4.21
CA SER A 88 -14.18 3.60 -4.07
C SER A 88 -14.52 2.73 -2.87
N ALA A 89 -13.61 1.83 -2.51
CA ALA A 89 -13.82 0.95 -1.37
C ALA A 89 -13.60 1.71 -0.07
N LEU A 90 -12.61 2.60 -0.05
CA LEU A 90 -12.32 3.38 1.15
C LEU A 90 -13.45 4.36 1.44
N ARG A 91 -14.35 4.52 0.47
CA ARG A 91 -15.49 5.42 0.63
C ARG A 91 -16.79 4.64 0.72
N GLY A 92 -16.70 3.32 0.50
CA GLY A 92 -17.88 2.47 0.56
C GLY A 92 -18.57 2.58 1.92
N THR A 93 -19.54 1.71 2.14
CA THR A 93 -20.27 1.71 3.41
C THR A 93 -19.91 0.48 4.24
N ALA A 94 -18.83 0.60 5.01
CA ALA A 94 -18.39 -0.50 5.86
C ALA A 94 -17.82 0.03 7.17
N PRO A 95 -17.73 -0.82 8.16
CA PRO A 95 -17.19 -0.45 9.50
C PRO A 95 -15.69 -0.14 9.45
N GLU A 96 -14.95 -1.03 8.78
CA GLU A 96 -13.50 -0.85 8.67
C GLU A 96 -12.97 -1.60 7.45
N VAL A 97 -11.68 -1.52 7.22
CA VAL A 97 -11.05 -2.19 6.08
C VAL A 97 -9.93 -3.12 6.55
N SER A 98 -10.22 -4.42 6.60
CA SER A 98 -9.22 -5.38 7.03
C SER A 98 -8.42 -5.88 5.84
N LEU A 99 -7.10 -5.69 5.89
CA LEU A 99 -6.23 -6.12 4.81
C LEU A 99 -4.97 -6.76 5.38
N LEU A 100 -4.28 -7.55 4.56
CA LEU A 100 -3.07 -8.22 5.00
C LEU A 100 -1.82 -7.47 4.53
N LEU A 101 -0.80 -7.46 5.38
CA LEU A 101 0.45 -6.78 5.03
C LEU A 101 1.62 -7.75 5.10
N CYS A 102 2.41 -7.79 4.03
CA CYS A 102 3.57 -8.68 3.97
C CYS A 102 4.83 -7.88 3.71
N ARG A 103 5.90 -8.21 4.44
CA ARG A 103 7.17 -7.51 4.27
C ARG A 103 8.30 -8.50 4.00
N PRO A 104 8.44 -8.93 2.78
CA PRO A 104 9.51 -9.89 2.38
C PRO A 104 10.89 -9.42 2.81
N ALA A 105 11.92 -10.10 2.32
CA ALA A 105 13.28 -9.74 2.66
C ALA A 105 14.00 -9.13 1.46
N PRO A 106 15.05 -8.40 1.69
CA PRO A 106 15.83 -7.74 0.60
C PRO A 106 16.00 -8.65 -0.62
N GLY A 107 16.28 -8.04 -1.77
CA GLY A 107 16.47 -8.80 -3.00
C GLY A 107 15.13 -9.09 -3.67
N VAL A 108 14.06 -9.05 -2.89
CA VAL A 108 12.72 -9.31 -3.43
C VAL A 108 12.15 -8.06 -4.07
N LEU A 109 12.06 -6.99 -3.30
CA LEU A 109 11.52 -5.73 -3.81
C LEU A 109 12.26 -4.55 -3.17
N PRO A 110 13.39 -4.18 -3.71
CA PRO A 110 14.19 -3.03 -3.19
C PRO A 110 13.34 -1.79 -2.94
N GLU A 111 13.98 -0.72 -2.47
CA GLU A 111 13.27 0.53 -2.20
C GLU A 111 12.49 0.97 -3.44
N ILE A 112 11.34 1.61 -3.19
CA ILE A 112 10.51 2.09 -4.28
C ILE A 112 11.23 3.20 -5.06
N ASP A 113 10.88 3.35 -6.33
CA ASP A 113 11.50 4.37 -7.16
C ASP A 113 10.50 5.47 -7.50
N THR A 114 10.69 6.65 -6.90
CA THR A 114 9.80 7.77 -7.14
C THR A 114 10.51 8.85 -7.95
N PRO A 115 9.76 9.78 -8.48
CA PRO A 115 10.31 10.89 -9.30
C PRO A 115 11.05 11.92 -8.45
N GLY A 116 12.10 12.51 -9.01
CA GLY A 116 12.87 13.51 -8.29
C GLY A 116 12.85 14.86 -9.01
N ASN A 117 12.22 15.85 -8.39
CA ASN A 117 12.15 17.18 -8.98
C ASN A 117 13.16 18.11 -8.34
N SER A 118 13.55 17.81 -7.11
CA SER A 118 14.52 18.63 -6.39
C SER A 118 15.12 17.85 -5.23
N SER A 119 14.54 16.68 -4.94
CA SER A 119 15.04 15.85 -3.85
C SER A 119 16.46 15.37 -4.14
N MET B 1 13.59 6.87 -21.66
CA MET B 1 12.43 7.74 -21.30
C MET B 1 11.50 7.85 -22.50
N PHE B 2 11.86 7.21 -23.60
CA PHE B 2 11.04 7.24 -24.80
C PHE B 2 9.59 6.84 -24.48
N ARG B 3 9.44 6.02 -23.45
CA ARG B 3 8.10 5.57 -23.06
C ARG B 3 7.38 6.66 -22.27
N ASP B 4 6.05 6.63 -22.30
CA ASP B 4 5.25 7.61 -21.59
C ASP B 4 4.09 6.94 -20.86
N PHE B 5 3.51 5.93 -21.51
CA PHE B 5 2.40 5.20 -20.91
C PHE B 5 1.49 6.16 -20.14
N ASP B 6 0.84 5.64 -19.10
CA ASP B 6 -0.05 6.45 -18.29
C ASP B 6 0.28 6.31 -16.81
N TYR B 7 -0.31 7.16 -15.98
CA TYR B 7 -0.06 7.12 -14.54
C TYR B 7 -1.35 7.34 -13.77
N ILE B 8 -1.59 6.49 -12.77
CA ILE B 8 -2.80 6.62 -11.96
C ILE B 8 -2.81 7.94 -11.19
N ALA B 9 -3.97 8.60 -11.18
CA ALA B 9 -4.09 9.87 -10.48
C ALA B 9 -5.23 9.81 -9.47
N ASP B 10 -4.95 9.27 -8.28
CA ASP B 10 -5.97 9.17 -7.25
C ASP B 10 -5.31 8.97 -5.88
N TRP B 11 -6.12 9.00 -4.83
CA TRP B 11 -5.61 8.84 -3.47
C TRP B 11 -6.75 8.86 -2.46
N CYS B 12 -6.40 8.81 -1.18
CA CYS B 12 -7.40 8.83 -0.12
C CYS B 12 -6.82 9.44 1.16
N THR A 1 20.15 -2.42 11.23
CA THR A 1 19.15 -2.51 10.13
C THR A 1 18.37 -1.20 10.04
N PRO A 2 17.80 -0.93 8.90
CA PRO A 2 17.00 0.32 8.68
C PRO A 2 15.70 0.32 9.48
N HIS A 3 15.40 1.47 10.09
CA HIS A 3 14.18 1.59 10.89
C HIS A 3 14.09 0.46 11.92
N VAL A 4 14.39 0.78 13.17
CA VAL A 4 14.33 -0.21 14.24
C VAL A 4 12.89 -0.60 14.54
N LYS A 5 12.61 -1.90 14.53
CA LYS A 5 11.27 -2.38 14.81
C LYS A 5 10.82 -1.95 16.20
N ASP A 6 9.63 -1.36 16.29
CA ASP A 6 9.11 -0.91 17.56
C ASP A 6 8.69 -2.10 18.43
N TYR A 7 7.87 -2.98 17.86
CA TYR A 7 7.40 -4.15 18.58
C TYR A 7 8.06 -5.42 18.03
N SER A 8 7.63 -6.56 18.54
CA SER A 8 8.19 -7.84 18.09
C SER A 8 7.11 -8.66 17.38
N PHE A 9 6.00 -8.01 17.04
CA PHE A 9 4.91 -8.69 16.36
C PHE A 9 5.03 -8.51 14.85
N VAL A 10 5.84 -7.53 14.43
CA VAL A 10 6.04 -7.27 13.02
C VAL A 10 7.45 -7.64 12.58
N THR A 11 7.55 -8.56 11.62
CA THR A 11 8.85 -8.99 11.12
C THR A 11 9.03 -8.58 9.67
N GLU A 12 9.93 -9.27 8.97
CA GLU A 12 10.19 -8.95 7.57
C GLU A 12 10.02 -10.20 6.71
N ASP A 13 9.80 -11.34 7.36
CA ASP A 13 9.62 -12.60 6.64
C ASP A 13 8.28 -13.23 6.97
N ASN A 14 7.27 -12.40 7.21
CA ASN A 14 5.94 -12.90 7.54
C ASN A 14 4.87 -11.86 7.19
N THR A 15 3.62 -12.30 7.20
CA THR A 15 2.50 -11.41 6.89
C THR A 15 1.75 -11.02 8.16
N PHE A 16 1.31 -9.77 8.23
CA PHE A 16 0.57 -9.30 9.40
C PHE A 16 -0.60 -8.42 8.98
N GLU A 17 -1.80 -8.85 9.36
CA GLU A 17 -3.02 -8.12 9.02
C GLU A 17 -3.03 -6.73 9.65
N VAL A 18 -3.64 -5.79 8.92
CA VAL A 18 -3.74 -4.41 9.39
C VAL A 18 -5.19 -3.94 9.29
N LYS A 19 -5.67 -3.28 10.34
CA LYS A 19 -7.04 -2.80 10.35
C LYS A 19 -7.07 -1.27 10.39
N LEU A 20 -8.13 -0.69 9.82
CA LEU A 20 -8.27 0.75 9.79
C LEU A 20 -9.74 1.15 9.96
N PHE A 21 -9.98 2.43 10.21
CA PHE A 21 -11.34 2.92 10.40
C PHE A 21 -11.66 4.03 9.40
N LYS A 22 -12.82 3.95 8.77
CA LYS A 22 -13.23 4.96 7.81
C LYS A 22 -13.02 6.37 8.37
N ASN A 23 -12.05 7.08 7.81
CA ASN A 23 -11.75 8.44 8.27
C ASN A 23 -11.55 9.37 7.08
N SER A 24 -11.97 10.62 7.24
CA SER A 24 -11.83 11.60 6.17
C SER A 24 -12.55 11.12 4.92
N SER A 25 -12.40 11.89 3.84
CA SER A 25 -13.05 11.54 2.57
C SER A 25 -12.00 11.29 1.49
N GLY A 26 -11.32 12.36 1.08
CA GLY A 26 -10.30 12.24 0.04
C GLY A 26 -8.92 12.57 0.61
N LEU A 27 -8.78 12.43 1.93
CA LEU A 27 -7.49 12.71 2.58
C LEU A 27 -6.89 11.43 3.14
N GLY A 28 -5.84 10.94 2.48
CA GLY A 28 -5.17 9.72 2.92
C GLY A 28 -3.77 9.62 2.33
N PHE A 29 -3.41 8.44 1.87
CA PHE A 29 -2.08 8.23 1.28
C PHE A 29 -2.21 7.90 -0.20
N SER A 30 -1.08 7.58 -0.83
CA SER A 30 -1.07 7.26 -2.25
C SER A 30 -0.44 5.89 -2.48
N PHE A 31 -1.12 5.06 -3.26
CA PHE A 31 -0.62 3.72 -3.55
C PHE A 31 -0.33 3.56 -5.03
N SER A 32 0.92 3.27 -5.37
CA SER A 32 1.31 3.09 -6.76
C SER A 32 1.48 1.61 -7.09
N ARG A 33 0.83 1.16 -8.16
CA ARG A 33 0.93 -0.23 -8.57
C ARG A 33 1.89 -0.39 -9.73
N GLU A 34 2.66 -1.48 -9.72
CA GLU A 34 3.62 -1.74 -10.77
C GLU A 34 4.56 -0.56 -10.95
N ASP A 35 5.80 -0.71 -10.49
CA ASP A 35 6.79 0.36 -10.61
C ASP A 35 7.83 0.01 -11.66
N ASN A 36 8.85 0.85 -11.78
CA ASN A 36 9.91 0.62 -12.75
C ASN A 36 10.83 -0.52 -12.30
N LEU A 37 10.32 -1.34 -11.40
CA LEU A 37 11.11 -2.47 -10.89
C LEU A 37 10.81 -3.73 -11.68
N ILE A 38 9.52 -4.01 -11.88
CA ILE A 38 9.13 -5.21 -12.62
C ILE A 38 7.94 -4.89 -13.54
N PRO A 39 8.13 -3.99 -14.47
CA PRO A 39 7.07 -3.60 -15.43
C PRO A 39 6.84 -4.66 -16.51
N GLU A 40 7.16 -5.90 -16.17
CA GLU A 40 6.99 -7.00 -17.12
C GLU A 40 5.51 -7.32 -17.31
N GLN A 41 4.65 -6.50 -16.70
CA GLN A 41 3.22 -6.71 -16.82
C GLN A 41 2.88 -8.19 -16.70
N ILE A 42 3.25 -8.78 -15.56
CA ILE A 42 2.98 -10.20 -15.33
C ILE A 42 1.60 -10.40 -14.74
N ASN A 43 1.06 -11.60 -14.89
CA ASN A 43 -0.27 -11.91 -14.36
C ASN A 43 -0.45 -11.30 -12.98
N GLY A 44 -1.42 -10.41 -12.86
CA GLY A 44 -1.70 -9.75 -11.58
C GLY A 44 -0.74 -8.59 -11.36
N SER A 45 -1.22 -7.56 -10.67
CA SER A 45 -0.40 -6.39 -10.39
C SER A 45 -0.18 -6.23 -8.89
N ILE A 46 0.98 -5.69 -8.52
CA ILE A 46 1.30 -5.49 -7.11
C ILE A 46 1.06 -4.04 -6.71
N VAL A 47 0.46 -3.86 -5.55
CA VAL A 47 0.18 -2.51 -5.05
C VAL A 47 1.07 -2.18 -3.85
N ARG A 48 1.79 -1.07 -3.94
CA ARG A 48 2.68 -0.66 -2.87
C ARG A 48 2.51 0.82 -2.56
N VAL A 49 2.67 1.19 -1.31
CA VAL A 49 2.54 2.59 -0.89
C VAL A 49 3.63 3.43 -1.55
N LYS A 50 3.29 4.68 -1.88
CA LYS A 50 4.25 5.58 -2.51
C LYS A 50 4.45 6.82 -1.64
N LYS A 51 3.35 7.34 -1.10
CA LYS A 51 3.41 8.53 -0.26
C LYS A 51 2.69 8.29 1.06
N LEU A 52 3.04 9.09 2.07
CA LEU A 52 2.42 8.94 3.38
C LEU A 52 2.75 10.15 4.26
N PHE A 53 1.73 10.77 4.83
CA PHE A 53 1.93 11.93 5.70
C PHE A 53 1.41 11.65 7.11
N PRO A 54 1.92 12.35 8.09
CA PRO A 54 1.49 12.18 9.51
C PRO A 54 0.07 12.69 9.75
N GLY A 55 -0.60 12.08 10.73
CA GLY A 55 -1.97 12.47 11.05
C GLY A 55 -2.95 11.89 10.05
N GLN A 56 -2.46 11.06 9.14
CA GLN A 56 -3.30 10.45 8.13
C GLN A 56 -3.81 9.09 8.60
N PRO A 57 -4.98 8.68 8.18
CA PRO A 57 -5.55 7.37 8.57
C PRO A 57 -4.46 6.29 8.53
N ALA A 58 -3.61 6.37 7.51
CA ALA A 58 -2.53 5.42 7.36
C ALA A 58 -1.45 5.71 8.39
N ALA A 59 -1.37 6.96 8.82
CA ALA A 59 -0.38 7.36 9.82
C ALA A 59 -0.73 6.77 11.18
N GLU A 60 -1.92 7.10 11.67
CA GLU A 60 -2.38 6.61 12.96
C GLU A 60 -2.50 5.09 12.94
N SER A 61 -2.73 4.52 11.76
CA SER A 61 -2.88 3.08 11.61
C SER A 61 -1.99 2.35 12.62
N GLY A 62 -0.85 2.94 12.93
CA GLY A 62 0.07 2.34 13.88
C GLY A 62 1.50 2.36 13.35
N LYS A 63 1.71 1.76 12.18
CA LYS A 63 3.03 1.73 11.58
C LYS A 63 2.97 1.30 10.12
N ILE A 64 3.57 2.11 9.24
CA ILE A 64 3.58 1.79 7.82
C ILE A 64 4.86 2.33 7.18
N ASP A 65 5.29 1.69 6.10
CA ASP A 65 6.50 2.12 5.42
C ASP A 65 6.26 2.27 3.92
N VAL A 66 7.01 3.17 3.29
CA VAL A 66 6.87 3.40 1.86
C VAL A 66 7.30 2.17 1.07
N GLY A 67 6.32 1.36 0.68
CA GLY A 67 6.61 0.14 -0.07
C GLY A 67 5.75 -1.02 0.43
N ASP A 68 4.93 -0.76 1.43
CA ASP A 68 4.07 -1.80 1.99
C ASP A 68 3.50 -2.67 0.87
N VAL A 69 2.95 -3.82 1.24
CA VAL A 69 2.38 -4.73 0.25
C VAL A 69 0.99 -5.20 0.69
N ILE A 70 -0.03 -4.66 0.05
CA ILE A 70 -1.41 -5.03 0.37
C ILE A 70 -1.82 -6.24 -0.45
N LEU A 71 -2.03 -7.37 0.22
CA LEU A 71 -2.41 -8.60 -0.46
C LEU A 71 -3.91 -8.59 -0.75
N LYS A 72 -4.71 -8.40 0.29
CA LYS A 72 -6.17 -8.40 0.14
C LYS A 72 -6.77 -7.19 0.85
N VAL A 73 -7.93 -6.74 0.36
CA VAL A 73 -8.60 -5.59 0.96
C VAL A 73 -10.04 -5.94 1.32
N ASN A 74 -10.36 -5.84 2.59
CA ASN A 74 -11.72 -6.13 3.05
C ASN A 74 -12.27 -7.38 2.38
N GLY A 75 -11.36 -8.24 1.91
CA GLY A 75 -11.77 -9.47 1.25
C GLY A 75 -11.80 -9.29 -0.27
N ALA A 76 -10.88 -8.49 -0.78
CA ALA A 76 -10.79 -8.24 -2.21
C ALA A 76 -9.46 -8.74 -2.77
N PRO A 77 -9.40 -9.99 -3.13
CA PRO A 77 -8.16 -10.61 -3.69
C PRO A 77 -7.59 -9.81 -4.85
N LEU A 78 -6.28 -9.62 -4.85
CA LEU A 78 -5.62 -8.86 -5.91
C LEU A 78 -5.91 -9.49 -7.27
N LYS A 79 -6.57 -10.64 -7.26
CA LYS A 79 -6.89 -11.34 -8.49
C LYS A 79 -8.03 -10.63 -9.24
N GLY A 80 -7.75 -9.40 -9.68
CA GLY A 80 -8.75 -8.62 -10.40
C GLY A 80 -9.24 -7.45 -9.55
N LEU A 81 -8.37 -6.46 -9.36
CA LEU A 81 -8.73 -5.30 -8.56
C LEU A 81 -8.64 -4.03 -9.41
N SER A 82 -9.72 -3.24 -9.41
CA SER A 82 -9.75 -2.01 -10.18
C SER A 82 -9.20 -0.85 -9.35
N GLN A 83 -8.27 -0.10 -9.94
CA GLN A 83 -7.67 1.04 -9.25
C GLN A 83 -8.76 2.00 -8.77
N GLN A 84 -9.93 1.91 -9.38
CA GLN A 84 -11.04 2.78 -9.01
C GLN A 84 -11.79 2.22 -7.81
N ASP A 85 -11.93 0.90 -7.77
CA ASP A 85 -12.63 0.24 -6.67
C ASP A 85 -11.98 0.59 -5.34
N VAL A 86 -10.66 0.71 -5.34
CA VAL A 86 -9.93 1.03 -4.12
C VAL A 86 -10.51 2.29 -3.46
N ILE A 87 -10.48 3.39 -4.20
CA ILE A 87 -11.00 4.65 -3.68
C ILE A 87 -12.42 4.46 -3.15
N SER A 88 -13.24 3.75 -3.93
CA SER A 88 -14.62 3.50 -3.53
C SER A 88 -14.65 2.73 -2.22
N ALA A 89 -13.66 1.87 -2.02
CA ALA A 89 -13.57 1.08 -0.80
C ALA A 89 -13.09 1.94 0.36
N LEU A 90 -12.16 2.84 0.07
CA LEU A 90 -11.63 3.73 1.10
C LEU A 90 -12.61 4.86 1.40
N ARG A 91 -13.59 5.03 0.51
CA ARG A 91 -14.60 6.08 0.70
C ARG A 91 -15.67 5.62 1.68
N GLY A 92 -15.99 4.34 1.64
CA GLY A 92 -17.01 3.78 2.54
C GLY A 92 -17.68 2.55 1.92
N THR A 93 -17.45 1.40 2.54
CA THR A 93 -18.02 0.16 2.05
C THR A 93 -18.33 -0.78 3.20
N ALA A 94 -17.65 -0.58 4.32
CA ALA A 94 -17.85 -1.41 5.51
C ALA A 94 -17.54 -0.62 6.77
N PRO A 95 -18.00 -1.09 7.90
CA PRO A 95 -17.78 -0.42 9.21
C PRO A 95 -16.30 -0.37 9.58
N GLU A 96 -15.54 -1.34 9.09
CA GLU A 96 -14.11 -1.39 9.38
C GLU A 96 -13.34 -1.85 8.14
N VAL A 97 -12.08 -1.45 8.05
CA VAL A 97 -11.25 -1.83 6.91
C VAL A 97 -10.22 -2.88 7.32
N SER A 98 -10.52 -4.14 6.97
CA SER A 98 -9.61 -5.24 7.30
C SER A 98 -8.86 -5.69 6.05
N LEU A 99 -7.54 -5.56 6.07
CA LEU A 99 -6.73 -5.96 4.92
C LEU A 99 -5.49 -6.72 5.39
N LEU A 100 -4.82 -7.38 4.45
CA LEU A 100 -3.63 -8.13 4.78
C LEU A 100 -2.37 -7.36 4.41
N LEU A 101 -1.40 -7.34 5.33
CA LEU A 101 -0.15 -6.62 5.09
C LEU A 101 1.02 -7.58 5.03
N CYS A 102 1.86 -7.42 4.02
CA CYS A 102 3.03 -8.27 3.86
C CYS A 102 4.30 -7.44 3.77
N ARG A 103 5.34 -7.89 4.45
CA ARG A 103 6.61 -7.18 4.44
C ARG A 103 7.74 -8.08 3.97
N PRO A 104 7.86 -8.27 2.68
CA PRO A 104 8.92 -9.13 2.08
C PRO A 104 10.31 -8.75 2.57
N ALA A 105 11.32 -9.53 2.18
CA ALA A 105 12.68 -9.26 2.60
C ALA A 105 13.40 -8.41 1.54
N PRO A 106 14.46 -7.76 1.93
CA PRO A 106 15.25 -6.89 1.01
C PRO A 106 16.01 -7.71 -0.05
N GLY A 107 15.79 -7.38 -1.31
CA GLY A 107 16.46 -8.08 -2.39
C GLY A 107 15.50 -8.35 -3.55
N VAL A 108 14.33 -8.90 -3.22
CA VAL A 108 13.33 -9.19 -4.23
C VAL A 108 12.51 -7.94 -4.58
N LEU A 109 12.26 -7.12 -3.57
CA LEU A 109 11.49 -5.89 -3.76
C LEU A 109 11.97 -4.80 -2.80
N PRO A 110 12.99 -4.08 -3.18
CA PRO A 110 13.56 -2.99 -2.33
C PRO A 110 12.47 -2.04 -1.81
N GLU A 111 12.89 -1.01 -1.09
CA GLU A 111 11.94 -0.05 -0.53
C GLU A 111 11.90 1.21 -1.38
N ILE A 112 10.70 1.71 -1.64
CA ILE A 112 10.53 2.91 -2.44
C ILE A 112 10.83 4.16 -1.60
N ASP A 113 11.51 5.13 -2.21
CA ASP A 113 11.85 6.36 -1.52
C ASP A 113 12.02 7.51 -2.52
N THR A 114 11.29 8.60 -2.30
CA THR A 114 11.36 9.75 -3.19
C THR A 114 12.68 10.50 -2.96
N PRO A 115 13.20 11.15 -3.97
CA PRO A 115 14.46 11.92 -3.87
C PRO A 115 14.30 13.19 -3.04
N GLY A 116 15.15 13.36 -2.03
CA GLY A 116 15.08 14.53 -1.18
C GLY A 116 16.47 14.88 -0.63
N ASN A 117 17.06 15.94 -1.19
CA ASN A 117 18.38 16.38 -0.75
C ASN A 117 18.42 16.57 0.76
N SER A 118 17.25 16.86 1.33
CA SER A 118 17.16 17.07 2.78
C SER A 118 15.70 17.24 3.20
N SER A 119 14.98 18.10 2.49
CA SER A 119 13.58 18.35 2.80
C SER A 119 12.69 17.28 2.17
N MET B 1 -5.19 1.90 -31.41
CA MET B 1 -5.25 2.39 -30.00
C MET B 1 -6.04 1.39 -29.16
N PHE B 2 -5.81 0.10 -29.41
CA PHE B 2 -6.51 -0.95 -28.67
C PHE B 2 -5.76 -1.28 -27.38
N ARG B 3 -6.45 -1.95 -26.46
CA ARG B 3 -5.84 -2.33 -25.19
C ARG B 3 -4.96 -1.20 -24.66
N ASP B 4 -5.60 -0.16 -24.12
CA ASP B 4 -4.86 0.97 -23.58
C ASP B 4 -4.13 0.59 -22.30
N PHE B 5 -3.10 1.34 -21.96
CA PHE B 5 -2.33 1.07 -20.75
C PHE B 5 -3.16 1.35 -19.49
N ASP B 6 -3.76 2.53 -19.46
CA ASP B 6 -4.59 2.92 -18.32
C ASP B 6 -3.72 3.18 -17.09
N TYR B 7 -3.02 4.31 -17.09
CA TYR B 7 -2.16 4.66 -15.97
C TYR B 7 -2.99 5.11 -14.77
N ILE B 8 -2.52 4.76 -13.57
CA ILE B 8 -3.22 5.13 -12.35
C ILE B 8 -2.90 6.57 -11.96
N ALA B 9 -3.95 7.36 -11.71
CA ALA B 9 -3.77 8.75 -11.33
C ALA B 9 -4.83 9.17 -10.31
N ASP B 10 -4.78 8.58 -9.13
CA ASP B 10 -5.74 8.89 -8.08
C ASP B 10 -5.17 8.56 -6.71
N TRP B 11 -5.90 8.93 -5.66
CA TRP B 11 -5.46 8.67 -4.29
C TRP B 11 -6.58 8.94 -3.31
N CYS B 12 -6.64 8.13 -2.26
CA CYS B 12 -7.68 8.29 -1.24
C CYS B 12 -7.26 9.35 -0.22
N THR A 1 26.28 -4.77 9.94
CA THR A 1 25.01 -4.19 10.45
C THR A 1 23.97 -5.30 10.57
N PRO A 2 24.12 -6.16 11.54
CA PRO A 2 23.17 -7.29 11.77
C PRO A 2 21.72 -6.83 11.79
N HIS A 3 20.87 -7.55 11.06
CA HIS A 3 19.46 -7.20 11.00
C HIS A 3 18.87 -7.05 12.40
N VAL A 4 18.03 -6.04 12.58
CA VAL A 4 17.42 -5.79 13.89
C VAL A 4 15.91 -5.65 13.75
N LYS A 5 15.18 -6.33 14.62
CA LYS A 5 13.73 -6.27 14.59
C LYS A 5 13.21 -5.17 15.51
N ASP A 6 11.91 -4.89 15.43
CA ASP A 6 11.31 -3.86 16.26
C ASP A 6 10.59 -4.47 17.46
N TYR A 7 9.57 -5.26 17.18
CA TYR A 7 8.80 -5.91 18.24
C TYR A 7 8.84 -7.43 18.07
N SER A 8 8.38 -8.15 19.09
CA SER A 8 8.37 -9.61 19.04
C SER A 8 7.14 -10.12 18.30
N PHE A 9 6.22 -9.20 18.00
CA PHE A 9 5.00 -9.56 17.28
C PHE A 9 5.20 -9.41 15.78
N VAL A 10 5.27 -8.17 15.33
CA VAL A 10 5.45 -7.90 13.89
C VAL A 10 6.78 -8.46 13.40
N THR A 11 6.72 -9.34 12.41
CA THR A 11 7.92 -9.95 11.86
C THR A 11 8.34 -9.24 10.57
N GLU A 12 9.18 -9.90 9.78
CA GLU A 12 9.63 -9.33 8.52
C GLU A 12 9.57 -10.37 7.40
N ASP A 13 9.10 -11.56 7.73
CA ASP A 13 9.00 -12.63 6.75
C ASP A 13 7.58 -13.19 6.70
N ASN A 14 6.65 -12.47 7.30
CA ASN A 14 5.25 -12.91 7.32
C ASN A 14 4.31 -11.73 7.06
N THR A 15 3.02 -12.02 6.97
CA THR A 15 2.03 -10.99 6.72
C THR A 15 1.33 -10.60 8.02
N PHE A 16 1.16 -9.31 8.23
CA PHE A 16 0.51 -8.81 9.44
C PHE A 16 -0.97 -8.54 9.19
N GLU A 17 -1.62 -7.95 10.19
CA GLU A 17 -3.03 -7.63 10.11
C GLU A 17 -3.31 -6.28 10.75
N VAL A 18 -3.89 -5.37 9.97
CA VAL A 18 -4.20 -4.03 10.47
C VAL A 18 -5.66 -3.70 10.21
N LYS A 19 -6.22 -2.81 11.02
CA LYS A 19 -7.61 -2.41 10.87
C LYS A 19 -7.75 -0.90 11.02
N LEU A 20 -8.38 -0.26 10.04
CA LEU A 20 -8.58 1.18 10.09
C LEU A 20 -10.06 1.53 9.98
N PHE A 21 -10.39 2.78 10.29
CA PHE A 21 -11.78 3.22 10.23
C PHE A 21 -11.87 4.61 9.60
N LYS A 22 -12.67 4.72 8.55
CA LYS A 22 -12.85 6.00 7.86
C LYS A 22 -14.14 6.02 7.08
N ASN A 23 -14.70 7.21 6.87
CA ASN A 23 -15.95 7.35 6.13
C ASN A 23 -15.89 8.54 5.19
N SER A 24 -15.98 8.28 3.89
CA SER A 24 -15.94 9.34 2.90
C SER A 24 -14.53 9.93 2.81
N SER A 25 -14.44 11.19 2.37
CA SER A 25 -13.16 11.87 2.24
C SER A 25 -12.33 11.22 1.14
N GLY A 26 -11.12 11.73 0.94
CA GLY A 26 -10.23 11.20 -0.10
C GLY A 26 -8.89 11.91 -0.06
N LEU A 27 -8.59 12.56 1.05
CA LEU A 27 -7.32 13.28 1.20
C LEU A 27 -6.51 12.69 2.35
N GLY A 28 -5.22 12.48 2.11
CA GLY A 28 -4.34 11.93 3.12
C GLY A 28 -3.09 11.31 2.48
N PHE A 29 -2.94 10.00 2.66
CA PHE A 29 -1.79 9.31 2.11
C PHE A 29 -2.01 9.03 0.62
N SER A 30 -1.06 8.32 0.01
CA SER A 30 -1.17 7.99 -1.41
C SER A 30 -0.50 6.65 -1.70
N PHE A 31 -1.05 5.91 -2.66
CA PHE A 31 -0.49 4.62 -3.02
C PHE A 31 -0.51 4.43 -4.53
N SER A 32 0.59 3.91 -5.08
CA SER A 32 0.69 3.68 -6.52
C SER A 32 0.59 2.19 -6.82
N ARG A 33 -0.18 1.84 -7.85
CA ARG A 33 -0.34 0.45 -8.23
C ARG A 33 0.21 0.20 -9.63
N GLU A 34 0.96 1.17 -10.15
CA GLU A 34 1.54 1.04 -11.48
C GLU A 34 3.02 0.75 -11.38
N ASP A 35 3.37 -0.22 -10.55
CA ASP A 35 4.77 -0.60 -10.36
C ASP A 35 5.45 -0.80 -11.72
N ASN A 36 6.75 -0.51 -11.77
CA ASN A 36 7.51 -0.67 -13.01
C ASN A 36 8.76 -1.51 -12.76
N LEU A 37 8.63 -2.49 -11.87
CA LEU A 37 9.75 -3.37 -11.55
C LEU A 37 9.62 -4.70 -12.29
N ILE A 38 8.52 -5.40 -12.05
CA ILE A 38 8.29 -6.70 -12.69
C ILE A 38 6.81 -6.88 -13.01
N PRO A 39 6.31 -6.15 -13.97
CA PRO A 39 4.88 -6.24 -14.38
C PRO A 39 4.62 -7.46 -15.26
N GLU A 40 5.25 -8.58 -14.92
CA GLU A 40 5.08 -9.81 -15.67
C GLU A 40 3.86 -10.59 -15.19
N GLN A 41 3.24 -10.07 -14.12
CA GLN A 41 2.07 -10.71 -13.56
C GLN A 41 0.80 -10.26 -14.28
N ILE A 42 0.67 -10.68 -15.53
CA ILE A 42 -0.50 -10.31 -16.33
C ILE A 42 -1.79 -10.62 -15.56
N ASN A 43 -2.80 -9.78 -15.76
CA ASN A 43 -4.07 -9.97 -15.07
C ASN A 43 -3.91 -9.75 -13.57
N GLY A 44 -4.07 -8.51 -13.13
CA GLY A 44 -3.92 -8.18 -11.72
C GLY A 44 -2.57 -7.54 -11.45
N SER A 45 -2.57 -6.49 -10.63
CA SER A 45 -1.33 -5.80 -10.31
C SER A 45 -1.10 -5.79 -8.79
N ILE A 46 -0.19 -4.93 -8.35
CA ILE A 46 0.12 -4.83 -6.93
C ILE A 46 -0.01 -3.38 -6.45
N VAL A 47 -0.54 -3.21 -5.24
CA VAL A 47 -0.71 -1.87 -4.69
C VAL A 47 0.26 -1.63 -3.54
N ARG A 48 0.98 -0.52 -3.61
CA ARG A 48 1.95 -0.19 -2.57
C ARG A 48 1.85 1.30 -2.20
N VAL A 49 2.27 1.63 -0.99
CA VAL A 49 2.21 3.02 -0.54
C VAL A 49 3.29 3.84 -1.23
N LYS A 50 2.91 5.02 -1.73
CA LYS A 50 3.85 5.88 -2.42
C LYS A 50 4.33 7.00 -1.50
N LYS A 51 3.41 7.60 -0.76
CA LYS A 51 3.76 8.68 0.14
C LYS A 51 3.07 8.52 1.48
N LEU A 52 3.64 9.11 2.52
CA LEU A 52 3.08 9.03 3.86
C LEU A 52 2.89 10.43 4.45
N PHE A 53 1.76 10.65 5.10
CA PHE A 53 1.47 11.96 5.69
C PHE A 53 1.17 11.82 7.19
N PRO A 54 2.17 11.95 8.03
CA PRO A 54 1.98 11.83 9.51
C PRO A 54 0.82 12.67 10.02
N GLY A 55 -0.04 12.06 10.82
CA GLY A 55 -1.20 12.76 11.38
C GLY A 55 -2.49 12.22 10.80
N GLN A 56 -2.38 11.18 9.97
CA GLN A 56 -3.55 10.57 9.36
C GLN A 56 -3.81 9.18 9.93
N PRO A 57 -5.05 8.75 9.98
CA PRO A 57 -5.40 7.40 10.51
C PRO A 57 -4.41 6.36 10.01
N ALA A 58 -4.12 6.41 8.72
CA ALA A 58 -3.19 5.48 8.11
C ALA A 58 -1.77 5.78 8.59
N ALA A 59 -1.56 7.00 9.06
CA ALA A 59 -0.23 7.40 9.54
C ALA A 59 -0.07 7.04 11.02
N GLU A 60 -1.07 7.41 11.82
CA GLU A 60 -1.03 7.15 13.25
C GLU A 60 -1.32 5.67 13.53
N SER A 61 -1.76 4.95 12.51
CA SER A 61 -2.08 3.53 12.66
C SER A 61 -1.11 2.87 13.65
N GLY A 62 0.11 3.37 13.70
CA GLY A 62 1.11 2.82 14.61
C GLY A 62 2.45 2.68 13.91
N LYS A 63 2.45 2.05 12.73
CA LYS A 63 3.69 1.85 11.98
C LYS A 63 3.38 1.48 10.54
N ILE A 64 3.99 2.21 9.60
CA ILE A 64 3.79 1.95 8.19
C ILE A 64 5.11 2.09 7.43
N ASP A 65 5.14 1.57 6.21
CA ASP A 65 6.37 1.64 5.40
C ASP A 65 6.04 2.10 3.98
N VAL A 66 6.74 3.14 3.53
CA VAL A 66 6.52 3.68 2.19
C VAL A 66 6.92 2.65 1.14
N GLY A 67 5.94 1.88 0.67
CA GLY A 67 6.20 0.87 -0.34
C GLY A 67 5.74 -0.51 0.15
N ASP A 68 4.97 -0.52 1.24
CA ASP A 68 4.47 -1.75 1.80
C ASP A 68 3.68 -2.54 0.76
N VAL A 69 3.23 -3.73 1.13
CA VAL A 69 2.46 -4.55 0.21
C VAL A 69 1.24 -5.14 0.91
N ILE A 70 0.05 -4.66 0.52
CA ILE A 70 -1.18 -5.14 1.12
C ILE A 70 -1.60 -6.46 0.46
N LEU A 71 -1.46 -7.55 1.20
CA LEU A 71 -1.82 -8.86 0.67
C LEU A 71 -3.30 -8.92 0.31
N LYS A 72 -4.15 -8.57 1.27
CA LYS A 72 -5.59 -8.58 1.03
C LYS A 72 -6.22 -7.25 1.45
N VAL A 73 -7.22 -6.82 0.68
CA VAL A 73 -7.90 -5.57 0.98
C VAL A 73 -9.38 -5.81 1.27
N ASN A 74 -9.79 -5.53 2.50
CA ASN A 74 -11.18 -5.70 2.90
C ASN A 74 -11.75 -6.97 2.28
N GLY A 75 -10.91 -7.99 2.12
CA GLY A 75 -11.36 -9.25 1.54
C GLY A 75 -11.26 -9.21 0.02
N ALA A 76 -10.23 -8.53 -0.47
CA ALA A 76 -10.02 -8.42 -1.92
C ALA A 76 -8.71 -9.10 -2.33
N PRO A 77 -8.77 -10.37 -2.65
CA PRO A 77 -7.55 -11.14 -3.06
C PRO A 77 -6.79 -10.46 -4.20
N LEU A 78 -5.47 -10.56 -4.16
CA LEU A 78 -4.64 -9.94 -5.19
C LEU A 78 -4.64 -10.79 -6.46
N LYS A 79 -5.77 -11.42 -6.75
CA LYS A 79 -5.87 -12.26 -7.94
C LYS A 79 -6.91 -11.70 -8.90
N GLY A 80 -6.56 -10.60 -9.56
CA GLY A 80 -7.47 -9.97 -10.52
C GLY A 80 -8.02 -8.66 -9.97
N LEU A 81 -7.16 -7.64 -9.92
CA LEU A 81 -7.57 -6.34 -9.42
C LEU A 81 -7.46 -5.28 -10.51
N SER A 82 -8.38 -4.33 -10.50
CA SER A 82 -8.38 -3.26 -11.50
C SER A 82 -7.72 -2.01 -10.95
N GLN A 83 -7.93 -0.89 -11.63
CA GLN A 83 -7.36 0.38 -11.21
C GLN A 83 -8.40 1.23 -10.49
N GLN A 84 -9.61 0.69 -10.36
CA GLN A 84 -10.69 1.42 -9.69
C GLN A 84 -11.31 0.55 -8.60
N ASP A 85 -10.72 -0.63 -8.36
CA ASP A 85 -11.24 -1.54 -7.35
C ASP A 85 -10.72 -1.15 -5.97
N VAL A 86 -9.42 -0.91 -5.87
CA VAL A 86 -8.81 -0.52 -4.60
C VAL A 86 -9.50 0.73 -4.04
N ILE A 87 -9.41 1.82 -4.79
CA ILE A 87 -10.02 3.07 -4.35
C ILE A 87 -11.48 2.85 -3.96
N SER A 88 -12.19 2.09 -4.79
CA SER A 88 -13.60 1.81 -4.52
C SER A 88 -13.76 1.11 -3.17
N ALA A 89 -12.77 0.30 -2.81
CA ALA A 89 -12.81 -0.42 -1.54
C ALA A 89 -12.59 0.54 -0.37
N LEU A 90 -11.59 1.41 -0.50
CA LEU A 90 -11.27 2.36 0.54
C LEU A 90 -12.38 3.41 0.65
N ARG A 91 -13.12 3.61 -0.44
CA ARG A 91 -14.19 4.58 -0.45
C ARG A 91 -15.55 3.88 -0.46
N GLY A 92 -15.52 2.55 -0.49
CA GLY A 92 -16.74 1.76 -0.51
C GLY A 92 -17.52 1.94 0.80
N THR A 93 -18.78 1.52 0.79
CA THR A 93 -19.62 1.64 1.98
C THR A 93 -19.41 0.45 2.90
N ALA A 94 -18.66 0.66 3.98
CA ALA A 94 -18.39 -0.41 4.93
C ALA A 94 -18.18 0.17 6.33
N PRO A 95 -18.27 -0.67 7.33
CA PRO A 95 -18.08 -0.25 8.75
C PRO A 95 -16.63 0.10 9.06
N GLU A 96 -15.71 -0.75 8.60
CA GLU A 96 -14.29 -0.52 8.83
C GLU A 96 -13.46 -1.06 7.66
N VAL A 97 -12.16 -0.80 7.70
CA VAL A 97 -11.27 -1.26 6.64
C VAL A 97 -10.24 -2.24 7.20
N SER A 98 -10.46 -3.53 6.94
CA SER A 98 -9.54 -4.55 7.42
C SER A 98 -8.66 -5.06 6.28
N LEU A 99 -7.35 -4.96 6.47
CA LEU A 99 -6.41 -5.42 5.45
C LEU A 99 -5.22 -6.11 6.10
N LEU A 100 -4.40 -6.76 5.28
CA LEU A 100 -3.23 -7.45 5.80
C LEU A 100 -1.96 -6.85 5.21
N LEU A 101 -0.98 -6.62 6.07
CA LEU A 101 0.29 -6.04 5.64
C LEU A 101 1.31 -7.13 5.31
N CYS A 102 1.97 -6.99 4.16
CA CYS A 102 2.96 -7.97 3.74
C CYS A 102 4.32 -7.31 3.58
N ARG A 103 5.27 -7.71 4.42
CA ARG A 103 6.62 -7.16 4.36
C ARG A 103 7.64 -8.28 4.19
N PRO A 104 7.80 -8.77 2.99
CA PRO A 104 8.76 -9.87 2.69
C PRO A 104 10.19 -9.36 2.54
N ALA A 105 11.13 -10.29 2.40
CA ALA A 105 12.53 -9.92 2.25
C ALA A 105 12.78 -9.29 0.89
N PRO A 106 13.91 -8.64 0.74
CA PRO A 106 14.28 -7.96 -0.53
C PRO A 106 14.65 -8.97 -1.63
N GLY A 107 15.28 -8.48 -2.70
CA GLY A 107 15.68 -9.35 -3.79
C GLY A 107 14.50 -9.61 -4.73
N VAL A 108 13.32 -9.77 -4.15
CA VAL A 108 12.12 -10.04 -4.94
C VAL A 108 11.43 -8.73 -5.31
N LEU A 109 11.22 -7.87 -4.33
CA LEU A 109 10.57 -6.58 -4.56
C LEU A 109 11.16 -5.50 -3.65
N PRO A 110 12.24 -4.89 -4.08
CA PRO A 110 12.91 -3.82 -3.28
C PRO A 110 11.93 -2.77 -2.77
N GLU A 111 12.23 -2.19 -1.62
CA GLU A 111 11.36 -1.18 -1.03
C GLU A 111 11.41 0.10 -1.85
N ILE A 112 10.26 0.78 -1.94
CA ILE A 112 10.18 2.02 -2.70
C ILE A 112 10.65 3.20 -1.84
N ASP A 113 11.35 4.14 -2.46
CA ASP A 113 11.84 5.31 -1.75
C ASP A 113 12.48 6.30 -2.72
N THR A 114 12.04 7.55 -2.64
CA THR A 114 12.58 8.59 -3.52
C THR A 114 14.04 8.89 -3.15
N PRO A 115 14.79 9.42 -4.07
CA PRO A 115 16.22 9.76 -3.84
C PRO A 115 16.38 10.94 -2.88
N GLY A 116 17.45 10.90 -2.07
CA GLY A 116 17.69 11.96 -1.11
C GLY A 116 18.58 13.05 -1.71
N ASN A 117 18.59 14.22 -1.08
CA ASN A 117 19.39 15.33 -1.56
C ASN A 117 20.84 15.16 -1.14
N SER A 118 21.05 14.68 0.07
CA SER A 118 22.40 14.48 0.59
C SER A 118 23.24 15.74 0.41
N SER A 119 24.53 15.64 0.72
CA SER A 119 25.43 16.77 0.59
C SER A 119 24.85 17.99 1.31
N MET B 1 -7.80 0.51 -19.53
CA MET B 1 -7.77 0.29 -21.00
C MET B 1 -7.82 1.64 -21.71
N PHE B 2 -7.61 1.62 -23.02
CA PHE B 2 -7.64 2.84 -23.81
C PHE B 2 -6.39 3.68 -23.53
N ARG B 3 -6.09 3.88 -22.26
CA ARG B 3 -4.93 4.67 -21.86
C ARG B 3 -3.80 3.76 -21.39
N ASP B 4 -3.91 3.28 -20.15
CA ASP B 4 -2.90 2.41 -19.59
C ASP B 4 -1.50 2.94 -19.87
N PHE B 5 -1.34 4.26 -19.75
CA PHE B 5 -0.04 4.88 -20.00
C PHE B 5 0.08 6.19 -19.22
N ASP B 6 -1.03 6.63 -18.65
CA ASP B 6 -1.05 7.88 -17.88
C ASP B 6 -1.21 7.58 -16.39
N TYR B 7 -0.80 8.53 -15.56
CA TYR B 7 -0.91 8.36 -14.11
C TYR B 7 -2.35 8.08 -13.71
N ILE B 8 -2.53 7.11 -12.83
CA ILE B 8 -3.87 6.74 -12.36
C ILE B 8 -4.36 7.74 -11.33
N ALA B 9 -3.43 8.31 -10.56
CA ALA B 9 -3.78 9.28 -9.54
C ALA B 9 -4.62 8.63 -8.44
N ASP B 10 -5.67 9.30 -8.02
CA ASP B 10 -6.55 8.77 -6.98
C ASP B 10 -5.76 8.56 -5.68
N TRP B 11 -6.46 8.64 -4.56
CA TRP B 11 -5.82 8.46 -3.26
C TRP B 11 -6.85 8.51 -2.14
N CYS B 12 -6.39 8.34 -0.91
CA CYS B 12 -7.28 8.38 0.25
C CYS B 12 -6.70 9.25 1.36
N THR A 1 19.97 -3.67 5.64
CA THR A 1 21.17 -3.34 6.45
C THR A 1 20.97 -3.79 7.89
N PRO A 2 19.82 -3.50 8.46
CA PRO A 2 19.51 -3.87 9.86
C PRO A 2 18.94 -5.28 9.96
N HIS A 3 19.22 -5.94 11.08
CA HIS A 3 18.73 -7.30 11.29
C HIS A 3 18.00 -7.40 12.63
N VAL A 4 18.19 -6.40 13.48
CA VAL A 4 17.54 -6.38 14.79
C VAL A 4 16.14 -5.80 14.69
N LYS A 5 15.19 -6.40 15.41
CA LYS A 5 13.81 -5.92 15.39
C LYS A 5 13.44 -5.32 16.74
N ASP A 6 12.17 -4.96 16.89
CA ASP A 6 11.69 -4.37 18.14
C ASP A 6 10.98 -5.41 18.99
N TYR A 7 10.13 -6.21 18.34
CA TYR A 7 9.38 -7.25 19.06
C TYR A 7 9.64 -8.61 18.43
N SER A 8 8.89 -9.61 18.87
CA SER A 8 9.04 -10.97 18.35
C SER A 8 7.90 -11.31 17.40
N PHE A 9 6.95 -10.39 17.27
CA PHE A 9 5.81 -10.61 16.38
C PHE A 9 5.92 -9.74 15.14
N VAL A 10 7.12 -9.22 14.88
CA VAL A 10 7.34 -8.37 13.71
C VAL A 10 8.59 -8.81 12.95
N THR A 11 8.39 -9.60 11.90
CA THR A 11 9.50 -10.09 11.10
C THR A 11 9.33 -9.68 9.64
N GLU A 12 10.19 -10.20 8.78
CA GLU A 12 10.12 -9.89 7.35
C GLU A 12 9.58 -11.08 6.57
N ASP A 13 9.42 -12.21 7.25
CA ASP A 13 8.90 -13.41 6.60
C ASP A 13 7.47 -13.69 7.06
N ASN A 14 6.70 -12.63 7.28
CA ASN A 14 5.33 -12.78 7.73
C ASN A 14 4.45 -11.65 7.17
N THR A 15 3.14 -11.77 7.35
CA THR A 15 2.22 -10.76 6.87
C THR A 15 1.76 -9.87 8.03
N PHE A 16 0.72 -9.08 7.77
CA PHE A 16 0.19 -8.18 8.80
C PHE A 16 -1.31 -7.97 8.63
N GLU A 17 -1.93 -7.41 9.65
CA GLU A 17 -3.36 -7.15 9.63
C GLU A 17 -3.65 -5.74 10.14
N VAL A 18 -4.24 -4.91 9.28
CA VAL A 18 -4.56 -3.54 9.66
C VAL A 18 -6.06 -3.28 9.50
N LYS A 19 -6.71 -2.93 10.59
CA LYS A 19 -8.15 -2.66 10.57
C LYS A 19 -8.41 -1.18 10.87
N LEU A 20 -8.76 -0.43 9.85
CA LEU A 20 -9.04 0.99 10.02
C LEU A 20 -10.55 1.25 9.96
N PHE A 21 -10.96 2.43 10.41
CA PHE A 21 -12.38 2.78 10.40
C PHE A 21 -12.68 3.80 9.30
N LYS A 22 -13.92 3.83 8.84
CA LYS A 22 -14.32 4.76 7.80
C LYS A 22 -13.76 6.15 8.08
N ASN A 23 -13.27 6.81 7.04
CA ASN A 23 -12.71 8.14 7.17
C ASN A 23 -13.27 9.07 6.11
N SER A 24 -13.52 10.33 6.49
CA SER A 24 -14.06 11.31 5.56
C SER A 24 -12.93 12.13 4.94
N SER A 25 -13.30 13.02 4.02
CA SER A 25 -12.31 13.87 3.35
C SER A 25 -11.33 13.01 2.56
N GLY A 26 -10.61 13.65 1.65
CA GLY A 26 -9.63 12.94 0.83
C GLY A 26 -8.23 13.52 1.01
N LEU A 27 -7.53 13.72 -0.10
CA LEU A 27 -6.18 14.28 -0.06
C LEU A 27 -5.43 13.74 1.17
N GLY A 28 -4.88 12.55 1.04
CA GLY A 28 -4.14 11.93 2.13
C GLY A 28 -2.89 11.23 1.61
N PHE A 29 -2.82 9.91 1.82
CA PHE A 29 -1.68 9.14 1.37
C PHE A 29 -1.86 8.74 -0.09
N SER A 30 -0.96 7.89 -0.59
CA SER A 30 -1.03 7.42 -1.97
C SER A 30 -0.46 6.02 -2.10
N PHE A 31 -0.81 5.35 -3.19
CA PHE A 31 -0.31 4.00 -3.42
C PHE A 31 -0.16 3.73 -4.92
N SER A 32 1.06 3.40 -5.34
CA SER A 32 1.32 3.13 -6.74
C SER A 32 0.86 1.73 -7.10
N ARG A 33 -0.02 1.64 -8.10
CA ARG A 33 -0.53 0.34 -8.54
C ARG A 33 0.18 -0.12 -9.81
N GLU A 34 0.51 0.84 -10.68
CA GLU A 34 1.20 0.52 -11.92
C GLU A 34 2.57 -0.08 -11.64
N ASP A 35 2.81 -1.27 -12.18
CA ASP A 35 4.08 -1.95 -11.98
C ASP A 35 4.66 -2.40 -13.32
N ASN A 36 5.94 -2.11 -13.53
CA ASN A 36 6.60 -2.48 -14.78
C ASN A 36 8.01 -3.00 -14.51
N LEU A 37 8.13 -3.87 -13.50
CA LEU A 37 9.42 -4.44 -13.15
C LEU A 37 9.63 -5.78 -13.84
N ILE A 38 8.53 -6.47 -14.10
CA ILE A 38 8.59 -7.77 -14.78
C ILE A 38 7.53 -7.85 -15.87
N PRO A 39 7.73 -7.13 -16.94
CA PRO A 39 6.78 -7.12 -18.09
C PRO A 39 6.91 -8.38 -18.95
N GLU A 40 7.40 -9.45 -18.35
CA GLU A 40 7.57 -10.71 -19.07
C GLU A 40 6.54 -11.73 -18.61
N GLN A 41 6.16 -11.66 -17.34
CA GLN A 41 5.18 -12.58 -16.78
C GLN A 41 4.02 -11.81 -16.16
N ILE A 42 3.14 -11.30 -17.01
CA ILE A 42 1.98 -10.54 -16.53
C ILE A 42 1.20 -11.35 -15.49
N ASN A 43 1.42 -11.02 -14.22
CA ASN A 43 0.74 -11.71 -13.14
C ASN A 43 -0.07 -10.73 -12.29
N GLY A 44 -0.60 -11.21 -11.18
CA GLY A 44 -1.40 -10.37 -10.29
C GLY A 44 -0.72 -9.02 -10.08
N SER A 45 -1.52 -7.97 -10.03
CA SER A 45 -0.99 -6.63 -9.82
C SER A 45 -0.52 -6.44 -8.39
N ILE A 46 0.53 -5.65 -8.21
CA ILE A 46 1.08 -5.40 -6.88
C ILE A 46 0.95 -3.93 -6.51
N VAL A 47 0.33 -3.67 -5.36
CA VAL A 47 0.15 -2.30 -4.89
C VAL A 47 1.15 -1.97 -3.79
N ARG A 48 1.75 -0.78 -3.85
CA ARG A 48 2.71 -0.37 -2.84
C ARG A 48 2.49 1.09 -2.46
N VAL A 49 2.88 1.43 -1.23
CA VAL A 49 2.72 2.79 -0.74
C VAL A 49 3.74 3.72 -1.41
N LYS A 50 3.23 4.82 -1.97
CA LYS A 50 4.10 5.78 -2.64
C LYS A 50 4.45 6.95 -1.71
N LYS A 51 3.44 7.42 -0.98
CA LYS A 51 3.64 8.52 -0.05
C LYS A 51 2.91 8.26 1.26
N LEU A 52 3.50 8.71 2.37
CA LEU A 52 2.90 8.51 3.67
C LEU A 52 3.68 9.27 4.75
N PHE A 53 3.07 10.31 5.29
CA PHE A 53 3.73 11.10 6.33
C PHE A 53 3.10 10.84 7.69
N PRO A 54 3.80 11.14 8.74
CA PRO A 54 3.30 10.93 10.13
C PRO A 54 2.13 11.86 10.47
N GLY A 55 1.18 11.35 11.24
CA GLY A 55 0.02 12.14 11.63
C GLY A 55 -1.17 11.82 10.73
N GLN A 56 -1.24 10.58 10.26
CA GLN A 56 -2.31 10.16 9.38
C GLN A 56 -2.95 8.87 9.88
N PRO A 57 -4.23 8.67 9.63
CA PRO A 57 -4.93 7.43 10.07
C PRO A 57 -4.05 6.21 9.85
N ALA A 58 -3.43 6.16 8.67
CA ALA A 58 -2.55 5.04 8.34
C ALA A 58 -1.31 5.10 9.22
N ALA A 59 -0.95 6.30 9.67
CA ALA A 59 0.21 6.44 10.53
C ALA A 59 -0.05 5.81 11.89
N GLU A 60 -1.26 6.04 12.40
CA GLU A 60 -1.65 5.49 13.68
C GLU A 60 -1.83 3.98 13.58
N SER A 61 -2.13 3.51 12.37
CA SER A 61 -2.33 2.08 12.13
C SER A 61 -1.40 1.25 13.02
N GLY A 62 -0.25 1.83 13.36
CA GLY A 62 0.72 1.15 14.20
C GLY A 62 2.12 1.26 13.62
N LYS A 63 2.28 0.83 12.37
CA LYS A 63 3.58 0.89 11.72
C LYS A 63 3.45 0.69 10.22
N ILE A 64 4.02 1.62 9.45
CA ILE A 64 3.96 1.54 7.99
C ILE A 64 5.22 2.16 7.38
N ASP A 65 5.65 1.61 6.25
CA ASP A 65 6.85 2.12 5.57
C ASP A 65 6.54 2.46 4.12
N VAL A 66 7.24 3.46 3.59
CA VAL A 66 7.04 3.87 2.20
C VAL A 66 7.51 2.78 1.26
N GLY A 67 6.58 1.97 0.77
CA GLY A 67 6.91 0.88 -0.15
C GLY A 67 6.34 -0.44 0.34
N ASP A 68 5.53 -0.37 1.40
CA ASP A 68 4.92 -1.58 1.96
C ASP A 68 4.20 -2.36 0.87
N VAL A 69 3.63 -3.50 1.25
CA VAL A 69 2.91 -4.33 0.29
C VAL A 69 1.58 -4.80 0.86
N ILE A 70 0.48 -4.28 0.32
CA ILE A 70 -0.84 -4.66 0.77
C ILE A 70 -1.34 -5.85 -0.03
N LEU A 71 -1.58 -6.96 0.65
CA LEU A 71 -2.06 -8.17 -0.02
C LEU A 71 -3.57 -8.18 -0.17
N LYS A 72 -4.28 -8.14 0.95
CA LYS A 72 -5.74 -8.14 0.92
C LYS A 72 -6.29 -6.77 1.29
N VAL A 73 -7.34 -6.35 0.60
CA VAL A 73 -7.96 -5.06 0.85
C VAL A 73 -9.47 -5.20 1.00
N ASN A 74 -9.95 -5.09 2.24
CA ASN A 74 -11.38 -5.20 2.51
C ASN A 74 -11.95 -6.46 1.86
N GLY A 75 -11.22 -7.56 1.98
CA GLY A 75 -11.67 -8.83 1.41
C GLY A 75 -11.68 -8.75 -0.11
N ALA A 76 -10.70 -8.03 -0.66
CA ALA A 76 -10.60 -7.87 -2.11
C ALA A 76 -9.28 -8.46 -2.62
N PRO A 77 -9.26 -9.74 -2.88
CA PRO A 77 -8.04 -10.43 -3.39
C PRO A 77 -7.54 -9.83 -4.70
N LEU A 78 -6.25 -10.00 -4.97
CA LEU A 78 -5.65 -9.47 -6.18
C LEU A 78 -5.89 -10.42 -7.35
N LYS A 79 -7.15 -10.75 -7.60
CA LYS A 79 -7.49 -11.65 -8.68
C LYS A 79 -8.40 -10.96 -9.69
N GLY A 80 -7.83 -10.06 -10.47
CA GLY A 80 -8.60 -9.33 -11.47
C GLY A 80 -9.41 -8.20 -10.84
N LEU A 81 -8.77 -7.06 -10.65
CA LEU A 81 -9.44 -5.90 -10.06
C LEU A 81 -9.35 -4.69 -10.97
N SER A 82 -10.12 -3.67 -10.67
CA SER A 82 -10.11 -2.44 -11.48
C SER A 82 -9.23 -1.38 -10.83
N GLN A 83 -9.05 -0.27 -11.54
CA GLN A 83 -8.23 0.82 -11.02
C GLN A 83 -9.10 1.87 -10.34
N GLN A 84 -10.41 1.69 -10.40
CA GLN A 84 -11.34 2.62 -9.79
C GLN A 84 -12.05 1.98 -8.59
N ASP A 85 -11.80 0.69 -8.39
CA ASP A 85 -12.42 -0.03 -7.30
C ASP A 85 -11.70 0.25 -5.98
N VAL A 86 -10.37 0.06 -5.99
CA VAL A 86 -9.57 0.30 -4.81
C VAL A 86 -10.03 1.56 -4.08
N ILE A 87 -10.25 2.63 -4.85
CA ILE A 87 -10.69 3.90 -4.27
C ILE A 87 -12.07 3.76 -3.65
N SER A 88 -12.95 3.02 -4.34
CA SER A 88 -14.31 2.82 -3.85
C SER A 88 -14.31 1.94 -2.59
N ALA A 89 -13.38 0.98 -2.56
CA ALA A 89 -13.28 0.08 -1.41
C ALA A 89 -12.83 0.83 -0.18
N LEU A 90 -12.06 1.90 -0.39
CA LEU A 90 -11.56 2.70 0.72
C LEU A 90 -12.70 3.45 1.39
N ARG A 91 -13.72 3.81 0.59
CA ARG A 91 -14.87 4.54 1.11
C ARG A 91 -16.13 3.67 1.02
N GLY A 92 -15.93 2.37 0.77
CA GLY A 92 -17.05 1.46 0.65
C GLY A 92 -18.07 1.69 1.77
N THR A 93 -19.18 0.94 1.72
CA THR A 93 -20.21 1.07 2.73
C THR A 93 -19.97 0.10 3.88
N ALA A 94 -18.94 -0.71 3.75
CA ALA A 94 -18.60 -1.69 4.78
C ALA A 94 -18.54 -1.01 6.15
N PRO A 95 -18.75 -1.76 7.20
CA PRO A 95 -18.72 -1.22 8.59
C PRO A 95 -17.31 -0.79 9.02
N GLU A 96 -16.31 -1.39 8.39
CA GLU A 96 -14.93 -1.07 8.71
C GLU A 96 -14.02 -1.38 7.53
N VAL A 97 -12.72 -1.13 7.69
CA VAL A 97 -11.75 -1.39 6.63
C VAL A 97 -10.73 -2.43 7.07
N SER A 98 -10.90 -3.67 6.59
CA SER A 98 -9.98 -4.74 6.94
C SER A 98 -9.05 -5.05 5.78
N LEU A 99 -7.76 -4.80 5.97
CA LEU A 99 -6.77 -5.07 4.94
C LEU A 99 -5.50 -5.66 5.54
N LEU A 100 -4.90 -6.61 4.83
CA LEU A 100 -3.68 -7.24 5.31
C LEU A 100 -2.45 -6.62 4.67
N LEU A 101 -1.39 -6.50 5.45
CA LEU A 101 -0.15 -5.91 4.96
C LEU A 101 0.97 -6.95 4.96
N CYS A 102 1.93 -6.77 4.07
CA CYS A 102 3.05 -7.71 3.97
C CYS A 102 4.36 -6.96 3.83
N ARG A 103 5.40 -7.47 4.47
CA ARG A 103 6.71 -6.84 4.41
C ARG A 103 7.78 -7.86 4.03
N PRO A 104 7.86 -8.19 2.77
CA PRO A 104 8.85 -9.19 2.26
C PRO A 104 10.28 -8.79 2.63
N ALA A 105 11.21 -9.72 2.46
CA ALA A 105 12.61 -9.46 2.78
C ALA A 105 13.30 -8.74 1.62
N PRO A 106 14.40 -8.09 1.89
CA PRO A 106 15.16 -7.35 0.85
C PRO A 106 15.80 -8.29 -0.17
N GLY A 107 16.05 -7.78 -1.37
CA GLY A 107 16.66 -8.58 -2.42
C GLY A 107 15.62 -8.99 -3.46
N VAL A 108 14.44 -9.39 -3.00
CA VAL A 108 13.37 -9.80 -3.89
C VAL A 108 12.95 -8.64 -4.79
N LEU A 109 12.68 -7.49 -4.16
CA LEU A 109 12.25 -6.31 -4.91
C LEU A 109 12.97 -5.07 -4.38
N PRO A 110 13.20 -4.08 -5.21
CA PRO A 110 13.88 -2.83 -4.80
C PRO A 110 13.04 -2.00 -3.83
N GLU A 111 13.71 -1.23 -2.98
CA GLU A 111 13.01 -0.40 -2.02
C GLU A 111 12.63 0.94 -2.64
N ILE A 112 11.42 1.41 -2.35
CA ILE A 112 10.95 2.68 -2.88
C ILE A 112 11.34 3.83 -1.95
N ASP A 113 11.79 4.93 -2.54
CA ASP A 113 12.19 6.09 -1.76
C ASP A 113 12.41 7.30 -2.67
N THR A 114 11.51 8.27 -2.59
CA THR A 114 11.62 9.47 -3.40
C THR A 114 11.92 10.69 -2.51
N PRO A 115 12.48 11.71 -3.08
CA PRO A 115 12.82 12.96 -2.33
C PRO A 115 11.76 13.31 -1.29
N GLY A 116 12.20 13.46 -0.05
CA GLY A 116 11.28 13.80 1.04
C GLY A 116 11.78 13.23 2.36
N ASN A 117 12.97 13.63 2.77
CA ASN A 117 13.54 13.15 4.02
C ASN A 117 13.65 14.29 5.03
N SER A 118 13.45 15.52 4.56
CA SER A 118 13.53 16.68 5.43
C SER A 118 14.76 16.61 6.32
N SER A 119 14.81 17.48 7.32
CA SER A 119 15.94 17.50 8.25
C SER A 119 17.21 17.93 7.53
N MET B 1 -10.88 -5.77 -20.54
CA MET B 1 -9.51 -5.18 -20.64
C MET B 1 -9.46 -4.20 -21.80
N PHE B 2 -10.63 -3.72 -22.21
CA PHE B 2 -10.70 -2.77 -23.32
C PHE B 2 -10.27 -1.37 -22.86
N ARG B 3 -9.92 -1.25 -21.58
CA ARG B 3 -9.49 0.02 -21.03
C ARG B 3 -8.01 0.23 -21.27
N ASP B 4 -7.68 0.86 -22.40
CA ASP B 4 -6.29 1.12 -22.74
C ASP B 4 -5.65 2.05 -21.71
N PHE B 5 -6.48 2.65 -20.87
CA PHE B 5 -5.99 3.55 -19.83
C PHE B 5 -5.66 2.80 -18.56
N ASP B 6 -4.39 2.42 -18.41
CA ASP B 6 -3.96 1.69 -17.23
C ASP B 6 -3.29 2.61 -16.23
N TYR B 7 -2.93 3.81 -16.69
CA TYR B 7 -2.30 4.80 -15.83
C TYR B 7 -3.18 5.11 -14.62
N ILE B 8 -2.55 5.37 -13.48
CA ILE B 8 -3.29 5.69 -12.27
C ILE B 8 -2.88 7.06 -11.73
N ALA B 9 -3.79 7.72 -11.03
CA ALA B 9 -3.51 9.04 -10.47
C ALA B 9 -4.58 9.42 -9.45
N ASP B 10 -4.84 8.53 -8.50
CA ASP B 10 -5.84 8.78 -7.47
C ASP B 10 -5.27 8.51 -6.08
N TRP B 11 -5.99 8.96 -5.06
CA TRP B 11 -5.54 8.75 -3.69
C TRP B 11 -6.63 9.17 -2.71
N CYS B 12 -6.32 9.07 -1.42
CA CYS B 12 -7.28 9.44 -0.38
C CYS B 12 -6.57 9.98 0.85
N THR A 1 24.15 -9.19 9.76
CA THR A 1 22.87 -8.53 9.42
C THR A 1 21.77 -9.04 10.35
N PRO A 2 21.82 -8.65 11.60
CA PRO A 2 20.81 -9.07 12.61
C PRO A 2 19.50 -8.29 12.48
N HIS A 3 19.50 -7.05 12.96
CA HIS A 3 18.31 -6.22 12.89
C HIS A 3 17.30 -6.64 13.95
N VAL A 4 17.38 -6.04 15.12
CA VAL A 4 16.46 -6.37 16.20
C VAL A 4 15.06 -5.86 15.89
N LYS A 5 14.06 -6.73 16.07
CA LYS A 5 12.68 -6.35 15.81
C LYS A 5 12.23 -5.23 16.72
N ASP A 6 11.46 -4.29 16.17
CA ASP A 6 10.98 -3.16 16.96
C ASP A 6 9.97 -3.64 18.00
N TYR A 7 8.92 -4.31 17.53
CA TYR A 7 7.88 -4.82 18.43
C TYR A 7 7.94 -6.34 18.49
N SER A 8 7.70 -6.90 19.67
CA SER A 8 7.73 -8.34 19.84
C SER A 8 6.52 -8.99 19.18
N PHE A 9 5.92 -8.27 18.23
CA PHE A 9 4.75 -8.79 17.53
C PHE A 9 4.95 -8.71 16.02
N VAL A 10 4.90 -7.49 15.49
CA VAL A 10 5.08 -7.28 14.06
C VAL A 10 6.45 -7.77 13.61
N THR A 11 6.47 -8.63 12.60
CA THR A 11 7.72 -9.17 12.09
C THR A 11 7.97 -8.71 10.66
N GLU A 12 8.95 -9.32 10.00
CA GLU A 12 9.28 -8.96 8.63
C GLU A 12 9.31 -10.19 7.74
N ASP A 13 8.98 -11.34 8.32
CA ASP A 13 8.96 -12.59 7.58
C ASP A 13 7.59 -13.24 7.65
N ASN A 14 6.62 -12.51 8.19
CA ASN A 14 5.27 -13.02 8.32
C ASN A 14 4.25 -11.98 7.86
N THR A 15 2.98 -12.40 7.76
CA THR A 15 1.92 -11.50 7.34
C THR A 15 1.13 -11.02 8.55
N PHE A 16 0.80 -9.74 8.57
CA PHE A 16 0.05 -9.17 9.68
C PHE A 16 -1.11 -8.31 9.18
N GLU A 17 -2.32 -8.67 9.59
CA GLU A 17 -3.52 -7.94 9.18
C GLU A 17 -3.51 -6.52 9.73
N VAL A 18 -4.07 -5.60 8.96
CA VAL A 18 -4.14 -4.20 9.36
C VAL A 18 -5.56 -3.67 9.20
N LYS A 19 -6.17 -3.23 10.29
CA LYS A 19 -7.52 -2.71 10.24
C LYS A 19 -7.51 -1.18 10.25
N LEU A 20 -8.31 -0.58 9.37
CA LEU A 20 -8.39 0.87 9.29
C LEU A 20 -9.83 1.35 9.42
N PHE A 21 -10.00 2.66 9.53
CA PHE A 21 -11.33 3.23 9.66
C PHE A 21 -11.59 4.26 8.55
N LYS A 22 -12.85 4.44 8.20
CA LYS A 22 -13.21 5.39 7.15
C LYS A 22 -12.38 6.66 7.28
N ASN A 23 -12.20 7.36 6.15
CA ASN A 23 -11.43 8.58 6.15
C ASN A 23 -12.15 9.67 5.35
N SER A 24 -11.88 10.93 5.68
CA SER A 24 -12.52 12.05 4.99
C SER A 24 -11.59 12.61 3.91
N SER A 25 -11.96 13.77 3.37
CA SER A 25 -11.15 14.40 2.33
C SER A 25 -10.90 13.45 1.18
N GLY A 26 -10.53 14.00 0.03
CA GLY A 26 -10.27 13.18 -1.14
C GLY A 26 -8.84 13.35 -1.62
N LEU A 27 -7.89 13.31 -0.69
CA LEU A 27 -6.48 13.47 -1.02
C LEU A 27 -5.61 13.08 0.17
N GLY A 28 -4.66 12.18 -0.07
CA GLY A 28 -3.76 11.74 0.98
C GLY A 28 -2.68 10.81 0.43
N PHE A 29 -2.37 9.77 1.18
CA PHE A 29 -1.36 8.80 0.76
C PHE A 29 -1.63 8.32 -0.66
N SER A 30 -0.79 7.40 -1.13
CA SER A 30 -0.94 6.87 -2.48
C SER A 30 -0.41 5.44 -2.55
N PHE A 31 -0.70 4.75 -3.64
CA PHE A 31 -0.24 3.37 -3.81
C PHE A 31 0.25 3.13 -5.23
N SER A 32 1.49 2.68 -5.35
CA SER A 32 2.07 2.41 -6.67
C SER A 32 1.46 1.14 -7.27
N ARG A 33 1.01 1.25 -8.51
CA ARG A 33 0.40 0.11 -9.19
C ARG A 33 1.37 -0.52 -10.18
N GLU A 34 1.63 0.19 -11.28
CA GLU A 34 2.54 -0.31 -12.31
C GLU A 34 3.91 -0.61 -11.71
N ASP A 35 4.32 -1.87 -11.79
CA ASP A 35 5.62 -2.27 -11.26
C ASP A 35 6.52 -2.78 -12.38
N ASN A 36 7.81 -2.49 -12.27
CA ASN A 36 8.77 -2.92 -13.29
C ASN A 36 9.16 -4.37 -13.08
N LEU A 37 8.33 -5.10 -12.33
CA LEU A 37 8.60 -6.51 -12.06
C LEU A 37 7.63 -7.40 -12.84
N ILE A 38 6.40 -6.93 -12.99
CA ILE A 38 5.39 -7.68 -13.72
C ILE A 38 4.82 -6.84 -14.85
N PRO A 39 5.54 -6.70 -15.93
CA PRO A 39 5.11 -5.90 -17.11
C PRO A 39 4.14 -6.68 -18.00
N GLU A 40 3.90 -7.94 -17.67
CA GLU A 40 3.00 -8.77 -18.45
C GLU A 40 1.66 -8.93 -17.74
N GLN A 41 1.45 -8.14 -16.68
CA GLN A 41 0.22 -8.21 -15.92
C GLN A 41 -0.20 -9.66 -15.70
N ILE A 42 0.74 -10.47 -15.25
CA ILE A 42 0.46 -11.89 -14.99
C ILE A 42 -0.55 -12.03 -13.86
N ASN A 43 -1.79 -12.35 -14.21
CA ASN A 43 -2.83 -12.52 -13.21
C ASN A 43 -2.98 -11.25 -12.36
N GLY A 44 -2.68 -10.11 -12.96
CA GLY A 44 -2.78 -8.84 -12.26
C GLY A 44 -1.39 -8.34 -11.84
N SER A 45 -1.37 -7.38 -10.93
CA SER A 45 -0.09 -6.83 -10.46
C SER A 45 -0.11 -6.70 -8.94
N ILE A 46 0.88 -5.98 -8.41
CA ILE A 46 0.97 -5.79 -6.96
C ILE A 46 0.81 -4.31 -6.61
N VAL A 47 0.04 -4.03 -5.57
CA VAL A 47 -0.18 -2.65 -5.14
C VAL A 47 0.57 -2.36 -3.84
N ARG A 48 1.53 -1.46 -3.91
CA ARG A 48 2.32 -1.09 -2.73
C ARG A 48 2.17 0.40 -2.43
N VAL A 49 2.59 0.79 -1.23
CA VAL A 49 2.50 2.18 -0.83
C VAL A 49 3.59 3.01 -1.50
N LYS A 50 3.22 4.20 -1.97
CA LYS A 50 4.18 5.08 -2.63
C LYS A 50 4.43 6.32 -1.78
N LYS A 51 3.36 6.89 -1.24
CA LYS A 51 3.49 8.09 -0.41
C LYS A 51 2.72 7.90 0.90
N LEU A 52 3.15 8.62 1.93
CA LEU A 52 2.50 8.52 3.23
C LEU A 52 2.91 9.69 4.13
N PHE A 53 1.93 10.43 4.63
CA PHE A 53 2.20 11.57 5.48
C PHE A 53 1.85 11.23 6.94
N PRO A 54 2.47 11.91 7.88
CA PRO A 54 2.21 11.67 9.33
C PRO A 54 0.87 12.22 9.78
N GLY A 55 0.22 11.52 10.71
CA GLY A 55 -1.08 11.96 11.21
C GLY A 55 -2.20 11.48 10.31
N GLN A 56 -1.86 10.75 9.26
CA GLN A 56 -2.86 10.24 8.33
C GLN A 56 -3.41 8.90 8.81
N PRO A 57 -4.62 8.57 8.44
CA PRO A 57 -5.25 7.29 8.85
C PRO A 57 -4.24 6.15 8.76
N ALA A 58 -3.51 6.12 7.65
CA ALA A 58 -2.49 5.10 7.45
C ALA A 58 -1.31 5.35 8.37
N ALA A 59 -1.14 6.61 8.78
CA ALA A 59 -0.04 6.96 9.68
C ALA A 59 -0.35 6.49 11.09
N GLU A 60 -1.59 6.71 11.52
CA GLU A 60 -2.01 6.30 12.84
C GLU A 60 -2.14 4.79 12.93
N SER A 61 -2.34 4.15 11.79
CA SER A 61 -2.47 2.69 11.73
C SER A 61 -1.58 2.04 12.78
N GLY A 62 -0.47 2.70 13.11
CA GLY A 62 0.46 2.17 14.09
C GLY A 62 1.89 2.21 13.57
N LYS A 63 2.10 1.57 12.43
CA LYS A 63 3.43 1.54 11.82
C LYS A 63 3.35 1.06 10.38
N ILE A 64 3.93 1.86 9.47
CA ILE A 64 3.92 1.51 8.06
C ILE A 64 5.22 1.95 7.39
N ASP A 65 5.53 1.37 6.24
CA ASP A 65 6.74 1.73 5.51
C ASP A 65 6.47 1.82 4.02
N VAL A 66 6.88 2.92 3.41
CA VAL A 66 6.68 3.13 1.97
C VAL A 66 7.10 1.88 1.20
N GLY A 67 6.16 0.96 1.01
CA GLY A 67 6.44 -0.27 0.28
C GLY A 67 5.49 -1.38 0.71
N ASP A 68 4.82 -1.19 1.84
CA ASP A 68 3.88 -2.18 2.34
C ASP A 68 3.13 -2.84 1.19
N VAL A 69 2.91 -4.15 1.29
CA VAL A 69 2.21 -4.88 0.24
C VAL A 69 0.88 -5.42 0.77
N ILE A 70 -0.22 -4.88 0.24
CA ILE A 70 -1.54 -5.33 0.66
C ILE A 70 -2.02 -6.48 -0.22
N LEU A 71 -2.24 -7.64 0.40
CA LEU A 71 -2.70 -8.80 -0.34
C LEU A 71 -4.21 -8.77 -0.53
N LYS A 72 -4.94 -8.48 0.55
CA LYS A 72 -6.39 -8.44 0.49
C LYS A 72 -6.90 -7.08 0.98
N VAL A 73 -7.98 -6.59 0.37
CA VAL A 73 -8.55 -5.31 0.76
C VAL A 73 -10.04 -5.47 1.07
N ASN A 74 -10.35 -5.48 2.37
CA ASN A 74 -11.74 -5.61 2.80
C ASN A 74 -12.43 -6.76 2.05
N GLY A 75 -11.78 -7.91 2.02
CA GLY A 75 -12.35 -9.08 1.33
C GLY A 75 -12.29 -8.88 -0.18
N ALA A 76 -11.38 -8.03 -0.63
CA ALA A 76 -11.23 -7.76 -2.05
C ALA A 76 -9.84 -8.16 -2.54
N PRO A 77 -9.67 -9.42 -2.88
CA PRO A 77 -8.36 -9.96 -3.36
C PRO A 77 -7.82 -9.16 -4.54
N LEU A 78 -6.49 -9.08 -4.63
CA LEU A 78 -5.85 -8.34 -5.71
C LEU A 78 -6.10 -9.03 -7.05
N LYS A 79 -7.00 -10.00 -7.06
CA LYS A 79 -7.32 -10.73 -8.27
C LYS A 79 -7.84 -9.78 -9.35
N GLY A 80 -6.95 -8.96 -9.90
CA GLY A 80 -7.34 -8.01 -10.93
C GLY A 80 -8.18 -6.88 -10.35
N LEU A 81 -7.57 -6.06 -9.51
CA LEU A 81 -8.27 -4.94 -8.89
C LEU A 81 -8.18 -3.69 -9.76
N SER A 82 -9.08 -2.75 -9.54
CA SER A 82 -9.09 -1.51 -10.31
C SER A 82 -8.40 -0.39 -9.53
N GLN A 83 -8.01 0.66 -10.24
CA GLN A 83 -7.34 1.79 -9.61
C GLN A 83 -8.31 2.56 -8.72
N GLN A 84 -9.59 2.55 -9.08
CA GLN A 84 -10.61 3.25 -8.32
C GLN A 84 -11.08 2.40 -7.15
N ASP A 85 -11.27 1.10 -7.40
CA ASP A 85 -11.73 0.19 -6.37
C ASP A 85 -11.00 0.45 -5.05
N VAL A 86 -9.80 1.00 -5.14
CA VAL A 86 -9.00 1.29 -3.96
C VAL A 86 -9.70 2.33 -3.09
N ILE A 87 -10.26 3.36 -3.73
CA ILE A 87 -10.95 4.42 -3.02
C ILE A 87 -12.27 3.92 -2.47
N SER A 88 -12.90 2.99 -3.19
CA SER A 88 -14.17 2.43 -2.76
C SER A 88 -13.97 1.46 -1.60
N ALA A 89 -12.78 0.87 -1.53
CA ALA A 89 -12.48 -0.08 -0.47
C ALA A 89 -12.14 0.66 0.82
N LEU A 90 -11.58 1.85 0.69
CA LEU A 90 -11.22 2.65 1.85
C LEU A 90 -12.44 3.30 2.47
N ARG A 91 -13.45 3.56 1.65
CA ARG A 91 -14.68 4.18 2.13
C ARG A 91 -15.81 3.15 2.23
N GLY A 92 -15.46 1.88 2.01
CA GLY A 92 -16.45 0.81 2.08
C GLY A 92 -17.46 1.07 3.21
N THR A 93 -18.74 1.02 2.88
CA THR A 93 -19.77 1.24 3.89
C THR A 93 -19.43 0.53 5.19
N ALA A 94 -18.78 -0.62 5.06
CA ALA A 94 -18.40 -1.40 6.24
C ALA A 94 -17.95 -0.47 7.37
N PRO A 95 -17.99 -0.95 8.59
CA PRO A 95 -17.58 -0.15 9.78
C PRO A 95 -16.08 0.08 9.83
N GLU A 96 -15.33 -0.83 9.20
CA GLU A 96 -13.87 -0.72 9.18
C GLU A 96 -13.30 -1.38 7.93
N VAL A 97 -12.11 -0.94 7.53
CA VAL A 97 -11.47 -1.49 6.34
C VAL A 97 -10.39 -2.49 6.73
N SER A 98 -10.71 -3.78 6.61
CA SER A 98 -9.75 -4.83 6.96
C SER A 98 -8.96 -5.27 5.73
N LEU A 99 -7.65 -5.18 5.81
CA LEU A 99 -6.79 -5.57 4.70
C LEU A 99 -5.56 -6.31 5.22
N LEU A 100 -5.10 -7.30 4.46
CA LEU A 100 -3.94 -8.08 4.87
C LEU A 100 -2.65 -7.38 4.44
N LEU A 101 -1.65 -7.43 5.31
CA LEU A 101 -0.36 -6.80 5.03
C LEU A 101 0.73 -7.85 4.89
N CYS A 102 1.55 -7.71 3.85
CA CYS A 102 2.63 -8.66 3.62
C CYS A 102 3.97 -7.92 3.57
N ARG A 103 4.87 -8.29 4.47
CA ARG A 103 6.19 -7.66 4.52
C ARG A 103 7.30 -8.71 4.56
N PRO A 104 7.69 -9.22 3.43
CA PRO A 104 8.76 -10.26 3.34
C PRO A 104 10.15 -9.65 3.42
N ALA A 105 11.17 -10.49 3.26
CA ALA A 105 12.55 -10.02 3.32
C ALA A 105 12.88 -9.16 2.10
N PRO A 106 13.92 -8.37 2.19
CA PRO A 106 14.35 -7.49 1.07
C PRO A 106 15.03 -8.25 -0.06
N GLY A 107 15.77 -7.54 -0.89
CA GLY A 107 16.47 -8.18 -2.01
C GLY A 107 15.48 -8.62 -3.09
N VAL A 108 14.46 -9.38 -2.68
CA VAL A 108 13.46 -9.86 -3.63
C VAL A 108 12.93 -8.72 -4.47
N LEU A 109 12.69 -7.56 -3.84
CA LEU A 109 12.16 -6.41 -4.55
C LEU A 109 13.15 -5.24 -4.46
N PRO A 110 13.07 -4.33 -5.39
CA PRO A 110 13.98 -3.13 -5.42
C PRO A 110 13.67 -2.16 -4.28
N GLU A 111 14.38 -1.04 -4.27
CA GLU A 111 14.19 -0.02 -3.24
C GLU A 111 13.33 1.12 -3.77
N ILE A 112 12.50 1.67 -2.90
CA ILE A 112 11.63 2.78 -3.28
C ILE A 112 12.15 4.10 -2.73
N ASP A 113 11.81 5.20 -3.41
CA ASP A 113 12.26 6.52 -2.98
C ASP A 113 11.56 7.60 -3.80
N THR A 114 10.60 8.27 -3.17
CA THR A 114 9.86 9.33 -3.85
C THR A 114 10.78 10.53 -4.14
N PRO A 115 10.48 11.29 -5.16
CA PRO A 115 11.29 12.48 -5.54
C PRO A 115 11.76 13.26 -4.32
N GLY A 116 13.08 13.32 -4.13
CA GLY A 116 13.64 14.05 -3.00
C GLY A 116 13.80 13.13 -1.78
N ASN A 117 15.04 12.73 -1.51
CA ASN A 117 15.31 11.85 -0.39
C ASN A 117 15.16 12.61 0.94
N SER A 118 16.03 13.58 1.16
CA SER A 118 15.98 14.38 2.38
C SER A 118 14.55 14.80 2.68
N SER A 119 14.12 15.91 2.11
CA SER A 119 12.76 16.41 2.34
C SER A 119 11.83 15.88 1.26
N MET B 1 4.24 -0.08 -26.31
CA MET B 1 3.84 1.17 -27.02
C MET B 1 2.84 1.94 -26.15
N PHE B 2 2.70 1.51 -24.90
CA PHE B 2 1.78 2.16 -23.98
C PHE B 2 2.44 3.38 -23.33
N ARG B 3 3.64 3.18 -22.80
CA ARG B 3 4.36 4.27 -22.16
C ARG B 3 3.42 5.15 -21.36
N ASP B 4 2.88 6.17 -22.02
CA ASP B 4 1.95 7.09 -21.35
C ASP B 4 2.66 7.82 -20.21
N PHE B 5 3.08 9.05 -20.49
CA PHE B 5 3.78 9.85 -19.48
C PHE B 5 2.88 10.08 -18.27
N ASP B 6 1.57 9.97 -18.47
CA ASP B 6 0.62 10.15 -17.38
C ASP B 6 0.89 9.16 -16.26
N TYR B 7 0.32 9.43 -15.09
CA TYR B 7 0.50 8.55 -13.94
C TYR B 7 -0.80 7.85 -13.58
N ILE B 8 -0.80 7.13 -12.46
CA ILE B 8 -1.99 6.42 -12.02
C ILE B 8 -2.84 7.30 -11.12
N ALA B 9 -2.25 8.40 -10.65
CA ALA B 9 -2.97 9.32 -9.77
C ALA B 9 -3.74 8.55 -8.71
N ASP B 10 -5.02 8.89 -8.56
CA ASP B 10 -5.87 8.22 -7.57
C ASP B 10 -5.27 8.36 -6.17
N TRP B 11 -6.14 8.60 -5.19
CA TRP B 11 -5.69 8.76 -3.81
C TRP B 11 -6.84 9.21 -2.93
N CYS B 12 -6.55 9.46 -1.65
CA CYS B 12 -7.58 9.88 -0.72
C CYS B 12 -6.95 10.27 0.63
N THR A 1 24.38 -13.02 19.97
CA THR A 1 23.87 -12.69 18.60
C THR A 1 22.62 -11.84 18.72
N PRO A 2 22.77 -10.55 18.90
CA PRO A 2 21.63 -9.61 19.02
C PRO A 2 20.59 -9.81 17.92
N HIS A 3 19.52 -10.53 18.24
CA HIS A 3 18.47 -10.80 17.28
C HIS A 3 17.10 -10.72 17.94
N VAL A 4 16.51 -9.52 17.94
CA VAL A 4 15.20 -9.32 18.55
C VAL A 4 14.28 -8.56 17.59
N LYS A 5 12.99 -8.86 17.68
CA LYS A 5 12.00 -8.21 16.81
C LYS A 5 11.96 -6.71 17.10
N ASP A 6 11.37 -5.96 16.17
CA ASP A 6 11.26 -4.52 16.34
C ASP A 6 10.10 -4.17 17.27
N TYR A 7 8.92 -4.65 16.93
CA TYR A 7 7.73 -4.38 17.76
C TYR A 7 7.38 -5.61 18.59
N SER A 8 6.21 -5.56 19.23
CA SER A 8 5.76 -6.67 20.06
C SER A 8 5.48 -7.91 19.22
N PHE A 9 4.36 -7.87 18.49
CA PHE A 9 3.99 -9.01 17.64
C PHE A 9 4.28 -8.72 16.18
N VAL A 10 4.15 -7.44 15.80
CA VAL A 10 4.40 -7.03 14.42
C VAL A 10 5.82 -7.41 13.99
N THR A 11 5.95 -7.87 12.75
CA THR A 11 7.26 -8.27 12.23
C THR A 11 7.58 -7.48 10.97
N GLU A 12 8.58 -7.94 10.22
CA GLU A 12 8.97 -7.26 9.00
C GLU A 12 9.15 -8.25 7.85
N ASP A 13 9.17 -9.53 8.18
CA ASP A 13 9.33 -10.57 7.16
C ASP A 13 8.13 -11.51 7.15
N ASN A 14 7.03 -11.07 7.75
CA ASN A 14 5.82 -11.88 7.81
C ASN A 14 4.60 -11.06 7.39
N THR A 15 3.45 -11.71 7.35
CA THR A 15 2.21 -11.04 6.98
C THR A 15 1.40 -10.69 8.22
N PHE A 16 1.06 -9.41 8.36
CA PHE A 16 0.28 -8.96 9.52
C PHE A 16 -0.92 -8.13 9.07
N GLU A 17 -2.10 -8.53 9.52
CA GLU A 17 -3.33 -7.83 9.17
C GLU A 17 -3.34 -6.41 9.72
N VAL A 18 -3.88 -5.48 8.93
CA VAL A 18 -3.95 -4.08 9.34
C VAL A 18 -5.37 -3.57 9.21
N LYS A 19 -5.95 -3.14 10.33
CA LYS A 19 -7.31 -2.62 10.33
C LYS A 19 -7.32 -1.13 10.64
N LEU A 20 -8.20 -0.40 9.97
CA LEU A 20 -8.30 1.05 10.19
C LEU A 20 -9.75 1.51 10.09
N PHE A 21 -10.06 2.63 10.74
CA PHE A 21 -11.41 3.17 10.71
C PHE A 21 -11.41 4.60 10.17
N LYS A 22 -12.21 4.84 9.14
CA LYS A 22 -12.30 6.17 8.55
C LYS A 22 -13.61 6.33 7.80
N ASN A 23 -13.82 7.51 7.21
CA ASN A 23 -15.04 7.77 6.46
C ASN A 23 -14.72 7.99 4.99
N SER A 24 -15.76 8.26 4.20
CA SER A 24 -15.59 8.48 2.77
C SER A 24 -14.56 9.58 2.52
N SER A 25 -14.21 10.31 3.57
CA SER A 25 -13.24 11.39 3.44
C SER A 25 -11.99 10.91 2.71
N GLY A 26 -11.09 10.28 3.44
CA GLY A 26 -9.85 9.78 2.85
C GLY A 26 -8.91 10.93 2.51
N LEU A 27 -8.42 10.94 1.27
CA LEU A 27 -7.50 11.98 0.83
C LEU A 27 -6.30 12.06 1.76
N GLY A 28 -5.18 11.48 1.31
CA GLY A 28 -3.96 11.50 2.11
C GLY A 28 -2.86 10.69 1.42
N PHE A 29 -2.39 9.65 2.10
CA PHE A 29 -1.33 8.82 1.54
C PHE A 29 -1.67 8.40 0.12
N SER A 30 -0.81 7.58 -0.49
CA SER A 30 -1.04 7.11 -1.84
C SER A 30 -0.44 5.72 -2.04
N PHE A 31 -0.63 5.16 -3.23
CA PHE A 31 -0.10 3.84 -3.54
C PHE A 31 0.10 3.67 -5.03
N SER A 32 1.22 3.05 -5.41
CA SER A 32 1.52 2.82 -6.81
C SER A 32 1.14 1.41 -7.22
N ARG A 33 0.59 1.27 -8.42
CA ARG A 33 0.18 -0.03 -8.93
C ARG A 33 1.35 -0.74 -9.61
N GLU A 34 1.02 -1.58 -10.59
CA GLU A 34 2.05 -2.33 -11.31
C GLU A 34 3.28 -1.45 -11.55
N ASP A 35 3.20 -0.59 -12.55
CA ASP A 35 4.31 0.30 -12.87
C ASP A 35 4.93 0.87 -11.60
N ASN A 36 6.20 0.54 -11.36
CA ASN A 36 6.90 1.02 -10.19
C ASN A 36 8.41 0.90 -10.36
N LEU A 37 8.93 -0.29 -10.15
CA LEU A 37 10.36 -0.52 -10.29
C LEU A 37 10.66 -1.20 -11.63
N ILE A 38 10.03 -2.33 -11.87
CA ILE A 38 10.23 -3.07 -13.10
C ILE A 38 8.90 -3.30 -13.83
N PRO A 39 8.43 -2.30 -14.52
CA PRO A 39 7.14 -2.38 -15.27
C PRO A 39 7.08 -3.61 -16.17
N GLU A 40 8.18 -4.33 -16.25
CA GLU A 40 8.24 -5.54 -17.08
C GLU A 40 7.68 -6.74 -16.32
N GLN A 41 7.19 -6.49 -15.11
CA GLN A 41 6.63 -7.57 -14.29
C GLN A 41 5.25 -7.95 -14.79
N ILE A 42 5.18 -8.40 -16.04
CA ILE A 42 3.92 -8.81 -16.63
C ILE A 42 3.35 -10.03 -15.91
N ASN A 43 2.03 -10.16 -15.90
CA ASN A 43 1.38 -11.28 -15.23
C ASN A 43 1.30 -11.04 -13.73
N GLY A 44 0.08 -10.95 -13.21
CA GLY A 44 -0.12 -10.72 -11.79
C GLY A 44 0.02 -9.25 -11.46
N SER A 45 -0.91 -8.72 -10.67
CA SER A 45 -0.87 -7.32 -10.29
C SER A 45 -0.61 -7.17 -8.79
N ILE A 46 0.09 -6.10 -8.43
CA ILE A 46 0.41 -5.85 -7.02
C ILE A 46 0.41 -4.36 -6.73
N VAL A 47 -0.04 -3.99 -5.53
CA VAL A 47 -0.09 -2.59 -5.13
C VAL A 47 0.82 -2.34 -3.95
N ARG A 48 1.28 -1.09 -3.80
CA ARG A 48 2.17 -0.75 -2.69
C ARG A 48 2.06 0.74 -2.37
N VAL A 49 2.41 1.10 -1.13
CA VAL A 49 2.35 2.48 -0.71
C VAL A 49 3.45 3.30 -1.41
N LYS A 50 3.10 4.52 -1.81
CA LYS A 50 4.06 5.38 -2.49
C LYS A 50 4.33 6.63 -1.66
N LYS A 51 3.26 7.25 -1.19
CA LYS A 51 3.38 8.47 -0.39
C LYS A 51 2.81 8.25 1.01
N LEU A 52 3.16 9.15 1.92
CA LEU A 52 2.68 9.05 3.30
C LEU A 52 2.70 10.42 3.97
N PHE A 53 1.76 10.63 4.88
CA PHE A 53 1.67 11.91 5.59
C PHE A 53 1.70 11.69 7.11
N PRO A 54 2.86 11.71 7.71
CA PRO A 54 2.99 11.50 9.19
C PRO A 54 2.00 12.35 9.98
N GLY A 55 1.37 11.74 10.98
CA GLY A 55 0.40 12.45 11.80
C GLY A 55 -1.00 12.32 11.23
N GLN A 56 -1.29 11.16 10.63
CA GLN A 56 -2.59 10.93 10.03
C GLN A 56 -3.13 9.55 10.44
N PRO A 57 -4.44 9.39 10.47
CA PRO A 57 -5.06 8.10 10.84
C PRO A 57 -4.30 6.94 10.21
N ALA A 58 -3.99 7.09 8.92
CA ALA A 58 -3.26 6.07 8.20
C ALA A 58 -1.84 5.98 8.76
N ALA A 59 -1.34 7.10 9.29
CA ALA A 59 0.00 7.13 9.85
C ALA A 59 -0.02 6.60 11.28
N GLU A 60 -1.13 6.83 11.97
CA GLU A 60 -1.29 6.39 13.33
C GLU A 60 -1.58 4.89 13.38
N SER A 61 -1.99 4.34 12.24
CA SER A 61 -2.31 2.92 12.15
C SER A 61 -1.41 2.10 13.08
N GLY A 62 -0.21 2.61 13.33
CA GLY A 62 0.74 1.92 14.20
C GLY A 62 2.13 1.89 13.58
N LYS A 63 2.21 1.37 12.36
CA LYS A 63 3.51 1.29 11.68
C LYS A 63 3.31 1.01 10.18
N ILE A 64 3.92 1.84 9.35
CA ILE A 64 3.82 1.68 7.91
C ILE A 64 5.09 2.20 7.23
N ASP A 65 5.43 1.62 6.08
CA ASP A 65 6.62 2.03 5.35
C ASP A 65 6.31 2.15 3.86
N VAL A 66 6.80 3.24 3.25
CA VAL A 66 6.57 3.45 1.83
C VAL A 66 7.10 2.28 1.02
N GLY A 67 6.23 1.29 0.80
CA GLY A 67 6.61 0.11 0.03
C GLY A 67 5.73 -1.08 0.41
N ASP A 68 5.10 -1.00 1.58
CA ASP A 68 4.23 -2.07 2.04
C ASP A 68 3.47 -2.69 0.88
N VAL A 69 3.01 -3.92 1.07
CA VAL A 69 2.26 -4.61 0.03
C VAL A 69 0.96 -5.18 0.58
N ILE A 70 -0.16 -4.74 0.01
CA ILE A 70 -1.47 -5.22 0.45
C ILE A 70 -1.90 -6.42 -0.39
N LEU A 71 -2.08 -7.56 0.26
CA LEU A 71 -2.49 -8.77 -0.45
C LEU A 71 -3.99 -8.79 -0.66
N LYS A 72 -4.74 -8.42 0.37
CA LYS A 72 -6.20 -8.41 0.27
C LYS A 72 -6.79 -7.14 0.88
N VAL A 73 -8.01 -6.82 0.49
CA VAL A 73 -8.68 -5.62 1.00
C VAL A 73 -10.11 -5.94 1.41
N ASN A 74 -10.37 -5.89 2.71
CA ASN A 74 -11.71 -6.18 3.22
C ASN A 74 -12.21 -7.52 2.68
N GLY A 75 -11.31 -8.29 2.09
CA GLY A 75 -11.68 -9.58 1.53
C GLY A 75 -11.84 -9.50 0.02
N ALA A 76 -10.90 -8.83 -0.63
CA ALA A 76 -10.95 -8.68 -2.08
C ALA A 76 -9.71 -9.31 -2.72
N PRO A 77 -9.75 -10.60 -2.96
CA PRO A 77 -8.62 -11.34 -3.58
C PRO A 77 -8.15 -10.70 -4.88
N LEU A 78 -6.84 -10.73 -5.10
CA LEU A 78 -6.27 -10.14 -6.31
C LEU A 78 -7.19 -10.37 -7.51
N LYS A 79 -7.90 -11.50 -7.50
CA LYS A 79 -8.82 -11.83 -8.59
C LYS A 79 -9.72 -10.65 -8.91
N GLY A 80 -9.29 -9.82 -9.86
CA GLY A 80 -10.08 -8.65 -10.26
C GLY A 80 -9.70 -7.44 -9.40
N LEU A 81 -8.67 -6.72 -9.83
CA LEU A 81 -8.22 -5.54 -9.11
C LEU A 81 -8.06 -4.36 -10.07
N SER A 82 -8.92 -3.36 -9.91
CA SER A 82 -8.85 -2.18 -10.76
C SER A 82 -8.28 -0.99 -9.99
N GLN A 83 -7.50 -0.16 -10.69
CA GLN A 83 -6.90 1.00 -10.07
C GLN A 83 -7.96 1.89 -9.43
N GLN A 84 -9.19 1.78 -9.93
CA GLN A 84 -10.29 2.58 -9.41
C GLN A 84 -11.11 1.77 -8.41
N ASP A 85 -10.95 0.46 -8.45
CA ASP A 85 -11.68 -0.42 -7.54
C ASP A 85 -11.13 -0.30 -6.13
N VAL A 86 -9.84 -0.01 -6.02
CA VAL A 86 -9.19 0.12 -4.71
C VAL A 86 -9.82 1.26 -3.92
N ILE A 87 -9.93 2.43 -4.56
CA ILE A 87 -10.52 3.59 -3.90
C ILE A 87 -11.95 3.29 -3.47
N SER A 88 -12.75 2.75 -4.40
CA SER A 88 -14.13 2.42 -4.10
C SER A 88 -14.22 1.51 -2.89
N ALA A 89 -13.24 0.62 -2.74
CA ALA A 89 -13.21 -0.30 -1.62
C ALA A 89 -12.99 0.44 -0.31
N LEU A 90 -12.07 1.41 -0.34
CA LEU A 90 -11.77 2.20 0.85
C LEU A 90 -12.92 3.15 1.17
N ARG A 91 -13.91 3.20 0.29
CA ARG A 91 -15.06 4.06 0.50
C ARG A 91 -16.34 3.24 0.58
N GLY A 92 -16.21 1.92 0.50
CA GLY A 92 -17.36 1.04 0.57
C GLY A 92 -18.32 1.48 1.66
N THR A 93 -17.84 2.34 2.56
CA THR A 93 -18.68 2.84 3.64
C THR A 93 -18.68 1.86 4.81
N ALA A 94 -18.10 0.68 4.59
CA ALA A 94 -18.04 -0.34 5.63
C ALA A 94 -17.68 0.29 6.97
N PRO A 95 -17.92 -0.41 8.05
CA PRO A 95 -17.62 0.08 9.42
C PRO A 95 -16.12 0.24 9.65
N GLU A 96 -15.32 -0.59 8.98
CA GLU A 96 -13.88 -0.53 9.11
C GLU A 96 -13.21 -1.12 7.87
N VAL A 97 -11.91 -0.89 7.74
CA VAL A 97 -11.16 -1.39 6.59
C VAL A 97 -10.14 -2.44 7.04
N SER A 98 -10.48 -3.71 6.82
CA SER A 98 -9.59 -4.80 7.20
C SER A 98 -8.85 -5.33 5.97
N LEU A 99 -7.53 -5.14 5.95
CA LEU A 99 -6.73 -5.62 4.82
C LEU A 99 -5.51 -6.37 5.33
N LEU A 100 -4.92 -7.20 4.46
CA LEU A 100 -3.76 -7.96 4.85
C LEU A 100 -2.47 -7.25 4.42
N LEU A 101 -1.51 -7.20 5.33
CA LEU A 101 -0.24 -6.55 5.05
C LEU A 101 0.87 -7.59 4.89
N CYS A 102 1.66 -7.44 3.83
CA CYS A 102 2.74 -8.38 3.59
C CYS A 102 4.05 -7.63 3.37
N ARG A 103 5.11 -8.06 4.08
CA ARG A 103 6.41 -7.42 3.95
C ARG A 103 7.49 -8.47 3.71
N PRO A 104 7.61 -8.93 2.49
CA PRO A 104 8.63 -9.94 2.11
C PRO A 104 10.05 -9.52 2.50
N ALA A 105 11.03 -10.36 2.18
CA ALA A 105 12.42 -10.06 2.51
C ALA A 105 13.03 -9.17 1.43
N PRO A 106 14.11 -8.50 1.76
CA PRO A 106 14.82 -7.59 0.81
C PRO A 106 15.53 -8.36 -0.30
N GLY A 107 15.82 -7.67 -1.40
CA GLY A 107 16.49 -8.31 -2.52
C GLY A 107 15.56 -8.47 -3.71
N VAL A 108 14.35 -8.94 -3.43
CA VAL A 108 13.36 -9.14 -4.48
C VAL A 108 12.61 -7.84 -4.78
N LEU A 109 12.32 -7.08 -3.73
CA LEU A 109 11.61 -5.82 -3.89
C LEU A 109 12.20 -4.75 -2.96
N PRO A 110 13.24 -4.09 -3.38
CA PRO A 110 13.91 -3.03 -2.57
C PRO A 110 12.90 -2.03 -2.01
N GLU A 111 13.34 -1.25 -1.02
CA GLU A 111 12.46 -0.25 -0.41
C GLU A 111 12.32 0.96 -1.31
N ILE A 112 11.07 1.32 -1.59
CA ILE A 112 10.79 2.47 -2.45
C ILE A 112 11.30 3.75 -1.81
N ASP A 113 11.57 4.76 -2.64
CA ASP A 113 12.07 6.03 -2.14
C ASP A 113 11.71 7.16 -3.12
N THR A 114 11.06 8.19 -2.61
CA THR A 114 10.66 9.32 -3.45
C THR A 114 11.80 10.34 -3.53
N PRO A 115 11.81 11.14 -4.57
CA PRO A 115 12.85 12.17 -4.78
C PRO A 115 13.27 12.85 -3.48
N GLY A 116 14.54 13.23 -3.39
CA GLY A 116 15.04 13.89 -2.19
C GLY A 116 15.77 15.18 -2.56
N ASN A 117 16.43 15.77 -1.56
CA ASN A 117 17.16 17.02 -1.79
C ASN A 117 18.22 16.83 -2.87
N SER A 118 18.97 15.74 -2.78
CA SER A 118 20.01 15.46 -3.76
C SER A 118 19.49 14.52 -4.84
N SER A 119 19.94 14.74 -6.08
CA SER A 119 19.51 13.92 -7.20
C SER A 119 18.04 14.16 -7.52
N MET B 1 -12.77 10.79 -22.90
CA MET B 1 -11.99 10.67 -24.16
C MET B 1 -11.39 9.28 -24.26
N PHE B 2 -10.91 8.93 -25.45
CA PHE B 2 -10.31 7.61 -25.67
C PHE B 2 -8.85 7.62 -25.23
N ARG B 3 -7.95 7.72 -26.21
CA ARG B 3 -6.52 7.74 -25.92
C ARG B 3 -6.16 6.58 -24.99
N ASP B 4 -4.88 6.52 -24.62
CA ASP B 4 -4.41 5.45 -23.74
C ASP B 4 -4.61 5.86 -22.28
N PHE B 5 -4.09 5.03 -21.38
CA PHE B 5 -4.21 5.30 -19.94
C PHE B 5 -2.95 5.96 -19.42
N ASP B 6 -3.12 7.11 -18.77
CA ASP B 6 -1.98 7.85 -18.22
C ASP B 6 -1.44 7.13 -16.99
N TYR B 7 -1.61 7.74 -15.83
CA TYR B 7 -1.13 7.15 -14.58
C TYR B 7 -2.12 7.41 -13.45
N ILE B 8 -1.99 6.63 -12.38
CA ILE B 8 -2.87 6.79 -11.23
C ILE B 8 -2.63 8.12 -10.54
N ALA B 9 -3.69 8.91 -10.41
CA ALA B 9 -3.59 10.22 -9.77
C ALA B 9 -4.49 10.29 -8.55
N ASP B 10 -5.33 9.28 -8.38
CA ASP B 10 -6.25 9.23 -7.24
C ASP B 10 -5.50 8.84 -5.97
N TRP B 11 -6.21 8.85 -4.85
CA TRP B 11 -5.61 8.49 -3.57
C TRP B 11 -6.67 8.50 -2.46
N CYS B 12 -6.34 7.87 -1.34
CA CYS B 12 -7.26 7.81 -0.20
C CYS B 12 -6.54 8.14 1.09
#